data_8HKJ
#
_entry.id   8HKJ
#
_cell.length_a   96.620
_cell.length_b   126.060
_cell.length_c   141.440
_cell.angle_alpha   86.66
_cell.angle_beta   79.47
_cell.angle_gamma   84.97
#
_symmetry.space_group_name_H-M   'P 1'
#
loop_
_entity.id
_entity.type
_entity.pdbx_description
1 polymer 'Bifunctional cytochrome P450/NADPH--P450 reductase'
2 non-polymer 'PROTOPORPHYRIN IX CONTAINING FE'
3 non-polymer 'PALMITIC ACID'
#
_entity_poly.entity_id   1
_entity_poly.type   'polypeptide(L)'
_entity_poly.pdbx_seq_one_letter_code
;MEKKVSAIPQPKTYGPLGNLPLIDKDKPTLSFIKIAEEYGPIFQIQTLSDTIIVVSGHELVAEVCDETRFDKSIEGALAK
VRAFAGDGLFTSETHEPNWKKAHNILMPTFSQRAMKDYHAMMVDIAVQLVQKWARLNPNENVDVPEDMTRLTLDTIGLCG
FNYRFNSFYRETPHPFITSMTRALDEAMHQLQRLDIEDKLMWRTKRQFQHDIQSMFSLVDNIIAERKSSGDQEENDLLSR
MLNVPDPETGEKLDDENIRFQIITFLIAGHETTSGLLSFAIYFLLKNPDKLKKAYEEVDRVLTDPTPTYQQVMKLKYMRM
ILNESLRLWPTAPAFSLYAKEDTVIGGKYPIKKGEDRISVLIPQLHRDKDAWGDNVEEFQPERFEELDKVPHHAYKPFGN
GQRACIGMQFALHEATLVMGMLLQHFELIDYQNYQLDVKQTLTLKPGDFKIRILPRKQ
;
_entity_poly.pdbx_strand_id   A,B,C,D,E,F,G,H,I,J,K,L
#
# COMPACT_ATOMS: atom_id res chain seq x y z
N ALA A 7 13.19 -15.27 -53.00
CA ALA A 7 11.79 -15.05 -52.66
C ALA A 7 11.31 -16.05 -51.61
N ILE A 8 10.30 -15.67 -50.85
CA ILE A 8 9.82 -16.51 -49.75
C ILE A 8 9.04 -17.70 -50.32
N PRO A 9 9.34 -18.93 -49.91
CA PRO A 9 8.57 -20.08 -50.41
C PRO A 9 7.08 -19.88 -50.19
N GLN A 10 6.28 -20.38 -51.14
CA GLN A 10 4.83 -20.21 -51.11
C GLN A 10 4.30 -21.57 -51.56
N PRO A 11 3.24 -22.07 -50.92
CA PRO A 11 2.74 -23.41 -51.25
C PRO A 11 2.18 -23.58 -52.65
N LYS A 12 1.19 -22.77 -53.02
CA LYS A 12 0.50 -22.90 -54.29
C LYS A 12 -0.33 -21.63 -54.48
N THR A 13 -1.16 -21.62 -55.51
CA THR A 13 -2.11 -20.53 -55.67
C THR A 13 -3.19 -21.00 -56.63
N TYR A 14 -4.42 -20.60 -56.36
CA TYR A 14 -5.55 -21.01 -57.16
C TYR A 14 -6.32 -19.76 -57.57
N GLY A 15 -5.70 -18.94 -58.42
CA GLY A 15 -6.32 -17.74 -58.92
C GLY A 15 -6.79 -16.85 -57.80
N PRO A 16 -8.08 -16.51 -57.82
CA PRO A 16 -8.64 -15.64 -56.77
C PRO A 16 -8.59 -16.28 -55.39
N LEU A 17 -8.52 -17.60 -55.28
CA LEU A 17 -8.56 -18.26 -53.98
C LEU A 17 -7.25 -18.17 -53.20
N GLY A 18 -6.17 -17.69 -53.81
CA GLY A 18 -4.89 -17.61 -53.09
C GLY A 18 -4.41 -18.97 -52.62
N ASN A 19 -3.96 -19.03 -51.37
CA ASN A 19 -3.56 -20.27 -50.73
C ASN A 19 -4.64 -20.85 -49.83
N LEU A 20 -5.79 -20.21 -49.75
CA LEU A 20 -6.80 -20.66 -48.80
C LEU A 20 -7.29 -22.08 -49.06
N PRO A 21 -7.33 -22.62 -50.28
CA PRO A 21 -7.72 -24.03 -50.44
C PRO A 21 -6.83 -25.02 -49.68
N LEU A 22 -5.73 -24.58 -49.06
CA LEU A 22 -4.86 -25.50 -48.35
C LEU A 22 -5.03 -25.44 -46.82
N ILE A 23 -5.92 -24.61 -46.32
CA ILE A 23 -6.10 -24.43 -44.88
C ILE A 23 -7.54 -24.75 -44.52
N ASP A 24 -7.72 -25.27 -43.31
CA ASP A 24 -9.03 -25.33 -42.67
C ASP A 24 -9.19 -24.05 -41.85
N LYS A 25 -10.08 -23.15 -42.30
CA LYS A 25 -10.26 -21.86 -41.63
C LYS A 25 -10.51 -22.01 -40.14
N ASP A 26 -11.17 -23.10 -39.74
CA ASP A 26 -11.45 -23.33 -38.33
C ASP A 26 -10.25 -23.87 -37.56
N LYS A 27 -9.20 -24.29 -38.26
CA LYS A 27 -8.00 -24.84 -37.64
C LYS A 27 -6.74 -24.18 -38.21
N PRO A 28 -6.60 -22.86 -38.01
CA PRO A 28 -5.47 -22.15 -38.66
C PRO A 28 -4.09 -22.63 -38.21
N THR A 29 -3.85 -22.70 -36.91
CA THR A 29 -2.54 -23.11 -36.42
C THR A 29 -2.17 -24.50 -36.91
N LEU A 30 -3.07 -25.47 -36.76
CA LEU A 30 -2.80 -26.83 -37.20
C LEU A 30 -2.55 -26.89 -38.70
N SER A 31 -3.35 -26.14 -39.48
CA SER A 31 -3.14 -26.08 -40.92
C SER A 31 -1.74 -25.56 -41.24
N PHE A 32 -1.33 -24.49 -40.55
CA PHE A 32 0.00 -23.95 -40.77
C PHE A 32 1.07 -24.97 -40.39
N ILE A 33 0.82 -25.75 -39.34
CA ILE A 33 1.76 -26.81 -38.97
C ILE A 33 1.93 -27.78 -40.14
N LYS A 34 0.82 -28.18 -40.74
CA LYS A 34 0.89 -29.09 -41.90
C LYS A 34 1.72 -28.46 -43.04
N ILE A 35 1.40 -27.22 -43.40
CA ILE A 35 2.14 -26.56 -44.48
C ILE A 35 3.60 -26.36 -44.11
N ALA A 36 3.90 -26.14 -42.83
CA ALA A 36 5.28 -26.04 -42.39
C ALA A 36 6.00 -27.37 -42.61
N GLU A 37 5.34 -28.47 -42.23
CA GLU A 37 5.93 -29.79 -42.46
C GLU A 37 6.22 -30.00 -43.93
N GLU A 38 5.46 -29.33 -44.79
CA GLU A 38 5.73 -29.46 -46.23
C GLU A 38 6.79 -28.48 -46.74
N TYR A 39 6.82 -27.24 -46.24
CA TYR A 39 7.61 -26.18 -46.87
C TYR A 39 8.70 -25.58 -46.01
N GLY A 40 8.88 -26.04 -44.77
CA GLY A 40 10.06 -25.69 -44.02
C GLY A 40 9.93 -24.49 -43.09
N PRO A 41 11.08 -23.91 -42.73
CA PRO A 41 11.11 -22.93 -41.61
C PRO A 41 10.51 -21.58 -41.92
N ILE A 42 10.24 -21.25 -43.17
CA ILE A 42 9.60 -19.98 -43.50
C ILE A 42 8.80 -20.18 -44.78
N PHE A 43 7.57 -19.68 -44.78
CA PHE A 43 6.77 -19.70 -46.00
C PHE A 43 5.75 -18.58 -45.94
N GLN A 44 5.10 -18.32 -47.06
CA GLN A 44 4.11 -17.25 -47.13
C GLN A 44 2.81 -17.80 -47.68
N ILE A 45 1.71 -17.30 -47.12
CA ILE A 45 0.35 -17.75 -47.41
C ILE A 45 -0.43 -16.57 -47.95
N GLN A 46 -1.02 -16.74 -49.13
CA GLN A 46 -1.78 -15.68 -49.78
C GLN A 46 -3.27 -15.94 -49.58
N THR A 47 -3.98 -14.99 -48.96
CA THR A 47 -5.41 -15.07 -48.83
C THR A 47 -6.04 -14.21 -49.92
N LEU A 48 -7.36 -14.07 -49.89
CA LEU A 48 -8.02 -13.18 -50.86
C LEU A 48 -7.62 -11.71 -50.68
N SER A 49 -7.18 -11.31 -49.49
CA SER A 49 -6.92 -9.90 -49.24
C SER A 49 -5.48 -9.56 -48.93
N ASP A 50 -4.70 -10.48 -48.38
CA ASP A 50 -3.38 -10.15 -47.84
C ASP A 50 -2.47 -11.36 -47.95
N THR A 51 -1.24 -11.22 -47.43
CA THR A 51 -0.25 -12.28 -47.39
C THR A 51 0.33 -12.36 -45.99
N ILE A 52 0.62 -13.57 -45.53
CA ILE A 52 1.15 -13.82 -44.20
C ILE A 52 2.48 -14.55 -44.36
N ILE A 53 3.47 -14.17 -43.57
CA ILE A 53 4.75 -14.87 -43.57
C ILE A 53 4.84 -15.65 -42.27
N VAL A 54 4.92 -16.97 -42.37
CA VAL A 54 4.96 -17.86 -41.22
C VAL A 54 6.39 -18.34 -41.05
N VAL A 55 7.00 -17.98 -39.92
CA VAL A 55 8.37 -18.30 -39.56
C VAL A 55 8.34 -19.31 -38.43
N SER A 56 9.16 -20.36 -38.53
CA SER A 56 9.19 -21.42 -37.53
C SER A 56 10.58 -21.94 -37.19
N GLY A 57 11.61 -21.69 -37.99
CA GLY A 57 12.95 -22.16 -37.64
C GLY A 57 13.58 -21.26 -36.59
N HIS A 58 14.30 -21.88 -35.65
CA HIS A 58 14.74 -21.17 -34.46
C HIS A 58 15.71 -20.04 -34.81
N GLU A 59 16.55 -20.21 -35.84
CA GLU A 59 17.45 -19.13 -36.23
C GLU A 59 16.67 -17.96 -36.82
N LEU A 60 15.77 -18.22 -37.76
CA LEU A 60 14.93 -17.15 -38.28
C LEU A 60 14.02 -16.55 -37.21
N VAL A 61 13.47 -17.40 -36.33
CA VAL A 61 12.64 -16.84 -35.26
C VAL A 61 13.45 -15.91 -34.38
N ALA A 62 14.67 -16.32 -34.01
CA ALA A 62 15.53 -15.45 -33.22
C ALA A 62 15.86 -14.16 -33.95
N GLU A 63 16.04 -14.24 -35.28
CA GLU A 63 16.35 -13.06 -36.07
C GLU A 63 15.18 -12.08 -36.09
N VAL A 64 13.97 -12.60 -36.28
CA VAL A 64 12.79 -11.76 -36.29
C VAL A 64 12.45 -11.28 -34.88
N CYS A 65 12.98 -11.94 -33.86
CA CYS A 65 12.78 -11.53 -32.47
C CYS A 65 13.71 -10.38 -32.06
N ASP A 66 14.57 -9.92 -32.96
CA ASP A 66 15.44 -8.79 -32.67
C ASP A 66 14.60 -7.51 -32.59
N GLU A 67 14.57 -6.89 -31.41
CA GLU A 67 13.71 -5.74 -31.18
C GLU A 67 14.15 -4.50 -31.94
N THR A 68 15.42 -4.41 -32.31
CA THR A 68 15.88 -3.28 -33.11
C THR A 68 15.23 -3.24 -34.48
N ARG A 69 14.93 -4.41 -35.04
CA ARG A 69 14.46 -4.53 -36.41
C ARG A 69 12.97 -4.83 -36.55
N PHE A 70 12.34 -5.43 -35.55
CA PHE A 70 10.95 -5.86 -35.64
C PHE A 70 10.21 -5.47 -34.36
N ASP A 71 8.93 -5.19 -34.50
CA ASP A 71 8.09 -4.82 -33.36
C ASP A 71 6.83 -5.67 -33.39
N LYS A 72 6.07 -5.64 -32.30
CA LYS A 72 4.86 -6.43 -32.22
C LYS A 72 3.81 -5.91 -33.19
N SER A 73 3.17 -6.83 -33.92
CA SER A 73 2.07 -6.47 -34.82
C SER A 73 0.75 -6.86 -34.16
N ILE A 74 -0.27 -6.02 -34.35
CA ILE A 74 -1.62 -6.35 -33.88
C ILE A 74 -2.56 -6.51 -35.08
N GLU A 75 -2.07 -7.09 -36.17
CA GLU A 75 -2.69 -6.84 -37.46
C GLU A 75 -4.01 -7.59 -37.65
N GLY A 76 -4.11 -8.83 -37.17
CA GLY A 76 -5.31 -9.58 -37.51
C GLY A 76 -6.27 -9.92 -36.38
N ALA A 77 -6.06 -11.06 -35.74
CA ALA A 77 -6.93 -11.46 -34.64
C ALA A 77 -6.91 -10.42 -33.53
N LEU A 78 -5.73 -9.88 -33.23
CA LEU A 78 -5.64 -8.88 -32.17
C LEU A 78 -6.37 -7.61 -32.55
N ALA A 79 -6.41 -7.26 -33.84
CA ALA A 79 -7.16 -6.08 -34.26
C ALA A 79 -8.65 -6.26 -34.00
N LYS A 80 -9.14 -7.50 -34.09
CA LYS A 80 -10.52 -7.79 -33.71
C LYS A 80 -10.72 -7.70 -32.21
N VAL A 81 -9.80 -8.32 -31.45
CA VAL A 81 -9.89 -8.27 -30.00
C VAL A 81 -9.88 -6.82 -29.51
N ARG A 82 -9.24 -5.94 -30.28
CA ARG A 82 -9.14 -4.52 -29.93
C ARG A 82 -10.50 -3.87 -29.72
N ALA A 83 -11.54 -4.42 -30.33
CA ALA A 83 -12.88 -3.83 -30.23
C ALA A 83 -13.28 -3.59 -28.79
N PHE A 84 -12.95 -4.52 -27.91
CA PHE A 84 -13.25 -4.40 -26.49
C PHE A 84 -12.01 -4.35 -25.61
N ALA A 85 -10.85 -4.74 -26.13
CA ALA A 85 -9.63 -4.63 -25.36
C ALA A 85 -8.96 -3.27 -25.49
N GLY A 86 -9.31 -2.51 -26.53
CA GLY A 86 -8.83 -1.13 -26.66
C GLY A 86 -7.32 -1.03 -26.73
N ASP A 87 -6.78 -0.04 -26.01
CA ASP A 87 -5.34 0.18 -25.94
C ASP A 87 -4.76 -0.38 -24.64
N GLY A 88 -5.09 -1.62 -24.32
CA GLY A 88 -4.53 -2.28 -23.16
C GLY A 88 -3.21 -2.93 -23.52
N LEU A 89 -2.60 -3.59 -22.53
CA LEU A 89 -1.27 -4.14 -22.75
C LEU A 89 -1.26 -5.13 -23.90
N PHE A 90 -2.37 -5.85 -24.11
CA PHE A 90 -2.43 -6.90 -25.11
C PHE A 90 -2.58 -6.35 -26.52
N THR A 91 -3.43 -5.32 -26.70
CA THR A 91 -3.87 -4.91 -28.02
C THR A 91 -3.44 -3.49 -28.40
N SER A 92 -2.47 -2.92 -27.70
CA SER A 92 -1.97 -1.60 -28.08
C SER A 92 -0.63 -1.76 -28.80
N GLU A 93 -0.37 -0.85 -29.74
CA GLU A 93 0.93 -0.81 -30.37
C GLU A 93 1.96 -0.24 -29.41
N THR A 94 3.20 -0.64 -29.59
CA THR A 94 4.25 -0.26 -28.64
C THR A 94 4.39 1.27 -28.57
N HIS A 95 4.26 1.94 -29.71
CA HIS A 95 4.42 3.39 -29.76
C HIS A 95 3.23 4.15 -29.15
N GLU A 96 2.10 3.50 -28.91
CA GLU A 96 1.00 4.21 -28.29
C GLU A 96 1.35 4.52 -26.83
N PRO A 97 1.02 5.73 -26.35
CA PRO A 97 1.50 6.13 -25.01
C PRO A 97 1.04 5.23 -23.87
N ASN A 98 -0.23 4.81 -23.89
CA ASN A 98 -0.73 4.01 -22.78
C ASN A 98 -0.02 2.67 -22.67
N TRP A 99 0.61 2.18 -23.74
CA TRP A 99 1.31 0.91 -23.60
C TRP A 99 2.44 1.03 -22.59
N LYS A 100 3.41 1.92 -22.83
CA LYS A 100 4.52 1.98 -21.90
C LYS A 100 4.11 2.58 -20.57
N LYS A 101 3.09 3.46 -20.54
CA LYS A 101 2.55 3.89 -19.25
C LYS A 101 2.10 2.70 -18.41
N ALA A 102 1.14 1.93 -18.93
CA ALA A 102 0.61 0.81 -18.17
C ALA A 102 1.69 -0.24 -17.93
N HIS A 103 2.60 -0.42 -18.86
CA HIS A 103 3.71 -1.36 -18.66
C HIS A 103 4.54 -0.99 -17.44
N ASN A 104 5.00 0.27 -17.37
CA ASN A 104 5.75 0.70 -16.20
C ASN A 104 4.92 0.59 -14.93
N ILE A 105 3.63 0.96 -15.01
CA ILE A 105 2.80 0.97 -13.80
C ILE A 105 2.63 -0.45 -13.26
N LEU A 106 2.39 -1.43 -14.14
CA LEU A 106 1.94 -2.75 -13.73
C LEU A 106 3.03 -3.81 -13.70
N MET A 107 4.21 -3.52 -14.22
CA MET A 107 5.27 -4.52 -14.25
C MET A 107 5.65 -5.04 -12.85
N PRO A 108 5.86 -4.19 -11.83
CA PRO A 108 6.22 -4.75 -10.52
C PRO A 108 5.15 -5.66 -9.91
N THR A 109 3.87 -5.40 -10.17
CA THR A 109 2.81 -6.24 -9.62
C THR A 109 2.81 -7.66 -10.17
N PHE A 110 3.48 -7.90 -11.29
CA PHE A 110 3.49 -9.20 -11.93
C PHE A 110 4.80 -9.93 -11.72
N SER A 111 5.67 -9.42 -10.85
CA SER A 111 6.90 -10.12 -10.49
C SER A 111 6.58 -11.40 -9.72
N GLN A 112 7.60 -12.24 -9.58
CA GLN A 112 7.44 -13.47 -8.81
C GLN A 112 7.26 -13.15 -7.33
N ARG A 113 7.98 -12.15 -6.83
CA ARG A 113 7.79 -11.70 -5.46
C ARG A 113 6.39 -11.15 -5.24
N ALA A 114 5.80 -10.51 -6.27
CA ALA A 114 4.44 -10.01 -6.14
C ALA A 114 3.41 -11.13 -6.08
N MET A 115 3.72 -12.30 -6.63
CA MET A 115 2.79 -13.43 -6.53
C MET A 115 2.60 -13.85 -5.09
N LYS A 116 3.55 -13.53 -4.22
CA LYS A 116 3.37 -13.76 -2.80
C LYS A 116 2.11 -13.08 -2.28
N ASP A 117 1.77 -11.92 -2.87
CA ASP A 117 0.60 -11.18 -2.44
C ASP A 117 -0.70 -11.79 -2.96
N TYR A 118 -0.67 -12.44 -4.13
CA TYR A 118 -1.84 -13.05 -4.76
C TYR A 118 -2.08 -14.50 -4.35
N HIS A 119 -1.09 -15.11 -3.70
CA HIS A 119 -1.14 -16.53 -3.39
C HIS A 119 -2.42 -16.93 -2.65
N ALA A 120 -2.78 -16.19 -1.59
CA ALA A 120 -3.97 -16.52 -0.81
C ALA A 120 -5.22 -16.63 -1.67
N MET A 121 -5.47 -15.60 -2.50
CA MET A 121 -6.65 -15.58 -3.35
C MET A 121 -6.63 -16.73 -4.34
N MET A 122 -5.44 -17.02 -4.90
CA MET A 122 -5.31 -18.17 -5.78
C MET A 122 -5.74 -19.45 -5.05
N VAL A 123 -5.28 -19.61 -3.81
CA VAL A 123 -5.67 -20.76 -3.00
C VAL A 123 -7.17 -20.80 -2.79
N ASP A 124 -7.79 -19.64 -2.56
CA ASP A 124 -9.24 -19.58 -2.41
C ASP A 124 -9.91 -20.33 -3.57
N ILE A 125 -9.63 -19.86 -4.79
CA ILE A 125 -10.33 -20.47 -5.93
C ILE A 125 -9.90 -21.93 -6.11
N ALA A 126 -8.63 -22.24 -5.87
CA ALA A 126 -8.16 -23.62 -5.97
C ALA A 126 -8.93 -24.54 -5.03
N VAL A 127 -9.11 -24.10 -3.78
CA VAL A 127 -9.88 -24.87 -2.81
C VAL A 127 -11.28 -25.09 -3.33
N GLN A 128 -11.87 -24.06 -3.95
CA GLN A 128 -13.20 -24.26 -4.53
C GLN A 128 -13.19 -25.40 -5.54
N LEU A 129 -12.23 -25.40 -6.46
CA LEU A 129 -12.13 -26.48 -7.44
C LEU A 129 -12.01 -27.84 -6.76
N VAL A 130 -11.11 -27.94 -5.79
CA VAL A 130 -10.88 -29.20 -5.11
C VAL A 130 -12.16 -29.68 -4.43
N GLN A 131 -12.85 -28.77 -3.75
CA GLN A 131 -14.08 -29.12 -3.05
C GLN A 131 -15.15 -29.60 -4.03
N LYS A 132 -15.25 -28.94 -5.19
CA LYS A 132 -16.17 -29.42 -6.23
C LYS A 132 -15.84 -30.86 -6.59
N TRP A 133 -14.58 -31.12 -6.94
CA TRP A 133 -14.23 -32.48 -7.35
C TRP A 133 -14.40 -33.49 -6.23
N ALA A 134 -14.18 -33.07 -4.98
CA ALA A 134 -14.34 -33.97 -3.84
C ALA A 134 -15.80 -34.28 -3.58
N ARG A 135 -16.70 -33.39 -3.96
CA ARG A 135 -18.12 -33.55 -3.70
C ARG A 135 -18.84 -34.22 -4.86
N LEU A 136 -18.11 -34.80 -5.80
CA LEU A 136 -18.76 -35.47 -6.91
C LEU A 136 -19.32 -36.81 -6.46
N ASN A 137 -20.35 -37.27 -7.14
CA ASN A 137 -20.88 -38.57 -6.82
C ASN A 137 -20.09 -39.65 -7.56
N PRO A 138 -20.19 -40.90 -7.12
CA PRO A 138 -19.41 -41.97 -7.76
C PRO A 138 -19.65 -42.03 -9.27
N ASN A 139 -18.55 -42.17 -10.01
CA ASN A 139 -18.51 -42.26 -11.48
C ASN A 139 -18.97 -41.00 -12.20
N GLU A 140 -19.11 -39.87 -11.50
CA GLU A 140 -19.39 -38.63 -12.22
C GLU A 140 -18.15 -38.23 -13.01
N ASN A 141 -18.36 -37.68 -14.20
CA ASN A 141 -17.24 -37.27 -15.02
C ASN A 141 -17.01 -35.79 -14.82
N VAL A 142 -15.75 -35.37 -14.96
CA VAL A 142 -15.38 -33.97 -14.92
C VAL A 142 -14.92 -33.54 -16.30
N ASP A 143 -15.28 -32.34 -16.69
CA ASP A 143 -14.83 -31.75 -17.93
C ASP A 143 -13.63 -30.87 -17.60
N VAL A 144 -12.44 -31.34 -17.98
CA VAL A 144 -11.22 -30.64 -17.57
C VAL A 144 -11.17 -29.21 -18.08
N PRO A 145 -11.41 -28.94 -19.37
CA PRO A 145 -11.32 -27.54 -19.81
C PRO A 145 -12.34 -26.64 -19.13
N GLU A 146 -13.57 -27.08 -18.93
CA GLU A 146 -14.56 -26.19 -18.33
C GLU A 146 -14.25 -25.87 -16.86
N ASP A 147 -13.91 -26.89 -16.06
CA ASP A 147 -13.55 -26.60 -14.67
C ASP A 147 -12.25 -25.80 -14.56
N MET A 148 -11.25 -26.11 -15.41
CA MET A 148 -10.04 -25.29 -15.43
C MET A 148 -10.36 -23.85 -15.79
N THR A 149 -11.31 -23.64 -16.71
CA THR A 149 -11.67 -22.28 -17.08
C THR A 149 -12.39 -21.57 -15.95
N ARG A 150 -13.26 -22.28 -15.25
CA ARG A 150 -13.88 -21.73 -14.04
C ARG A 150 -12.80 -21.22 -13.11
N LEU A 151 -11.83 -22.08 -12.80
CA LEU A 151 -10.76 -21.68 -11.88
C LEU A 151 -9.99 -20.46 -12.40
N THR A 152 -9.61 -20.48 -13.69
CA THR A 152 -8.72 -19.44 -14.19
C THR A 152 -9.42 -18.08 -14.21
N LEU A 153 -10.68 -18.06 -14.65
CA LEU A 153 -11.44 -16.82 -14.68
C LEU A 153 -11.65 -16.29 -13.26
N ASP A 154 -12.01 -17.17 -12.31
CA ASP A 154 -12.24 -16.70 -10.95
C ASP A 154 -10.95 -16.22 -10.29
N THR A 155 -9.84 -16.92 -10.51
CA THR A 155 -8.57 -16.48 -9.95
C THR A 155 -8.18 -15.12 -10.49
N ILE A 156 -8.34 -14.91 -11.80
CA ILE A 156 -7.97 -13.62 -12.34
C ILE A 156 -8.88 -12.52 -11.78
N GLY A 157 -10.19 -12.77 -11.72
CA GLY A 157 -11.09 -11.74 -11.18
C GLY A 157 -10.79 -11.36 -9.74
N LEU A 158 -10.62 -12.38 -8.88
CA LEU A 158 -10.38 -12.14 -7.47
C LEU A 158 -9.01 -11.50 -7.23
N CYS A 159 -7.94 -12.09 -7.78
CA CYS A 159 -6.60 -11.56 -7.57
C CYS A 159 -6.43 -10.19 -8.21
N GLY A 160 -7.07 -9.93 -9.34
CA GLY A 160 -6.84 -8.70 -10.06
C GLY A 160 -7.65 -7.55 -9.54
N PHE A 161 -8.98 -7.69 -9.48
CA PHE A 161 -9.78 -6.56 -9.03
C PHE A 161 -10.79 -6.97 -7.98
N ASN A 162 -10.48 -8.05 -7.25
CA ASN A 162 -11.24 -8.42 -6.05
C ASN A 162 -12.72 -8.64 -6.36
N TYR A 163 -13.00 -9.26 -7.50
CA TYR A 163 -14.38 -9.54 -7.91
C TYR A 163 -14.57 -11.03 -8.04
N ARG A 164 -15.65 -11.54 -7.46
CA ARG A 164 -15.90 -12.98 -7.48
C ARG A 164 -16.92 -13.30 -8.57
N PHE A 165 -16.43 -13.94 -9.64
CA PHE A 165 -17.34 -14.45 -10.67
C PHE A 165 -18.16 -15.63 -10.16
N ASN A 166 -17.67 -16.36 -9.15
CA ASN A 166 -18.37 -17.51 -8.59
C ASN A 166 -18.73 -18.51 -9.68
N SER A 167 -17.74 -18.84 -10.50
CA SER A 167 -17.97 -19.77 -11.60
C SER A 167 -18.38 -21.15 -11.11
N PHE A 168 -17.91 -21.55 -9.92
CA PHE A 168 -18.27 -22.87 -9.40
C PHE A 168 -19.67 -22.91 -8.80
N TYR A 169 -20.35 -21.78 -8.69
CA TYR A 169 -21.73 -21.77 -8.27
C TYR A 169 -22.69 -21.74 -9.46
N ARG A 170 -22.19 -21.95 -10.67
CA ARG A 170 -23.01 -21.87 -11.87
C ARG A 170 -22.85 -23.13 -12.72
N GLU A 171 -23.95 -23.58 -13.31
CA GLU A 171 -23.92 -24.72 -14.23
C GLU A 171 -23.44 -24.29 -15.61
N THR A 172 -23.85 -23.11 -16.06
CA THR A 172 -23.46 -22.50 -17.33
C THR A 172 -22.45 -21.39 -17.05
N PRO A 173 -21.35 -21.33 -17.80
CA PRO A 173 -20.33 -20.32 -17.55
C PRO A 173 -20.91 -18.91 -17.49
N HIS A 174 -20.22 -18.04 -16.76
CA HIS A 174 -20.68 -16.72 -16.34
C HIS A 174 -21.15 -15.88 -17.52
N PRO A 175 -22.11 -14.96 -17.31
CA PRO A 175 -22.50 -14.07 -18.42
C PRO A 175 -21.32 -13.36 -19.05
N PHE A 176 -20.31 -13.01 -18.25
CA PHE A 176 -19.12 -12.36 -18.80
C PHE A 176 -18.40 -13.25 -19.79
N ILE A 177 -18.19 -14.53 -19.46
CA ILE A 177 -17.35 -15.36 -20.31
C ILE A 177 -18.08 -15.78 -21.59
N THR A 178 -19.38 -16.06 -21.52
CA THR A 178 -20.11 -16.32 -22.77
C THR A 178 -20.26 -15.05 -23.59
N SER A 179 -20.52 -13.91 -22.95
CA SER A 179 -20.54 -12.63 -23.67
C SER A 179 -19.20 -12.36 -24.35
N MET A 180 -18.11 -12.72 -23.67
CA MET A 180 -16.77 -12.57 -24.24
C MET A 180 -16.56 -13.54 -25.39
N THR A 181 -17.04 -14.78 -25.27
CA THR A 181 -16.98 -15.72 -26.37
C THR A 181 -17.80 -15.27 -27.57
N ARG A 182 -18.89 -14.55 -27.33
CA ARG A 182 -19.67 -14.02 -28.44
C ARG A 182 -18.93 -12.87 -29.11
N ALA A 183 -18.32 -11.99 -28.31
CA ALA A 183 -17.53 -10.91 -28.87
C ALA A 183 -16.32 -11.45 -29.64
N LEU A 184 -15.77 -12.59 -29.21
CA LEU A 184 -14.60 -13.19 -29.87
C LEU A 184 -15.00 -13.99 -31.11
N ASP A 185 -16.13 -14.71 -31.03
CA ASP A 185 -16.63 -15.44 -32.18
C ASP A 185 -17.00 -14.49 -33.32
N GLU A 186 -17.12 -13.18 -33.01
CA GLU A 186 -17.16 -12.18 -34.05
C GLU A 186 -15.85 -12.16 -34.85
N ALA A 187 -14.72 -12.34 -34.15
CA ALA A 187 -13.41 -12.39 -34.80
C ALA A 187 -13.26 -13.67 -35.61
N GLN A 209 -21.73 -6.12 -29.92
CA GLN A 209 -21.71 -4.72 -29.53
C GLN A 209 -22.49 -4.54 -28.22
N HIS A 210 -23.69 -5.12 -28.20
CA HIS A 210 -24.41 -5.32 -26.95
C HIS A 210 -23.51 -5.93 -25.88
N ASP A 211 -22.85 -7.03 -26.22
CA ASP A 211 -22.00 -7.75 -25.28
C ASP A 211 -20.81 -6.90 -24.84
N ILE A 212 -20.18 -6.19 -25.78
CA ILE A 212 -19.03 -5.38 -25.45
C ILE A 212 -19.43 -4.25 -24.50
N GLN A 213 -20.61 -3.67 -24.71
CA GLN A 213 -21.06 -2.58 -23.84
C GLN A 213 -21.39 -3.10 -22.44
N SER A 214 -22.01 -4.28 -22.35
CA SER A 214 -22.23 -4.86 -21.03
C SER A 214 -20.91 -5.14 -20.31
N MET A 215 -19.88 -5.59 -21.05
CA MET A 215 -18.57 -5.80 -20.46
C MET A 215 -17.97 -4.49 -19.96
N PHE A 216 -18.02 -3.44 -20.78
CA PHE A 216 -17.49 -2.14 -20.37
C PHE A 216 -18.20 -1.63 -19.13
N SER A 217 -19.52 -1.81 -19.06
CA SER A 217 -20.25 -1.30 -17.90
C SER A 217 -19.92 -2.09 -16.63
N LEU A 218 -19.87 -3.43 -16.71
CA LEU A 218 -19.50 -4.18 -15.50
C LEU A 218 -18.13 -3.77 -14.99
N VAL A 219 -17.16 -3.61 -15.89
CA VAL A 219 -15.82 -3.19 -15.47
C VAL A 219 -15.88 -1.79 -14.86
N ASP A 220 -16.63 -0.88 -15.51
CA ASP A 220 -16.79 0.46 -14.97
C ASP A 220 -17.52 0.46 -13.64
N ASN A 221 -18.39 -0.54 -13.41
CA ASN A 221 -19.08 -0.69 -12.15
C ASN A 221 -18.10 -1.04 -11.04
N ILE A 222 -17.20 -1.99 -11.31
CA ILE A 222 -16.21 -2.33 -10.31
C ILE A 222 -15.26 -1.15 -10.07
N ILE A 223 -14.93 -0.42 -11.14
CA ILE A 223 -14.07 0.76 -10.98
C ILE A 223 -14.76 1.82 -10.14
N ALA A 224 -16.08 1.99 -10.34
CA ALA A 224 -16.82 3.00 -9.59
C ALA A 224 -16.96 2.61 -8.12
N GLU A 225 -17.31 1.35 -7.87
CA GLU A 225 -17.30 0.81 -6.51
C GLU A 225 -15.96 1.08 -5.82
N ARG A 226 -14.86 1.01 -6.57
CA ARG A 226 -13.57 1.22 -5.93
C ARG A 226 -13.22 2.70 -5.77
N LYS A 227 -13.56 3.54 -6.74
CA LYS A 227 -13.15 4.95 -6.65
C LYS A 227 -14.00 5.72 -5.65
N SER A 228 -15.23 5.28 -5.42
CA SER A 228 -16.08 5.82 -4.36
C SER A 228 -15.96 4.91 -3.14
N SER A 229 -15.46 5.46 -2.03
CA SER A 229 -15.21 4.71 -0.80
C SER A 229 -14.17 3.61 -1.02
N GLY A 230 -13.05 3.99 -1.63
CA GLY A 230 -11.95 3.07 -1.85
C GLY A 230 -11.08 2.89 -0.63
N ASP A 231 -11.72 2.72 0.53
CA ASP A 231 -10.99 2.72 1.80
C ASP A 231 -10.08 1.50 1.93
N GLN A 232 -10.63 0.30 1.73
CA GLN A 232 -9.93 -0.91 2.13
C GLN A 232 -8.68 -1.14 1.29
N GLU A 233 -7.61 -1.58 1.96
CA GLU A 233 -6.34 -1.91 1.33
C GLU A 233 -6.51 -3.24 0.60
N GLU A 234 -7.06 -3.17 -0.61
CA GLU A 234 -7.24 -4.38 -1.40
C GLU A 234 -5.91 -4.87 -1.95
N ASN A 235 -5.02 -3.94 -2.32
CA ASN A 235 -3.66 -4.26 -2.72
C ASN A 235 -3.65 -5.23 -3.91
N ASP A 236 -4.31 -4.82 -4.99
CA ASP A 236 -4.35 -5.65 -6.18
C ASP A 236 -4.05 -4.86 -7.45
N LEU A 237 -4.59 -5.28 -8.58
CA LEU A 237 -4.27 -4.64 -9.85
C LEU A 237 -5.04 -3.35 -10.06
N LEU A 238 -6.30 -3.32 -9.63
CA LEU A 238 -7.09 -2.11 -9.79
C LEU A 238 -6.60 -1.02 -8.86
N SER A 239 -6.33 -1.35 -7.60
CA SER A 239 -5.78 -0.36 -6.68
C SER A 239 -4.43 0.15 -7.18
N ARG A 240 -3.63 -0.75 -7.77
CA ARG A 240 -2.36 -0.35 -8.37
C ARG A 240 -2.57 0.66 -9.48
N MET A 241 -3.48 0.38 -10.41
CA MET A 241 -3.70 1.31 -11.51
C MET A 241 -4.33 2.62 -11.03
N LEU A 242 -5.04 2.59 -9.90
CA LEU A 242 -5.62 3.82 -9.37
C LEU A 242 -4.63 4.64 -8.55
N ASN A 243 -3.55 4.04 -8.06
CA ASN A 243 -2.65 4.71 -7.14
C ASN A 243 -1.30 5.09 -7.75
N VAL A 244 -0.63 4.15 -8.40
CA VAL A 244 0.75 4.34 -8.85
C VAL A 244 0.80 4.99 -10.22
N PRO A 245 1.48 6.12 -10.37
CA PRO A 245 1.65 6.74 -11.68
C PRO A 245 2.86 6.20 -12.43
N ASP A 246 2.91 6.52 -13.71
CA ASP A 246 4.05 6.15 -14.55
C ASP A 246 5.24 7.02 -14.17
N PRO A 247 6.36 6.42 -13.75
CA PRO A 247 7.51 7.26 -13.35
C PRO A 247 8.06 8.11 -14.46
N GLU A 248 7.95 7.67 -15.71
CA GLU A 248 8.48 8.46 -16.83
C GLU A 248 7.64 9.71 -17.07
N THR A 249 6.34 9.52 -17.32
CA THR A 249 5.48 10.66 -17.59
C THR A 249 4.95 11.33 -16.33
N GLY A 250 4.95 10.62 -15.19
CA GLY A 250 4.32 11.16 -14.01
C GLY A 250 2.81 11.12 -14.02
N GLU A 251 2.21 10.26 -14.86
CA GLU A 251 0.76 10.22 -15.00
C GLU A 251 0.21 8.87 -14.56
N LYS A 252 -1.02 8.89 -14.06
CA LYS A 252 -1.76 7.67 -13.81
C LYS A 252 -2.52 7.27 -15.07
N LEU A 253 -2.89 6.00 -15.14
CA LEU A 253 -3.77 5.56 -16.21
C LEU A 253 -5.16 6.15 -16.00
N ASP A 254 -5.74 6.69 -17.08
CA ASP A 254 -7.08 7.25 -17.00
C ASP A 254 -8.11 6.11 -16.86
N ASP A 255 -9.36 6.50 -16.59
CA ASP A 255 -10.40 5.52 -16.30
C ASP A 255 -10.69 4.60 -17.49
N GLU A 256 -10.81 5.17 -18.69
CA GLU A 256 -11.09 4.33 -19.85
C GLU A 256 -10.01 3.28 -20.06
N ASN A 257 -8.75 3.69 -19.93
CA ASN A 257 -7.69 2.71 -20.11
C ASN A 257 -7.69 1.67 -19.00
N ILE A 258 -8.06 2.04 -17.77
CA ILE A 258 -8.15 1.04 -16.70
C ILE A 258 -9.21 0.00 -17.02
N ARG A 259 -10.35 0.45 -17.56
CA ARG A 259 -11.35 -0.49 -18.03
C ARG A 259 -10.77 -1.45 -19.06
N PHE A 260 -10.07 -0.88 -20.05
CA PHE A 260 -9.45 -1.71 -21.08
C PHE A 260 -8.45 -2.70 -20.48
N GLN A 261 -7.70 -2.27 -19.47
CA GLN A 261 -6.73 -3.16 -18.84
C GLN A 261 -7.40 -4.31 -18.13
N ILE A 262 -8.51 -4.06 -17.41
CA ILE A 262 -9.18 -5.13 -16.68
C ILE A 262 -9.76 -6.16 -17.66
N ILE A 263 -10.41 -5.66 -18.71
CA ILE A 263 -10.90 -6.58 -19.74
C ILE A 263 -9.74 -7.36 -20.35
N THR A 264 -8.60 -6.68 -20.56
CA THR A 264 -7.42 -7.28 -21.15
C THR A 264 -6.87 -8.40 -20.29
N PHE A 265 -6.78 -8.18 -18.97
CA PHE A 265 -6.29 -9.23 -18.10
C PHE A 265 -7.19 -10.45 -18.17
N LEU A 266 -8.51 -10.24 -18.09
CA LEU A 266 -9.44 -11.36 -18.17
C LEU A 266 -9.20 -12.19 -19.43
N ILE A 267 -9.30 -11.55 -20.60
CA ILE A 267 -9.17 -12.29 -21.85
C ILE A 267 -7.80 -12.96 -21.94
N ALA A 268 -6.72 -12.19 -21.72
CA ALA A 268 -5.38 -12.70 -21.98
C ALA A 268 -4.98 -13.79 -20.99
N GLY A 269 -5.56 -13.79 -19.79
CA GLY A 269 -5.15 -14.77 -18.81
C GLY A 269 -5.94 -16.06 -18.80
N HIS A 270 -7.27 -15.97 -18.75
CA HIS A 270 -8.03 -17.14 -18.30
C HIS A 270 -7.93 -18.28 -19.31
N GLU A 271 -8.10 -17.98 -20.61
CA GLU A 271 -8.18 -19.05 -21.60
C GLU A 271 -6.82 -19.74 -21.79
N THR A 272 -5.75 -18.96 -21.92
CA THR A 272 -4.43 -19.54 -22.08
C THR A 272 -4.04 -20.38 -20.87
N THR A 273 -4.28 -19.86 -19.66
CA THR A 273 -3.83 -20.59 -18.47
C THR A 273 -4.67 -21.86 -18.24
N SER A 274 -5.99 -21.79 -18.52
CA SER A 274 -6.80 -23.00 -18.41
C SER A 274 -6.38 -24.02 -19.47
N GLY A 275 -6.02 -23.56 -20.66
CA GLY A 275 -5.48 -24.48 -21.64
C GLY A 275 -4.22 -25.16 -21.14
N LEU A 276 -3.34 -24.39 -20.49
CA LEU A 276 -2.14 -24.97 -19.92
C LEU A 276 -2.47 -26.06 -18.92
N LEU A 277 -3.40 -25.78 -17.99
CA LEU A 277 -3.79 -26.77 -17.01
C LEU A 277 -4.35 -28.03 -17.68
N SER A 278 -5.20 -27.85 -18.69
CA SER A 278 -5.81 -29.00 -19.36
C SER A 278 -4.77 -29.85 -20.06
N PHE A 279 -3.86 -29.20 -20.79
CA PHE A 279 -2.82 -29.96 -21.48
C PHE A 279 -1.91 -30.66 -20.49
N ALA A 280 -1.61 -30.02 -19.35
CA ALA A 280 -0.77 -30.67 -18.35
C ALA A 280 -1.43 -31.91 -17.79
N ILE A 281 -2.72 -31.82 -17.47
CA ILE A 281 -3.46 -32.99 -17.00
C ILE A 281 -3.47 -34.09 -18.06
N TYR A 282 -3.67 -33.70 -19.32
CA TYR A 282 -3.65 -34.69 -20.41
C TYR A 282 -2.31 -35.41 -20.47
N PHE A 283 -1.22 -34.64 -20.51
CA PHE A 283 0.11 -35.25 -20.68
C PHE A 283 0.45 -36.14 -19.49
N LEU A 284 0.11 -35.71 -18.27
CA LEU A 284 0.38 -36.56 -17.12
C LEU A 284 -0.45 -37.84 -17.18
N LEU A 285 -1.67 -37.76 -17.70
CA LEU A 285 -2.46 -38.98 -17.84
C LEU A 285 -1.87 -39.91 -18.88
N LYS A 286 -1.19 -39.37 -19.89
CA LYS A 286 -0.69 -40.21 -20.97
C LYS A 286 0.76 -40.66 -20.75
N ASN A 287 1.43 -40.14 -19.72
CA ASN A 287 2.82 -40.47 -19.42
C ASN A 287 2.94 -40.85 -17.94
N PRO A 288 2.73 -42.12 -17.61
CA PRO A 288 2.62 -42.50 -16.19
C PRO A 288 3.86 -42.23 -15.35
N ASP A 289 5.06 -42.34 -15.92
CA ASP A 289 6.28 -42.08 -15.15
C ASP A 289 6.32 -40.65 -14.65
N LYS A 290 6.02 -39.69 -15.53
CA LYS A 290 6.08 -38.29 -15.13
C LYS A 290 5.06 -38.01 -14.04
N LEU A 291 3.89 -38.65 -14.13
CA LEU A 291 2.87 -38.50 -13.08
C LEU A 291 3.35 -39.09 -11.77
N LYS A 292 4.01 -40.25 -11.82
CA LYS A 292 4.54 -40.87 -10.61
C LYS A 292 5.57 -39.96 -9.95
N LYS A 293 6.44 -39.36 -10.76
CA LYS A 293 7.43 -38.44 -10.20
C LYS A 293 6.75 -37.20 -9.62
N ALA A 294 5.71 -36.71 -10.28
CA ALA A 294 4.97 -35.56 -9.75
C ALA A 294 4.33 -35.91 -8.41
N TYR A 295 3.76 -37.11 -8.30
CA TYR A 295 3.22 -37.57 -7.01
C TYR A 295 4.31 -37.61 -5.95
N GLU A 296 5.48 -38.16 -6.30
CA GLU A 296 6.64 -38.13 -5.42
C GLU A 296 6.88 -36.72 -4.88
N GLU A 297 7.04 -35.76 -5.80
CA GLU A 297 7.39 -34.41 -5.40
C GLU A 297 6.29 -33.76 -4.57
N VAL A 298 5.03 -33.94 -4.98
CA VAL A 298 3.93 -33.29 -4.28
C VAL A 298 3.81 -33.84 -2.86
N ASP A 299 3.88 -35.17 -2.72
CA ASP A 299 3.81 -35.76 -1.39
C ASP A 299 4.98 -35.30 -0.53
N ARG A 300 6.18 -35.18 -1.11
CA ARG A 300 7.32 -34.72 -0.32
C ARG A 300 7.14 -33.25 0.11
N VAL A 301 6.58 -32.41 -0.76
CA VAL A 301 6.50 -30.98 -0.49
C VAL A 301 5.19 -30.59 0.17
N LEU A 302 4.05 -31.07 -0.34
CA LEU A 302 2.75 -30.60 0.11
C LEU A 302 2.33 -31.40 1.33
N THR A 303 2.74 -30.94 2.50
CA THR A 303 2.45 -31.60 3.76
C THR A 303 1.25 -31.01 4.48
N ASP A 304 0.93 -29.75 4.22
CA ASP A 304 -0.12 -29.04 4.91
C ASP A 304 -1.43 -29.17 4.15
N PRO A 305 -2.55 -28.82 4.76
CA PRO A 305 -3.82 -28.92 4.02
C PRO A 305 -3.86 -27.99 2.81
N THR A 306 -3.35 -26.77 2.98
CA THR A 306 -3.27 -25.76 1.95
C THR A 306 -1.83 -25.39 1.66
N PRO A 307 -1.45 -25.28 0.39
CA PRO A 307 -0.06 -24.92 0.07
C PRO A 307 0.29 -23.50 0.45
N THR A 308 1.55 -23.30 0.80
CA THR A 308 2.14 -21.99 0.96
C THR A 308 3.01 -21.64 -0.24
N TYR A 309 3.18 -20.33 -0.44
CA TYR A 309 3.95 -19.81 -1.56
C TYR A 309 5.34 -20.45 -1.65
N GLN A 310 6.02 -20.55 -0.51
CA GLN A 310 7.29 -21.24 -0.46
C GLN A 310 7.17 -22.68 -0.95
N GLN A 311 6.15 -23.40 -0.47
CA GLN A 311 5.95 -24.78 -0.90
C GLN A 311 5.66 -24.89 -2.38
N VAL A 312 4.90 -23.93 -2.94
CA VAL A 312 4.62 -23.98 -4.36
C VAL A 312 5.89 -23.82 -5.17
N MET A 313 6.76 -22.90 -4.75
CA MET A 313 8.03 -22.78 -5.47
C MET A 313 8.90 -24.02 -5.35
N LYS A 314 8.76 -24.80 -4.28
CA LYS A 314 9.54 -26.04 -4.19
C LYS A 314 9.07 -27.09 -5.18
N LEU A 315 7.91 -26.89 -5.82
CA LEU A 315 7.39 -27.84 -6.79
C LEU A 315 8.06 -27.64 -8.15
N LYS A 316 9.37 -27.89 -8.17
CA LYS A 316 10.16 -27.66 -9.38
C LYS A 316 9.80 -28.62 -10.49
N TYR A 317 9.54 -29.89 -10.14
CA TYR A 317 9.21 -30.87 -11.18
C TYR A 317 7.87 -30.56 -11.83
N MET A 318 6.91 -30.07 -11.04
CA MET A 318 5.64 -29.67 -11.61
C MET A 318 5.80 -28.51 -12.59
N ARG A 319 6.65 -27.53 -12.23
CA ARG A 319 6.91 -26.42 -13.12
C ARG A 319 7.64 -26.87 -14.39
N MET A 320 8.49 -27.90 -14.30
CA MET A 320 9.06 -28.44 -15.53
C MET A 320 8.01 -29.16 -16.36
N ILE A 321 7.07 -29.84 -15.71
CA ILE A 321 5.95 -30.44 -16.43
C ILE A 321 5.18 -29.36 -17.19
N LEU A 322 4.94 -28.23 -16.54
CA LEU A 322 4.23 -27.14 -17.20
C LEU A 322 5.06 -26.57 -18.36
N ASN A 323 6.38 -26.43 -18.17
CA ASN A 323 7.23 -25.95 -19.24
C ASN A 323 7.16 -26.86 -20.46
N GLU A 324 7.19 -28.16 -20.21
CA GLU A 324 7.11 -29.13 -21.30
C GLU A 324 5.75 -29.09 -21.99
N SER A 325 4.68 -28.94 -21.19
CA SER A 325 3.34 -28.84 -21.76
C SER A 325 3.22 -27.62 -22.66
N LEU A 326 3.75 -26.47 -22.22
CA LEU A 326 3.74 -25.29 -23.06
C LEU A 326 4.61 -25.45 -24.30
N ARG A 327 5.69 -26.23 -24.19
CA ARG A 327 6.51 -26.50 -25.38
C ARG A 327 5.71 -27.30 -26.41
N LEU A 328 5.07 -28.39 -25.98
CA LEU A 328 4.37 -29.24 -26.94
C LEU A 328 3.13 -28.56 -27.50
N TRP A 329 2.30 -27.97 -26.64
CA TRP A 329 1.07 -27.29 -27.08
C TRP A 329 1.01 -25.90 -26.46
N PRO A 330 1.69 -24.93 -27.06
CA PRO A 330 1.59 -23.55 -26.56
C PRO A 330 0.18 -23.04 -26.71
N THR A 331 -0.49 -22.76 -25.58
CA THR A 331 -1.90 -22.37 -25.63
C THR A 331 -2.11 -21.09 -26.42
N ALA A 332 -1.18 -20.15 -26.34
CA ALA A 332 -1.13 -19.06 -27.31
C ALA A 332 -0.13 -19.46 -28.40
N PRO A 333 -0.62 -19.92 -29.55
CA PRO A 333 0.25 -20.62 -30.50
C PRO A 333 1.01 -19.72 -31.46
N ALA A 334 0.75 -18.41 -31.46
CA ALA A 334 1.39 -17.53 -32.40
C ALA A 334 1.45 -16.12 -31.84
N PHE A 335 2.44 -15.36 -32.31
CA PHE A 335 2.43 -13.91 -32.17
C PHE A 335 2.98 -13.31 -33.45
N SER A 336 2.58 -12.07 -33.71
CA SER A 336 2.89 -11.40 -34.97
C SER A 336 3.86 -10.23 -34.75
N LEU A 337 4.61 -9.95 -35.81
CA LEU A 337 5.62 -8.90 -35.81
C LEU A 337 5.52 -8.13 -37.13
N TYR A 338 5.99 -6.90 -37.11
CA TYR A 338 6.12 -6.09 -38.32
C TYR A 338 7.51 -5.49 -38.38
N ALA A 339 8.01 -5.34 -39.61
CA ALA A 339 9.37 -4.86 -39.85
C ALA A 339 9.41 -3.35 -39.72
N LYS A 340 10.40 -2.85 -38.97
CA LYS A 340 10.48 -1.42 -38.70
C LYS A 340 11.08 -0.66 -39.88
N GLU A 341 12.00 -1.28 -40.61
CA GLU A 341 12.57 -0.75 -41.85
C GLU A 341 12.86 -1.95 -42.76
N ASP A 342 12.93 -1.68 -44.07
CA ASP A 342 13.18 -2.75 -45.04
C ASP A 342 14.41 -3.57 -44.65
N THR A 343 14.28 -4.89 -44.69
CA THR A 343 15.40 -5.71 -44.25
C THR A 343 15.34 -7.10 -44.90
N VAL A 344 16.31 -7.94 -44.52
CA VAL A 344 16.41 -9.31 -45.00
C VAL A 344 16.52 -10.27 -43.82
N ILE A 345 15.94 -11.47 -43.98
CA ILE A 345 15.98 -12.54 -42.98
C ILE A 345 16.72 -13.72 -43.60
N GLY A 346 17.45 -14.45 -42.75
CA GLY A 346 18.23 -15.58 -43.22
C GLY A 346 19.28 -15.18 -44.23
N GLY A 347 19.49 -13.87 -44.37
CA GLY A 347 20.38 -13.35 -45.39
C GLY A 347 19.82 -13.39 -46.80
N LYS A 348 18.60 -13.89 -47.00
CA LYS A 348 18.09 -14.10 -48.36
C LYS A 348 16.64 -13.69 -48.58
N TYR A 349 15.78 -13.66 -47.57
CA TYR A 349 14.37 -13.38 -47.78
C TYR A 349 14.07 -11.93 -47.45
N PRO A 350 13.57 -11.14 -48.39
CA PRO A 350 13.33 -9.72 -48.12
C PRO A 350 11.98 -9.41 -47.50
N ILE A 351 11.96 -8.41 -46.62
CA ILE A 351 10.75 -7.91 -45.98
C ILE A 351 10.64 -6.42 -46.22
N LYS A 352 9.58 -6.03 -46.91
CA LYS A 352 9.17 -4.64 -47.01
C LYS A 352 8.83 -4.11 -45.63
N LYS A 353 9.17 -2.85 -45.40
CA LYS A 353 8.98 -2.25 -44.09
C LYS A 353 7.49 -2.04 -43.79
N GLY A 354 7.05 -2.54 -42.62
CA GLY A 354 5.72 -2.27 -42.11
C GLY A 354 4.58 -2.64 -43.04
N GLU A 355 4.77 -3.65 -43.88
CA GLU A 355 3.73 -4.07 -44.82
C GLU A 355 3.46 -5.56 -44.69
N ASP A 356 4.48 -6.33 -44.32
CA ASP A 356 4.37 -7.77 -44.21
C ASP A 356 4.22 -8.17 -42.75
N ARG A 357 3.19 -8.96 -42.45
CA ARG A 357 2.88 -9.36 -41.08
C ARG A 357 3.47 -10.75 -40.87
N ILE A 358 4.51 -10.83 -40.03
CA ILE A 358 5.19 -12.09 -39.76
C ILE A 358 4.53 -12.79 -38.59
N SER A 359 4.12 -14.05 -38.80
CA SER A 359 3.51 -14.86 -37.75
C SER A 359 4.50 -15.92 -37.31
N VAL A 360 4.73 -16.03 -36.01
CA VAL A 360 5.59 -17.07 -35.44
C VAL A 360 4.73 -18.29 -35.15
N LEU A 361 5.14 -19.43 -35.71
CA LEU A 361 4.39 -20.66 -35.55
C LEU A 361 5.02 -21.40 -34.38
N ILE A 362 4.53 -21.07 -33.18
CA ILE A 362 5.21 -21.51 -31.96
C ILE A 362 5.28 -23.02 -31.82
N PRO A 363 4.27 -23.82 -32.20
CA PRO A 363 4.43 -25.28 -32.04
C PRO A 363 5.56 -25.87 -32.86
N GLN A 364 5.66 -25.48 -34.13
CA GLN A 364 6.73 -25.98 -34.97
C GLN A 364 8.09 -25.48 -34.48
N LEU A 365 8.17 -24.22 -34.06
CA LEU A 365 9.39 -23.71 -33.44
C LEU A 365 9.79 -24.59 -32.26
N HIS A 366 8.83 -24.92 -31.40
CA HIS A 366 9.07 -25.80 -30.26
C HIS A 366 9.39 -27.23 -30.67
N ARG A 367 9.20 -27.58 -31.95
CA ARG A 367 9.59 -28.88 -32.47
C ARG A 367 10.80 -28.81 -33.40
N ASP A 368 11.57 -27.71 -33.33
CA ASP A 368 12.76 -27.56 -34.16
C ASP A 368 13.84 -28.50 -33.62
N LYS A 369 14.18 -29.53 -34.41
CA LYS A 369 15.11 -30.55 -33.94
C LYS A 369 16.53 -30.03 -33.79
N ASP A 370 16.95 -29.07 -34.62
CA ASP A 370 18.31 -28.54 -34.50
C ASP A 370 18.51 -27.85 -33.15
N ALA A 371 17.45 -27.28 -32.59
CA ALA A 371 17.52 -26.59 -31.31
C ALA A 371 17.18 -27.50 -30.14
N TRP A 372 16.23 -28.42 -30.32
CA TRP A 372 15.72 -29.22 -29.21
C TRP A 372 16.24 -30.65 -29.17
N GLY A 373 16.73 -31.20 -30.28
CA GLY A 373 17.10 -32.60 -30.35
C GLY A 373 16.09 -33.40 -31.17
N ASP A 374 16.23 -34.73 -31.10
CA ASP A 374 15.38 -35.59 -31.92
C ASP A 374 14.07 -35.97 -31.25
N ASN A 375 14.05 -36.11 -29.93
CA ASN A 375 12.83 -36.57 -29.26
C ASN A 375 11.84 -35.43 -29.03
N VAL A 376 11.50 -34.69 -30.09
CA VAL A 376 10.72 -33.47 -29.90
C VAL A 376 9.28 -33.81 -29.50
N GLU A 377 8.75 -34.93 -30.01
CA GLU A 377 7.36 -35.29 -29.72
C GLU A 377 7.19 -36.02 -28.39
N GLU A 378 8.28 -36.42 -27.74
CA GLU A 378 8.14 -37.06 -26.44
C GLU A 378 7.83 -36.03 -25.36
N PHE A 379 7.04 -36.44 -24.38
CA PHE A 379 6.76 -35.60 -23.22
C PHE A 379 7.84 -35.87 -22.19
N GLN A 380 8.80 -34.97 -22.08
CA GLN A 380 9.95 -35.13 -21.20
C GLN A 380 10.14 -33.84 -20.42
N PRO A 381 9.53 -33.72 -19.24
CA PRO A 381 9.77 -32.53 -18.41
C PRO A 381 11.24 -32.32 -18.11
N GLU A 382 12.01 -33.41 -18.04
CA GLU A 382 13.43 -33.33 -17.74
C GLU A 382 14.21 -32.51 -18.74
N ARG A 383 13.62 -32.09 -19.87
CA ARG A 383 14.31 -31.16 -20.75
C ARG A 383 14.64 -29.86 -20.03
N PHE A 384 13.83 -29.49 -19.05
CA PHE A 384 14.03 -28.25 -18.31
C PHE A 384 14.73 -28.49 -16.98
N GLU A 385 15.32 -29.69 -16.79
CA GLU A 385 16.00 -30.02 -15.54
C GLU A 385 17.17 -29.08 -15.27
N GLU A 386 17.83 -28.64 -16.33
CA GLU A 386 19.11 -27.93 -16.22
C GLU A 386 18.96 -26.63 -17.03
N LEU A 387 18.77 -25.53 -16.31
CA LEU A 387 18.34 -24.26 -16.90
C LEU A 387 19.37 -23.68 -17.86
N ASP A 388 20.61 -24.19 -17.86
CA ASP A 388 21.58 -23.77 -18.86
C ASP A 388 21.28 -24.40 -20.22
N LYS A 389 20.78 -25.64 -20.22
CA LYS A 389 20.62 -26.42 -21.45
C LYS A 389 19.36 -26.06 -22.23
N VAL A 390 18.40 -25.35 -21.64
CA VAL A 390 17.19 -25.01 -22.38
C VAL A 390 17.52 -24.07 -23.54
N PRO A 391 17.22 -24.47 -24.78
CA PRO A 391 17.45 -23.60 -25.94
C PRO A 391 16.49 -22.41 -25.99
N HIS A 392 16.84 -21.33 -25.31
CA HIS A 392 16.05 -20.11 -25.37
C HIS A 392 16.10 -19.50 -26.77
N HIS A 393 15.07 -18.73 -27.09
CA HIS A 393 14.77 -18.18 -28.41
C HIS A 393 14.31 -19.24 -29.38
N ALA A 394 14.32 -20.52 -28.99
CA ALA A 394 13.52 -21.55 -29.62
C ALA A 394 12.40 -22.02 -28.71
N TYR A 395 12.19 -21.32 -27.60
CA TYR A 395 11.14 -21.60 -26.63
C TYR A 395 10.43 -20.27 -26.36
N LYS A 396 9.27 -20.06 -26.98
CA LYS A 396 8.58 -18.77 -26.88
C LYS A 396 7.11 -18.92 -26.49
N PRO A 397 6.79 -19.66 -25.43
CA PRO A 397 5.37 -19.79 -25.05
C PRO A 397 4.74 -18.49 -24.59
N PHE A 398 5.54 -17.53 -24.15
CA PHE A 398 5.08 -16.27 -23.58
C PHE A 398 5.46 -15.04 -24.42
N GLY A 399 5.59 -15.20 -25.73
CA GLY A 399 5.95 -14.07 -26.56
C GLY A 399 7.43 -13.75 -26.47
N ASN A 400 7.78 -12.52 -26.84
CA ASN A 400 9.17 -12.15 -26.93
C ASN A 400 9.43 -10.72 -26.44
N GLY A 401 10.55 -10.55 -25.73
CA GLY A 401 11.09 -9.24 -25.39
C GLY A 401 10.18 -8.39 -24.54
N GLN A 402 10.07 -7.10 -24.90
CA GLN A 402 9.30 -6.16 -24.11
C GLN A 402 7.79 -6.37 -24.27
N ARG A 403 7.35 -6.98 -25.39
CA ARG A 403 5.95 -7.33 -25.58
C ARG A 403 5.67 -8.77 -25.18
N ALA A 404 6.52 -9.36 -24.34
CA ALA A 404 6.24 -10.69 -23.83
C ALA A 404 5.10 -10.62 -22.79
N CYS A 405 4.61 -11.80 -22.41
CA CYS A 405 3.48 -11.89 -21.47
C CYS A 405 3.85 -11.31 -20.11
N ILE A 406 3.10 -10.29 -19.69
CA ILE A 406 3.27 -9.77 -18.35
C ILE A 406 2.76 -10.75 -17.29
N GLY A 407 1.83 -11.63 -17.66
CA GLY A 407 1.30 -12.54 -16.68
C GLY A 407 2.01 -13.86 -16.58
N MET A 408 3.23 -13.96 -17.14
CA MET A 408 3.93 -15.26 -17.17
C MET A 408 4.04 -15.86 -15.77
N GLN A 409 4.61 -15.11 -14.82
CA GLN A 409 4.79 -15.61 -13.46
C GLN A 409 3.45 -15.85 -12.78
N PHE A 410 2.45 -14.97 -13.02
CA PHE A 410 1.10 -15.21 -12.50
C PHE A 410 0.56 -16.55 -12.97
N ALA A 411 0.62 -16.78 -14.29
CA ALA A 411 0.09 -18.00 -14.88
C ALA A 411 0.83 -19.22 -14.37
N LEU A 412 2.16 -19.17 -14.32
CA LEU A 412 2.91 -20.37 -13.94
C LEU A 412 2.75 -20.66 -12.45
N HIS A 413 2.68 -19.64 -11.61
CA HIS A 413 2.41 -19.84 -10.20
C HIS A 413 1.04 -20.45 -9.99
N GLU A 414 0.01 -19.87 -10.61
CA GLU A 414 -1.34 -20.40 -10.44
C GLU A 414 -1.42 -21.82 -10.95
N ALA A 415 -0.84 -22.10 -12.12
CA ALA A 415 -0.92 -23.44 -12.67
C ALA A 415 -0.20 -24.44 -11.78
N THR A 416 0.99 -24.08 -11.27
CA THR A 416 1.69 -24.96 -10.36
C THR A 416 0.86 -25.24 -9.12
N LEU A 417 0.27 -24.20 -8.53
CA LEU A 417 -0.55 -24.36 -7.35
C LEU A 417 -1.68 -25.35 -7.60
N VAL A 418 -2.44 -25.13 -8.67
CA VAL A 418 -3.60 -25.97 -8.95
C VAL A 418 -3.16 -27.41 -9.21
N MET A 419 -2.10 -27.60 -9.98
CA MET A 419 -1.67 -28.96 -10.28
C MET A 419 -1.20 -29.68 -9.04
N GLY A 420 -0.43 -28.98 -8.19
CA GLY A 420 0.00 -29.57 -6.94
C GLY A 420 -1.17 -29.96 -6.04
N MET A 421 -2.17 -29.08 -5.93
CA MET A 421 -3.30 -29.40 -5.06
C MET A 421 -4.11 -30.57 -5.61
N LEU A 422 -4.36 -30.57 -6.92
CA LEU A 422 -5.09 -31.67 -7.54
C LEU A 422 -4.37 -32.98 -7.31
N LEU A 423 -3.04 -33.02 -7.48
CA LEU A 423 -2.30 -34.25 -7.22
C LEU A 423 -2.29 -34.60 -5.74
N GLN A 424 -2.32 -33.59 -4.87
CA GLN A 424 -2.41 -33.86 -3.44
C GLN A 424 -3.68 -34.62 -3.10
N HIS A 425 -4.81 -34.22 -3.66
CA HIS A 425 -6.07 -34.83 -3.25
C HIS A 425 -6.58 -35.94 -4.14
N PHE A 426 -6.26 -35.96 -5.42
CA PHE A 426 -7.00 -36.78 -6.36
C PHE A 426 -6.12 -37.74 -7.17
N GLU A 427 -6.73 -38.87 -7.49
CA GLU A 427 -6.26 -39.81 -8.49
C GLU A 427 -7.05 -39.56 -9.77
N LEU A 428 -6.34 -39.23 -10.85
CA LEU A 428 -6.96 -38.88 -12.12
C LEU A 428 -7.03 -40.11 -13.01
N ILE A 429 -8.22 -40.37 -13.56
CA ILE A 429 -8.51 -41.59 -14.29
C ILE A 429 -8.94 -41.25 -15.70
N ASP A 430 -8.23 -41.82 -16.67
CA ASP A 430 -8.53 -41.68 -18.09
C ASP A 430 -9.56 -42.74 -18.47
N TYR A 431 -10.79 -42.51 -17.98
CA TYR A 431 -11.80 -43.57 -18.05
C TYR A 431 -12.25 -43.84 -19.47
N GLN A 432 -12.16 -42.86 -20.36
CA GLN A 432 -12.65 -43.01 -21.73
C GLN A 432 -11.53 -43.26 -22.73
N ASN A 433 -10.30 -43.42 -22.25
CA ASN A 433 -9.10 -43.49 -23.11
C ASN A 433 -9.09 -42.33 -24.12
N TYR A 434 -8.97 -41.13 -23.56
CA TYR A 434 -9.13 -39.90 -24.33
C TYR A 434 -8.15 -39.84 -25.49
N GLN A 435 -8.64 -39.41 -26.65
CA GLN A 435 -7.83 -39.22 -27.84
C GLN A 435 -7.73 -37.73 -28.11
N LEU A 436 -6.52 -37.19 -28.08
CA LEU A 436 -6.32 -35.74 -28.12
C LEU A 436 -6.90 -35.16 -29.40
N ASP A 437 -7.68 -34.10 -29.27
CA ASP A 437 -8.18 -33.31 -30.38
C ASP A 437 -7.98 -31.86 -30.01
N VAL A 438 -7.04 -31.19 -30.66
CA VAL A 438 -6.65 -29.82 -30.32
C VAL A 438 -7.68 -28.87 -30.94
N LYS A 439 -8.59 -28.36 -30.14
CA LYS A 439 -9.48 -27.32 -30.61
C LYS A 439 -8.79 -25.97 -30.49
N GLN A 440 -9.00 -25.11 -31.48
CA GLN A 440 -8.48 -23.76 -31.48
C GLN A 440 -9.63 -22.76 -31.61
N THR A 441 -9.74 -21.87 -30.64
CA THR A 441 -10.56 -20.68 -30.78
C THR A 441 -9.58 -19.54 -31.02
N LEU A 442 -9.39 -18.69 -30.02
CA LEU A 442 -8.25 -17.79 -30.08
C LEU A 442 -7.00 -18.49 -29.55
N THR A 443 -7.18 -19.46 -28.66
CA THR A 443 -6.13 -20.22 -28.01
C THR A 443 -6.31 -21.70 -28.32
N LEU A 444 -5.29 -22.49 -28.01
CA LEU A 444 -5.35 -23.94 -28.17
C LEU A 444 -5.80 -24.60 -26.87
N LYS A 445 -6.56 -25.67 -26.98
CA LYS A 445 -7.01 -26.40 -25.80
C LYS A 445 -7.40 -27.79 -26.22
N PRO A 446 -7.40 -28.75 -25.29
CA PRO A 446 -7.98 -30.07 -25.60
C PRO A 446 -9.49 -29.97 -25.68
N GLY A 447 -10.06 -30.58 -26.72
CA GLY A 447 -11.50 -30.57 -26.94
C GLY A 447 -12.10 -31.86 -26.43
N ASP A 448 -13.27 -31.75 -25.78
CA ASP A 448 -14.03 -32.91 -25.31
C ASP A 448 -13.20 -33.78 -24.37
N PHE A 449 -12.50 -33.14 -23.43
CA PHE A 449 -11.57 -33.81 -22.55
C PHE A 449 -12.25 -34.07 -21.21
N LYS A 450 -12.62 -35.31 -20.96
CA LYS A 450 -13.29 -35.68 -19.72
C LYS A 450 -12.57 -36.83 -19.05
N ILE A 451 -12.47 -36.77 -17.73
CA ILE A 451 -11.81 -37.78 -16.91
C ILE A 451 -12.70 -38.08 -15.70
N ARG A 452 -12.26 -39.06 -14.90
CA ARG A 452 -12.89 -39.34 -13.61
C ARG A 452 -11.85 -39.21 -12.51
N ILE A 453 -12.31 -39.10 -11.27
CA ILE A 453 -11.42 -38.81 -10.16
C ILE A 453 -11.78 -39.70 -8.98
N LEU A 454 -10.75 -40.05 -8.21
CA LEU A 454 -10.96 -40.71 -6.94
C LEU A 454 -10.15 -39.99 -5.86
N PRO A 455 -10.57 -40.05 -4.61
CA PRO A 455 -9.71 -39.53 -3.53
C PRO A 455 -8.54 -40.47 -3.29
N ARG A 456 -7.55 -39.94 -2.58
CA ARG A 456 -6.34 -40.71 -2.28
C ARG A 456 -6.36 -41.17 -0.82
N ILE B 8 -1.18 18.69 -10.94
CA ILE B 8 0.24 18.51 -10.65
C ILE B 8 0.47 17.35 -9.72
N PRO B 9 1.24 16.37 -10.17
CA PRO B 9 1.39 15.13 -9.39
C PRO B 9 1.94 15.39 -8.00
N GLN B 10 1.41 14.64 -7.02
CA GLN B 10 1.82 14.74 -5.63
C GLN B 10 1.82 13.37 -4.98
N PRO B 11 2.87 13.01 -4.25
CA PRO B 11 2.87 11.71 -3.55
C PRO B 11 1.85 11.71 -2.42
N LYS B 12 1.80 10.62 -1.66
CA LYS B 12 0.80 10.47 -0.61
C LYS B 12 1.08 11.47 0.51
N THR B 13 0.09 12.31 0.81
CA THR B 13 0.16 13.20 1.96
C THR B 13 -0.34 12.47 3.19
N TYR B 14 0.19 12.84 4.35
CA TYR B 14 -0.16 12.17 5.60
C TYR B 14 -0.71 13.20 6.59
N GLY B 15 -1.90 13.70 6.29
CA GLY B 15 -2.57 14.65 7.17
C GLY B 15 -1.73 15.87 7.44
N PRO B 16 -1.48 16.16 8.72
CA PRO B 16 -0.66 17.34 9.06
C PRO B 16 0.77 17.23 8.58
N LEU B 17 1.28 16.01 8.39
CA LEU B 17 2.67 15.79 8.02
C LEU B 17 2.96 16.07 6.55
N GLY B 18 1.95 16.34 5.73
CA GLY B 18 2.20 16.60 4.32
C GLY B 18 2.89 15.43 3.65
N ASN B 19 3.91 15.73 2.84
CA ASN B 19 4.72 14.72 2.19
C ASN B 19 6.03 14.45 2.92
N LEU B 20 6.25 15.13 4.05
CA LEU B 20 7.55 15.07 4.71
C LEU B 20 7.97 13.67 5.17
N PRO B 21 7.07 12.74 5.55
CA PRO B 21 7.54 11.38 5.89
C PRO B 21 8.27 10.67 4.77
N LEU B 22 8.35 11.24 3.57
CA LEU B 22 9.06 10.64 2.45
C LEU B 22 10.44 11.26 2.23
N ILE B 23 10.87 12.14 3.13
CA ILE B 23 12.12 12.86 2.98
C ILE B 23 13.04 12.51 4.13
N ASP B 24 14.32 12.42 3.84
CA ASP B 24 15.35 12.42 4.86
C ASP B 24 15.76 13.89 5.00
N LYS B 25 15.21 14.57 6.02
CA LYS B 25 15.40 16.02 6.16
C LYS B 25 16.85 16.45 6.01
N ASP B 26 17.81 15.61 6.41
CA ASP B 26 19.22 15.93 6.25
C ASP B 26 19.73 15.69 4.84
N LYS B 27 18.95 15.02 3.99
CA LYS B 27 19.36 14.71 2.62
C LYS B 27 18.27 15.14 1.65
N PRO B 28 17.98 16.45 1.57
CA PRO B 28 16.83 16.88 0.75
C PRO B 28 17.01 16.57 -0.73
N THR B 29 18.12 16.96 -1.33
CA THR B 29 18.33 16.74 -2.77
C THR B 29 18.21 15.26 -3.14
N LEU B 30 18.91 14.39 -2.42
CA LEU B 30 18.82 12.96 -2.68
C LEU B 30 17.41 12.42 -2.49
N SER B 31 16.71 12.87 -1.45
CA SER B 31 15.31 12.49 -1.25
C SER B 31 14.46 12.87 -2.45
N PHE B 32 14.64 14.09 -2.94
CA PHE B 32 13.91 14.53 -4.12
C PHE B 32 14.27 13.70 -5.33
N ILE B 33 15.54 13.29 -5.45
CA ILE B 33 15.93 12.41 -6.55
C ILE B 33 15.12 11.12 -6.49
N LYS B 34 15.01 10.53 -5.31
CA LYS B 34 14.20 9.32 -5.14
C LYS B 34 12.75 9.55 -5.55
N ILE B 35 12.14 10.61 -5.03
CA ILE B 35 10.74 10.85 -5.39
C ILE B 35 10.60 11.17 -6.87
N ALA B 36 11.62 11.77 -7.48
CA ALA B 36 11.61 11.99 -8.93
C ALA B 36 11.63 10.67 -9.67
N GLU B 37 12.46 9.73 -9.22
CA GLU B 37 12.46 8.39 -9.82
C GLU B 37 11.10 7.74 -9.72
N GLU B 38 10.32 8.12 -8.71
CA GLU B 38 8.98 7.56 -8.60
C GLU B 38 7.90 8.33 -9.37
N TYR B 39 7.95 9.67 -9.41
CA TYR B 39 6.81 10.47 -9.87
C TYR B 39 7.08 11.33 -11.10
N GLY B 40 8.29 11.33 -11.64
CA GLY B 40 8.50 11.90 -12.95
C GLY B 40 8.97 13.34 -13.01
N PRO B 41 8.77 13.96 -14.17
CA PRO B 41 9.45 15.23 -14.46
C PRO B 41 8.93 16.40 -13.67
N ILE B 42 7.78 16.28 -13.02
CA ILE B 42 7.25 17.39 -12.25
C ILE B 42 6.43 16.82 -11.10
N PHE B 43 6.67 17.33 -9.90
CA PHE B 43 5.80 16.94 -8.78
C PHE B 43 5.88 18.01 -7.71
N GLN B 44 4.99 17.90 -6.72
CA GLN B 44 4.91 18.89 -5.65
C GLN B 44 5.01 18.19 -4.31
N ILE B 45 5.68 18.86 -3.37
CA ILE B 45 5.93 18.34 -2.03
C ILE B 45 5.32 19.32 -1.04
N GLN B 46 4.46 18.80 -0.18
CA GLN B 46 3.76 19.58 0.83
C GLN B 46 4.44 19.38 2.18
N THR B 47 4.89 20.47 2.78
CA THR B 47 5.51 20.45 4.10
C THR B 47 4.49 20.81 5.17
N LEU B 48 4.96 21.00 6.40
CA LEU B 48 4.07 21.46 7.46
C LEU B 48 3.55 22.86 7.18
N SER B 49 4.31 23.66 6.43
CA SER B 49 4.00 25.07 6.23
C SER B 49 3.77 25.47 4.78
N ASP B 50 4.37 24.79 3.80
CA ASP B 50 4.33 25.31 2.44
C ASP B 50 4.34 24.15 1.46
N THR B 51 4.33 24.49 0.17
CA THR B 51 4.42 23.51 -0.89
C THR B 51 5.50 23.96 -1.88
N ILE B 52 6.29 23.02 -2.35
CA ILE B 52 7.36 23.29 -3.30
C ILE B 52 7.16 22.41 -4.53
N ILE B 53 7.45 22.98 -5.70
CA ILE B 53 7.33 22.28 -6.97
C ILE B 53 8.74 21.92 -7.45
N VAL B 54 8.97 20.62 -7.64
CA VAL B 54 10.25 20.08 -8.08
C VAL B 54 10.12 19.69 -9.55
N VAL B 55 10.92 20.36 -10.40
CA VAL B 55 10.95 20.13 -11.85
C VAL B 55 12.28 19.49 -12.22
N SER B 56 12.23 18.47 -13.07
CA SER B 56 13.43 17.75 -13.47
C SER B 56 13.46 17.35 -14.93
N GLY B 57 12.33 17.35 -15.63
CA GLY B 57 12.32 17.01 -17.04
C GLY B 57 12.82 18.17 -17.88
N HIS B 58 13.62 17.85 -18.90
CA HIS B 58 14.34 18.89 -19.63
C HIS B 58 13.39 19.85 -20.34
N GLU B 59 12.22 19.38 -20.78
CA GLU B 59 11.29 20.29 -21.44
C GLU B 59 10.59 21.21 -20.45
N LEU B 60 10.17 20.67 -19.30
CA LEU B 60 9.61 21.52 -18.25
C LEU B 60 10.67 22.46 -17.70
N VAL B 61 11.89 21.95 -17.47
CA VAL B 61 12.97 22.80 -16.98
C VAL B 61 13.26 23.92 -17.96
N ALA B 62 13.29 23.60 -19.26
CA ALA B 62 13.48 24.63 -20.28
C ALA B 62 12.36 25.65 -20.24
N GLU B 63 11.12 25.19 -19.97
CA GLU B 63 10.01 26.13 -19.91
C GLU B 63 10.10 27.06 -18.71
N VAL B 64 10.47 26.54 -17.53
CA VAL B 64 10.60 27.45 -16.39
C VAL B 64 11.83 28.34 -16.56
N CYS B 65 12.75 27.98 -17.45
CA CYS B 65 13.90 28.82 -17.73
C CYS B 65 13.58 29.98 -18.66
N ASP B 66 12.36 30.08 -19.17
CA ASP B 66 11.98 31.23 -19.98
C ASP B 66 11.92 32.45 -19.08
N GLU B 67 12.81 33.42 -19.33
CA GLU B 67 12.92 34.58 -18.45
C GLU B 67 11.74 35.52 -18.58
N THR B 68 11.00 35.47 -19.69
CA THR B 68 9.80 36.28 -19.82
C THR B 68 8.76 35.87 -18.78
N ARG B 69 8.72 34.59 -18.42
CA ARG B 69 7.66 34.02 -17.59
C ARG B 69 8.08 33.72 -16.15
N PHE B 70 9.37 33.48 -15.89
CA PHE B 70 9.85 33.08 -14.58
C PHE B 70 11.12 33.85 -14.22
N ASP B 71 11.27 34.13 -12.94
CA ASP B 71 12.43 34.87 -12.45
C ASP B 71 12.98 34.14 -11.22
N LYS B 72 14.25 34.46 -10.90
CA LYS B 72 14.93 33.82 -9.75
C LYS B 72 14.17 34.08 -8.46
N SER B 73 13.93 33.02 -7.68
CA SER B 73 13.29 33.14 -6.37
C SER B 73 14.31 32.98 -5.26
N ILE B 74 14.02 33.65 -4.15
CA ILE B 74 14.80 33.55 -2.92
C ILE B 74 13.99 32.68 -1.97
N GLU B 75 14.31 31.39 -1.93
CA GLU B 75 13.58 30.44 -1.11
C GLU B 75 14.15 30.49 0.30
N GLY B 76 13.80 29.51 1.13
CA GLY B 76 14.29 29.49 2.50
C GLY B 76 15.80 29.51 2.60
N ALA B 77 16.48 28.69 1.81
CA ALA B 77 17.95 28.68 1.89
C ALA B 77 18.54 30.05 1.58
N LEU B 78 18.15 30.63 0.44
CA LEU B 78 18.73 31.92 0.08
C LEU B 78 18.23 33.05 0.98
N ALA B 79 16.99 32.97 1.45
CA ALA B 79 16.50 33.98 2.40
C ALA B 79 17.29 33.94 3.70
N LYS B 80 17.69 32.74 4.13
CA LYS B 80 18.47 32.63 5.36
C LYS B 80 19.90 33.13 5.15
N VAL B 81 20.49 32.86 3.98
CA VAL B 81 21.83 33.38 3.75
C VAL B 81 21.81 34.89 3.48
N ARG B 82 20.67 35.44 3.07
CA ARG B 82 20.58 36.89 2.88
C ARG B 82 20.88 37.66 4.15
N ALA B 83 20.73 37.03 5.32
CA ALA B 83 21.03 37.68 6.58
C ALA B 83 22.47 38.22 6.63
N PHE B 84 23.39 37.63 5.86
CA PHE B 84 24.74 38.14 5.80
C PHE B 84 25.25 38.44 4.40
N ALA B 85 24.59 37.93 3.36
CA ALA B 85 24.92 38.34 2.00
C ALA B 85 24.15 39.58 1.54
N GLY B 86 23.06 39.92 2.22
CA GLY B 86 22.33 41.14 1.96
C GLY B 86 21.82 41.22 0.54
N ASP B 87 21.93 42.39 -0.07
CA ASP B 87 21.50 42.57 -1.45
C ASP B 87 22.68 42.48 -2.41
N GLY B 88 23.45 41.41 -2.27
CA GLY B 88 24.51 41.11 -3.19
C GLY B 88 23.97 40.30 -4.34
N LEU B 89 24.86 39.93 -5.26
CA LEU B 89 24.41 39.23 -6.45
C LEU B 89 23.69 37.92 -6.12
N PHE B 90 24.06 37.25 -5.03
CA PHE B 90 23.54 35.91 -4.75
C PHE B 90 22.12 35.95 -4.20
N THR B 91 21.83 36.89 -3.31
CA THR B 91 20.61 36.85 -2.50
C THR B 91 19.67 38.04 -2.75
N SER B 92 19.84 38.76 -3.86
CA SER B 92 18.95 39.88 -4.17
C SER B 92 17.94 39.48 -5.24
N GLU B 93 16.76 40.07 -5.16
CA GLU B 93 15.78 39.88 -6.22
C GLU B 93 16.20 40.67 -7.45
N THR B 94 15.80 40.17 -8.61
CA THR B 94 16.25 40.74 -9.88
C THR B 94 15.83 42.20 -10.03
N HIS B 95 14.66 42.57 -9.50
CA HIS B 95 14.16 43.93 -9.59
C HIS B 95 14.89 44.90 -8.67
N GLU B 96 15.67 44.41 -7.72
CA GLU B 96 16.34 45.30 -6.79
C GLU B 96 17.45 46.07 -7.50
N PRO B 97 17.62 47.36 -7.19
CA PRO B 97 18.58 48.19 -7.96
C PRO B 97 20.01 47.66 -7.92
N ASN B 98 20.48 47.24 -6.75
CA ASN B 98 21.87 46.80 -6.68
C ASN B 98 22.12 45.55 -7.50
N TRP B 99 21.09 44.74 -7.81
CA TRP B 99 21.38 43.55 -8.61
C TRP B 99 21.88 43.95 -10.00
N LYS B 100 21.08 44.73 -10.73
CA LYS B 100 21.50 45.15 -12.06
C LYS B 100 22.74 46.04 -12.00
N LYS B 101 22.80 46.92 -11.01
CA LYS B 101 23.98 47.77 -10.83
C LYS B 101 25.26 46.94 -10.74
N ALA B 102 25.34 46.08 -9.71
CA ALA B 102 26.52 45.27 -9.49
C ALA B 102 26.76 44.28 -10.62
N HIS B 103 25.68 43.76 -11.22
CA HIS B 103 25.82 42.85 -12.33
C HIS B 103 26.55 43.52 -13.50
N ASN B 104 26.10 44.71 -13.91
CA ASN B 104 26.81 45.43 -14.95
C ASN B 104 28.25 45.75 -14.54
N ILE B 105 28.45 46.13 -13.28
CA ILE B 105 29.79 46.51 -12.83
C ILE B 105 30.74 45.32 -12.89
N LEU B 106 30.29 44.14 -12.49
CA LEU B 106 31.18 43.02 -12.22
C LEU B 106 31.19 41.96 -13.32
N MET B 107 30.25 42.00 -14.27
CA MET B 107 30.22 40.99 -15.32
C MET B 107 31.49 40.94 -16.16
N PRO B 108 32.04 42.07 -16.66
CA PRO B 108 33.29 41.98 -17.42
C PRO B 108 34.45 41.43 -16.61
N THR B 109 34.43 41.68 -15.30
CA THR B 109 35.47 41.24 -14.40
C THR B 109 35.51 39.72 -14.26
N PHE B 110 34.42 39.03 -14.58
CA PHE B 110 34.32 37.58 -14.42
C PHE B 110 34.36 36.83 -15.74
N SER B 111 34.68 37.50 -16.85
CA SER B 111 34.80 36.83 -18.14
C SER B 111 36.01 35.88 -18.15
N GLN B 112 36.11 35.11 -19.24
CA GLN B 112 37.27 34.24 -19.43
C GLN B 112 38.54 35.07 -19.63
N ARG B 113 38.44 36.16 -20.39
CA ARG B 113 39.61 37.04 -20.60
C ARG B 113 40.10 37.59 -19.26
N ALA B 114 39.18 37.99 -18.38
CA ALA B 114 39.55 38.59 -17.11
C ALA B 114 40.28 37.63 -16.19
N MET B 115 40.13 36.31 -16.38
CA MET B 115 40.86 35.38 -15.52
C MET B 115 42.36 35.52 -15.67
N LYS B 116 42.82 36.05 -16.81
CA LYS B 116 44.25 36.35 -16.98
C LYS B 116 44.77 37.16 -15.81
N ASP B 117 43.94 38.06 -15.26
CA ASP B 117 44.38 38.92 -14.17
C ASP B 117 44.44 38.18 -12.83
N TYR B 118 43.61 37.16 -12.62
CA TYR B 118 43.60 36.43 -11.36
C TYR B 118 44.54 35.24 -11.37
N HIS B 119 45.00 34.84 -12.56
CA HIS B 119 45.73 33.59 -12.72
C HIS B 119 46.89 33.49 -11.74
N ALA B 120 47.72 34.55 -11.69
CA ALA B 120 48.87 34.55 -10.80
C ALA B 120 48.45 34.22 -9.37
N MET B 121 47.46 34.95 -8.86
CA MET B 121 47.02 34.70 -7.49
C MET B 121 46.53 33.27 -7.33
N MET B 122 45.79 32.78 -8.32
CA MET B 122 45.35 31.39 -8.24
C MET B 122 46.55 30.47 -8.11
N VAL B 123 47.55 30.66 -8.98
CA VAL B 123 48.74 29.82 -8.92
C VAL B 123 49.37 29.88 -7.54
N ASP B 124 49.38 31.09 -6.95
CA ASP B 124 49.92 31.26 -5.61
C ASP B 124 49.28 30.24 -4.68
N ILE B 125 47.96 30.31 -4.54
CA ILE B 125 47.32 29.40 -3.60
C ILE B 125 47.50 27.97 -4.07
N ALA B 126 47.45 27.75 -5.38
CA ALA B 126 47.63 26.39 -5.88
C ALA B 126 48.98 25.82 -5.45
N VAL B 127 50.08 26.59 -5.61
CA VAL B 127 51.37 26.01 -5.23
C VAL B 127 51.37 25.66 -3.75
N GLN B 128 50.74 26.48 -2.91
CA GLN B 128 50.69 26.17 -1.50
C GLN B 128 50.09 24.77 -1.30
N LEU B 129 48.95 24.52 -1.95
CA LEU B 129 48.33 23.19 -1.88
C LEU B 129 49.33 22.13 -2.31
N VAL B 130 49.97 22.34 -3.46
CA VAL B 130 50.90 21.34 -3.97
C VAL B 130 52.00 21.10 -2.96
N GLN B 131 52.55 22.19 -2.40
CA GLN B 131 53.66 22.02 -1.48
C GLN B 131 53.21 21.25 -0.25
N LYS B 132 52.00 21.53 0.25
CA LYS B 132 51.49 20.74 1.37
C LYS B 132 51.53 19.27 1.03
N TRP B 133 50.91 18.89 -0.09
CA TRP B 133 50.87 17.49 -0.45
C TRP B 133 52.26 16.95 -0.72
N ALA B 134 53.18 17.81 -1.19
CA ALA B 134 54.52 17.34 -1.46
C ALA B 134 55.30 17.11 -0.17
N ARG B 135 54.95 17.80 0.91
CA ARG B 135 55.70 17.74 2.15
C ARG B 135 55.15 16.73 3.14
N LEU B 136 54.31 15.82 2.67
CA LEU B 136 53.73 14.81 3.54
C LEU B 136 54.72 13.71 3.83
N ASN B 137 54.51 13.04 4.96
CA ASN B 137 55.33 11.90 5.32
C ASN B 137 54.82 10.70 4.55
N PRO B 138 55.59 9.58 4.50
CA PRO B 138 55.25 8.47 3.60
C PRO B 138 53.81 7.98 3.57
N ASN B 139 53.29 7.39 4.65
CA ASN B 139 51.94 6.83 4.63
C ASN B 139 50.86 7.82 5.09
N GLU B 140 51.16 9.11 5.18
CA GLU B 140 50.14 10.08 5.54
C GLU B 140 49.11 10.21 4.43
N ASN B 141 47.84 10.30 4.80
CA ASN B 141 46.75 10.49 3.85
C ASN B 141 46.24 11.93 3.89
N VAL B 142 45.65 12.36 2.78
CA VAL B 142 45.05 13.69 2.65
C VAL B 142 43.53 13.56 2.58
N ASP B 143 42.84 14.55 3.17
CA ASP B 143 41.39 14.66 3.14
C ASP B 143 41.02 15.60 2.00
N VAL B 144 40.47 15.03 0.92
CA VAL B 144 40.32 15.80 -0.31
C VAL B 144 39.40 17.00 -0.16
N PRO B 145 38.18 16.88 0.37
CA PRO B 145 37.32 18.07 0.47
C PRO B 145 37.89 19.16 1.35
N GLU B 146 38.52 18.77 2.46
CA GLU B 146 39.07 19.75 3.39
C GLU B 146 40.16 20.59 2.73
N ASP B 147 41.10 19.95 2.04
CA ASP B 147 42.18 20.69 1.40
C ASP B 147 41.66 21.49 0.22
N MET B 148 40.73 20.92 -0.55
CA MET B 148 40.12 21.68 -1.64
C MET B 148 39.42 22.93 -1.11
N THR B 149 38.80 22.83 0.06
CA THR B 149 38.12 23.99 0.63
C THR B 149 39.11 25.05 1.09
N ARG B 150 40.20 24.62 1.73
CA ARG B 150 41.28 25.55 2.06
C ARG B 150 41.70 26.32 0.81
N LEU B 151 41.95 25.57 -0.28
CA LEU B 151 42.36 26.17 -1.54
C LEU B 151 41.34 27.17 -2.04
N THR B 152 40.07 26.76 -2.11
CA THR B 152 39.08 27.59 -2.77
C THR B 152 38.86 28.88 -1.99
N LEU B 153 38.81 28.75 -0.67
CA LEU B 153 38.64 29.90 0.18
C LEU B 153 39.80 30.88 0.06
N ASP B 154 41.04 30.37 0.12
CA ASP B 154 42.18 31.28 0.02
C ASP B 154 42.24 31.94 -1.35
N THR B 155 41.91 31.19 -2.41
CA THR B 155 41.90 31.76 -3.74
C THR B 155 40.90 32.90 -3.83
N ILE B 156 39.68 32.69 -3.34
CA ILE B 156 38.67 33.74 -3.43
C ILE B 156 39.09 34.93 -2.58
N GLY B 157 39.62 34.70 -1.38
CA GLY B 157 40.05 35.83 -0.55
C GLY B 157 41.10 36.68 -1.24
N LEU B 158 42.13 36.02 -1.80
CA LEU B 158 43.21 36.76 -2.45
C LEU B 158 42.73 37.46 -3.72
N CYS B 159 42.03 36.74 -4.60
CA CYS B 159 41.59 37.34 -5.86
C CYS B 159 40.54 38.42 -5.65
N GLY B 160 39.67 38.27 -4.65
CA GLY B 160 38.57 39.18 -4.46
C GLY B 160 38.89 40.41 -3.66
N PHE B 161 39.62 40.26 -2.55
CA PHE B 161 39.98 41.46 -1.81
C PHE B 161 41.38 41.38 -1.24
N ASN B 162 42.25 40.58 -1.87
CA ASN B 162 43.68 40.56 -1.58
C ASN B 162 43.94 40.28 -0.11
N TYR B 163 43.18 39.35 0.45
CA TYR B 163 43.29 38.97 1.85
C TYR B 163 43.70 37.50 1.92
N ARG B 164 44.71 37.20 2.74
CA ARG B 164 45.21 35.84 2.85
C ARG B 164 44.61 35.21 4.09
N PHE B 165 43.66 34.29 3.89
CA PHE B 165 43.14 33.52 5.02
C PHE B 165 44.20 32.57 5.56
N ASN B 166 45.18 32.22 4.74
CA ASN B 166 46.27 31.32 5.12
C ASN B 166 45.73 30.03 5.72
N SER B 167 44.78 29.44 5.00
CA SER B 167 44.14 28.23 5.47
C SER B 167 45.12 27.07 5.56
N PHE B 168 46.17 27.09 4.75
CA PHE B 168 47.13 26.00 4.81
C PHE B 168 48.09 26.14 5.98
N TYR B 169 48.03 27.23 6.72
CA TYR B 169 48.80 27.37 7.95
C TYR B 169 48.00 26.99 9.18
N ARG B 170 46.80 26.48 9.01
CA ARG B 170 45.88 26.23 10.11
C ARG B 170 45.32 24.82 10.02
N GLU B 171 44.82 24.34 11.16
CA GLU B 171 43.93 23.18 11.21
C GLU B 171 42.52 23.56 11.60
N THR B 172 42.35 24.55 12.46
CA THR B 172 41.04 25.14 12.66
C THR B 172 40.88 26.33 11.71
N PRO B 173 39.84 26.35 10.85
CA PRO B 173 39.64 27.46 9.92
C PRO B 173 39.53 28.81 10.59
N HIS B 174 39.82 29.85 9.79
CA HIS B 174 39.95 31.24 10.18
C HIS B 174 38.70 31.68 10.94
N PRO B 175 38.80 32.63 11.90
CA PRO B 175 37.59 33.08 12.62
C PRO B 175 36.45 33.53 11.73
N PHE B 176 36.79 34.19 10.63
CA PHE B 176 35.77 34.58 9.65
C PHE B 176 35.06 33.36 9.10
N ILE B 177 35.80 32.28 8.90
CA ILE B 177 35.27 31.14 8.16
C ILE B 177 34.35 30.32 9.03
N THR B 178 34.73 30.09 10.29
CA THR B 178 33.82 29.42 11.20
C THR B 178 32.59 30.28 11.47
N SER B 179 32.76 31.61 11.57
CA SER B 179 31.59 32.48 11.70
C SER B 179 30.62 32.28 10.54
N MET B 180 31.16 32.25 9.33
CA MET B 180 30.30 32.04 8.13
C MET B 180 29.68 30.64 8.19
N THR B 181 30.47 29.63 8.57
CA THR B 181 29.94 28.26 8.56
C THR B 181 28.78 28.12 9.54
N ARG B 182 28.90 28.70 10.73
CA ARG B 182 27.79 28.67 11.68
C ARG B 182 26.61 29.50 11.18
N ALA B 183 26.87 30.57 10.43
CA ALA B 183 25.79 31.31 9.78
C ALA B 183 25.02 30.43 8.80
N LEU B 184 25.76 29.76 7.91
CA LEU B 184 25.13 28.85 6.94
C LEU B 184 24.46 27.68 7.63
N ASP B 185 24.96 27.28 8.80
CA ASP B 185 24.38 26.16 9.54
C ASP B 185 23.04 26.56 10.16
N GLU B 186 22.96 27.77 10.71
CA GLU B 186 21.65 28.31 11.05
C GLU B 186 20.82 28.60 9.80
N ALA B 187 21.45 28.61 8.62
CA ALA B 187 20.77 28.89 7.37
C ALA B 187 20.31 27.63 6.62
N MET B 188 20.97 26.49 6.81
CA MET B 188 20.70 25.32 5.99
C MET B 188 19.65 24.41 6.62
N HIS B 189 18.72 23.94 5.79
CA HIS B 189 17.71 22.95 6.15
C HIS B 189 16.88 23.37 7.38
N GLN B 209 24.09 35.98 14.94
CA GLN B 209 24.20 37.39 14.56
C GLN B 209 25.51 37.99 15.05
N HIS B 210 26.10 37.38 16.08
CA HIS B 210 27.44 37.79 16.52
C HIS B 210 28.48 37.47 15.45
N ASP B 211 28.42 36.24 14.93
CA ASP B 211 29.27 35.86 13.81
C ASP B 211 29.07 36.81 12.62
N ILE B 212 27.82 37.16 12.32
CA ILE B 212 27.53 38.05 11.20
C ILE B 212 28.22 39.40 11.41
N GLN B 213 28.13 39.94 12.62
CA GLN B 213 28.71 41.25 12.87
C GLN B 213 30.23 41.20 12.82
N SER B 214 30.85 40.07 13.21
CA SER B 214 32.29 39.97 13.07
C SER B 214 32.71 39.87 11.61
N MET B 215 31.93 39.17 10.79
CA MET B 215 32.21 39.14 9.36
C MET B 215 32.12 40.53 8.76
N PHE B 216 31.05 41.25 9.09
CA PHE B 216 30.90 42.61 8.59
C PHE B 216 32.04 43.49 9.06
N SER B 217 32.56 43.25 10.26
CA SER B 217 33.64 44.06 10.79
C SER B 217 34.91 43.88 9.97
N LEU B 218 35.32 42.61 9.76
CA LEU B 218 36.53 42.39 8.97
C LEU B 218 36.39 42.98 7.56
N VAL B 219 35.26 42.72 6.89
CA VAL B 219 35.11 43.20 5.51
C VAL B 219 35.08 44.72 5.46
N ASP B 220 34.33 45.36 6.36
CA ASP B 220 34.24 46.82 6.33
C ASP B 220 35.59 47.46 6.62
N ASN B 221 36.36 46.87 7.54
CA ASN B 221 37.69 47.43 7.82
C ASN B 221 38.60 47.29 6.61
N ILE B 222 38.52 46.17 5.89
CA ILE B 222 39.33 46.02 4.70
C ILE B 222 38.94 47.07 3.66
N ILE B 223 37.63 47.32 3.51
CA ILE B 223 37.20 48.32 2.55
C ILE B 223 37.70 49.70 2.94
N ALA B 224 37.65 50.01 4.24
CA ALA B 224 38.07 51.33 4.70
C ALA B 224 39.57 51.52 4.52
N GLU B 225 40.36 50.50 4.86
CA GLU B 225 41.80 50.60 4.68
C GLU B 225 42.16 50.83 3.23
N ARG B 226 41.54 50.08 2.31
CA ARG B 226 41.91 50.30 0.91
C ARG B 226 41.43 51.67 0.42
N LYS B 227 40.25 52.11 0.87
CA LYS B 227 39.80 53.46 0.52
C LYS B 227 40.80 54.51 0.98
N SER B 228 41.48 54.28 2.11
CA SER B 228 42.47 55.23 2.58
C SER B 228 43.66 55.29 1.63
N SER B 229 44.18 54.15 1.21
CA SER B 229 45.38 54.07 0.37
C SER B 229 45.09 53.20 -0.84
N GLY B 230 45.03 53.81 -2.02
CA GLY B 230 44.87 53.07 -3.26
C GLY B 230 46.18 52.59 -3.83
N ASP B 231 46.55 51.34 -3.50
CA ASP B 231 47.80 50.77 -3.98
C ASP B 231 47.80 50.61 -5.50
N GLN B 232 46.65 50.24 -6.06
CA GLN B 232 46.46 50.11 -7.50
C GLN B 232 47.43 49.12 -8.14
N GLU B 233 47.95 48.17 -7.36
CA GLU B 233 48.65 47.03 -7.91
C GLU B 233 47.92 45.70 -7.72
N GLU B 234 46.95 45.66 -6.82
CA GLU B 234 46.23 44.42 -6.54
C GLU B 234 45.31 44.05 -7.71
N ASN B 235 44.57 45.03 -8.24
CA ASN B 235 43.65 44.80 -9.36
C ASN B 235 42.68 43.67 -9.04
N ASP B 236 42.14 43.69 -7.83
CA ASP B 236 41.23 42.65 -7.34
C ASP B 236 39.78 43.10 -7.53
N LEU B 237 38.85 42.23 -7.11
CA LEU B 237 37.42 42.54 -7.26
C LEU B 237 37.04 43.77 -6.46
N LEU B 238 37.59 43.90 -5.25
CA LEU B 238 37.34 45.09 -4.44
C LEU B 238 37.73 46.36 -5.17
N SER B 239 38.86 46.35 -5.89
CA SER B 239 39.30 47.56 -6.57
C SER B 239 38.37 47.90 -7.74
N ARG B 240 37.86 46.88 -8.44
CA ARG B 240 36.90 47.15 -9.51
C ARG B 240 35.63 47.77 -8.95
N MET B 241 35.13 47.24 -7.83
CA MET B 241 33.93 47.84 -7.24
C MET B 241 34.22 49.19 -6.63
N LEU B 242 35.48 49.50 -6.32
CA LEU B 242 35.83 50.82 -5.81
C LEU B 242 35.96 51.86 -6.91
N ASN B 243 36.31 51.44 -8.14
CA ASN B 243 36.61 52.39 -9.20
C ASN B 243 35.63 52.38 -10.36
N VAL B 244 35.01 51.23 -10.66
CA VAL B 244 34.23 51.06 -11.87
C VAL B 244 32.77 51.40 -11.55
N PRO B 245 32.16 52.36 -12.23
CA PRO B 245 30.73 52.63 -12.03
C PRO B 245 29.85 51.81 -12.96
N ASP B 246 28.55 51.88 -12.70
CA ASP B 246 27.57 51.21 -13.54
C ASP B 246 27.54 51.85 -14.92
N PRO B 247 27.73 51.07 -15.99
CA PRO B 247 27.62 51.64 -17.34
C PRO B 247 26.30 52.34 -17.62
N GLU B 248 25.23 51.98 -16.91
CA GLU B 248 23.89 52.48 -17.21
C GLU B 248 23.48 53.69 -16.37
N THR B 249 23.82 53.70 -15.09
CA THR B 249 23.47 54.83 -14.23
C THR B 249 24.65 55.72 -13.90
N GLY B 250 25.86 55.37 -14.29
CA GLY B 250 27.02 56.16 -13.93
C GLY B 250 27.34 56.18 -12.46
N GLU B 251 26.65 55.41 -11.63
CA GLU B 251 26.85 55.39 -10.19
C GLU B 251 27.70 54.20 -9.76
N LYS B 252 28.39 54.35 -8.64
CA LYS B 252 29.21 53.28 -8.09
C LYS B 252 28.49 52.60 -6.93
N LEU B 253 29.01 51.43 -6.56
CA LEU B 253 28.42 50.65 -5.48
C LEU B 253 28.72 51.28 -4.13
N ASP B 254 27.71 51.35 -3.27
CA ASP B 254 27.90 51.83 -1.91
C ASP B 254 28.85 50.91 -1.15
N ASP B 255 29.35 51.41 -0.01
CA ASP B 255 30.29 50.62 0.77
C ASP B 255 29.61 49.37 1.33
N GLU B 256 28.36 49.52 1.77
CA GLU B 256 27.63 48.40 2.34
C GLU B 256 27.44 47.28 1.31
N ASN B 257 26.97 47.66 0.12
CA ASN B 257 26.77 46.65 -0.92
C ASN B 257 28.09 45.99 -1.31
N ILE B 258 29.20 46.73 -1.28
CA ILE B 258 30.51 46.15 -1.56
C ILE B 258 30.86 45.10 -0.52
N ARG B 259 30.62 45.40 0.76
CA ARG B 259 30.77 44.39 1.80
C ARG B 259 29.95 43.14 1.47
N PHE B 260 28.70 43.36 1.07
CA PHE B 260 27.81 42.24 0.78
C PHE B 260 28.33 41.44 -0.39
N GLN B 261 28.84 42.10 -1.43
CA GLN B 261 29.36 41.40 -2.61
C GLN B 261 30.58 40.56 -2.24
N ILE B 262 31.47 41.10 -1.41
CA ILE B 262 32.66 40.35 -1.01
C ILE B 262 32.27 39.09 -0.24
N ILE B 263 31.36 39.25 0.73
CA ILE B 263 30.88 38.11 1.50
C ILE B 263 30.20 37.12 0.58
N THR B 264 29.46 37.64 -0.40
CA THR B 264 28.76 36.83 -1.38
C THR B 264 29.74 35.99 -2.19
N PHE B 265 30.85 36.60 -2.62
CA PHE B 265 31.85 35.86 -3.38
C PHE B 265 32.38 34.70 -2.57
N LEU B 266 32.72 34.96 -1.31
CA LEU B 266 33.18 33.88 -0.43
C LEU B 266 32.16 32.73 -0.41
N ILE B 267 30.92 33.03 0.00
CA ILE B 267 29.89 31.98 0.11
C ILE B 267 29.70 31.26 -1.22
N ALA B 268 29.26 32.01 -2.23
CA ALA B 268 28.83 31.40 -3.49
C ALA B 268 29.97 30.64 -4.16
N GLY B 269 31.21 31.04 -3.95
CA GLY B 269 32.28 30.38 -4.66
C GLY B 269 32.90 29.18 -3.98
N HIS B 270 33.30 29.32 -2.71
CA HIS B 270 34.34 28.44 -2.20
C HIS B 270 33.88 26.98 -2.11
N GLU B 271 32.73 26.71 -1.50
CA GLU B 271 32.45 25.29 -1.26
C GLU B 271 31.83 24.62 -2.48
N THR B 272 31.13 25.36 -3.36
CA THR B 272 30.73 24.77 -4.62
C THR B 272 31.94 24.33 -5.44
N THR B 273 32.94 25.21 -5.56
CA THR B 273 34.07 24.84 -6.42
C THR B 273 34.95 23.78 -5.73
N SER B 274 35.07 23.80 -4.41
CA SER B 274 35.83 22.74 -3.77
C SER B 274 35.12 21.40 -3.94
N GLY B 275 33.78 21.41 -3.88
CA GLY B 275 33.03 20.19 -4.18
C GLY B 275 33.28 19.71 -5.60
N LEU B 276 33.32 20.64 -6.56
CA LEU B 276 33.64 20.26 -7.93
C LEU B 276 35.00 19.56 -7.98
N LEU B 277 36.01 20.16 -7.33
CA LEU B 277 37.35 19.57 -7.31
C LEU B 277 37.33 18.17 -6.71
N SER B 278 36.60 18.02 -5.59
CA SER B 278 36.56 16.72 -4.92
C SER B 278 35.88 15.67 -5.80
N PHE B 279 34.78 16.04 -6.44
CA PHE B 279 34.08 15.09 -7.30
C PHE B 279 34.94 14.71 -8.50
N ALA B 280 35.67 15.68 -9.06
CA ALA B 280 36.53 15.37 -10.20
C ALA B 280 37.64 14.39 -9.79
N ILE B 281 38.27 14.62 -8.63
CA ILE B 281 39.25 13.66 -8.12
C ILE B 281 38.62 12.29 -7.93
N TYR B 282 37.38 12.25 -7.38
CA TYR B 282 36.70 10.98 -7.17
C TYR B 282 36.51 10.22 -8.49
N PHE B 283 35.97 10.89 -9.49
CA PHE B 283 35.68 10.22 -10.75
C PHE B 283 36.97 9.77 -11.45
N LEU B 284 38.01 10.62 -11.42
CA LEU B 284 39.27 10.21 -12.00
C LEU B 284 39.87 9.03 -11.25
N LEU B 285 39.66 8.98 -9.93
CA LEU B 285 40.13 7.87 -9.13
C LEU B 285 39.37 6.58 -9.46
N LYS B 286 38.11 6.72 -9.88
CA LYS B 286 37.25 5.58 -10.15
C LYS B 286 37.17 5.21 -11.63
N ASN B 287 37.72 6.02 -12.53
CA ASN B 287 37.67 5.74 -13.96
C ASN B 287 39.08 5.83 -14.54
N PRO B 288 39.85 4.73 -14.47
CA PRO B 288 41.27 4.80 -14.84
C PRO B 288 41.55 5.21 -16.28
N ASP B 289 40.68 4.87 -17.24
CA ASP B 289 40.93 5.31 -18.61
C ASP B 289 40.94 6.83 -18.69
N LYS B 290 39.95 7.46 -18.05
CA LYS B 290 39.85 8.91 -18.08
C LYS B 290 41.05 9.54 -17.38
N LEU B 291 41.54 8.91 -16.32
CA LEU B 291 42.73 9.39 -15.64
C LEU B 291 43.95 9.29 -16.54
N LYS B 292 44.09 8.18 -17.26
CA LYS B 292 45.21 8.02 -18.18
C LYS B 292 45.18 9.09 -19.27
N LYS B 293 43.98 9.36 -19.78
CA LYS B 293 43.85 10.41 -20.80
C LYS B 293 44.21 11.78 -20.24
N ALA B 294 43.76 12.07 -19.01
CA ALA B 294 44.11 13.34 -18.38
C ALA B 294 45.61 13.46 -18.16
N TYR B 295 46.24 12.38 -17.68
CA TYR B 295 47.69 12.38 -17.49
C TYR B 295 48.42 12.67 -18.80
N GLU B 296 48.04 11.98 -19.87
CA GLU B 296 48.71 12.24 -21.15
C GLU B 296 48.54 13.70 -21.56
N GLU B 297 47.36 14.26 -21.32
CA GLU B 297 47.13 15.64 -21.74
C GLU B 297 47.98 16.60 -20.91
N VAL B 298 48.02 16.40 -19.60
CA VAL B 298 48.79 17.30 -18.73
C VAL B 298 50.27 17.20 -19.05
N ASP B 299 50.77 15.98 -19.25
CA ASP B 299 52.17 15.81 -19.59
C ASP B 299 52.50 16.52 -20.90
N ARG B 300 51.62 16.43 -21.90
CA ARG B 300 51.89 17.12 -23.16
C ARG B 300 51.83 18.64 -22.99
N VAL B 301 50.90 19.14 -22.20
CA VAL B 301 50.63 20.60 -22.16
C VAL B 301 51.45 21.32 -21.10
N LEU B 302 51.54 20.78 -19.87
CA LEU B 302 52.15 21.53 -18.76
C LEU B 302 53.63 21.21 -18.68
N THR B 303 54.44 22.03 -19.38
CA THR B 303 55.87 21.79 -19.50
C THR B 303 56.70 22.59 -18.51
N ASP B 304 56.18 23.69 -18.00
CA ASP B 304 56.91 24.61 -17.13
C ASP B 304 56.65 24.23 -15.68
N PRO B 305 57.41 24.79 -14.73
CA PRO B 305 57.19 24.39 -13.33
C PRO B 305 55.80 24.69 -12.82
N THR B 306 55.29 25.90 -13.09
CA THR B 306 53.92 26.26 -12.76
C THR B 306 53.19 26.63 -14.05
N PRO B 307 51.92 26.24 -14.19
CA PRO B 307 51.20 26.51 -15.44
C PRO B 307 51.00 28.00 -15.68
N THR B 308 50.93 28.35 -16.96
CA THR B 308 50.56 29.68 -17.40
C THR B 308 49.10 29.67 -17.83
N TYR B 309 48.56 30.88 -18.05
CA TYR B 309 47.15 31.03 -18.40
C TYR B 309 46.81 30.25 -19.67
N GLN B 310 47.62 30.42 -20.71
CA GLN B 310 47.33 29.79 -22.00
C GLN B 310 47.46 28.27 -21.91
N GLN B 311 48.44 27.79 -21.13
CA GLN B 311 48.53 26.34 -20.89
C GLN B 311 47.30 25.80 -20.18
N VAL B 312 46.75 26.55 -19.23
CA VAL B 312 45.54 26.07 -18.55
C VAL B 312 44.38 26.02 -19.54
N MET B 313 44.26 27.03 -20.40
CA MET B 313 43.25 27.02 -21.45
C MET B 313 43.44 25.88 -22.45
N LYS B 314 44.67 25.38 -22.59
CA LYS B 314 44.86 24.27 -23.52
C LYS B 314 44.58 22.91 -22.86
N LEU B 315 44.22 22.89 -21.58
CA LEU B 315 43.81 21.67 -20.90
C LEU B 315 42.32 21.44 -21.18
N LYS B 316 42.04 21.01 -22.42
CA LYS B 316 40.65 20.87 -22.86
C LYS B 316 39.99 19.65 -22.24
N TYR B 317 40.71 18.52 -22.19
CA TYR B 317 40.13 17.30 -21.64
C TYR B 317 39.87 17.42 -20.15
N MET B 318 40.74 18.14 -19.43
CA MET B 318 40.50 18.38 -18.00
C MET B 318 39.21 19.17 -17.79
N ARG B 319 38.98 20.18 -18.63
CA ARG B 319 37.74 20.94 -18.58
C ARG B 319 36.54 20.06 -18.93
N MET B 320 36.72 19.07 -19.81
CA MET B 320 35.63 18.13 -20.06
C MET B 320 35.38 17.25 -18.85
N ILE B 321 36.44 16.84 -18.13
CA ILE B 321 36.28 16.10 -16.89
C ILE B 321 35.45 16.91 -15.90
N LEU B 322 35.76 18.21 -15.79
CA LEU B 322 35.00 19.07 -14.88
C LEU B 322 33.54 19.20 -15.32
N ASN B 323 33.31 19.35 -16.63
CA ASN B 323 31.93 19.43 -17.13
C ASN B 323 31.16 18.16 -16.79
N GLU B 324 31.78 17.01 -16.96
CA GLU B 324 31.11 15.74 -16.68
C GLU B 324 30.85 15.58 -15.18
N SER B 325 31.83 16.00 -14.35
CA SER B 325 31.65 15.95 -12.91
C SER B 325 30.47 16.81 -12.48
N LEU B 326 30.36 18.01 -13.05
CA LEU B 326 29.22 18.86 -12.73
C LEU B 326 27.92 18.26 -13.23
N ARG B 327 27.96 17.52 -14.34
CA ARG B 327 26.74 16.85 -14.79
C ARG B 327 26.28 15.83 -13.76
N LEU B 328 27.17 14.92 -13.38
CA LEU B 328 26.77 13.82 -12.51
C LEU B 328 26.38 14.33 -11.13
N TRP B 329 27.21 15.18 -10.52
CA TRP B 329 26.93 15.73 -9.19
C TRP B 329 27.13 17.24 -9.18
N PRO B 330 26.13 18.01 -9.63
CA PRO B 330 26.24 19.49 -9.57
C PRO B 330 26.29 19.96 -8.12
N THR B 331 27.42 20.60 -7.75
CA THR B 331 27.64 20.92 -6.33
C THR B 331 26.60 21.88 -5.78
N ALA B 332 26.10 22.81 -6.61
CA ALA B 332 24.89 23.56 -6.30
C ALA B 332 23.74 22.83 -6.97
N PRO B 333 23.00 22.00 -6.24
CA PRO B 333 22.09 21.04 -6.86
C PRO B 333 20.71 21.58 -7.22
N ALA B 334 20.39 22.82 -6.87
CA ALA B 334 19.08 23.37 -7.16
C ALA B 334 19.14 24.88 -7.29
N PHE B 335 18.19 25.42 -8.05
CA PHE B 335 17.87 26.84 -7.99
C PHE B 335 16.37 26.99 -8.15
N SER B 336 15.84 28.07 -7.58
CA SER B 336 14.40 28.29 -7.50
C SER B 336 13.97 29.45 -8.37
N LEU B 337 12.72 29.38 -8.82
CA LEU B 337 12.10 30.34 -9.68
C LEU B 337 10.70 30.62 -9.16
N TYR B 338 10.15 31.75 -9.58
CA TYR B 338 8.75 32.09 -9.34
C TYR B 338 8.16 32.65 -10.63
N ALA B 339 6.84 32.61 -10.71
CA ALA B 339 6.11 32.96 -11.93
C ALA B 339 5.71 34.43 -11.91
N LYS B 340 6.07 35.15 -12.98
CA LYS B 340 5.83 36.58 -13.02
C LYS B 340 4.36 36.91 -13.23
N GLU B 341 3.63 36.02 -13.90
CA GLU B 341 2.18 36.14 -14.12
C GLU B 341 1.62 34.73 -14.17
N ASP B 342 0.33 34.59 -13.90
CA ASP B 342 -0.32 33.27 -13.96
C ASP B 342 -0.05 32.63 -15.31
N THR B 343 0.32 31.35 -15.31
CA THR B 343 0.67 30.70 -16.57
C THR B 343 0.41 29.21 -16.43
N VAL B 344 0.60 28.48 -17.52
CA VAL B 344 0.50 27.03 -17.56
C VAL B 344 1.77 26.51 -18.20
N ILE B 345 2.32 25.44 -17.64
CA ILE B 345 3.53 24.81 -18.14
C ILE B 345 3.21 23.36 -18.47
N GLY B 346 3.93 22.84 -19.46
CA GLY B 346 3.68 21.50 -19.96
C GLY B 346 2.35 21.31 -20.64
N GLY B 347 1.65 22.39 -20.96
CA GLY B 347 0.32 22.33 -21.52
C GLY B 347 -0.77 21.97 -20.54
N LYS B 348 -0.43 21.51 -19.34
CA LYS B 348 -1.42 21.02 -18.39
C LYS B 348 -1.37 21.70 -17.03
N TYR B 349 -0.17 22.02 -16.53
CA TYR B 349 -0.04 22.34 -15.12
C TYR B 349 -0.08 23.84 -14.89
N PRO B 350 -1.03 24.35 -14.11
CA PRO B 350 -1.09 25.81 -13.89
C PRO B 350 -0.18 26.23 -12.75
N ILE B 351 0.41 27.40 -12.92
CA ILE B 351 1.31 28.01 -11.95
C ILE B 351 0.75 29.39 -11.65
N LYS B 352 0.34 29.61 -10.40
CA LYS B 352 -0.17 30.89 -9.98
C LYS B 352 0.97 31.89 -9.83
N LYS B 353 0.65 33.16 -10.03
CA LYS B 353 1.68 34.18 -10.15
C LYS B 353 2.46 34.32 -8.84
N GLY B 354 3.75 33.99 -8.91
CA GLY B 354 4.70 34.33 -7.85
C GLY B 354 4.34 33.82 -6.47
N GLU B 355 3.67 32.67 -6.37
CA GLU B 355 3.28 32.16 -5.07
C GLU B 355 3.84 30.77 -4.77
N ASP B 356 3.88 29.89 -5.75
CA ASP B 356 4.50 28.58 -5.58
C ASP B 356 5.91 28.64 -6.13
N ARG B 357 6.89 28.21 -5.32
CA ARG B 357 8.30 28.33 -5.68
C ARG B 357 8.73 27.05 -6.39
N ILE B 358 9.10 27.19 -7.66
CA ILE B 358 9.52 26.07 -8.49
C ILE B 358 11.00 25.81 -8.26
N SER B 359 11.35 24.60 -7.85
CA SER B 359 12.74 24.22 -7.63
C SER B 359 13.21 23.28 -8.73
N VAL B 360 14.35 23.59 -9.35
CA VAL B 360 14.91 22.74 -10.39
C VAL B 360 15.82 21.69 -9.77
N LEU B 361 15.57 20.43 -10.10
CA LEU B 361 16.34 19.31 -9.55
C LEU B 361 17.46 19.02 -10.55
N ILE B 362 18.58 19.73 -10.37
CA ILE B 362 19.63 19.71 -11.40
C ILE B 362 20.19 18.32 -11.64
N PRO B 363 20.37 17.44 -10.64
CA PRO B 363 20.90 16.09 -10.96
C PRO B 363 19.99 15.27 -11.87
N GLN B 364 18.69 15.26 -11.60
CA GLN B 364 17.76 14.52 -12.45
C GLN B 364 17.69 15.12 -13.85
N LEU B 365 17.70 16.45 -13.93
CA LEU B 365 17.79 17.09 -15.24
C LEU B 365 19.02 16.60 -15.98
N HIS B 366 20.16 16.55 -15.30
CA HIS B 366 21.39 16.06 -15.89
C HIS B 366 21.34 14.58 -16.23
N ARG B 367 20.36 13.84 -15.72
CA ARG B 367 20.20 12.43 -16.07
C ARG B 367 19.01 12.17 -16.99
N ASP B 368 18.49 13.20 -17.66
CA ASP B 368 17.34 13.01 -18.54
C ASP B 368 17.80 12.29 -19.80
N LYS B 369 17.36 11.03 -19.98
CA LYS B 369 17.82 10.23 -21.11
C LYS B 369 17.30 10.75 -22.44
N ASP B 370 16.13 11.39 -22.46
CA ASP B 370 15.63 11.95 -23.72
C ASP B 370 16.58 13.00 -24.28
N ALA B 371 17.29 13.72 -23.41
CA ALA B 371 18.25 14.72 -23.86
C ALA B 371 19.68 14.20 -23.90
N TRP B 372 20.08 13.34 -22.96
CA TRP B 372 21.48 12.97 -22.82
C TRP B 372 21.83 11.60 -23.42
N GLY B 373 20.87 10.73 -23.62
CA GLY B 373 21.15 9.37 -24.04
C GLY B 373 20.94 8.41 -22.87
N ASP B 374 21.34 7.15 -23.09
CA ASP B 374 21.02 6.11 -22.12
C ASP B 374 22.09 5.92 -21.06
N ASN B 375 23.35 6.18 -21.36
CA ASN B 375 24.43 5.96 -20.40
C ASN B 375 24.57 7.11 -19.42
N VAL B 376 23.49 7.50 -18.73
CA VAL B 376 23.53 8.73 -17.93
C VAL B 376 24.46 8.58 -16.74
N GLU B 377 24.57 7.38 -16.17
CA GLU B 377 25.39 7.19 -14.98
C GLU B 377 26.86 6.96 -15.29
N GLU B 378 27.23 6.75 -16.54
CA GLU B 378 28.64 6.58 -16.88
C GLU B 378 29.36 7.93 -16.84
N PHE B 379 30.62 7.89 -16.42
CA PHE B 379 31.49 9.05 -16.40
C PHE B 379 32.20 9.12 -17.74
N GLN B 380 31.77 10.03 -18.61
CA GLN B 380 32.33 10.16 -19.95
C GLN B 380 32.60 11.63 -20.25
N PRO B 381 33.81 12.11 -19.97
CA PRO B 381 34.13 13.51 -20.33
C PRO B 381 33.93 13.79 -21.81
N GLU B 382 34.12 12.78 -22.66
CA GLU B 382 33.96 12.90 -24.10
C GLU B 382 32.54 13.29 -24.52
N ARG B 383 31.59 13.35 -23.57
CA ARG B 383 30.28 13.92 -23.87
C ARG B 383 30.41 15.36 -24.32
N PHE B 384 31.35 16.10 -23.76
CA PHE B 384 31.55 17.51 -24.07
C PHE B 384 32.61 17.69 -25.14
N GLU B 385 32.96 16.60 -25.82
CA GLU B 385 33.96 16.63 -26.88
C GLU B 385 33.56 17.60 -27.98
N GLU B 386 32.30 17.53 -28.41
CA GLU B 386 31.77 18.38 -29.46
C GLU B 386 30.91 19.46 -28.85
N LEU B 387 31.11 20.70 -29.30
CA LEU B 387 30.68 21.88 -28.55
C LEU B 387 29.19 22.18 -28.69
N ASP B 388 28.57 21.76 -29.80
CA ASP B 388 27.14 21.94 -29.98
C ASP B 388 26.37 20.63 -29.94
N LYS B 389 27.05 19.53 -29.63
CA LYS B 389 26.44 18.22 -29.43
C LYS B 389 26.05 18.00 -27.96
N VAL B 390 26.01 19.07 -27.18
CA VAL B 390 25.64 19.02 -25.77
C VAL B 390 24.25 19.63 -25.60
N PRO B 391 23.31 18.91 -24.98
CA PRO B 391 21.99 19.49 -24.69
C PRO B 391 22.09 20.60 -23.65
N HIS B 392 22.35 21.84 -24.10
CA HIS B 392 22.58 22.94 -23.17
C HIS B 392 21.36 23.22 -22.31
N HIS B 393 20.15 22.99 -22.83
CA HIS B 393 18.96 23.16 -22.04
C HIS B 393 18.86 22.14 -20.92
N ALA B 394 19.52 20.98 -21.05
CA ALA B 394 19.51 19.96 -20.02
C ALA B 394 20.78 19.95 -19.18
N TYR B 395 21.61 20.99 -19.29
CA TYR B 395 22.85 21.09 -18.52
C TYR B 395 22.84 22.47 -17.86
N LYS B 396 22.50 22.51 -16.56
CA LYS B 396 22.35 23.77 -15.84
C LYS B 396 23.09 23.76 -14.50
N PRO B 397 24.37 23.40 -14.47
CA PRO B 397 25.10 23.41 -13.20
C PRO B 397 25.35 24.80 -12.65
N PHE B 398 25.32 25.83 -13.51
CA PHE B 398 25.62 27.21 -13.15
C PHE B 398 24.40 28.13 -13.23
N GLY B 399 23.20 27.59 -13.01
CA GLY B 399 22.01 28.40 -13.07
C GLY B 399 21.54 28.65 -14.50
N ASN B 400 20.71 29.70 -14.65
CA ASN B 400 20.07 30.01 -15.91
C ASN B 400 20.03 31.51 -16.18
N GLY B 401 20.26 31.87 -17.44
CA GLY B 401 20.02 33.21 -17.96
C GLY B 401 20.82 34.29 -17.25
N GLN B 402 20.15 35.42 -17.02
CA GLN B 402 20.84 36.57 -16.44
C GLN B 402 21.18 36.35 -14.97
N ARG B 403 20.48 35.45 -14.29
CA ARG B 403 20.81 35.11 -12.91
C ARG B 403 21.68 33.88 -12.81
N ALA B 404 22.39 33.53 -13.89
CA ALA B 404 23.32 32.43 -13.84
C ALA B 404 24.55 32.80 -13.02
N CYS B 405 25.36 31.79 -12.73
CA CYS B 405 26.54 32.01 -11.91
C CYS B 405 27.50 32.97 -12.59
N ILE B 406 27.79 34.09 -11.91
CA ILE B 406 28.79 35.01 -12.43
C ILE B 406 30.19 34.43 -12.30
N GLY B 407 30.40 33.52 -11.35
CA GLY B 407 31.72 32.99 -11.13
C GLY B 407 32.04 31.73 -11.92
N MET B 408 31.25 31.43 -12.96
CA MET B 408 31.45 30.22 -13.75
C MET B 408 32.87 30.12 -14.27
N GLN B 409 33.31 31.16 -14.97
CA GLN B 409 34.67 31.13 -15.54
C GLN B 409 35.73 31.10 -14.45
N PHE B 410 35.55 31.86 -13.38
CA PHE B 410 36.50 31.80 -12.26
C PHE B 410 36.62 30.37 -11.74
N ALA B 411 35.48 29.76 -11.41
CA ALA B 411 35.50 28.44 -10.79
C ALA B 411 36.11 27.41 -11.72
N LEU B 412 35.72 27.42 -12.99
CA LEU B 412 36.24 26.42 -13.92
C LEU B 412 37.71 26.66 -14.24
N HIS B 413 38.14 27.92 -14.33
CA HIS B 413 39.55 28.19 -14.57
C HIS B 413 40.40 27.69 -13.42
N GLU B 414 40.06 28.07 -12.18
CA GLU B 414 40.87 27.59 -11.07
C GLU B 414 40.80 26.08 -10.95
N ALA B 415 39.63 25.48 -11.18
CA ALA B 415 39.55 24.02 -11.05
C ALA B 415 40.44 23.35 -12.09
N THR B 416 40.43 23.85 -13.34
CA THR B 416 41.32 23.31 -14.36
C THR B 416 42.78 23.46 -13.94
N LEU B 417 43.15 24.66 -13.49
CA LEU B 417 44.52 24.90 -13.05
C LEU B 417 44.94 23.92 -11.96
N VAL B 418 44.15 23.83 -10.90
CA VAL B 418 44.50 23.02 -9.73
C VAL B 418 44.57 21.56 -10.11
N MET B 419 43.62 21.11 -10.92
CA MET B 419 43.58 19.70 -11.31
C MET B 419 44.80 19.36 -12.15
N GLY B 420 45.14 20.25 -13.10
CA GLY B 420 46.33 20.05 -13.90
C GLY B 420 47.59 19.99 -13.07
N MET B 421 47.72 20.91 -12.09
CA MET B 421 48.92 20.91 -11.25
C MET B 421 49.01 19.65 -10.41
N LEU B 422 47.88 19.22 -9.83
CA LEU B 422 47.88 18.00 -9.03
C LEU B 422 48.30 16.80 -9.86
N LEU B 423 47.76 16.68 -11.08
CA LEU B 423 48.18 15.57 -11.93
C LEU B 423 49.62 15.73 -12.42
N GLN B 424 50.07 16.98 -12.58
CA GLN B 424 51.46 17.23 -12.96
C GLN B 424 52.42 16.67 -11.92
N HIS B 425 52.10 16.85 -10.64
CA HIS B 425 53.04 16.48 -9.59
C HIS B 425 52.77 15.12 -8.96
N PHE B 426 51.52 14.67 -8.91
CA PHE B 426 51.17 13.58 -8.01
C PHE B 426 50.47 12.43 -8.72
N GLU B 427 50.67 11.24 -8.17
CA GLU B 427 49.82 10.09 -8.40
C GLU B 427 48.88 9.93 -7.21
N LEU B 428 47.58 9.93 -7.48
CA LEU B 428 46.54 9.86 -6.46
C LEU B 428 46.17 8.39 -6.23
N ILE B 429 46.12 8.00 -4.96
CA ILE B 429 45.97 6.60 -4.57
C ILE B 429 44.72 6.44 -3.73
N ASP B 430 43.83 5.57 -4.19
CA ASP B 430 42.63 5.15 -3.46
C ASP B 430 42.98 3.93 -2.61
N TYR B 431 43.75 4.17 -1.55
CA TYR B 431 44.10 3.05 -0.67
C TYR B 431 42.87 2.53 0.06
N GLN B 432 41.95 3.42 0.40
CA GLN B 432 40.78 3.08 1.22
C GLN B 432 39.65 2.47 0.41
N ASN B 433 39.84 2.28 -0.90
CA ASN B 433 38.78 1.91 -1.84
C ASN B 433 37.50 2.68 -1.52
N TYR B 434 37.55 4.00 -1.72
CA TYR B 434 36.49 4.87 -1.26
C TYR B 434 35.15 4.52 -1.88
N GLN B 435 34.11 4.53 -1.06
CA GLN B 435 32.74 4.32 -1.49
C GLN B 435 32.02 5.66 -1.35
N LEU B 436 31.57 6.20 -2.48
CA LEU B 436 31.04 7.57 -2.51
C LEU B 436 29.87 7.74 -1.56
N ASP B 437 29.88 8.82 -0.79
CA ASP B 437 28.77 9.21 0.07
C ASP B 437 28.50 10.68 -0.17
N VAL B 438 27.38 10.99 -0.81
CA VAL B 438 27.06 12.38 -1.15
C VAL B 438 26.47 13.05 0.08
N LYS B 439 27.18 14.04 0.59
CA LYS B 439 26.81 14.76 1.78
C LYS B 439 26.40 16.16 1.35
N GLN B 440 25.33 16.69 1.93
CA GLN B 440 24.76 17.96 1.51
C GLN B 440 24.63 18.91 2.68
N THR B 441 25.25 20.07 2.55
CA THR B 441 24.96 21.17 3.44
C THR B 441 24.10 22.13 2.64
N LEU B 442 24.68 23.24 2.23
CA LEU B 442 24.06 24.01 1.15
C LEU B 442 24.45 23.46 -0.20
N THR B 443 25.60 22.80 -0.27
CA THR B 443 26.13 22.24 -1.50
C THR B 443 26.33 20.73 -1.33
N LEU B 444 26.59 20.07 -2.45
CA LEU B 444 26.91 18.64 -2.45
C LEU B 444 28.43 18.47 -2.43
N LYS B 445 28.90 17.45 -1.72
CA LYS B 445 30.32 17.12 -1.70
C LYS B 445 30.51 15.68 -1.26
N PRO B 446 31.59 15.02 -1.68
CA PRO B 446 31.89 13.69 -1.14
C PRO B 446 32.28 13.78 0.33
N GLY B 447 31.72 12.90 1.14
CA GLY B 447 31.96 12.88 2.57
C GLY B 447 33.00 11.83 2.96
N ASP B 448 33.87 12.22 3.88
CA ASP B 448 34.90 11.31 4.43
C ASP B 448 35.77 10.72 3.32
N PHE B 449 36.18 11.56 2.37
CA PHE B 449 36.91 11.14 1.19
C PHE B 449 38.39 11.42 1.41
N LYS B 450 39.16 10.37 1.67
CA LYS B 450 40.58 10.50 1.96
C LYS B 450 41.37 9.60 1.03
N ILE B 451 42.50 10.11 0.54
CA ILE B 451 43.34 9.41 -0.42
C ILE B 451 44.79 9.50 0.05
N ARG B 452 45.70 8.93 -0.73
CA ARG B 452 47.13 9.06 -0.46
C ARG B 452 47.84 9.54 -1.72
N ILE B 453 49.08 9.98 -1.53
CA ILE B 453 49.83 10.68 -2.57
C ILE B 453 51.15 9.96 -2.82
N LEU B 454 51.58 9.91 -4.07
CA LEU B 454 52.95 9.55 -4.41
C LEU B 454 53.48 10.58 -5.40
N PRO B 455 54.69 11.11 -5.18
CA PRO B 455 55.28 12.00 -6.19
C PRO B 455 55.55 11.25 -7.48
N ARG B 456 55.68 12.02 -8.56
CA ARG B 456 55.98 11.48 -9.88
C ARG B 456 57.40 11.86 -10.31
N ILE C 8 -7.92 -6.76 14.48
CA ILE C 8 -7.29 -5.54 15.01
C ILE C 8 -6.10 -5.15 14.13
N PRO C 9 -6.28 -4.10 13.33
CA PRO C 9 -5.35 -3.84 12.22
C PRO C 9 -3.91 -3.66 12.67
N GLN C 10 -2.99 -4.19 11.86
CA GLN C 10 -1.58 -4.15 12.15
C GLN C 10 -0.84 -3.93 10.84
N PRO C 11 0.11 -3.01 10.80
CA PRO C 11 0.91 -2.84 9.57
C PRO C 11 1.83 -4.03 9.32
N LYS C 12 2.58 -4.00 8.23
CA LYS C 12 3.46 -5.12 7.90
C LYS C 12 4.51 -5.31 8.99
N THR C 13 4.75 -6.57 9.35
CA THR C 13 5.79 -6.94 10.29
C THR C 13 6.95 -7.60 9.55
N TYR C 14 8.16 -7.38 10.05
CA TYR C 14 9.39 -7.84 9.39
C TYR C 14 10.18 -8.75 10.34
N GLY C 15 9.66 -9.96 10.55
CA GLY C 15 10.33 -10.97 11.34
C GLY C 15 10.70 -10.48 12.72
N PRO C 16 11.97 -10.59 13.08
CA PRO C 16 12.40 -10.11 14.40
C PRO C 16 12.22 -8.61 14.57
N LEU C 17 12.19 -7.84 13.49
CA LEU C 17 12.12 -6.38 13.56
C LEU C 17 10.73 -5.86 13.90
N GLY C 18 9.72 -6.71 13.94
CA GLY C 18 8.36 -6.26 14.25
C GLY C 18 7.85 -5.20 13.29
N ASN C 19 7.24 -4.16 13.85
CA ASN C 19 6.79 -3.02 13.07
C ASN C 19 7.78 -1.86 13.11
N LEU C 20 8.89 -2.04 13.82
CA LEU C 20 9.83 -0.94 14.02
C LEU C 20 10.43 -0.39 12.74
N PRO C 21 10.66 -1.17 11.67
CA PRO C 21 11.18 -0.56 10.44
C PRO C 21 10.27 0.52 9.83
N LEU C 22 9.07 0.73 10.33
CA LEU C 22 8.17 1.73 9.76
C LEU C 22 8.11 3.02 10.56
N ILE C 23 8.83 3.11 11.66
CA ILE C 23 8.75 4.28 12.53
C ILE C 23 10.13 4.87 12.73
N ASP C 24 10.18 6.19 12.85
CA ASP C 24 11.36 6.93 13.29
C ASP C 24 11.34 7.04 14.81
N LYS C 25 12.29 6.37 15.48
CA LYS C 25 12.29 6.34 16.93
C LYS C 25 12.42 7.74 17.53
N ASP C 26 13.19 8.64 16.90
CA ASP C 26 13.29 9.99 17.43
C ASP C 26 12.02 10.79 17.26
N LYS C 27 11.09 10.32 16.43
CA LYS C 27 9.82 11.03 16.18
C LYS C 27 8.65 10.05 16.30
N PRO C 28 8.45 9.45 17.46
CA PRO C 28 7.41 8.40 17.56
C PRO C 28 6.01 8.92 17.29
N THR C 29 5.60 10.00 17.97
CA THR C 29 4.25 10.52 17.79
C THR C 29 3.97 10.81 16.33
N LEU C 30 4.85 11.59 15.69
CA LEU C 30 4.66 11.88 14.27
C LEU C 30 4.62 10.61 13.45
N SER C 31 5.50 9.66 13.77
CA SER C 31 5.45 8.35 13.09
C SER C 31 4.07 7.73 13.24
N PHE C 32 3.55 7.70 14.48
CA PHE C 32 2.23 7.13 14.68
C PHE C 32 1.20 7.88 13.86
N ILE C 33 1.32 9.21 13.81
CA ILE C 33 0.37 9.98 13.02
C ILE C 33 0.38 9.48 11.59
N LYS C 34 1.58 9.30 11.03
CA LYS C 34 1.67 8.81 9.66
C LYS C 34 0.96 7.47 9.53
N ILE C 35 1.29 6.52 10.41
CA ILE C 35 0.65 5.20 10.31
C ILE C 35 -0.85 5.30 10.51
N ALA C 36 -1.30 6.22 11.37
CA ALA C 36 -2.74 6.36 11.54
C ALA C 36 -3.40 6.73 10.23
N GLU C 37 -2.81 7.69 9.51
CA GLU C 37 -3.38 8.13 8.24
C GLU C 37 -3.50 6.95 7.27
N GLU C 38 -2.68 5.92 7.46
CA GLU C 38 -2.72 4.73 6.63
C GLU C 38 -3.73 3.70 7.15
N TYR C 39 -3.82 3.50 8.46
CA TYR C 39 -4.55 2.33 8.96
C TYR C 39 -5.78 2.66 9.80
N GLY C 40 -6.10 3.93 10.01
CA GLY C 40 -7.38 4.29 10.55
C GLY C 40 -7.39 4.46 12.05
N PRO C 41 -8.60 4.37 12.63
CA PRO C 41 -8.80 4.80 14.03
C PRO C 41 -8.19 3.87 15.08
N ILE C 42 -7.78 2.65 14.72
CA ILE C 42 -7.14 1.77 15.70
C ILE C 42 -6.15 0.86 14.96
N PHE C 43 -4.95 0.70 15.52
CA PHE C 43 -3.99 -0.23 14.96
C PHE C 43 -3.01 -0.70 16.04
N GLN C 44 -2.22 -1.70 15.68
CA GLN C 44 -1.29 -2.35 16.60
C GLN C 44 0.13 -2.24 16.07
N ILE C 45 1.07 -2.01 16.97
CA ILE C 45 2.48 -1.82 16.64
C ILE C 45 3.26 -2.87 17.41
N GLN C 46 4.04 -3.67 16.68
CA GLN C 46 4.82 -4.76 17.24
C GLN C 46 6.27 -4.30 17.35
N THR C 47 6.80 -4.28 18.57
CA THR C 47 8.20 -3.91 18.77
C THR C 47 9.04 -5.17 18.95
N LEU C 48 10.32 -4.97 19.29
CA LEU C 48 11.19 -6.11 19.57
C LEU C 48 10.71 -6.88 20.81
N SER C 49 10.04 -6.20 21.74
CA SER C 49 9.70 -6.80 23.03
C SER C 49 8.22 -6.91 23.32
N ASP C 50 7.38 -5.99 22.82
CA ASP C 50 5.99 -5.91 23.27
C ASP C 50 5.12 -5.40 22.12
N THR C 51 3.84 -5.17 22.41
CA THR C 51 2.87 -4.67 21.46
C THR C 51 2.14 -3.48 22.05
N ILE C 52 1.85 -2.49 21.20
CA ILE C 52 1.15 -1.27 21.60
C ILE C 52 -0.08 -1.12 20.72
N ILE C 53 -1.20 -0.70 21.31
CA ILE C 53 -2.42 -0.42 20.56
C ILE C 53 -2.62 1.09 20.51
N VAL C 54 -2.65 1.64 19.31
CA VAL C 54 -2.83 3.07 19.08
C VAL C 54 -4.27 3.32 18.65
N VAL C 55 -4.98 4.09 19.46
CA VAL C 55 -6.38 4.45 19.25
C VAL C 55 -6.44 5.93 18.94
N SER C 56 -7.21 6.29 17.91
CA SER C 56 -7.30 7.69 17.50
C SER C 56 -8.70 8.14 17.07
N GLY C 57 -9.62 7.24 16.76
CA GLY C 57 -10.97 7.65 16.40
C GLY C 57 -11.80 7.99 17.63
N HIS C 58 -12.64 9.02 17.50
CA HIS C 58 -13.31 9.56 18.67
C HIS C 58 -14.26 8.55 19.31
N GLU C 59 -14.90 7.69 18.51
CA GLU C 59 -15.75 6.65 19.09
C GLU C 59 -14.93 5.75 20.00
N LEU C 60 -13.84 5.18 19.47
CA LEU C 60 -13.04 4.26 20.27
C LEU C 60 -12.38 4.98 21.43
N VAL C 61 -11.90 6.22 21.21
CA VAL C 61 -11.28 6.95 22.31
C VAL C 61 -12.30 7.20 23.43
N ALA C 62 -13.50 7.63 23.06
CA ALA C 62 -14.54 7.85 24.06
C ALA C 62 -14.87 6.56 24.79
N GLU C 63 -14.84 5.43 24.07
CA GLU C 63 -15.15 4.16 24.70
C GLU C 63 -14.05 3.72 25.66
N VAL C 64 -12.78 3.86 25.27
CA VAL C 64 -11.68 3.50 26.18
C VAL C 64 -11.53 4.52 27.31
N CYS C 65 -12.13 5.69 27.16
CA CYS C 65 -12.11 6.69 28.22
C CYS C 65 -13.10 6.38 29.33
N ASP C 66 -13.85 5.29 29.19
CA ASP C 66 -14.76 4.84 30.24
C ASP C 66 -13.96 4.30 31.42
N GLU C 67 -14.04 4.96 32.58
CA GLU C 67 -13.24 4.57 33.73
C GLU C 67 -13.69 3.24 34.32
N THR C 68 -14.93 2.83 34.07
CA THR C 68 -15.40 1.55 34.54
C THR C 68 -14.59 0.41 33.93
N ARG C 69 -14.13 0.60 32.69
CA ARG C 69 -13.50 -0.45 31.91
C ARG C 69 -11.99 -0.31 31.77
N PHE C 70 -11.46 0.91 31.87
CA PHE C 70 -10.03 1.18 31.62
C PHE C 70 -9.50 2.17 32.65
N ASP C 71 -8.21 2.03 32.97
CA ASP C 71 -7.53 2.90 33.92
C ASP C 71 -6.23 3.41 33.31
N LYS C 72 -5.61 4.39 33.96
CA LYS C 72 -4.37 4.95 33.45
C LYS C 72 -3.25 3.93 33.52
N SER C 73 -2.39 3.93 32.50
CA SER C 73 -1.26 3.01 32.45
C SER C 73 0.05 3.76 32.67
N ILE C 74 0.99 3.09 33.30
CA ILE C 74 2.34 3.61 33.53
C ILE C 74 3.38 2.94 32.63
N GLU C 75 3.00 1.91 31.87
CA GLU C 75 3.98 1.01 31.24
C GLU C 75 4.98 1.74 30.34
N GLY C 76 4.59 2.83 29.70
CA GLY C 76 5.49 3.45 28.73
C GLY C 76 6.61 4.30 29.29
N ALA C 77 6.79 5.48 28.69
CA ALA C 77 7.79 6.44 29.15
C ALA C 77 7.59 6.82 30.61
N LEU C 78 6.33 6.88 31.06
CA LEU C 78 6.04 7.32 32.42
C LEU C 78 6.68 6.43 33.47
N ALA C 79 6.81 5.13 33.19
CA ALA C 79 7.52 4.26 34.13
C ALA C 79 8.98 4.67 34.24
N LYS C 80 9.58 5.12 33.15
CA LYS C 80 10.93 5.66 33.20
C LYS C 80 10.96 6.95 34.02
N VAL C 81 9.93 7.79 33.86
CA VAL C 81 9.88 9.05 34.59
C VAL C 81 9.73 8.79 36.09
N ARG C 82 9.11 7.67 36.45
CA ARG C 82 8.95 7.30 37.86
C ARG C 82 10.28 7.22 38.60
N ALA C 83 11.40 7.09 37.88
CA ALA C 83 12.70 7.02 38.53
C ALA C 83 12.96 8.22 39.43
N PHE C 84 12.50 9.41 39.02
CA PHE C 84 12.62 10.59 39.87
C PHE C 84 11.28 11.18 40.27
N ALA C 85 10.18 10.84 39.60
CA ALA C 85 8.87 11.33 40.03
C ALA C 85 8.21 10.42 41.06
N GLY C 86 8.66 9.17 41.18
CA GLY C 86 8.17 8.26 42.22
C GLY C 86 6.67 8.05 42.13
N ASP C 87 6.02 8.05 43.29
CA ASP C 87 4.56 7.89 43.35
C ASP C 87 3.88 9.25 43.54
N GLY C 88 4.23 10.21 42.70
CA GLY C 88 3.56 11.48 42.69
C GLY C 88 2.33 11.38 41.81
N LEU C 89 1.59 12.47 41.71
CA LEU C 89 0.33 12.41 40.98
C LEU C 89 0.52 11.96 39.54
N PHE C 90 1.67 12.28 38.93
CA PHE C 90 1.86 12.00 37.52
C PHE C 90 2.17 10.52 37.25
N THR C 91 3.01 9.89 38.07
CA THR C 91 3.56 8.59 37.72
C THR C 91 3.12 7.47 38.66
N SER C 92 2.07 7.70 39.43
CA SER C 92 1.56 6.67 40.32
C SER C 92 0.35 5.98 39.71
N GLU C 93 0.21 4.69 40.04
CA GLU C 93 -0.98 3.95 39.65
C GLU C 93 -2.17 4.37 40.51
N THR C 94 -3.36 4.31 39.93
CA THR C 94 -4.53 4.84 40.61
C THR C 94 -4.81 4.12 41.93
N HIS C 95 -4.56 2.81 41.97
CA HIS C 95 -4.81 2.03 43.18
C HIS C 95 -3.81 2.31 44.29
N GLU C 96 -2.70 2.99 44.00
CA GLU C 96 -1.71 3.27 45.02
C GLU C 96 -2.25 4.32 46.00
N PRO C 97 -1.97 4.16 47.30
CA PRO C 97 -2.58 5.07 48.29
C PRO C 97 -2.25 6.54 48.08
N ASN C 98 -0.98 6.87 47.82
CA ASN C 98 -0.62 8.27 47.72
C ASN C 98 -1.29 8.97 46.54
N TRP C 99 -1.70 8.25 45.48
CA TRP C 99 -2.35 8.96 44.39
C TRP C 99 -3.63 9.63 44.89
N LYS C 100 -4.55 8.83 45.44
CA LYS C 100 -5.82 9.37 45.94
C LYS C 100 -5.58 10.35 47.07
N LYS C 101 -4.64 10.01 47.96
CA LYS C 101 -4.31 10.90 49.08
C LYS C 101 -3.94 12.30 48.57
N ALA C 102 -2.89 12.38 47.74
CA ALA C 102 -2.45 13.67 47.23
C ALA C 102 -3.50 14.31 46.35
N HIS C 103 -4.27 13.52 45.62
CA HIS C 103 -5.35 14.07 44.80
C HIS C 103 -6.32 14.86 45.67
N ASN C 104 -6.82 14.23 46.73
CA ASN C 104 -7.73 14.91 47.64
C ASN C 104 -7.06 16.14 48.26
N ILE C 105 -5.79 16.01 48.64
CA ILE C 105 -5.10 17.12 49.29
C ILE C 105 -4.91 18.31 48.35
N LEU C 106 -4.59 18.06 47.08
CA LEU C 106 -4.10 19.11 46.19
C LEU C 106 -5.14 19.63 45.21
N MET C 107 -6.29 18.97 45.05
CA MET C 107 -7.27 19.48 44.08
C MET C 107 -7.76 20.89 44.36
N PRO C 108 -8.11 21.30 45.57
CA PRO C 108 -8.57 22.69 45.75
C PRO C 108 -7.53 23.74 45.38
N THR C 109 -6.24 23.47 45.58
CA THR C 109 -5.20 24.45 45.23
C THR C 109 -5.07 24.66 43.73
N PHE C 110 -5.58 23.74 42.91
CA PHE C 110 -5.44 23.86 41.46
C PHE C 110 -6.74 24.28 40.78
N SER C 111 -7.75 24.67 41.54
CA SER C 111 -8.98 25.14 40.94
C SER C 111 -8.76 26.47 40.22
N GLN C 112 -9.74 26.83 39.38
CA GLN C 112 -9.75 28.13 38.73
C GLN C 112 -9.67 29.25 39.76
N ARG C 113 -10.51 29.16 40.80
CA ARG C 113 -10.50 30.19 41.84
C ARG C 113 -9.13 30.31 42.48
N ALA C 114 -8.49 29.17 42.75
CA ALA C 114 -7.19 29.17 43.41
C ALA C 114 -6.15 29.97 42.65
N MET C 115 -6.33 30.18 41.35
CA MET C 115 -5.37 30.93 40.58
C MET C 115 -5.22 32.37 41.08
N LYS C 116 -6.28 32.93 41.69
CA LYS C 116 -6.14 34.23 42.33
C LYS C 116 -4.89 34.24 43.20
N ASP C 117 -4.76 33.22 44.07
CA ASP C 117 -3.65 33.14 45.01
C ASP C 117 -2.29 33.13 44.31
N TYR C 118 -2.21 32.56 43.11
CA TYR C 118 -0.94 32.50 42.40
C TYR C 118 -0.73 33.65 41.43
N HIS C 119 -1.78 34.42 41.12
CA HIS C 119 -1.70 35.34 40.00
C HIS C 119 -0.47 36.24 40.08
N ALA C 120 -0.28 36.90 41.23
CA ALA C 120 0.82 37.83 41.43
C ALA C 120 2.17 37.20 41.10
N MET C 121 2.43 36.01 41.66
CA MET C 121 3.73 35.37 41.43
C MET C 121 3.94 35.13 39.94
N MET C 122 2.88 34.68 39.25
CA MET C 122 2.96 34.51 37.81
C MET C 122 3.34 35.84 37.16
N VAL C 123 2.68 36.92 37.56
CA VAL C 123 2.98 38.24 37.01
C VAL C 123 4.45 38.57 37.22
N ASP C 124 5.00 38.22 38.39
CA ASP C 124 6.41 38.48 38.63
C ASP C 124 7.26 37.92 37.50
N ILE C 125 7.14 36.61 37.26
CA ILE C 125 8.00 36.00 36.25
C ILE C 125 7.66 36.57 34.89
N ALA C 126 6.37 36.84 34.65
CA ALA C 126 5.96 37.42 33.39
C ALA C 126 6.68 38.74 33.14
N VAL C 127 6.72 39.60 34.16
CA VAL C 127 7.40 40.88 33.99
C VAL C 127 8.85 40.66 33.59
N GLN C 128 9.51 39.70 34.26
CA GLN C 128 10.90 39.42 33.93
C GLN C 128 11.02 39.11 32.44
N LEU C 129 10.15 38.21 31.94
CA LEU C 129 10.22 37.86 30.52
C LEU C 129 10.07 39.11 29.67
N VAL C 130 9.02 39.90 29.92
CA VAL C 130 8.79 41.09 29.13
C VAL C 130 10.00 42.02 29.24
N GLN C 131 10.52 42.17 30.46
CA GLN C 131 11.65 43.05 30.66
C GLN C 131 12.84 42.60 29.83
N LYS C 132 13.10 41.29 29.82
CA LYS C 132 14.17 40.79 28.96
C LYS C 132 13.94 41.21 27.52
N TRP C 133 12.74 40.92 26.99
CA TRP C 133 12.46 41.24 25.61
C TRP C 133 12.51 42.75 25.39
N ALA C 134 12.20 43.53 26.44
CA ALA C 134 12.23 44.97 26.28
C ALA C 134 13.66 45.51 26.20
N ARG C 135 14.61 44.81 26.82
CA ARG C 135 15.98 45.30 26.93
C ARG C 135 16.89 44.75 25.83
N LEU C 136 16.33 44.14 24.80
CA LEU C 136 17.18 43.60 23.76
C LEU C 136 17.71 44.73 22.90
N ASN C 137 18.88 44.53 22.32
CA ASN C 137 19.44 45.54 21.45
C ASN C 137 18.86 45.38 20.04
N PRO C 138 19.00 46.41 19.20
CA PRO C 138 18.37 46.37 17.87
C PRO C 138 18.72 45.12 17.06
N ASN C 139 17.67 44.54 16.48
CA ASN C 139 17.70 43.37 15.59
C ASN C 139 18.17 42.08 16.27
N GLU C 140 18.25 42.04 17.60
CA GLU C 140 18.56 40.78 18.26
C GLU C 140 17.38 39.84 18.11
N ASN C 141 17.67 38.57 17.89
CA ASN C 141 16.58 37.61 17.76
C ASN C 141 16.40 36.87 19.08
N VAL C 142 15.17 36.46 19.37
CA VAL C 142 14.83 35.72 20.58
C VAL C 142 14.43 34.31 20.18
N ASP C 143 14.82 33.36 21.02
CA ASP C 143 14.48 31.95 20.86
C ASP C 143 13.25 31.68 21.70
N VAL C 144 12.10 31.52 21.04
CA VAL C 144 10.83 31.46 21.77
C VAL C 144 10.75 30.27 22.73
N PRO C 145 11.07 29.04 22.32
CA PRO C 145 10.94 27.94 23.28
C PRO C 145 11.86 28.08 24.48
N GLU C 146 13.10 28.57 24.31
CA GLU C 146 14.01 28.71 25.43
C GLU C 146 13.50 29.70 26.47
N ASP C 147 13.05 30.88 26.00
CA ASP C 147 12.54 31.88 26.93
C ASP C 147 11.19 31.45 27.54
N MET C 148 10.33 30.82 26.75
CA MET C 148 9.09 30.28 27.30
C MET C 148 9.38 29.24 28.37
N THR C 149 10.41 28.42 28.18
CA THR C 149 10.78 27.42 29.18
C THR C 149 11.32 28.07 30.42
N ARG C 150 12.15 29.11 30.25
CA ARG C 150 12.58 29.91 31.38
C ARG C 150 11.39 30.38 32.20
N LEU C 151 10.43 31.04 31.54
CA LEU C 151 9.27 31.57 32.24
C LEU C 151 8.50 30.46 32.94
N THR C 152 8.16 29.39 32.21
CA THR C 152 7.26 28.39 32.77
C THR C 152 7.89 27.70 33.97
N LEU C 153 9.19 27.38 33.85
CA LEU C 153 9.92 26.77 34.95
C LEU C 153 9.98 27.70 36.15
N ASP C 154 10.32 28.97 35.93
CA ASP C 154 10.40 29.89 37.06
C ASP C 154 9.02 30.10 37.68
N THR C 155 7.99 30.17 36.85
CA THR C 155 6.64 30.37 37.33
C THR C 155 6.21 29.22 38.22
N ILE C 156 6.43 27.99 37.77
CA ILE C 156 6.02 26.86 38.60
C ILE C 156 6.86 26.79 39.88
N GLY C 157 8.17 27.04 39.80
CA GLY C 157 8.99 27.01 41.01
C GLY C 157 8.53 28.02 42.05
N LEU C 158 8.28 29.25 41.62
CA LEU C 158 7.84 30.30 42.53
C LEU C 158 6.45 30.04 43.10
N CYS C 159 5.49 29.75 42.22
CA CYS C 159 4.12 29.53 42.69
C CYS C 159 4.00 28.27 43.53
N GLY C 160 4.77 27.22 43.22
CA GLY C 160 4.64 25.95 43.88
C GLY C 160 5.39 25.83 45.19
N PHE C 161 6.62 26.36 45.26
CA PHE C 161 7.33 26.22 46.53
C PHE C 161 8.27 27.40 46.80
N ASN C 162 7.94 28.57 46.26
CA ASN C 162 8.60 29.83 46.61
C ASN C 162 10.11 29.76 46.42
N TYR C 163 10.54 29.14 45.32
CA TYR C 163 11.94 29.04 44.97
C TYR C 163 12.16 29.74 43.63
N ARG C 164 13.12 30.65 43.58
CA ARG C 164 13.38 31.43 42.38
C ARG C 164 14.55 30.76 41.65
N PHE C 165 14.24 30.12 40.52
CA PHE C 165 15.26 29.53 39.65
C PHE C 165 16.12 30.58 38.96
N ASN C 166 15.60 31.78 38.78
CA ASN C 166 16.33 32.88 38.13
C ASN C 166 16.84 32.46 36.76
N SER C 167 15.94 31.86 35.97
CA SER C 167 16.31 31.42 34.63
C SER C 167 16.64 32.59 33.72
N PHE C 168 16.06 33.76 33.98
CA PHE C 168 16.35 34.94 33.17
C PHE C 168 17.66 35.60 33.57
N TYR C 169 18.28 35.16 34.66
CA TYR C 169 19.60 35.65 35.05
C TYR C 169 20.72 34.77 34.53
N ARG C 170 20.42 33.73 33.77
CA ARG C 170 21.48 32.85 33.30
C ARG C 170 21.23 32.46 31.84
N GLU C 171 22.33 32.19 31.14
CA GLU C 171 22.27 31.69 29.77
C GLU C 171 22.23 30.17 29.73
N THR C 172 22.87 29.50 30.68
CA THR C 172 22.72 28.07 30.86
C THR C 172 21.58 27.78 31.83
N PRO C 173 20.60 26.98 31.44
CA PRO C 173 19.51 26.61 32.36
C PRO C 173 20.04 26.02 33.66
N HIS C 174 19.24 26.14 34.70
CA HIS C 174 19.62 25.84 36.08
C HIS C 174 20.21 24.43 36.17
N PRO C 175 21.19 24.21 37.06
CA PRO C 175 21.77 22.86 37.20
C PRO C 175 20.74 21.79 37.56
N PHE C 176 19.76 22.14 38.40
CA PHE C 176 18.68 21.20 38.70
C PHE C 176 17.91 20.87 37.44
N ILE C 177 17.76 21.87 36.55
CA ILE C 177 17.00 21.66 35.33
C ILE C 177 17.80 20.88 34.31
N THR C 178 19.13 20.99 34.35
CA THR C 178 19.95 20.16 33.47
C THR C 178 19.97 18.72 33.95
N SER C 179 20.07 18.51 35.27
CA SER C 179 19.95 17.15 35.81
C SER C 179 18.59 16.56 35.46
N MET C 180 17.54 17.37 35.52
CA MET C 180 16.22 16.97 35.07
C MET C 180 16.23 16.58 33.60
N THR C 181 16.81 17.44 32.75
CA THR C 181 16.92 17.13 31.33
C THR C 181 17.64 15.82 31.09
N ARG C 182 18.72 15.56 31.82
CA ARG C 182 19.49 14.35 31.54
C ARG C 182 18.84 13.09 32.08
N ALA C 183 18.14 13.19 33.22
CA ALA C 183 17.40 12.02 33.70
C ALA C 183 16.16 11.78 32.86
N LEU C 184 15.48 12.87 32.47
CA LEU C 184 14.27 12.75 31.62
C LEU C 184 14.67 12.14 30.28
N ASP C 185 15.66 12.72 29.61
CA ASP C 185 16.11 12.19 28.33
C ASP C 185 16.54 10.73 28.46
N GLU C 186 17.04 10.34 29.63
CA GLU C 186 17.51 8.98 29.83
C GLU C 186 16.34 8.02 29.93
N HIS C 210 22.54 9.88 40.51
CA HIS C 210 23.45 11.00 40.73
C HIS C 210 22.75 12.34 40.50
N ASP C 211 22.39 12.62 39.25
CA ASP C 211 21.62 13.83 38.96
C ASP C 211 20.30 13.83 39.72
N ILE C 212 19.60 12.69 39.68
CA ILE C 212 18.36 12.52 40.44
C ILE C 212 18.61 12.70 41.93
N GLN C 213 19.78 12.27 42.41
CA GLN C 213 20.09 12.46 43.82
C GLN C 213 20.21 13.94 44.16
N SER C 214 20.81 14.74 43.26
CA SER C 214 20.88 16.17 43.49
C SER C 214 19.49 16.79 43.45
N MET C 215 18.62 16.27 42.60
CA MET C 215 17.23 16.76 42.57
C MET C 215 16.55 16.51 43.91
N PHE C 216 16.68 15.27 44.42
CA PHE C 216 16.08 14.93 45.70
C PHE C 216 16.67 15.78 46.81
N SER C 217 17.97 16.09 46.72
CA SER C 217 18.62 16.89 47.75
C SER C 217 18.10 18.32 47.75
N LEU C 218 18.04 18.96 46.58
CA LEU C 218 17.52 20.33 46.54
C LEU C 218 16.10 20.41 47.09
N VAL C 219 15.25 19.47 46.66
CA VAL C 219 13.87 19.50 47.12
C VAL C 219 13.79 19.23 48.62
N ASP C 220 14.55 18.24 49.12
CA ASP C 220 14.51 17.94 50.55
C ASP C 220 15.10 19.06 51.41
N ASN C 221 16.13 19.75 50.91
CA ASN C 221 16.62 20.93 51.62
C ASN C 221 15.52 21.97 51.76
N ILE C 222 14.71 22.14 50.70
CA ILE C 222 13.61 23.10 50.82
C ILE C 222 12.54 22.58 51.78
N ILE C 223 12.33 21.26 51.80
CA ILE C 223 11.37 20.64 52.71
C ILE C 223 11.77 20.91 54.14
N ALA C 224 13.04 20.69 54.44
CA ALA C 224 13.51 20.88 55.80
C ALA C 224 13.51 22.35 56.18
N GLU C 225 13.95 23.22 55.26
CA GLU C 225 13.99 24.64 55.55
C GLU C 225 12.61 25.18 55.86
N ARG C 226 11.60 24.80 55.07
CA ARG C 226 10.27 25.33 55.34
C ARG C 226 9.67 24.72 56.59
N LYS C 227 9.95 23.45 56.90
CA LYS C 227 9.43 22.89 58.14
C LYS C 227 10.01 23.59 59.36
N SER C 228 11.23 24.10 59.27
CA SER C 228 11.87 24.83 60.36
C SER C 228 11.66 26.34 60.23
N SER C 229 10.40 26.74 60.08
CA SER C 229 10.04 28.15 59.97
C SER C 229 8.54 28.34 60.14
N GLU C 234 3.28 32.08 53.72
CA GLU C 234 3.76 31.34 52.55
C GLU C 234 2.63 31.11 51.55
N ASN C 235 1.84 30.06 51.79
CA ASN C 235 0.57 29.81 51.09
C ASN C 235 0.80 29.35 49.64
N ASP C 236 1.58 28.29 49.47
CA ASP C 236 1.87 27.74 48.16
C ASP C 236 1.53 26.25 48.15
N LEU C 237 2.00 25.55 47.11
CA LEU C 237 1.71 24.12 47.03
C LEU C 237 2.42 23.36 48.16
N LEU C 238 3.66 23.73 48.46
CA LEU C 238 4.40 23.07 49.53
C LEU C 238 3.69 23.26 50.87
N SER C 239 3.21 24.47 51.15
CA SER C 239 2.50 24.71 52.40
C SER C 239 1.22 23.90 52.47
N ARG C 240 0.42 23.94 51.38
CA ARG C 240 -0.80 23.13 51.32
C ARG C 240 -0.51 21.66 51.60
N MET C 241 0.59 21.14 51.06
CA MET C 241 0.91 19.73 51.31
C MET C 241 1.35 19.50 52.75
N LEU C 242 2.07 20.45 53.33
CA LEU C 242 2.51 20.31 54.73
C LEU C 242 1.35 20.45 55.71
N ASN C 243 0.26 21.11 55.33
CA ASN C 243 -0.75 21.50 56.29
C ASN C 243 -2.07 20.75 56.17
N VAL C 244 -2.45 20.28 55.00
CA VAL C 244 -3.79 19.76 54.77
C VAL C 244 -3.74 18.25 54.63
N PRO C 245 -4.44 17.50 55.47
CA PRO C 245 -4.47 16.04 55.33
C PRO C 245 -5.57 15.57 54.39
N ASP C 246 -5.41 14.35 53.91
CA ASP C 246 -6.43 13.72 53.08
C ASP C 246 -7.66 13.43 53.92
N PRO C 247 -8.85 13.95 53.56
CA PRO C 247 -10.03 13.74 54.42
C PRO C 247 -10.43 12.29 54.57
N GLU C 248 -10.12 11.41 53.61
CA GLU C 248 -10.49 10.02 53.75
C GLU C 248 -9.68 9.32 54.85
N THR C 249 -8.38 9.61 54.91
CA THR C 249 -7.48 8.90 55.80
C THR C 249 -7.07 9.72 57.02
N GLY C 250 -7.45 10.99 57.08
CA GLY C 250 -6.99 11.84 58.16
C GLY C 250 -5.51 12.05 58.22
N GLU C 251 -4.75 11.59 57.23
CA GLU C 251 -3.30 11.68 57.23
C GLU C 251 -2.82 12.70 56.22
N LYS C 252 -1.82 13.49 56.60
CA LYS C 252 -1.12 14.35 55.66
C LYS C 252 -0.14 13.52 54.82
N LEU C 253 0.41 14.16 53.78
CA LEU C 253 1.31 13.43 52.89
C LEU C 253 2.68 13.24 53.53
N ASP C 254 3.27 12.09 53.22
CA ASP C 254 4.60 11.73 53.68
C ASP C 254 5.62 12.76 53.19
N ASP C 255 6.80 12.78 53.84
CA ASP C 255 7.83 13.74 53.47
C ASP C 255 8.38 13.43 52.09
N GLU C 256 8.84 12.19 51.91
CA GLU C 256 9.33 11.72 50.63
C GLU C 256 8.30 11.94 49.52
N ASN C 257 7.02 11.70 49.82
CA ASN C 257 6.03 11.89 48.79
C ASN C 257 5.86 13.36 48.44
N ILE C 258 6.03 14.26 49.41
CA ILE C 258 6.01 15.69 49.10
C ILE C 258 7.15 16.05 48.15
N ARG C 259 8.33 15.50 48.41
CA ARG C 259 9.43 15.70 47.48
C ARG C 259 9.06 15.22 46.07
N PHE C 260 8.50 14.00 46.00
CA PHE C 260 8.08 13.45 44.71
C PHE C 260 7.06 14.36 44.02
N GLN C 261 6.13 14.92 44.79
CA GLN C 261 5.11 15.78 44.21
C GLN C 261 5.72 17.05 43.63
N ILE C 262 6.69 17.64 44.33
CA ILE C 262 7.32 18.87 43.84
C ILE C 262 8.07 18.59 42.54
N ILE C 263 8.82 17.50 42.52
CA ILE C 263 9.52 17.12 41.30
C ILE C 263 8.50 16.86 40.19
N THR C 264 7.37 16.26 40.56
CA THR C 264 6.31 15.93 39.62
C THR C 264 5.71 17.19 38.99
N PHE C 265 5.45 18.20 39.81
CA PHE C 265 4.91 19.45 39.27
C PHE C 265 5.89 20.03 38.26
N LEU C 266 7.17 20.09 38.63
CA LEU C 266 8.17 20.64 37.72
C LEU C 266 8.14 19.92 36.36
N ILE C 267 8.31 18.59 36.35
CA ILE C 267 8.31 17.87 35.08
C ILE C 267 7.01 18.11 34.31
N ALA C 268 5.88 17.74 34.93
CA ALA C 268 4.61 17.71 34.19
C ALA C 268 4.19 19.10 33.73
N GLY C 269 4.63 20.15 34.42
CA GLY C 269 4.19 21.47 34.06
C GLY C 269 5.05 22.20 33.05
N HIS C 270 6.37 22.24 33.29
CA HIS C 270 7.17 23.28 32.65
C HIS C 270 7.20 23.10 31.13
N GLU C 271 7.49 21.89 30.65
CA GLU C 271 7.74 21.74 29.23
C GLU C 271 6.44 21.73 28.43
N THR C 272 5.38 21.08 28.94
CA THR C 272 4.10 21.12 28.24
C THR C 272 3.59 22.54 28.10
N THR C 273 3.61 23.32 29.19
CA THR C 273 3.04 24.66 29.09
C THR C 273 3.94 25.60 28.28
N SER C 274 5.27 25.43 28.35
CA SER C 274 6.12 26.24 27.47
C SER C 274 5.88 25.87 26.00
N GLY C 275 5.67 24.58 25.72
CA GLY C 275 5.32 24.19 24.37
C GLY C 275 4.05 24.83 23.88
N LEU C 276 3.02 24.87 24.75
CA LEU C 276 1.79 25.56 24.40
C LEU C 276 2.07 27.01 24.04
N LEU C 277 2.85 27.70 24.88
CA LEU C 277 3.17 29.10 24.61
C LEU C 277 3.84 29.26 23.25
N SER C 278 4.81 28.41 22.95
CA SER C 278 5.53 28.51 21.68
C SER C 278 4.61 28.25 20.49
N PHE C 279 3.79 27.20 20.57
CA PHE C 279 2.88 26.89 19.48
C PHE C 279 1.86 28.00 19.28
N ALA C 280 1.38 28.61 20.38
CA ALA C 280 0.43 29.72 20.25
C ALA C 280 1.07 30.91 19.55
N ILE C 281 2.31 31.25 19.93
CA ILE C 281 3.01 32.33 19.26
C ILE C 281 3.21 32.01 17.78
N TYR C 282 3.56 30.77 17.47
CA TYR C 282 3.69 30.36 16.07
C TYR C 282 2.38 30.55 15.30
N PHE C 283 1.27 30.02 15.83
CA PHE C 283 0.01 30.08 15.11
C PHE C 283 -0.47 31.50 14.93
N LEU C 284 -0.33 32.33 15.97
CA LEU C 284 -0.70 33.74 15.82
C LEU C 284 0.20 34.43 14.81
N LEU C 285 1.48 34.04 14.77
CA LEU C 285 2.42 34.66 13.83
C LEU C 285 2.10 34.26 12.39
N LYS C 286 1.50 33.10 12.20
CA LYS C 286 1.18 32.57 10.87
C LYS C 286 -0.26 32.85 10.43
N ASN C 287 -1.11 33.38 11.31
CA ASN C 287 -2.52 33.64 11.01
C ASN C 287 -2.83 35.08 11.38
N PRO C 288 -2.63 36.02 10.44
CA PRO C 288 -2.76 37.45 10.78
C PRO C 288 -4.13 37.85 11.27
N ASP C 289 -5.20 37.22 10.77
CA ASP C 289 -6.54 37.59 11.23
C ASP C 289 -6.68 37.35 12.73
N LYS C 290 -6.29 36.16 13.18
CA LYS C 290 -6.40 35.83 14.58
C LYS C 290 -5.48 36.69 15.44
N LEU C 291 -4.29 37.02 14.92
CA LEU C 291 -3.41 37.92 15.66
C LEU C 291 -4.06 39.29 15.82
N LYS C 292 -4.73 39.77 14.77
CA LYS C 292 -5.42 41.05 14.86
C LYS C 292 -6.52 41.01 15.91
N LYS C 293 -7.33 39.95 15.89
CA LYS C 293 -8.39 39.81 16.89
C LYS C 293 -7.80 39.76 18.30
N ALA C 294 -6.73 39.01 18.50
CA ALA C 294 -6.10 38.94 19.81
C ALA C 294 -5.58 40.29 20.25
N TYR C 295 -4.93 41.03 19.33
CA TYR C 295 -4.45 42.36 19.66
C TYR C 295 -5.59 43.28 20.09
N GLU C 296 -6.69 43.29 19.33
CA GLU C 296 -7.74 44.24 19.69
C GLU C 296 -8.39 43.87 21.02
N GLU C 297 -8.56 42.57 21.29
CA GLU C 297 -9.08 42.19 22.59
C GLU C 297 -8.13 42.60 23.71
N VAL C 298 -6.83 42.38 23.51
CA VAL C 298 -5.87 42.73 24.56
C VAL C 298 -5.88 44.24 24.79
N ASP C 299 -5.91 45.01 23.72
CA ASP C 299 -5.94 46.47 23.86
C ASP C 299 -7.16 46.93 24.64
N ARG C 300 -8.34 46.35 24.37
CA ARG C 300 -9.53 46.76 25.12
C ARG C 300 -9.47 46.30 26.57
N VAL C 301 -8.92 45.11 26.85
CA VAL C 301 -8.99 44.55 28.20
C VAL C 301 -7.81 44.96 29.07
N LEU C 302 -6.58 44.88 28.53
CA LEU C 302 -5.39 45.18 29.31
C LEU C 302 -5.11 46.68 29.24
N THR C 303 -5.38 47.39 30.34
CA THR C 303 -5.23 48.83 30.42
C THR C 303 -4.20 49.27 31.43
N ASP C 304 -3.92 48.45 32.44
CA ASP C 304 -3.02 48.77 33.52
C ASP C 304 -1.63 48.27 33.21
N PRO C 305 -0.61 48.68 33.98
CA PRO C 305 0.75 48.20 33.67
C PRO C 305 0.88 46.69 33.74
N THR C 306 0.32 46.06 34.78
CA THR C 306 0.31 44.62 34.92
C THR C 306 -1.12 44.11 34.94
N PRO C 307 -1.42 43.02 34.25
CA PRO C 307 -2.80 42.51 34.26
C PRO C 307 -3.19 42.02 35.65
N THR C 308 -4.48 42.10 35.93
CA THR C 308 -5.05 41.53 37.13
C THR C 308 -5.74 40.21 36.80
N TYR C 309 -6.11 39.50 37.86
CA TYR C 309 -6.70 38.18 37.70
C TYR C 309 -8.01 38.26 36.91
N GLN C 310 -8.84 39.25 37.23
CA GLN C 310 -10.09 39.39 36.50
C GLN C 310 -9.86 39.78 35.05
N GLN C 311 -8.87 40.64 34.79
CA GLN C 311 -8.52 41.00 33.42
C GLN C 311 -8.10 39.77 32.61
N VAL C 312 -7.34 38.85 33.21
CA VAL C 312 -7.01 37.61 32.52
C VAL C 312 -8.28 36.77 32.33
N MET C 313 -9.18 36.81 33.31
CA MET C 313 -10.46 36.12 33.17
C MET C 313 -11.19 36.63 31.94
N LYS C 314 -11.00 37.90 31.59
CA LYS C 314 -11.72 38.49 30.47
C LYS C 314 -11.08 38.18 29.11
N LEU C 315 -9.86 37.67 29.08
CA LEU C 315 -9.15 37.45 27.82
C LEU C 315 -9.66 36.15 27.17
N LYS C 316 -10.92 36.20 26.73
CA LYS C 316 -11.60 34.99 26.29
C LYS C 316 -11.10 34.53 24.92
N TYR C 317 -10.87 35.48 24.00
CA TYR C 317 -10.38 35.10 22.69
C TYR C 317 -8.99 34.50 22.78
N MET C 318 -8.15 35.02 23.68
CA MET C 318 -6.82 34.44 23.87
C MET C 318 -6.95 33.00 24.36
N ARG C 319 -7.88 32.75 25.27
CA ARG C 319 -8.10 31.38 25.72
C ARG C 319 -8.61 30.50 24.58
N MET C 320 -9.38 31.05 23.66
CA MET C 320 -9.77 30.23 22.50
C MET C 320 -8.56 29.94 21.61
N ILE C 321 -7.66 30.92 21.48
CA ILE C 321 -6.41 30.69 20.75
C ILE C 321 -5.62 29.56 21.39
N LEU C 322 -5.55 29.55 22.72
CA LEU C 322 -4.82 28.48 23.41
C LEU C 322 -5.49 27.13 23.22
N ASN C 323 -6.82 27.07 23.32
CA ASN C 323 -7.51 25.80 23.09
C ASN C 323 -7.26 25.28 21.68
N GLU C 324 -7.30 26.16 20.69
CA GLU C 324 -7.07 25.73 19.31
C GLU C 324 -5.62 25.28 19.11
N SER C 325 -4.67 26.00 19.72
CA SER C 325 -3.28 25.59 19.62
C SER C 325 -3.08 24.20 20.21
N LEU C 326 -3.70 23.95 21.38
CA LEU C 326 -3.60 22.61 21.96
C LEU C 326 -4.31 21.57 21.11
N ARG C 327 -5.35 21.96 20.37
CA ARG C 327 -5.99 21.00 19.49
C ARG C 327 -5.05 20.58 18.37
N LEU C 328 -4.47 21.55 17.67
CA LEU C 328 -3.59 21.25 16.55
C LEU C 328 -2.32 20.54 17.01
N TRP C 329 -1.67 21.06 18.05
CA TRP C 329 -0.43 20.46 18.56
C TRP C 329 -0.53 20.32 20.07
N PRO C 330 -1.17 19.25 20.54
CA PRO C 330 -1.20 18.98 21.99
C PRO C 330 0.21 18.66 22.47
N THR C 331 0.74 19.51 23.34
CA THR C 331 2.12 19.33 23.79
C THR C 331 2.31 18.01 24.51
N ALA C 332 1.30 17.57 25.27
CA ALA C 332 1.30 16.19 25.74
C ALA C 332 0.51 15.35 24.76
N PRO C 333 1.17 14.66 23.84
CA PRO C 333 0.49 14.08 22.68
C PRO C 333 -0.13 12.72 22.89
N ALA C 334 0.09 12.08 24.03
CA ALA C 334 -0.45 10.74 24.23
C ALA C 334 -0.63 10.47 25.72
N PHE C 335 -1.58 9.58 26.03
CA PHE C 335 -1.66 8.96 27.34
C PHE C 335 -2.08 7.51 27.16
N SER C 336 -1.70 6.68 28.13
CA SER C 336 -1.88 5.25 28.04
C SER C 336 -2.93 4.77 29.05
N LEU C 337 -3.58 3.67 28.69
CA LEU C 337 -4.66 3.07 29.44
C LEU C 337 -4.43 1.56 29.47
N TYR C 338 -5.06 0.89 30.44
CA TYR C 338 -5.06 -0.55 30.50
C TYR C 338 -6.44 -1.05 30.88
N ALA C 339 -6.75 -2.28 30.44
CA ALA C 339 -8.05 -2.89 30.65
C ALA C 339 -8.18 -3.44 32.06
N LYS C 340 -9.19 -2.96 32.80
CA LYS C 340 -9.46 -3.50 34.12
C LYS C 340 -9.84 -4.97 34.04
N GLU C 341 -10.70 -5.32 33.09
CA GLU C 341 -11.14 -6.68 32.84
C GLU C 341 -11.18 -6.90 31.33
N ASP C 342 -11.14 -8.18 30.92
CA ASP C 342 -11.22 -8.50 29.51
C ASP C 342 -12.45 -7.84 28.90
N THR C 343 -12.29 -7.25 27.74
CA THR C 343 -13.41 -6.53 27.16
C THR C 343 -13.27 -6.50 25.64
N VAL C 344 -14.27 -5.89 25.00
CA VAL C 344 -14.26 -5.67 23.57
C VAL C 344 -14.52 -4.19 23.34
N ILE C 345 -13.79 -3.60 22.42
CA ILE C 345 -13.88 -2.18 22.11
C ILE C 345 -14.27 -2.04 20.65
N GLY C 346 -14.99 -0.97 20.35
CA GLY C 346 -15.48 -0.77 19.00
C GLY C 346 -16.44 -1.86 18.54
N GLY C 347 -16.93 -2.65 19.50
CA GLY C 347 -17.79 -3.77 19.20
C GLY C 347 -17.11 -5.01 18.63
N LYS C 348 -15.89 -4.90 18.10
CA LYS C 348 -15.23 -6.05 17.47
C LYS C 348 -13.82 -6.31 17.94
N TYR C 349 -13.11 -5.32 18.49
CA TYR C 349 -11.69 -5.49 18.77
C TYR C 349 -11.51 -5.94 20.21
N PRO C 350 -10.99 -7.14 20.47
CA PRO C 350 -10.87 -7.62 21.85
C PRO C 350 -9.58 -7.21 22.52
N ILE C 351 -9.69 -6.91 23.81
CA ILE C 351 -8.55 -6.53 24.64
C ILE C 351 -8.53 -7.41 25.89
N LYS C 352 -7.42 -8.11 26.09
CA LYS C 352 -7.22 -8.86 27.32
C LYS C 352 -7.01 -7.92 28.49
N LYS C 353 -7.34 -8.42 29.68
CA LYS C 353 -7.30 -7.59 30.92
C LYS C 353 -5.88 -7.21 31.30
N GLY C 354 -5.64 -5.92 31.52
CA GLY C 354 -4.36 -5.44 31.99
C GLY C 354 -3.21 -5.68 31.03
N GLU C 355 -3.51 -6.09 29.80
CA GLU C 355 -2.47 -6.47 28.88
C GLU C 355 -1.89 -5.24 28.18
N ASP C 356 -0.57 -5.12 28.25
CA ASP C 356 0.23 -4.11 27.54
C ASP C 356 -0.39 -2.73 27.79
N ARG C 357 -0.61 -1.91 26.76
CA ARG C 357 -1.15 -0.57 26.97
C ARG C 357 -1.84 -0.08 25.72
N ILE C 358 -2.83 0.79 25.93
CA ILE C 358 -3.55 1.48 24.87
C ILE C 358 -3.05 2.91 24.85
N SER C 359 -2.57 3.37 23.71
CA SER C 359 -2.09 4.75 23.61
C SER C 359 -3.09 5.57 22.80
N VAL C 360 -3.51 6.70 23.37
CA VAL C 360 -4.41 7.61 22.68
C VAL C 360 -3.57 8.60 21.90
N LEU C 361 -3.78 8.65 20.59
CA LEU C 361 -2.97 9.50 19.72
C LEU C 361 -3.71 10.83 19.61
N ILE C 362 -3.41 11.73 20.55
CA ILE C 362 -4.22 12.94 20.69
C ILE C 362 -4.23 13.80 19.44
N PRO C 363 -3.14 13.94 18.67
CA PRO C 363 -3.25 14.76 17.45
C PRO C 363 -4.27 14.24 16.45
N GLN C 364 -4.28 12.93 16.19
CA GLN C 364 -5.26 12.37 15.25
C GLN C 364 -6.67 12.48 15.79
N LEU C 365 -6.86 12.20 17.08
CA LEU C 365 -8.17 12.41 17.69
C LEU C 365 -8.64 13.84 17.48
N HIS C 366 -7.77 14.82 17.75
CA HIS C 366 -8.11 16.22 17.54
C HIS C 366 -8.29 16.54 16.07
N ARG C 367 -7.89 15.63 15.17
CA ARG C 367 -8.12 15.80 13.74
C ARG C 367 -9.20 14.88 13.19
N ASP C 368 -10.05 14.32 14.05
CA ASP C 368 -11.15 13.46 13.60
C ASP C 368 -12.22 14.30 12.95
N LYS C 369 -12.39 14.16 11.63
CA LYS C 369 -13.39 14.96 10.92
C LYS C 369 -14.82 14.58 11.30
N ASP C 370 -15.07 13.32 11.65
CA ASP C 370 -16.42 12.92 12.01
C ASP C 370 -16.92 13.72 13.21
N ALA C 371 -16.02 14.13 14.10
CA ALA C 371 -16.36 14.95 15.25
C ALA C 371 -16.14 16.44 15.04
N TRP C 372 -15.10 16.83 14.30
CA TRP C 372 -14.65 18.23 14.25
C TRP C 372 -15.08 19.01 13.02
N GLY C 373 -15.48 18.34 11.94
CA GLY C 373 -15.77 19.04 10.71
C GLY C 373 -14.67 18.82 9.67
N ASP C 374 -14.75 19.61 8.60
CA ASP C 374 -13.89 19.45 7.44
C ASP C 374 -12.61 20.29 7.51
N ASN C 375 -12.68 21.51 8.04
CA ASN C 375 -11.52 22.41 8.10
C ASN C 375 -10.60 22.05 9.26
N VAL C 376 -10.18 20.80 9.33
CA VAL C 376 -9.51 20.31 10.52
C VAL C 376 -8.12 20.92 10.67
N GLU C 377 -7.42 21.15 9.55
CA GLU C 377 -6.07 21.69 9.63
C GLU C 377 -6.03 23.21 9.76
N GLU C 378 -7.15 23.90 9.57
CA GLU C 378 -7.17 25.33 9.72
C GLU C 378 -7.11 25.72 11.20
N PHE C 379 -6.44 26.83 11.47
CA PHE C 379 -6.33 27.37 12.83
C PHE C 379 -7.52 28.28 13.06
N GLN C 380 -8.48 27.82 13.86
CA GLN C 380 -9.73 28.55 14.10
C GLN C 380 -10.03 28.60 15.58
N PRO C 381 -9.54 29.63 16.30
CA PRO C 381 -9.94 29.78 17.70
C PRO C 381 -11.45 29.88 17.87
N GLU C 382 -12.14 30.46 16.89
CA GLU C 382 -13.59 30.60 16.92
C GLU C 382 -14.29 29.25 16.97
N ARG C 383 -13.56 28.17 16.72
CA ARG C 383 -14.11 26.82 16.88
C ARG C 383 -14.57 26.56 18.31
N PHE C 384 -13.98 27.26 19.29
CA PHE C 384 -14.34 27.10 20.69
C PHE C 384 -15.21 28.24 21.19
N GLU C 385 -15.78 29.04 20.28
CA GLU C 385 -16.57 30.19 20.67
C GLU C 385 -17.80 29.76 21.48
N GLU C 386 -18.64 28.90 20.88
CA GLU C 386 -19.81 28.34 21.56
C GLU C 386 -19.40 27.03 22.23
N LEU C 387 -19.49 26.99 23.56
CA LEU C 387 -19.02 25.80 24.28
C LEU C 387 -19.88 24.58 23.99
N ASP C 388 -21.16 24.77 23.68
CA ASP C 388 -22.05 23.63 23.46
C ASP C 388 -21.77 22.92 22.14
N LYS C 389 -21.01 23.52 21.24
CA LYS C 389 -20.66 22.91 19.95
C LYS C 389 -19.19 22.50 19.90
N VAL C 390 -18.68 21.90 20.97
CA VAL C 390 -17.30 21.44 21.04
C VAL C 390 -17.29 19.94 21.28
N PRO C 391 -16.64 19.14 20.42
CA PRO C 391 -16.54 17.69 20.65
C PRO C 391 -15.66 17.36 21.85
N HIS C 392 -16.21 17.41 23.06
CA HIS C 392 -15.35 17.34 24.24
C HIS C 392 -14.66 16.00 24.37
N HIS C 393 -15.32 14.92 23.98
CA HIS C 393 -14.64 13.62 24.00
C HIS C 393 -13.57 13.53 22.93
N ALA C 394 -13.75 14.24 21.82
CA ALA C 394 -12.72 14.31 20.79
C ALA C 394 -11.69 15.39 21.07
N TYR C 395 -11.67 15.95 22.27
CA TYR C 395 -10.72 16.97 22.67
C TYR C 395 -10.11 16.55 24.00
N LYS C 396 -8.89 16.00 23.99
CA LYS C 396 -8.26 15.48 25.20
C LYS C 396 -6.82 15.97 25.38
N PRO C 397 -6.59 17.28 25.31
CA PRO C 397 -5.21 17.76 25.50
C PRO C 397 -4.71 17.58 26.92
N PHE C 398 -5.61 17.46 27.89
CA PHE C 398 -5.28 17.38 29.31
C PHE C 398 -5.62 16.02 29.91
N GLY C 399 -5.64 14.97 29.10
CA GLY C 399 -5.97 13.66 29.61
C GLY C 399 -7.46 13.47 29.79
N ASN C 400 -7.82 12.48 30.61
CA ASN C 400 -9.20 12.08 30.74
C ASN C 400 -9.56 11.72 32.18
N GLY C 401 -10.78 12.09 32.56
CA GLY C 401 -11.40 11.63 33.80
C GLY C 401 -10.68 12.07 35.06
N GLN C 402 -10.55 11.13 36.01
CA GLN C 402 -9.96 11.48 37.30
C GLN C 402 -8.45 11.63 37.22
N ARG C 403 -7.82 10.98 36.23
CA ARG C 403 -6.39 11.07 36.00
C ARG C 403 -6.05 12.14 34.96
N ALA C 404 -6.96 13.06 34.72
CA ALA C 404 -6.68 14.20 33.85
C ALA C 404 -5.72 15.16 34.55
N CYS C 405 -5.25 16.15 33.80
CA CYS C 405 -4.27 17.11 34.30
C CYS C 405 -4.83 17.92 35.46
N ILE C 406 -4.18 17.81 36.62
CA ILE C 406 -4.54 18.66 37.75
C ILE C 406 -4.08 20.11 37.51
N GLY C 407 -3.02 20.29 36.70
CA GLY C 407 -2.47 21.61 36.45
C GLY C 407 -3.10 22.32 35.26
N MET C 408 -4.25 21.82 34.80
CA MET C 408 -4.92 22.40 33.65
C MET C 408 -5.22 23.88 33.85
N GLN C 409 -5.87 24.21 34.96
CA GLN C 409 -6.23 25.61 35.19
C GLN C 409 -4.97 26.47 35.36
N PHE C 410 -3.99 25.96 36.09
CA PHE C 410 -2.72 26.67 36.25
C PHE C 410 -2.12 26.98 34.89
N ALA C 411 -2.00 25.97 34.04
CA ALA C 411 -1.34 26.14 32.75
C ALA C 411 -2.09 27.14 31.87
N LEU C 412 -3.41 27.02 31.80
CA LEU C 412 -4.13 27.91 30.89
C LEU C 412 -4.18 29.33 31.43
N HIS C 413 -4.26 29.51 32.75
CA HIS C 413 -4.20 30.85 33.30
C HIS C 413 -2.86 31.50 32.99
N GLU C 414 -1.77 30.78 33.26
CA GLU C 414 -0.45 31.33 32.99
C GLU C 414 -0.26 31.65 31.52
N ALA C 415 -0.68 30.74 30.64
CA ALA C 415 -0.48 30.95 29.21
C ALA C 415 -1.27 32.17 28.74
N THR C 416 -2.53 32.30 29.18
CA THR C 416 -3.32 33.46 28.83
C THR C 416 -2.64 34.74 29.30
N LEU C 417 -2.20 34.76 30.56
CA LEU C 417 -1.55 35.94 31.12
C LEU C 417 -0.35 36.37 30.29
N VAL C 418 0.60 35.46 30.08
CA VAL C 418 1.82 35.86 29.39
C VAL C 418 1.53 36.23 27.94
N MET C 419 0.63 35.49 27.28
CA MET C 419 0.34 35.81 25.88
C MET C 419 -0.29 37.20 25.78
N GLY C 420 -1.21 37.53 26.70
CA GLY C 420 -1.77 38.86 26.73
C GLY C 420 -0.72 39.93 26.98
N MET C 421 0.19 39.69 27.93
CA MET C 421 1.22 40.68 28.25
C MET C 421 2.16 40.91 27.08
N LEU C 422 2.57 39.83 26.41
CA LEU C 422 3.43 39.97 25.25
C LEU C 422 2.74 40.78 24.16
N LEU C 423 1.46 40.51 23.91
CA LEU C 423 0.76 41.29 22.89
C LEU C 423 0.57 42.73 23.35
N GLN C 424 0.44 42.95 24.65
CA GLN C 424 0.36 44.31 25.18
C GLN C 424 1.63 45.09 24.87
N HIS C 425 2.80 44.47 25.04
CA HIS C 425 4.05 45.22 24.89
C HIS C 425 4.73 45.10 23.54
N PHE C 426 4.55 44.01 22.81
CA PHE C 426 5.46 43.71 21.70
C PHE C 426 4.70 43.48 20.39
N GLU C 427 5.38 43.84 19.32
CA GLU C 427 5.03 43.44 17.96
C GLU C 427 5.91 42.25 17.60
N LEU C 428 5.28 41.12 17.25
CA LEU C 428 5.99 39.88 16.98
C LEU C 428 6.30 39.78 15.50
N ILE C 429 7.56 39.52 15.16
CA ILE C 429 8.05 39.55 13.79
C ILE C 429 8.65 38.20 13.42
N ASP C 430 8.12 37.61 12.35
CA ASP C 430 8.63 36.36 11.79
C ASP C 430 9.73 36.74 10.80
N TYR C 431 10.90 37.05 11.35
CA TYR C 431 11.97 37.63 10.54
C TYR C 431 12.59 36.61 9.59
N GLN C 432 12.48 35.32 9.87
CA GLN C 432 13.13 34.29 9.07
C GLN C 432 12.14 33.44 8.30
N ASN C 433 10.87 33.83 8.24
CA ASN C 433 9.78 33.04 7.65
C ASN C 433 9.85 31.59 8.15
N TYR C 434 9.65 31.45 9.46
CA TYR C 434 9.87 30.17 10.13
C TYR C 434 9.01 29.06 9.54
N GLN C 435 9.62 27.90 9.36
CA GLN C 435 8.96 26.70 8.85
C GLN C 435 8.83 25.73 10.01
N LEU C 436 7.60 25.36 10.35
CA LEU C 436 7.35 24.59 11.56
C LEU C 436 8.08 23.25 11.50
N ASP C 437 8.77 22.93 12.59
CA ASP C 437 9.39 21.64 12.77
C ASP C 437 9.04 21.17 14.17
N VAL C 438 8.15 20.18 14.24
CA VAL C 438 7.65 19.68 15.51
C VAL C 438 8.67 18.69 16.08
N LYS C 439 9.36 19.09 17.14
CA LYS C 439 10.36 18.25 17.80
C LYS C 439 9.76 17.65 19.04
N GLN C 440 10.00 16.36 19.25
CA GLN C 440 9.44 15.60 20.36
C GLN C 440 10.56 15.06 21.24
N THR C 441 10.54 15.43 22.51
CA THR C 441 11.33 14.75 23.51
C THR C 441 10.36 13.84 24.24
N LEU C 442 9.99 14.19 25.47
CA LEU C 442 8.78 13.62 26.04
C LEU C 442 7.54 14.38 25.62
N THR C 443 7.69 15.67 25.32
CA THR C 443 6.59 16.53 24.93
C THR C 443 6.86 17.10 23.55
N LEU C 444 5.86 17.72 22.96
CA LEU C 444 6.00 18.35 21.65
C LEU C 444 6.37 19.83 21.80
N LYS C 445 7.22 20.31 20.90
CA LYS C 445 7.65 21.70 20.89
C LYS C 445 7.94 22.11 19.46
N PRO C 446 7.87 23.40 19.15
CA PRO C 446 8.44 23.90 17.89
C PRO C 446 9.96 23.93 17.99
N GLY C 447 10.63 23.45 16.95
CA GLY C 447 12.09 23.39 16.94
C GLY C 447 12.71 24.57 16.20
N ASP C 448 13.76 25.14 16.81
CA ASP C 448 14.54 26.23 16.21
C ASP C 448 13.65 27.40 15.83
N PHE C 449 12.73 27.76 16.73
CA PHE C 449 11.74 28.79 16.48
C PHE C 449 12.24 30.09 17.09
N LYS C 450 12.69 31.00 16.24
CA LYS C 450 13.23 32.27 16.68
C LYS C 450 12.50 33.38 15.96
N ILE C 451 12.26 34.48 16.68
CA ILE C 451 11.55 35.63 16.14
C ILE C 451 12.30 36.91 16.50
N ARG C 452 11.90 38.00 15.87
CA ARG C 452 12.33 39.33 16.29
C ARG C 452 11.14 40.05 16.91
N ILE C 453 11.41 41.09 17.68
CA ILE C 453 10.36 41.82 18.38
C ILE C 453 10.60 43.31 18.25
N LEU C 454 9.51 44.07 18.26
CA LEU C 454 9.53 45.52 18.38
C LEU C 454 8.59 45.94 19.50
N PRO C 455 8.69 47.19 19.97
CA PRO C 455 7.67 47.67 20.91
C PRO C 455 6.51 48.40 20.22
N VAL D 5 -76.96 -33.43 15.95
CA VAL D 5 -78.18 -32.67 16.19
C VAL D 5 -78.41 -31.61 15.13
N SER D 6 -77.34 -30.90 14.76
CA SER D 6 -77.46 -29.69 13.96
C SER D 6 -76.63 -29.79 12.69
N ALA D 7 -77.15 -29.24 11.60
CA ALA D 7 -76.38 -29.21 10.35
C ALA D 7 -75.12 -28.37 10.53
N ILE D 8 -74.12 -28.71 9.74
CA ILE D 8 -72.76 -28.21 9.92
C ILE D 8 -72.58 -26.98 9.03
N PRO D 9 -72.14 -25.84 9.56
CA PRO D 9 -72.28 -24.56 8.85
C PRO D 9 -71.64 -24.55 7.46
N GLN D 10 -72.32 -23.87 6.52
CA GLN D 10 -71.90 -23.78 5.15
C GLN D 10 -72.18 -22.40 4.54
N PRO D 11 -71.20 -21.82 3.82
CA PRO D 11 -71.43 -20.54 3.14
C PRO D 11 -72.41 -20.66 1.99
N LYS D 12 -72.76 -19.53 1.36
CA LYS D 12 -73.75 -19.54 0.29
C LYS D 12 -73.27 -20.39 -0.88
N THR D 13 -74.10 -21.37 -1.26
CA THR D 13 -73.82 -22.23 -2.40
C THR D 13 -74.48 -21.66 -3.66
N TYR D 14 -73.84 -21.90 -4.79
CA TYR D 14 -74.31 -21.36 -6.06
C TYR D 14 -74.56 -22.49 -7.06
N GLY D 15 -75.61 -23.26 -6.80
CA GLY D 15 -76.03 -24.33 -7.70
C GLY D 15 -74.95 -25.34 -7.97
N PRO D 16 -74.66 -25.59 -9.25
CA PRO D 16 -73.59 -26.55 -9.59
C PRO D 16 -72.24 -26.12 -9.11
N LEU D 17 -72.01 -24.82 -8.92
CA LEU D 17 -70.71 -24.30 -8.53
C LEU D 17 -70.39 -24.56 -7.07
N GLY D 18 -71.35 -25.05 -6.29
CA GLY D 18 -71.10 -25.30 -4.88
C GLY D 18 -70.67 -24.03 -4.16
N ASN D 19 -69.63 -24.16 -3.34
CA ASN D 19 -69.05 -23.03 -2.63
C ASN D 19 -67.80 -22.47 -3.32
N LEU D 20 -67.42 -23.04 -4.46
CA LEU D 20 -66.16 -22.65 -5.09
C LEU D 20 -66.10 -21.18 -5.49
N PRO D 21 -67.19 -20.48 -5.85
CA PRO D 21 -67.06 -19.04 -6.13
C PRO D 21 -66.50 -18.23 -4.96
N LEU D 22 -66.28 -18.83 -3.81
CA LEU D 22 -65.74 -18.16 -2.64
C LEU D 22 -64.28 -18.48 -2.42
N ILE D 23 -63.66 -19.23 -3.32
CA ILE D 23 -62.30 -19.72 -3.16
C ILE D 23 -61.44 -19.15 -4.28
N ASP D 24 -60.21 -18.78 -3.94
CA ASP D 24 -59.16 -18.59 -4.93
C ASP D 24 -58.46 -19.94 -5.04
N LYS D 25 -58.74 -20.66 -6.12
CA LYS D 25 -58.31 -22.06 -6.23
C LYS D 25 -56.79 -22.19 -6.12
N ASP D 26 -56.04 -21.15 -6.51
CA ASP D 26 -54.59 -21.14 -6.36
C ASP D 26 -54.14 -20.74 -4.96
N LYS D 27 -55.04 -20.28 -4.09
CA LYS D 27 -54.71 -19.90 -2.72
C LYS D 27 -55.65 -20.59 -1.76
N PRO D 28 -55.62 -21.92 -1.71
CA PRO D 28 -56.64 -22.65 -0.92
C PRO D 28 -56.60 -22.32 0.56
N THR D 29 -55.44 -22.46 1.19
CA THR D 29 -55.33 -22.24 2.63
C THR D 29 -55.76 -20.83 3.01
N LEU D 30 -55.27 -19.81 2.30
CA LEU D 30 -55.67 -18.44 2.59
C LEU D 30 -57.18 -18.25 2.40
N SER D 31 -57.73 -18.83 1.33
CA SER D 31 -59.17 -18.77 1.09
C SER D 31 -59.93 -19.35 2.28
N PHE D 32 -59.51 -20.52 2.75
CA PHE D 32 -60.16 -21.15 3.90
C PHE D 32 -60.03 -20.28 5.13
N ILE D 33 -58.88 -19.62 5.30
CA ILE D 33 -58.73 -18.69 6.41
C ILE D 33 -59.78 -17.59 6.35
N LYS D 34 -59.98 -17.01 5.16
CA LYS D 34 -61.02 -15.98 5.03
C LYS D 34 -62.38 -16.52 5.42
N ILE D 35 -62.76 -17.67 4.84
CA ILE D 35 -64.06 -18.23 5.17
C ILE D 35 -64.15 -18.61 6.64
N ALA D 36 -63.03 -18.99 7.27
CA ALA D 36 -63.04 -19.27 8.70
C ALA D 36 -63.34 -18.00 9.48
N GLU D 37 -62.72 -16.89 9.09
CA GLU D 37 -63.02 -15.62 9.73
C GLU D 37 -64.50 -15.29 9.63
N GLU D 38 -65.14 -15.78 8.58
CA GLU D 38 -66.59 -15.54 8.47
C GLU D 38 -67.45 -16.56 9.22
N TYR D 39 -67.09 -17.86 9.21
CA TYR D 39 -68.03 -18.89 9.65
C TYR D 39 -67.57 -19.69 10.86
N GLY D 40 -66.42 -19.39 11.43
CA GLY D 40 -66.10 -19.93 12.74
C GLY D 40 -65.30 -21.21 12.72
N PRO D 41 -65.39 -21.95 13.83
CA PRO D 41 -64.44 -23.05 14.05
C PRO D 41 -64.64 -24.25 13.16
N ILE D 42 -65.78 -24.38 12.48
CA ILE D 42 -65.97 -25.49 11.57
C ILE D 42 -66.96 -25.07 10.50
N PHE D 43 -66.65 -25.41 9.26
CA PHE D 43 -67.58 -25.17 8.16
C PHE D 43 -67.32 -26.19 7.08
N GLN D 44 -68.23 -26.24 6.11
CA GLN D 44 -68.14 -27.22 5.05
C GLN D 44 -68.16 -26.49 3.72
N ILE D 45 -67.37 -26.98 2.78
CA ILE D 45 -67.16 -26.37 1.48
C ILE D 45 -67.59 -27.38 0.42
N GLN D 46 -68.46 -26.94 -0.48
CA GLN D 46 -69.00 -27.79 -1.52
C GLN D 46 -68.18 -27.55 -2.77
N THR D 47 -67.53 -28.57 -3.27
CA THR D 47 -66.83 -28.40 -4.52
C THR D 47 -67.71 -28.96 -5.62
N LEU D 48 -67.21 -29.00 -6.85
CA LEU D 48 -67.99 -29.57 -7.96
C LEU D 48 -68.21 -31.08 -7.77
N SER D 49 -67.32 -31.76 -7.06
CA SER D 49 -67.34 -33.22 -6.98
C SER D 49 -67.57 -33.78 -5.59
N ASP D 50 -67.19 -33.05 -4.54
CA ASP D 50 -67.17 -33.63 -3.20
C ASP D 50 -67.44 -32.51 -2.19
N THR D 51 -67.35 -32.85 -0.90
CA THR D 51 -67.51 -31.91 0.19
C THR D 51 -66.32 -32.01 1.12
N ILE D 52 -65.86 -30.86 1.62
CA ILE D 52 -64.71 -30.79 2.51
C ILE D 52 -65.16 -30.15 3.81
N ILE D 53 -64.71 -30.70 4.93
CA ILE D 53 -65.02 -30.13 6.23
C ILE D 53 -63.75 -29.49 6.77
N VAL D 54 -63.80 -28.18 6.99
CA VAL D 54 -62.67 -27.41 7.47
C VAL D 54 -62.90 -27.12 8.96
N VAL D 55 -62.03 -27.70 9.79
CA VAL D 55 -62.09 -27.60 11.24
C VAL D 55 -60.89 -26.79 11.71
N SER D 56 -61.13 -25.81 12.58
CA SER D 56 -60.06 -24.93 13.06
C SER D 56 -60.15 -24.58 14.53
N GLY D 57 -61.28 -24.76 15.20
CA GLY D 57 -61.36 -24.46 16.61
C GLY D 57 -60.66 -25.54 17.42
N HIS D 58 -59.94 -25.10 18.45
CA HIS D 58 -59.06 -26.02 19.16
C HIS D 58 -59.82 -27.14 19.83
N GLU D 59 -61.05 -26.88 20.28
CA GLU D 59 -61.86 -27.93 20.89
C GLU D 59 -62.24 -28.98 19.86
N LEU D 60 -62.68 -28.53 18.68
CA LEU D 60 -63.05 -29.46 17.62
C LEU D 60 -61.83 -30.18 17.07
N VAL D 61 -60.73 -29.46 16.87
CA VAL D 61 -59.50 -30.10 16.38
C VAL D 61 -59.01 -31.14 17.38
N ALA D 62 -59.07 -30.82 18.67
CA ALA D 62 -58.69 -31.78 19.69
C ALA D 62 -59.58 -33.02 19.63
N GLU D 63 -60.87 -32.82 19.35
CA GLU D 63 -61.76 -33.98 19.24
C GLU D 63 -61.42 -34.82 18.00
N VAL D 64 -61.18 -34.16 16.86
CA VAL D 64 -60.88 -34.86 15.61
C VAL D 64 -59.51 -35.53 15.66
N CYS D 65 -58.65 -35.12 16.59
CA CYS D 65 -57.35 -35.75 16.77
C CYS D 65 -57.41 -37.04 17.57
N ASP D 66 -58.58 -37.47 18.02
CA ASP D 66 -58.69 -38.75 18.70
C ASP D 66 -58.51 -39.88 17.70
N GLU D 67 -57.44 -40.67 17.84
CA GLU D 67 -57.17 -41.73 16.87
C GLU D 67 -58.18 -42.86 16.97
N THR D 68 -58.85 -43.02 18.11
CA THR D 68 -59.87 -44.05 18.22
C THR D 68 -61.02 -43.77 17.26
N ARG D 69 -61.33 -42.49 17.02
CA ARG D 69 -62.49 -42.09 16.25
C ARG D 69 -62.13 -41.62 14.84
N PHE D 70 -60.91 -41.12 14.63
CA PHE D 70 -60.53 -40.54 13.35
C PHE D 70 -59.14 -41.01 12.94
N ASP D 71 -58.94 -41.16 11.63
CA ASP D 71 -57.68 -41.65 11.10
C ASP D 71 -57.21 -40.75 9.96
N LYS D 72 -55.93 -40.87 9.59
CA LYS D 72 -55.38 -40.02 8.54
C LYS D 72 -55.97 -40.37 7.19
N SER D 73 -56.23 -39.34 6.37
CA SER D 73 -56.85 -39.47 5.06
C SER D 73 -55.86 -39.18 3.94
N ILE D 74 -56.07 -39.84 2.79
CA ILE D 74 -55.26 -39.59 1.60
C ILE D 74 -55.99 -38.75 0.55
N GLU D 75 -57.28 -38.49 0.75
CA GLU D 75 -58.14 -38.06 -0.36
C GLU D 75 -57.79 -36.68 -0.94
N GLY D 76 -56.95 -35.89 -0.29
CA GLY D 76 -56.56 -34.62 -0.88
C GLY D 76 -55.43 -34.72 -1.89
N ALA D 77 -54.57 -33.69 -1.90
CA ALA D 77 -53.39 -33.67 -2.77
C ALA D 77 -52.49 -34.87 -2.52
N LEU D 78 -52.62 -35.53 -1.37
CA LEU D 78 -51.77 -36.66 -1.07
C LEU D 78 -52.01 -37.79 -2.06
N ALA D 79 -53.23 -37.91 -2.60
CA ALA D 79 -53.48 -38.90 -3.63
C ALA D 79 -52.62 -38.61 -4.87
N LYS D 80 -52.61 -37.36 -5.31
CA LYS D 80 -51.78 -37.00 -6.47
C LYS D 80 -50.31 -37.21 -6.16
N VAL D 81 -49.91 -37.08 -4.89
CA VAL D 81 -48.51 -37.30 -4.53
C VAL D 81 -48.20 -38.80 -4.55
N ARG D 82 -49.21 -39.62 -4.25
CA ARG D 82 -49.02 -41.06 -4.15
C ARG D 82 -48.52 -41.68 -5.46
N ALA D 83 -48.70 -40.99 -6.58
CA ALA D 83 -48.23 -41.53 -7.85
C ALA D 83 -46.74 -41.80 -7.83
N PHE D 84 -45.97 -40.90 -7.20
CA PHE D 84 -44.52 -41.09 -7.09
C PHE D 84 -44.03 -41.35 -5.68
N ALA D 85 -44.87 -41.13 -4.66
CA ALA D 85 -44.49 -41.51 -3.30
C ALA D 85 -44.96 -42.90 -2.92
N GLY D 86 -45.91 -43.45 -3.67
CA GLY D 86 -46.36 -44.82 -3.49
C GLY D 86 -46.88 -45.08 -2.09
N ASP D 87 -46.51 -46.22 -1.54
CA ASP D 87 -46.91 -46.59 -0.18
C ASP D 87 -45.78 -46.32 0.80
N GLY D 88 -45.22 -45.11 0.74
CA GLY D 88 -44.23 -44.70 1.70
C GLY D 88 -44.91 -44.15 2.92
N LEU D 89 -44.10 -43.73 3.88
CA LEU D 89 -44.67 -43.30 5.16
C LEU D 89 -45.64 -42.15 4.99
N PHE D 90 -45.43 -41.29 3.99
CA PHE D 90 -46.23 -40.08 3.83
C PHE D 90 -47.59 -40.35 3.23
N THR D 91 -47.65 -41.21 2.21
CA THR D 91 -48.85 -41.30 1.36
C THR D 91 -49.54 -42.66 1.44
N SER D 92 -49.24 -43.46 2.45
CA SER D 92 -49.92 -44.74 2.61
C SER D 92 -50.98 -44.60 3.69
N GLU D 93 -52.08 -45.34 3.53
CA GLU D 93 -53.05 -45.36 4.61
C GLU D 93 -52.48 -46.19 5.76
N THR D 94 -52.86 -45.81 6.97
CA THR D 94 -52.23 -46.42 8.15
C THR D 94 -52.45 -47.92 8.20
N HIS D 95 -53.60 -48.40 7.72
CA HIS D 95 -53.87 -49.84 7.76
C HIS D 95 -53.03 -50.63 6.77
N GLU D 96 -52.35 -49.96 5.83
CA GLU D 96 -51.50 -50.70 4.90
C GLU D 96 -50.27 -51.25 5.61
N PRO D 97 -49.85 -52.47 5.30
CA PRO D 97 -48.76 -53.12 6.07
C PRO D 97 -47.45 -52.34 6.06
N ASN D 98 -47.04 -51.81 4.90
CA ASN D 98 -45.75 -51.14 4.83
C ASN D 98 -45.71 -49.91 5.73
N TRP D 99 -46.84 -49.28 6.04
CA TRP D 99 -46.77 -48.09 6.88
C TRP D 99 -46.15 -48.42 8.22
N LYS D 100 -46.74 -49.35 8.98
CA LYS D 100 -46.18 -49.65 10.28
C LYS D 100 -44.88 -50.43 10.17
N LYS D 101 -44.70 -51.20 9.10
CA LYS D 101 -43.40 -51.82 8.87
C LYS D 101 -42.28 -50.76 8.86
N ALA D 102 -42.35 -49.83 7.91
CA ALA D 102 -41.34 -48.80 7.79
C ALA D 102 -41.32 -47.89 9.01
N HIS D 103 -42.48 -47.66 9.64
CA HIS D 103 -42.53 -46.86 10.85
C HIS D 103 -41.68 -47.47 11.95
N ASN D 104 -41.89 -48.75 12.25
CA ASN D 104 -41.08 -49.40 13.28
C ASN D 104 -39.61 -49.43 12.88
N ILE D 105 -39.32 -49.64 11.60
CA ILE D 105 -37.94 -49.70 11.15
C ILE D 105 -37.24 -48.35 11.35
N LEU D 106 -37.96 -47.25 11.07
CA LEU D 106 -37.35 -45.93 10.92
C LEU D 106 -37.51 -45.01 12.13
N MET D 107 -38.35 -45.37 13.11
CA MET D 107 -38.51 -44.50 14.28
C MET D 107 -37.21 -44.27 15.05
N PRO D 108 -36.39 -45.28 15.36
CA PRO D 108 -35.14 -45.00 16.09
C PRO D 108 -34.19 -44.09 15.33
N THR D 109 -34.24 -44.16 14.00
CA THR D 109 -33.40 -43.35 13.13
C THR D 109 -33.72 -41.87 13.16
N PHE D 110 -34.93 -41.49 13.56
CA PHE D 110 -35.34 -40.09 13.55
C PHE D 110 -35.43 -39.50 14.95
N SER D 111 -34.97 -40.23 15.97
CA SER D 111 -34.98 -39.73 17.34
C SER D 111 -33.97 -38.60 17.52
N GLN D 112 -34.22 -37.79 18.56
CA GLN D 112 -33.27 -36.76 18.96
C GLN D 112 -31.89 -37.35 19.22
N ARG D 113 -31.84 -38.56 19.78
CA ARG D 113 -30.57 -39.28 19.92
C ARG D 113 -29.90 -39.43 18.56
N ALA D 114 -30.66 -39.85 17.56
CA ALA D 114 -30.11 -40.14 16.23
C ALA D 114 -29.57 -38.90 15.54
N MET D 115 -29.97 -37.70 15.95
CA MET D 115 -29.46 -36.49 15.31
C MET D 115 -27.95 -36.37 15.45
N LYS D 116 -27.38 -36.91 16.54
CA LYS D 116 -25.92 -36.98 16.69
C LYS D 116 -25.26 -37.55 15.44
N ASP D 117 -25.96 -38.44 14.74
CA ASP D 117 -25.39 -39.11 13.57
C ASP D 117 -25.43 -38.24 12.32
N TYR D 118 -26.43 -37.38 12.17
CA TYR D 118 -26.53 -36.56 10.96
C TYR D 118 -25.85 -35.20 11.09
N HIS D 119 -25.52 -34.79 12.32
CA HIS D 119 -25.07 -33.42 12.56
C HIS D 119 -23.95 -33.02 11.60
N ALA D 120 -22.92 -33.87 11.51
CA ALA D 120 -21.78 -33.54 10.65
C ALA D 120 -22.23 -33.19 9.23
N MET D 121 -23.03 -34.06 8.62
CA MET D 121 -23.45 -33.79 7.25
C MET D 121 -24.25 -32.50 7.16
N MET D 122 -25.11 -32.23 8.14
CA MET D 122 -25.83 -30.96 8.11
C MET D 122 -24.83 -29.81 8.07
N VAL D 123 -23.84 -29.85 8.97
CA VAL D 123 -22.84 -28.79 9.01
C VAL D 123 -22.17 -28.64 7.67
N ASP D 124 -21.88 -29.77 7.02
CA ASP D 124 -21.26 -29.72 5.69
C ASP D 124 -22.07 -28.80 4.79
N ILE D 125 -23.34 -29.14 4.58
CA ILE D 125 -24.14 -28.33 3.69
C ILE D 125 -24.33 -26.94 4.26
N ALA D 126 -24.43 -26.85 5.58
CA ALA D 126 -24.56 -25.53 6.18
C ALA D 126 -23.38 -24.64 5.80
N VAL D 127 -22.15 -25.14 5.93
CA VAL D 127 -21.02 -24.28 5.58
C VAL D 127 -21.13 -23.84 4.13
N GLN D 128 -21.57 -24.76 3.25
CA GLN D 128 -21.71 -24.39 1.84
C GLN D 128 -22.59 -23.16 1.70
N LEU D 129 -23.77 -23.19 2.33
CA LEU D 129 -24.67 -22.04 2.28
C LEU D 129 -23.95 -20.80 2.79
N VAL D 130 -23.30 -20.91 3.95
CA VAL D 130 -22.62 -19.75 4.51
C VAL D 130 -21.59 -19.24 3.51
N GLN D 131 -20.80 -20.15 2.95
CA GLN D 131 -19.78 -19.72 2.00
C GLN D 131 -20.40 -19.07 0.79
N LYS D 132 -21.51 -19.61 0.29
CA LYS D 132 -22.18 -18.94 -0.83
C LYS D 132 -22.50 -17.50 -0.46
N TRP D 133 -23.14 -17.29 0.68
CA TRP D 133 -23.47 -15.94 1.08
C TRP D 133 -22.22 -15.12 1.36
N ALA D 134 -21.14 -15.78 1.81
CA ALA D 134 -19.92 -15.05 2.12
C ALA D 134 -19.22 -14.56 0.86
N ARG D 135 -19.38 -15.26 -0.26
CA ARG D 135 -18.66 -14.96 -1.50
C ARG D 135 -19.45 -14.05 -2.42
N LEU D 136 -20.50 -13.41 -1.93
CA LEU D 136 -21.31 -12.54 -2.77
C LEU D 136 -20.61 -11.22 -3.00
N ASN D 137 -20.88 -10.61 -4.14
CA ASN D 137 -20.29 -9.33 -4.45
C ASN D 137 -21.10 -8.22 -3.81
N PRO D 138 -20.53 -7.02 -3.69
CA PRO D 138 -21.26 -5.92 -3.04
C PRO D 138 -22.59 -5.63 -3.71
N ASN D 139 -23.62 -5.43 -2.89
CA ASN D 139 -24.99 -5.09 -3.27
C ASN D 139 -25.73 -6.19 -4.02
N GLU D 140 -25.18 -7.39 -4.10
CA GLU D 140 -25.93 -8.51 -4.66
C GLU D 140 -26.97 -8.97 -3.65
N ASN D 141 -28.15 -9.32 -4.13
CA ASN D 141 -29.19 -9.82 -3.25
C ASN D 141 -29.31 -11.33 -3.35
N VAL D 142 -29.76 -11.94 -2.27
CA VAL D 142 -30.04 -13.37 -2.24
C VAL D 142 -31.53 -13.58 -2.16
N ASP D 143 -31.98 -14.64 -2.82
CA ASP D 143 -33.37 -15.09 -2.76
C ASP D 143 -33.45 -16.14 -1.67
N VAL D 144 -34.05 -15.76 -0.53
CA VAL D 144 -34.01 -16.63 0.64
C VAL D 144 -34.66 -17.99 0.39
N PRO D 145 -35.86 -18.09 -0.17
CA PRO D 145 -36.44 -19.42 -0.35
C PRO D 145 -35.62 -20.32 -1.26
N GLU D 146 -35.06 -19.78 -2.35
CA GLU D 146 -34.28 -20.62 -3.27
C GLU D 146 -33.06 -21.23 -2.59
N ASP D 147 -32.33 -20.43 -1.80
CA ASP D 147 -31.12 -20.93 -1.17
C ASP D 147 -31.45 -21.86 0.01
N MET D 148 -32.51 -21.53 0.75
CA MET D 148 -32.98 -22.45 1.80
C MET D 148 -33.37 -23.80 1.20
N THR D 149 -33.99 -23.78 0.01
CA THR D 149 -34.37 -25.02 -0.65
C THR D 149 -33.13 -25.79 -1.10
N ARG D 150 -32.15 -25.10 -1.67
CA ARG D 150 -30.87 -25.74 -2.00
C ARG D 150 -30.30 -26.48 -0.80
N LEU D 151 -30.19 -25.77 0.33
CA LEU D 151 -29.63 -26.38 1.53
C LEU D 151 -30.45 -27.58 1.98
N THR D 152 -31.78 -27.44 2.09
CA THR D 152 -32.58 -28.50 2.70
C THR D 152 -32.61 -29.75 1.82
N LEU D 153 -32.73 -29.57 0.50
CA LEU D 153 -32.71 -30.71 -0.40
C LEU D 153 -31.37 -31.44 -0.33
N ASP D 154 -30.25 -30.68 -0.38
CA ASP D 154 -28.96 -31.34 -0.31
C ASP D 154 -28.78 -32.02 1.02
N THR D 155 -29.29 -31.39 2.10
CA THR D 155 -29.16 -31.97 3.43
C THR D 155 -29.87 -33.30 3.52
N ILE D 156 -31.11 -33.36 3.03
CA ILE D 156 -31.84 -34.62 3.11
C ILE D 156 -31.15 -35.68 2.26
N GLY D 157 -30.70 -35.32 1.05
CA GLY D 157 -30.01 -36.31 0.23
C GLY D 157 -28.76 -36.86 0.90
N LEU D 158 -27.93 -35.97 1.43
CA LEU D 158 -26.67 -36.38 2.05
C LEU D 158 -26.91 -37.19 3.32
N CYS D 159 -27.74 -36.68 4.24
CA CYS D 159 -27.96 -37.39 5.49
C CYS D 159 -28.71 -38.70 5.28
N GLY D 160 -29.63 -38.74 4.31
CA GLY D 160 -30.51 -39.87 4.12
C GLY D 160 -29.97 -41.01 3.30
N PHE D 161 -29.26 -40.71 2.21
CA PHE D 161 -28.72 -41.82 1.43
C PHE D 161 -27.34 -41.49 0.87
N ASN D 162 -26.64 -40.55 1.49
CA ASN D 162 -25.24 -40.27 1.18
C ASN D 162 -25.07 -39.86 -0.28
N TYR D 163 -26.01 -39.07 -0.79
CA TYR D 163 -26.00 -38.59 -2.17
C TYR D 163 -25.88 -37.07 -2.19
N ARG D 164 -24.99 -36.55 -3.02
CA ARG D 164 -24.75 -35.12 -3.10
C ARG D 164 -25.49 -34.55 -4.31
N PHE D 165 -26.58 -33.82 -4.06
CA PHE D 165 -27.26 -33.11 -5.14
C PHE D 165 -26.44 -31.94 -5.65
N ASN D 166 -25.56 -31.38 -4.81
CA ASN D 166 -24.70 -30.26 -5.18
C ASN D 166 -25.51 -29.09 -5.72
N SER D 167 -26.54 -28.72 -4.96
CA SER D 167 -27.43 -27.63 -5.37
C SER D 167 -26.70 -26.30 -5.43
N PHE D 168 -25.66 -26.11 -4.63
CA PHE D 168 -24.97 -24.83 -4.67
C PHE D 168 -24.03 -24.72 -5.86
N TYR D 169 -23.90 -25.78 -6.66
CA TYR D 169 -23.15 -25.72 -7.90
C TYR D 169 -24.05 -25.42 -9.10
N ARG D 170 -25.28 -24.96 -8.86
CA ARG D 170 -26.22 -24.63 -9.91
C ARG D 170 -26.87 -23.29 -9.62
N GLU D 171 -27.04 -22.48 -10.67
CA GLU D 171 -27.86 -21.27 -10.57
C GLU D 171 -29.33 -21.62 -10.69
N THR D 172 -29.64 -22.57 -11.57
CA THR D 172 -30.96 -23.15 -11.77
C THR D 172 -31.22 -24.26 -10.75
N PRO D 173 -32.39 -24.26 -10.12
CA PRO D 173 -32.70 -25.34 -9.16
C PRO D 173 -32.49 -26.70 -9.80
N HIS D 174 -32.15 -27.68 -8.98
CA HIS D 174 -31.75 -28.98 -9.47
C HIS D 174 -32.83 -29.59 -10.37
N PRO D 175 -32.45 -30.40 -11.35
CA PRO D 175 -33.48 -31.07 -12.19
C PRO D 175 -34.51 -31.81 -11.36
N PHE D 176 -34.10 -32.40 -10.23
CA PHE D 176 -35.04 -33.10 -9.37
C PHE D 176 -36.10 -32.15 -8.83
N ILE D 177 -35.70 -30.93 -8.45
CA ILE D 177 -36.65 -29.98 -7.87
C ILE D 177 -37.70 -29.56 -8.90
N THR D 178 -37.26 -29.19 -10.10
CA THR D 178 -38.19 -28.73 -11.12
C THR D 178 -39.08 -29.87 -11.61
N SER D 179 -38.51 -31.05 -11.80
CA SER D 179 -39.32 -32.22 -12.12
C SER D 179 -40.34 -32.52 -11.03
N MET D 180 -39.96 -32.32 -9.76
CA MET D 180 -40.87 -32.59 -8.65
C MET D 180 -42.02 -31.59 -8.63
N THR D 181 -41.69 -30.31 -8.78
CA THR D 181 -42.72 -29.29 -8.93
C THR D 181 -43.65 -29.58 -10.09
N ARG D 182 -43.11 -30.06 -11.21
CA ARG D 182 -43.96 -30.36 -12.36
C ARG D 182 -44.78 -31.63 -12.18
N ALA D 183 -44.34 -32.56 -11.32
CA ALA D 183 -45.19 -33.68 -10.94
C ALA D 183 -46.47 -33.21 -10.28
N LEU D 184 -46.49 -31.96 -9.81
CA LEU D 184 -47.66 -31.37 -9.19
C LEU D 184 -48.33 -30.33 -10.08
N HIS D 210 -43.37 -39.33 -17.27
CA HIS D 210 -42.27 -38.49 -17.74
C HIS D 210 -41.22 -38.28 -16.64
N ASP D 211 -41.25 -37.10 -16.01
CA ASP D 211 -40.28 -36.78 -14.97
C ASP D 211 -40.36 -37.75 -13.80
N ILE D 212 -41.59 -38.18 -13.49
CA ILE D 212 -41.84 -39.22 -12.48
C ILE D 212 -40.90 -40.38 -12.77
N GLN D 213 -40.76 -40.73 -14.05
CA GLN D 213 -40.01 -41.93 -14.41
C GLN D 213 -38.51 -41.73 -14.22
N SER D 214 -38.01 -40.49 -14.36
CA SER D 214 -36.59 -40.23 -14.16
C SER D 214 -36.21 -40.16 -12.68
N MET D 215 -37.14 -39.71 -11.82
CA MET D 215 -36.84 -39.72 -10.39
C MET D 215 -36.53 -41.12 -9.91
N PHE D 216 -37.33 -42.10 -10.33
CA PHE D 216 -37.04 -43.47 -9.96
C PHE D 216 -35.68 -43.88 -10.51
N SER D 217 -35.26 -43.28 -11.63
CA SER D 217 -33.95 -43.59 -12.18
C SER D 217 -32.87 -43.19 -11.20
N LEU D 218 -32.93 -41.95 -10.73
CA LEU D 218 -31.94 -41.49 -9.75
C LEU D 218 -31.97 -42.35 -8.48
N VAL D 219 -33.18 -42.65 -7.96
CA VAL D 219 -33.26 -43.40 -6.70
C VAL D 219 -32.74 -44.83 -6.86
N ASP D 220 -33.13 -45.54 -7.92
CA ASP D 220 -32.63 -46.90 -8.11
C ASP D 220 -31.14 -46.91 -8.41
N ASN D 221 -30.65 -45.86 -9.07
CA ASN D 221 -29.22 -45.68 -9.28
C ASN D 221 -28.48 -45.58 -7.95
N ILE D 222 -29.10 -44.93 -6.97
CA ILE D 222 -28.54 -44.89 -5.62
C ILE D 222 -28.71 -46.23 -4.92
N ILE D 223 -29.81 -46.93 -5.22
CA ILE D 223 -30.09 -48.23 -4.62
C ILE D 223 -29.03 -49.26 -5.02
N ALA D 224 -28.52 -49.17 -6.25
CA ALA D 224 -27.61 -50.20 -6.74
C ALA D 224 -26.31 -50.24 -5.93
N GLU D 225 -25.93 -49.14 -5.30
CA GLU D 225 -24.76 -49.13 -4.44
C GLU D 225 -25.18 -49.08 -2.97
N GLU D 234 -22.29 -45.31 4.21
CA GLU D 234 -23.04 -46.20 5.08
C GLU D 234 -23.57 -45.45 6.30
N ASN D 235 -24.34 -46.16 7.13
CA ASN D 235 -24.91 -45.60 8.37
C ASN D 235 -25.79 -44.38 8.07
N ASP D 236 -26.83 -44.60 7.28
CA ASP D 236 -27.81 -43.55 6.99
C ASP D 236 -29.18 -44.21 6.91
N LEU D 237 -30.16 -43.45 6.40
CA LEU D 237 -31.52 -43.99 6.25
C LEU D 237 -31.52 -45.24 5.38
N LEU D 238 -30.83 -45.17 4.23
CA LEU D 238 -30.79 -46.31 3.31
C LEU D 238 -30.19 -47.53 3.97
N SER D 239 -29.18 -47.33 4.82
CA SER D 239 -28.58 -48.44 5.55
C SER D 239 -29.59 -49.11 6.47
N ARG D 240 -30.38 -48.31 7.19
CA ARG D 240 -31.39 -48.88 8.08
C ARG D 240 -32.48 -49.61 7.30
N MET D 241 -32.89 -49.06 6.15
CA MET D 241 -33.94 -49.71 5.37
C MET D 241 -33.44 -50.91 4.58
N LEU D 242 -32.12 -51.08 4.45
CA LEU D 242 -31.59 -52.28 3.82
C LEU D 242 -31.11 -53.32 4.84
N ASN D 243 -30.87 -52.94 6.09
CA ASN D 243 -30.21 -53.79 7.07
C ASN D 243 -31.11 -54.26 8.21
N VAL D 244 -32.02 -53.44 8.69
CA VAL D 244 -32.79 -53.72 9.90
C VAL D 244 -34.20 -54.16 9.49
N PRO D 245 -34.69 -55.29 10.00
CA PRO D 245 -36.06 -55.71 9.70
C PRO D 245 -37.06 -55.22 10.73
N ASP D 246 -38.33 -55.24 10.33
CA ASP D 246 -39.42 -54.87 11.23
C ASP D 246 -39.49 -55.83 12.40
N PRO D 247 -39.39 -55.34 13.64
CA PRO D 247 -39.46 -56.26 14.80
C PRO D 247 -40.75 -57.06 14.87
N GLU D 248 -41.90 -56.44 14.58
CA GLU D 248 -43.18 -57.10 14.72
C GLU D 248 -43.44 -58.15 13.65
N THR D 249 -42.63 -58.21 12.59
CA THR D 249 -42.80 -59.24 11.59
C THR D 249 -41.49 -59.89 11.15
N GLY D 250 -40.34 -59.39 11.61
CA GLY D 250 -39.06 -59.98 11.28
C GLY D 250 -38.76 -59.94 9.79
N GLU D 251 -39.03 -58.81 9.14
CA GLU D 251 -38.85 -58.69 7.70
C GLU D 251 -38.33 -57.32 7.32
N LYS D 252 -37.30 -57.27 6.50
CA LYS D 252 -36.83 -56.02 5.92
C LYS D 252 -37.78 -55.57 4.82
N LEU D 253 -37.66 -54.29 4.45
CA LEU D 253 -38.60 -53.70 3.52
C LEU D 253 -38.32 -54.12 2.08
N ASP D 254 -39.41 -54.23 1.30
CA ASP D 254 -39.32 -54.54 -0.12
C ASP D 254 -38.50 -53.44 -0.83
N ASP D 255 -37.98 -53.77 -2.02
CA ASP D 255 -37.15 -52.80 -2.73
C ASP D 255 -37.97 -51.62 -3.24
N GLU D 256 -39.06 -51.90 -3.96
CA GLU D 256 -39.91 -50.83 -4.46
C GLU D 256 -40.35 -49.91 -3.33
N ASN D 257 -40.66 -50.48 -2.17
CA ASN D 257 -41.02 -49.65 -1.04
C ASN D 257 -39.84 -48.84 -0.53
N ILE D 258 -38.62 -49.38 -0.60
CA ILE D 258 -37.44 -48.61 -0.20
C ILE D 258 -37.28 -47.38 -1.08
N ARG D 259 -37.50 -47.53 -2.38
CA ARG D 259 -37.37 -46.38 -3.27
C ARG D 259 -38.48 -45.36 -3.01
N PHE D 260 -39.70 -45.86 -2.75
CA PHE D 260 -40.80 -45.01 -2.33
C PHE D 260 -40.45 -44.23 -1.07
N GLN D 261 -39.81 -44.88 -0.10
CA GLN D 261 -39.48 -44.22 1.15
C GLN D 261 -38.46 -43.10 0.95
N ILE D 262 -37.40 -43.35 0.17
CA ILE D 262 -36.41 -42.29 -0.01
C ILE D 262 -37.02 -41.11 -0.75
N ILE D 263 -37.84 -41.39 -1.79
CA ILE D 263 -38.51 -40.30 -2.48
C ILE D 263 -39.37 -39.51 -1.49
N THR D 264 -40.02 -40.23 -0.58
CA THR D 264 -40.89 -39.62 0.42
C THR D 264 -40.10 -38.68 1.32
N PHE D 265 -38.94 -39.13 1.80
CA PHE D 265 -38.15 -38.27 2.68
C PHE D 265 -37.74 -37.00 1.97
N LEU D 266 -37.25 -37.12 0.74
CA LEU D 266 -36.87 -35.93 -0.02
C LEU D 266 -38.03 -34.94 -0.06
N ILE D 267 -39.17 -35.39 -0.59
CA ILE D 267 -40.24 -34.46 -0.89
C ILE D 267 -40.91 -33.93 0.39
N ALA D 268 -41.19 -34.81 1.34
CA ALA D 268 -41.85 -34.39 2.56
C ALA D 268 -40.96 -33.48 3.40
N GLY D 269 -39.63 -33.63 3.32
CA GLY D 269 -38.79 -32.83 4.18
C GLY D 269 -38.37 -31.48 3.64
N HIS D 270 -37.83 -31.46 2.40
CA HIS D 270 -37.03 -30.31 2.01
C HIS D 270 -37.89 -29.04 1.92
N GLU D 271 -39.05 -29.12 1.25
CA GLU D 271 -39.82 -27.90 1.00
C GLU D 271 -40.36 -27.30 2.30
N THR D 272 -40.88 -28.14 3.20
CA THR D 272 -41.43 -27.64 4.46
C THR D 272 -40.35 -27.02 5.33
N THR D 273 -39.20 -27.70 5.45
CA THR D 273 -38.18 -27.15 6.34
C THR D 273 -37.53 -25.89 5.73
N SER D 274 -37.38 -25.82 4.40
CA SER D 274 -36.87 -24.58 3.81
C SER D 274 -37.88 -23.46 3.98
N GLY D 275 -39.18 -23.76 3.90
CA GLY D 275 -40.19 -22.77 4.20
C GLY D 275 -40.09 -22.27 5.62
N LEU D 276 -39.89 -23.19 6.57
CA LEU D 276 -39.69 -22.78 7.96
C LEU D 276 -38.52 -21.83 8.08
N LEU D 277 -37.38 -22.19 7.47
CA LEU D 277 -36.20 -21.32 7.51
C LEU D 277 -36.53 -19.95 6.95
N SER D 278 -37.26 -19.91 5.83
CA SER D 278 -37.57 -18.64 5.20
C SER D 278 -38.45 -17.77 6.08
N PHE D 279 -39.49 -18.38 6.67
CA PHE D 279 -40.39 -17.64 7.55
C PHE D 279 -39.65 -17.14 8.79
N ALA D 280 -38.75 -17.97 9.33
CA ALA D 280 -37.98 -17.56 10.50
C ALA D 280 -37.10 -16.37 10.17
N ILE D 281 -36.42 -16.41 9.02
CA ILE D 281 -35.62 -15.26 8.61
C ILE D 281 -36.50 -14.03 8.45
N TYR D 282 -37.69 -14.20 7.87
CA TYR D 282 -38.62 -13.08 7.72
C TYR D 282 -38.98 -12.47 9.07
N PHE D 283 -39.39 -13.31 10.02
CA PHE D 283 -39.85 -12.81 11.31
C PHE D 283 -38.72 -12.13 12.06
N LEU D 284 -37.53 -12.74 12.07
CA LEU D 284 -36.40 -12.08 12.72
C LEU D 284 -36.07 -10.77 12.03
N LEU D 285 -36.26 -10.70 10.73
CA LEU D 285 -36.02 -9.47 9.99
C LEU D 285 -37.02 -8.39 10.37
N LYS D 286 -38.24 -8.78 10.74
CA LYS D 286 -39.30 -7.83 11.02
C LYS D 286 -39.50 -7.52 12.50
N ASN D 287 -38.81 -8.22 13.40
CA ASN D 287 -38.94 -7.98 14.84
C ASN D 287 -37.57 -7.80 15.45
N PRO D 288 -37.06 -6.55 15.45
CA PRO D 288 -35.66 -6.33 15.84
C PRO D 288 -35.34 -6.80 17.25
N ASP D 289 -36.33 -6.74 18.15
CA ASP D 289 -36.10 -7.15 19.52
C ASP D 289 -35.72 -8.62 19.57
N LYS D 290 -36.48 -9.46 18.89
CA LYS D 290 -36.25 -10.90 18.90
C LYS D 290 -34.92 -11.23 18.23
N LEU D 291 -34.56 -10.48 17.19
CA LEU D 291 -33.28 -10.68 16.52
C LEU D 291 -32.11 -10.30 17.43
N LYS D 292 -32.24 -9.23 18.21
CA LYS D 292 -31.18 -8.87 19.14
C LYS D 292 -31.00 -9.97 20.19
N LYS D 293 -32.12 -10.46 20.74
CA LYS D 293 -32.05 -11.57 21.68
C LYS D 293 -31.38 -12.80 21.08
N ALA D 294 -31.72 -13.11 19.82
CA ALA D 294 -31.15 -14.27 19.15
C ALA D 294 -29.65 -14.10 18.91
N TYR D 295 -29.24 -12.89 18.48
CA TYR D 295 -27.81 -12.62 18.32
C TYR D 295 -27.08 -12.81 19.64
N GLU D 296 -27.65 -12.33 20.74
CA GLU D 296 -27.04 -12.53 22.05
C GLU D 296 -26.81 -14.01 22.31
N GLU D 297 -27.85 -14.83 22.14
CA GLU D 297 -27.71 -16.26 22.41
C GLU D 297 -26.68 -16.90 21.49
N VAL D 298 -26.69 -16.53 20.21
CA VAL D 298 -25.77 -17.15 19.26
C VAL D 298 -24.33 -16.82 19.60
N ASP D 299 -24.06 -15.53 19.86
CA ASP D 299 -22.71 -15.11 20.21
C ASP D 299 -22.23 -15.79 21.49
N ARG D 300 -23.13 -15.94 22.47
CA ARG D 300 -22.73 -16.63 23.70
C ARG D 300 -22.48 -18.13 23.46
N VAL D 301 -23.27 -18.77 22.61
CA VAL D 301 -23.17 -20.23 22.47
C VAL D 301 -22.22 -20.65 21.33
N LEU D 302 -22.22 -19.94 20.20
CA LEU D 302 -21.46 -20.37 19.03
C LEU D 302 -20.08 -19.71 19.04
N THR D 303 -19.14 -20.35 19.74
CA THR D 303 -17.80 -19.84 19.90
C THR D 303 -16.80 -20.43 18.91
N ASP D 304 -17.07 -21.63 18.40
CA ASP D 304 -16.16 -22.35 17.54
C ASP D 304 -16.48 -22.07 16.08
N PRO D 305 -15.59 -22.41 15.14
CA PRO D 305 -15.89 -22.09 13.73
C PRO D 305 -17.13 -22.79 13.20
N THR D 306 -17.28 -24.10 13.47
CA THR D 306 -18.50 -24.79 13.15
C THR D 306 -19.12 -25.34 14.42
N PRO D 307 -20.42 -25.17 14.63
CA PRO D 307 -21.05 -25.74 15.83
C PRO D 307 -21.12 -27.26 15.75
N THR D 308 -20.98 -27.90 16.92
CA THR D 308 -21.29 -29.31 17.07
C THR D 308 -22.65 -29.46 17.74
N TYR D 309 -23.01 -30.71 17.95
CA TYR D 309 -24.37 -31.11 18.33
C TYR D 309 -24.84 -30.45 19.63
N GLN D 310 -24.00 -30.52 20.67
CA GLN D 310 -24.36 -29.90 21.95
C GLN D 310 -24.47 -28.39 21.85
N GLN D 311 -23.67 -27.71 21.02
CA GLN D 311 -23.83 -26.26 21.04
C GLN D 311 -25.13 -25.85 20.34
N VAL D 312 -25.56 -26.56 19.29
CA VAL D 312 -26.86 -26.23 18.69
C VAL D 312 -28.02 -26.57 19.64
N MET D 313 -27.94 -27.72 20.35
CA MET D 313 -29.01 -27.99 21.32
C MET D 313 -29.12 -26.95 22.43
N LYS D 314 -28.08 -26.16 22.68
CA LYS D 314 -28.16 -25.12 23.70
C LYS D 314 -28.69 -23.80 23.14
N LEU D 315 -29.20 -23.80 21.91
CA LEU D 315 -29.78 -22.59 21.32
C LEU D 315 -31.30 -22.62 21.50
N LYS D 316 -31.73 -22.40 22.75
CA LYS D 316 -33.15 -22.56 23.07
C LYS D 316 -33.99 -21.43 22.48
N TYR D 317 -33.46 -20.20 22.46
CA TYR D 317 -34.25 -19.09 21.95
C TYR D 317 -34.44 -19.20 20.45
N MET D 318 -33.44 -19.70 19.74
CA MET D 318 -33.60 -19.92 18.32
C MET D 318 -34.68 -20.95 18.04
N ARG D 319 -34.70 -22.03 18.82
CA ARG D 319 -35.75 -23.04 18.65
C ARG D 319 -37.12 -22.48 19.00
N MET D 320 -37.20 -21.55 19.96
CA MET D 320 -38.49 -20.93 20.22
C MET D 320 -38.90 -20.04 19.06
N ILE D 321 -37.92 -19.38 18.42
CA ILE D 321 -38.20 -18.63 17.20
C ILE D 321 -38.78 -19.55 16.13
N LEU D 322 -38.19 -20.73 15.97
CA LEU D 322 -38.69 -21.67 14.97
C LEU D 322 -40.09 -22.16 15.31
N ASN D 323 -40.34 -22.49 16.58
CA ASN D 323 -41.68 -22.91 16.98
C ASN D 323 -42.69 -21.80 16.72
N GLU D 324 -42.32 -20.56 17.03
CA GLU D 324 -43.23 -19.45 16.81
C GLU D 324 -43.52 -19.24 15.33
N SER D 325 -42.50 -19.36 14.48
CA SER D 325 -42.71 -19.26 13.05
C SER D 325 -43.64 -20.36 12.55
N LEU D 326 -43.45 -21.59 13.04
CA LEU D 326 -44.37 -22.65 12.65
C LEU D 326 -45.78 -22.38 13.17
N ARG D 327 -45.91 -21.67 14.28
CA ARG D 327 -47.24 -21.32 14.74
C ARG D 327 -47.91 -20.36 13.77
N LEU D 328 -47.26 -19.22 13.51
CA LEU D 328 -47.88 -18.18 12.68
C LEU D 328 -48.10 -18.66 11.25
N TRP D 329 -47.09 -19.26 10.63
CA TRP D 329 -47.20 -19.78 9.27
C TRP D 329 -46.70 -21.21 9.22
N PRO D 330 -47.54 -22.18 9.60
CA PRO D 330 -47.14 -23.59 9.47
C PRO D 330 -46.95 -23.94 8.01
N THR D 331 -45.72 -24.31 7.64
CA THR D 331 -45.41 -24.54 6.23
C THR D 331 -46.20 -25.71 5.66
N ALA D 332 -46.46 -26.75 6.46
CA ALA D 332 -47.48 -27.71 6.06
C ALA D 332 -48.79 -27.28 6.71
N PRO D 333 -49.68 -26.62 5.97
CA PRO D 333 -50.79 -25.91 6.60
C PRO D 333 -52.02 -26.74 6.92
N ALA D 334 -52.07 -28.00 6.50
CA ALA D 334 -53.25 -28.81 6.73
C ALA D 334 -52.89 -30.28 6.78
N PHE D 335 -53.73 -31.06 7.47
CA PHE D 335 -53.77 -32.50 7.30
C PHE D 335 -55.21 -32.96 7.35
N SER D 336 -55.50 -34.08 6.70
CA SER D 336 -56.86 -34.57 6.55
C SER D 336 -57.06 -35.86 7.32
N LEU D 337 -58.30 -36.06 7.74
CA LEU D 337 -58.71 -37.20 8.53
C LEU D 337 -60.03 -37.71 7.97
N TYR D 338 -60.33 -38.98 8.21
CA TYR D 338 -61.64 -39.54 7.93
C TYR D 338 -62.19 -40.18 9.18
N ALA D 339 -63.52 -40.16 9.29
CA ALA D 339 -64.22 -40.77 10.41
C ALA D 339 -64.29 -42.27 10.20
N LYS D 340 -63.86 -43.02 11.22
CA LYS D 340 -63.94 -44.47 11.15
C LYS D 340 -65.36 -44.97 11.35
N GLU D 341 -66.19 -44.16 11.99
CA GLU D 341 -67.61 -44.56 12.23
C GLU D 341 -68.44 -43.28 12.35
N ASP D 342 -69.72 -43.35 11.96
CA ASP D 342 -70.57 -42.18 12.10
C ASP D 342 -70.41 -41.64 13.52
N THR D 343 -70.24 -40.33 13.64
CA THR D 343 -70.00 -39.77 14.95
C THR D 343 -70.52 -38.34 14.98
N VAL D 344 -70.36 -37.70 16.15
CA VAL D 344 -70.72 -36.31 16.33
C VAL D 344 -69.53 -35.58 16.92
N ILE D 345 -69.30 -34.36 16.44
CA ILE D 345 -68.19 -33.52 16.84
C ILE D 345 -68.77 -32.26 17.45
N GLY D 346 -68.12 -31.74 18.47
CA GLY D 346 -68.61 -30.55 19.15
C GLY D 346 -69.96 -30.73 19.82
N GLY D 347 -70.42 -31.97 19.96
CA GLY D 347 -71.73 -32.24 20.51
C GLY D 347 -72.91 -31.94 19.59
N LYS D 348 -72.70 -31.35 18.42
CA LYS D 348 -73.83 -31.04 17.56
C LYS D 348 -73.62 -31.30 16.07
N TYR D 349 -72.38 -31.44 15.58
CA TYR D 349 -72.16 -31.53 14.14
C TYR D 349 -71.91 -32.97 13.74
N PRO D 350 -72.71 -33.56 12.85
CA PRO D 350 -72.53 -34.98 12.52
C PRO D 350 -71.51 -35.22 11.41
N ILE D 351 -70.79 -36.32 11.54
CA ILE D 351 -69.77 -36.73 10.58
C ILE D 351 -70.07 -38.16 10.15
N LYS D 352 -70.30 -38.35 8.85
CA LYS D 352 -70.67 -39.65 8.33
C LYS D 352 -69.44 -40.51 8.12
N LYS D 353 -69.55 -41.79 8.47
CA LYS D 353 -68.43 -42.71 8.36
C LYS D 353 -67.96 -42.81 6.92
N GLY D 354 -66.65 -42.66 6.73
CA GLY D 354 -66.06 -42.88 5.42
C GLY D 354 -65.94 -41.66 4.52
N GLU D 355 -67.07 -41.13 4.07
CA GLU D 355 -67.04 -40.18 2.96
C GLU D 355 -66.43 -38.84 3.38
N ASP D 356 -66.85 -38.30 4.50
CA ASP D 356 -66.46 -36.94 4.89
C ASP D 356 -64.96 -36.88 5.17
N ARG D 357 -64.26 -36.03 4.42
CA ARG D 357 -62.84 -35.76 4.63
C ARG D 357 -62.67 -34.46 5.41
N ILE D 358 -62.16 -34.57 6.63
CA ILE D 358 -62.00 -33.45 7.54
C ILE D 358 -60.61 -32.85 7.35
N SER D 359 -60.53 -31.56 7.05
CA SER D 359 -59.26 -30.87 6.88
C SER D 359 -59.03 -29.94 8.05
N VAL D 360 -57.86 -30.04 8.67
CA VAL D 360 -57.51 -29.15 9.78
C VAL D 360 -56.86 -27.90 9.24
N LEU D 361 -57.38 -26.73 9.63
CA LEU D 361 -56.86 -25.45 9.16
C LEU D 361 -55.84 -24.98 10.19
N ILE D 362 -54.59 -25.42 10.01
CA ILE D 362 -53.58 -25.25 11.06
C ILE D 362 -53.30 -23.78 11.38
N PRO D 363 -53.24 -22.86 10.41
CA PRO D 363 -52.99 -21.46 10.80
C PRO D 363 -54.07 -20.90 11.71
N GLN D 364 -55.34 -21.15 11.36
CA GLN D 364 -56.44 -20.68 12.18
C GLN D 364 -56.44 -21.34 13.54
N LEU D 365 -56.15 -22.63 13.61
CA LEU D 365 -55.98 -23.30 14.89
C LEU D 365 -54.93 -22.59 15.74
N HIS D 366 -53.79 -22.30 15.13
CA HIS D 366 -52.69 -21.60 15.79
C HIS D 366 -53.03 -20.17 16.17
N ARG D 367 -54.13 -19.62 15.66
CA ARG D 367 -54.58 -18.29 16.03
C ARG D 367 -55.83 -18.31 16.91
N ASP D 368 -56.13 -19.45 17.53
CA ASP D 368 -57.29 -19.59 18.38
C ASP D 368 -57.07 -18.86 19.70
N LYS D 369 -57.80 -17.77 19.92
CA LYS D 369 -57.59 -16.98 21.12
C LYS D 369 -58.01 -17.73 22.38
N ASP D 370 -58.96 -18.66 22.26
CA ASP D 370 -59.38 -19.43 23.42
C ASP D 370 -58.23 -20.26 23.98
N ALA D 371 -57.31 -20.71 23.12
CA ALA D 371 -56.18 -21.51 23.55
C ALA D 371 -54.89 -20.70 23.74
N TRP D 372 -54.65 -19.69 22.90
CA TRP D 372 -53.35 -19.05 22.84
C TRP D 372 -53.28 -17.71 23.57
N GLY D 373 -54.42 -17.08 23.82
CA GLY D 373 -54.45 -15.73 24.32
C GLY D 373 -54.85 -14.80 23.20
N ASP D 374 -54.80 -13.49 23.46
CA ASP D 374 -55.35 -12.54 22.52
C ASP D 374 -54.32 -11.93 21.57
N ASN D 375 -53.02 -12.06 21.84
CA ASN D 375 -52.00 -11.45 20.98
C ASN D 375 -51.54 -12.41 19.88
N VAL D 376 -52.51 -12.97 19.15
CA VAL D 376 -52.20 -14.14 18.34
C VAL D 376 -51.32 -13.79 17.15
N GLU D 377 -51.52 -12.59 16.57
CA GLU D 377 -50.79 -12.21 15.37
C GLU D 377 -49.40 -11.65 15.64
N GLU D 378 -49.06 -11.39 16.90
CA GLU D 378 -47.73 -10.90 17.23
C GLU D 378 -46.73 -12.05 17.19
N PHE D 379 -45.51 -11.74 16.76
CA PHE D 379 -44.42 -12.71 16.76
C PHE D 379 -43.73 -12.62 18.12
N GLN D 380 -43.99 -13.59 18.98
CA GLN D 380 -43.46 -13.61 20.35
C GLN D 380 -42.87 -14.98 20.61
N PRO D 381 -41.59 -15.19 20.33
CA PRO D 381 -41.00 -16.50 20.63
C PRO D 381 -41.14 -16.89 22.08
N GLU D 382 -41.11 -15.91 22.98
CA GLU D 382 -41.23 -16.16 24.42
C GLU D 382 -42.54 -16.86 24.76
N ARG D 383 -43.46 -16.95 23.81
CA ARG D 383 -44.67 -17.73 23.98
C ARG D 383 -44.38 -19.21 24.24
N PHE D 384 -43.19 -19.69 23.88
CA PHE D 384 -42.79 -21.08 24.13
C PHE D 384 -41.75 -21.17 25.24
N GLU D 385 -41.56 -20.09 25.99
CA GLU D 385 -40.57 -20.04 27.07
C GLU D 385 -40.85 -21.11 28.12
N GLU D 386 -41.99 -21.01 28.78
CA GLU D 386 -42.40 -22.02 29.75
C GLU D 386 -43.06 -23.18 28.99
N LEU D 387 -42.46 -24.36 29.08
CA LEU D 387 -42.86 -25.46 28.20
C LEU D 387 -44.21 -26.06 28.61
N ASP D 388 -44.56 -26.00 29.90
CA ASP D 388 -45.84 -26.54 30.36
C ASP D 388 -47.03 -25.67 29.98
N LYS D 389 -46.81 -24.43 29.53
CA LYS D 389 -47.89 -23.53 29.18
C LYS D 389 -48.16 -23.47 27.68
N VAL D 390 -47.81 -24.50 26.94
CA VAL D 390 -48.03 -24.55 25.49
C VAL D 390 -49.34 -25.26 25.23
N PRO D 391 -50.28 -24.64 24.50
CA PRO D 391 -51.53 -25.32 24.15
C PRO D 391 -51.28 -26.44 23.15
N HIS D 392 -50.67 -27.54 23.59
CA HIS D 392 -50.25 -28.59 22.66
C HIS D 392 -51.39 -29.07 21.80
N HIS D 393 -52.60 -29.17 22.36
CA HIS D 393 -53.74 -29.57 21.57
C HIS D 393 -54.02 -28.60 20.44
N ALA D 394 -53.60 -27.35 20.60
CA ALA D 394 -53.84 -26.29 19.62
C ALA D 394 -52.57 -25.91 18.85
N TYR D 395 -51.53 -26.74 18.91
CA TYR D 395 -50.28 -26.51 18.18
C TYR D 395 -49.99 -27.78 17.40
N LYS D 396 -50.24 -27.77 16.09
CA LYS D 396 -50.10 -28.98 15.26
C LYS D 396 -49.33 -28.73 13.96
N PRO D 397 -48.16 -28.10 14.02
CA PRO D 397 -47.40 -27.93 12.78
C PRO D 397 -46.84 -29.25 12.25
N PHE D 398 -46.70 -30.26 13.11
CA PHE D 398 -46.09 -31.54 12.76
C PHE D 398 -47.10 -32.68 12.74
N GLY D 399 -48.36 -32.38 12.47
CA GLY D 399 -49.38 -33.41 12.41
C GLY D 399 -49.84 -33.87 13.79
N ASN D 400 -50.47 -35.04 13.81
CA ASN D 400 -51.05 -35.56 15.04
C ASN D 400 -50.86 -37.07 15.16
N GLY D 401 -50.60 -37.50 16.39
CA GLY D 401 -50.59 -38.89 16.78
C GLY D 401 -49.54 -39.71 16.06
N GLN D 402 -49.93 -40.93 15.65
CA GLN D 402 -48.99 -41.85 15.05
C GLN D 402 -48.62 -41.45 13.64
N ARG D 403 -49.46 -40.68 12.96
CA ARG D 403 -49.17 -40.18 11.62
C ARG D 403 -48.59 -38.77 11.66
N ALA D 404 -48.04 -38.36 12.80
CA ALA D 404 -47.35 -37.08 12.90
C ALA D 404 -46.02 -37.14 12.17
N CYS D 405 -45.39 -35.99 12.01
CA CYS D 405 -44.14 -35.90 11.26
C CYS D 405 -43.05 -36.71 11.94
N ILE D 406 -42.52 -37.70 11.21
CA ILE D 406 -41.38 -38.46 11.70
C ILE D 406 -40.11 -37.62 11.63
N GLY D 407 -40.06 -36.63 10.73
CA GLY D 407 -38.87 -35.83 10.55
C GLY D 407 -38.83 -34.59 11.42
N MET D 408 -39.68 -34.54 12.45
CA MET D 408 -39.73 -33.35 13.29
C MET D 408 -38.37 -33.01 13.89
N GLN D 409 -37.71 -33.97 14.55
CA GLN D 409 -36.41 -33.69 15.12
C GLN D 409 -35.37 -33.37 14.05
N PHE D 410 -35.37 -34.10 12.94
CA PHE D 410 -34.47 -33.77 11.84
C PHE D 410 -34.66 -32.32 11.39
N ALA D 411 -35.92 -31.95 11.11
CA ALA D 411 -36.22 -30.63 10.56
C ALA D 411 -35.85 -29.53 11.54
N LEU D 412 -36.23 -29.67 12.81
CA LEU D 412 -35.96 -28.61 13.77
C LEU D 412 -34.47 -28.52 14.10
N HIS D 413 -33.78 -29.66 14.15
CA HIS D 413 -32.33 -29.62 14.40
C HIS D 413 -31.62 -28.90 13.27
N GLU D 414 -31.88 -29.27 12.02
CA GLU D 414 -31.20 -28.58 10.94
C GLU D 414 -31.60 -27.10 10.89
N ALA D 415 -32.87 -26.78 11.15
CA ALA D 415 -33.28 -25.39 11.09
C ALA D 415 -32.58 -24.56 12.15
N THR D 416 -32.52 -25.07 13.39
CA THR D 416 -31.79 -24.36 14.44
C THR D 416 -30.33 -24.19 14.07
N LEU D 417 -29.70 -25.27 13.60
CA LEU D 417 -28.29 -25.21 13.22
C LEU D 417 -28.04 -24.16 12.15
N VAL D 418 -28.81 -24.20 11.06
CA VAL D 418 -28.60 -23.30 9.94
C VAL D 418 -28.84 -21.86 10.36
N MET D 419 -29.91 -21.62 11.11
CA MET D 419 -30.22 -20.26 11.52
C MET D 419 -29.13 -19.73 12.46
N GLY D 420 -28.67 -20.57 13.38
CA GLY D 420 -27.60 -20.18 14.28
C GLY D 420 -26.33 -19.80 13.52
N MET D 421 -25.96 -20.61 12.53
CA MET D 421 -24.76 -20.28 11.77
C MET D 421 -24.94 -18.99 10.99
N LEU D 422 -26.11 -18.81 10.37
CA LEU D 422 -26.36 -17.61 9.60
C LEU D 422 -26.22 -16.37 10.49
N LEU D 423 -26.77 -16.43 11.71
CA LEU D 423 -26.60 -15.31 12.63
C LEU D 423 -25.16 -15.18 13.12
N GLN D 424 -24.45 -16.31 13.22
CA GLN D 424 -23.03 -16.28 13.60
C GLN D 424 -22.21 -15.47 12.59
N HIS D 425 -22.50 -15.63 11.30
CA HIS D 425 -21.69 -15.00 10.29
C HIS D 425 -22.27 -13.70 9.72
N PHE D 426 -23.57 -13.52 9.68
CA PHE D 426 -24.12 -12.49 8.81
C PHE D 426 -25.06 -11.52 9.50
N GLU D 427 -25.09 -10.31 8.95
CA GLU D 427 -26.14 -9.33 9.18
C GLU D 427 -27.11 -9.39 8.01
N LEU D 428 -28.38 -9.59 8.33
CA LEU D 428 -29.44 -9.71 7.35
C LEU D 428 -30.01 -8.33 7.09
N ILE D 429 -30.11 -7.95 5.82
CA ILE D 429 -30.53 -6.60 5.46
C ILE D 429 -31.79 -6.71 4.62
N ASP D 430 -32.88 -6.10 5.12
CA ASP D 430 -34.14 -6.06 4.32
C ASP D 430 -34.00 -4.91 3.32
N TYR D 431 -33.02 -4.98 2.44
CA TYR D 431 -32.76 -3.88 1.47
C TYR D 431 -34.03 -3.55 0.70
N GLN D 432 -34.96 -4.51 0.57
CA GLN D 432 -36.16 -4.29 -0.27
C GLN D 432 -37.43 -4.26 0.59
N ASN D 433 -37.39 -3.60 1.76
CA ASN D 433 -38.60 -3.46 2.57
C ASN D 433 -39.63 -4.52 2.20
N TYR D 434 -39.28 -5.78 2.45
CA TYR D 434 -40.09 -6.90 1.97
C TYR D 434 -41.49 -6.85 2.58
N GLN D 435 -42.50 -7.06 1.73
CA GLN D 435 -43.89 -7.16 2.15
C GLN D 435 -44.34 -8.60 1.96
N LEU D 436 -44.73 -9.25 3.05
CA LEU D 436 -44.98 -10.68 3.03
C LEU D 436 -46.06 -11.05 2.03
N ASP D 437 -45.78 -12.08 1.22
CA ASP D 437 -46.75 -12.67 0.31
C ASP D 437 -46.65 -14.19 0.45
N VAL D 438 -47.67 -14.80 1.06
CA VAL D 438 -47.67 -16.23 1.32
C VAL D 438 -48.10 -16.93 0.03
N LYS D 439 -47.15 -17.56 -0.65
CA LYS D 439 -47.46 -18.43 -1.76
C LYS D 439 -47.62 -19.86 -1.25
N GLN D 440 -48.52 -20.61 -1.90
CA GLN D 440 -48.82 -21.98 -1.52
C GLN D 440 -48.72 -22.87 -2.75
N THR D 441 -47.86 -23.89 -2.65
CA THR D 441 -47.86 -25.01 -3.60
C THR D 441 -48.49 -26.17 -2.85
N LEU D 442 -47.69 -27.16 -2.43
CA LEU D 442 -48.19 -28.05 -1.39
C LEU D 442 -48.02 -27.42 -0.03
N THR D 443 -47.00 -26.59 0.11
CA THR D 443 -46.64 -25.95 1.36
C THR D 443 -46.69 -24.44 1.19
N LEU D 444 -46.61 -23.75 2.33
CA LEU D 444 -46.58 -22.30 2.35
C LEU D 444 -45.13 -21.81 2.39
N LYS D 445 -44.89 -20.67 1.74
CA LYS D 445 -43.58 -20.03 1.79
C LYS D 445 -43.76 -18.57 1.44
N PRO D 446 -42.85 -17.70 1.89
CA PRO D 446 -42.84 -16.31 1.39
C PRO D 446 -42.34 -16.28 -0.04
N GLY D 447 -43.04 -15.53 -0.89
CA GLY D 447 -42.72 -15.45 -2.31
C GLY D 447 -41.92 -14.20 -2.63
N ASP D 448 -40.92 -14.38 -3.49
CA ASP D 448 -40.08 -13.27 -3.97
C ASP D 448 -39.46 -12.52 -2.79
N PHE D 449 -38.93 -13.31 -1.87
CA PHE D 449 -38.36 -12.82 -0.62
C PHE D 449 -36.85 -12.73 -0.82
N LYS D 450 -36.34 -11.51 -0.98
CA LYS D 450 -34.93 -11.28 -1.21
C LYS D 450 -34.37 -10.32 -0.17
N ILE D 451 -33.14 -10.59 0.26
CA ILE D 451 -32.45 -9.78 1.25
C ILE D 451 -31.03 -9.51 0.74
N ARG D 452 -30.28 -8.77 1.55
CA ARG D 452 -28.86 -8.55 1.31
C ARG D 452 -28.07 -8.96 2.55
N ILE D 453 -26.78 -9.20 2.35
CA ILE D 453 -25.93 -9.80 3.37
C ILE D 453 -24.78 -8.85 3.68
N LEU D 454 -24.40 -8.77 4.96
CA LEU D 454 -23.14 -8.14 5.33
C LEU D 454 -22.41 -9.05 6.31
N PRO D 455 -21.12 -9.30 6.12
CA PRO D 455 -20.37 -10.09 7.10
C PRO D 455 -20.22 -9.31 8.40
N ARG D 456 -19.77 -10.02 9.44
CA ARG D 456 -19.76 -9.47 10.78
C ARG D 456 -18.37 -9.54 11.41
N ILE E 8 83.47 27.36 52.18
CA ILE E 8 82.76 27.51 50.91
C ILE E 8 81.41 28.24 51.12
N PRO E 9 81.27 29.39 50.46
CA PRO E 9 80.23 30.35 50.86
C PRO E 9 78.82 29.79 50.69
N GLN E 10 77.94 30.16 51.62
CA GLN E 10 76.56 29.70 51.59
C GLN E 10 75.67 30.86 52.03
N PRO E 11 74.53 31.08 51.35
CA PRO E 11 73.69 32.25 51.64
C PRO E 11 73.03 32.29 53.01
N LYS E 12 72.36 31.22 53.42
CA LYS E 12 71.63 31.16 54.67
C LYS E 12 71.29 29.72 54.98
N THR E 13 70.37 29.51 55.90
CA THR E 13 69.67 28.23 56.06
C THR E 13 68.50 28.47 56.99
N TYR E 14 67.37 27.83 56.68
CA TYR E 14 66.14 28.00 57.44
C TYR E 14 65.63 26.63 57.87
N GLY E 15 66.35 26.00 58.77
CA GLY E 15 65.95 24.72 59.32
C GLY E 15 65.71 23.68 58.25
N PRO E 16 64.52 23.07 58.26
CA PRO E 16 64.20 22.08 57.24
C PRO E 16 64.18 22.64 55.84
N LEU E 17 63.95 23.94 55.69
CA LEU E 17 63.76 24.54 54.38
C LEU E 17 65.05 24.66 53.59
N GLY E 18 66.19 24.34 54.20
CA GLY E 18 67.47 24.49 53.51
C GLY E 18 67.69 25.93 53.11
N ASN E 19 68.17 26.11 51.88
CA ASN E 19 68.33 27.44 51.29
C ASN E 19 67.19 27.80 50.37
N LEU E 20 66.20 26.91 50.24
CA LEU E 20 65.15 27.11 49.25
C LEU E 20 64.32 28.38 49.44
N PRO E 21 64.12 28.93 50.65
CA PRO E 21 63.39 30.21 50.75
C PRO E 21 64.00 31.38 49.99
N LEU E 22 65.21 31.23 49.42
CA LEU E 22 65.82 32.32 48.66
C LEU E 22 65.72 32.10 47.16
N ILE E 23 65.02 31.06 46.74
CA ILE E 23 64.96 30.68 45.32
C ILE E 23 63.53 30.80 44.84
N ASP E 24 63.37 31.24 43.59
CA ASP E 24 62.13 31.10 42.86
C ASP E 24 62.21 29.80 42.06
N LYS E 25 61.45 28.79 42.50
CA LYS E 25 61.56 27.46 41.89
C LYS E 25 61.32 27.51 40.39
N ASP E 26 60.42 28.40 39.94
CA ASP E 26 60.14 28.54 38.53
C ASP E 26 61.23 29.29 37.78
N LYS E 27 62.14 29.94 38.50
CA LYS E 27 63.22 30.71 37.87
C LYS E 27 64.57 30.36 38.50
N PRO E 28 65.00 29.11 38.37
CA PRO E 28 66.25 28.71 39.07
C PRO E 28 67.47 29.50 38.61
N THR E 29 67.75 29.52 37.30
CA THR E 29 68.95 30.21 36.82
C THR E 29 68.96 31.66 37.26
N LEU E 30 67.87 32.39 37.00
CA LEU E 30 67.83 33.79 37.42
C LEU E 30 68.02 33.90 38.93
N SER E 31 67.39 33.01 39.69
CA SER E 31 67.63 33.00 41.13
C SER E 31 69.11 32.87 41.43
N PHE E 32 69.76 31.90 40.77
CA PHE E 32 71.19 31.71 40.99
C PHE E 32 71.97 32.96 40.63
N ILE E 33 71.54 33.68 39.59
CA ILE E 33 72.22 34.92 39.24
C ILE E 33 72.16 35.89 40.41
N LYS E 34 70.96 36.08 40.99
CA LYS E 34 70.79 37.07 42.05
C LYS E 34 71.71 36.80 43.22
N ILE E 35 71.62 35.62 43.82
CA ILE E 35 72.47 35.38 44.98
C ILE E 35 73.93 35.35 44.55
N ALA E 36 74.22 34.98 43.30
CA ALA E 36 75.60 35.06 42.86
C ALA E 36 76.10 36.49 42.99
N GLU E 37 75.29 37.45 42.55
CA GLU E 37 75.65 38.86 42.69
C GLU E 37 75.90 39.25 44.14
N GLU E 38 75.25 38.56 45.07
CA GLU E 38 75.50 38.83 46.47
C GLU E 38 76.67 38.02 47.02
N TYR E 39 76.92 36.82 46.52
CA TYR E 39 77.86 35.91 47.16
C TYR E 39 79.11 35.55 46.37
N GLY E 40 79.29 36.08 45.17
CA GLY E 40 80.57 36.00 44.51
C GLY E 40 80.74 34.82 43.59
N PRO E 41 81.99 34.48 43.27
CA PRO E 41 82.24 33.56 42.15
C PRO E 41 81.90 32.10 42.42
N ILE E 42 81.74 31.68 43.67
CA ILE E 42 81.27 30.32 43.97
C ILE E 42 80.53 30.34 45.30
N PHE E 43 79.41 29.63 45.33
CA PHE E 43 78.65 29.46 46.56
C PHE E 43 77.88 28.15 46.48
N GLN E 44 77.34 27.71 47.62
CA GLN E 44 76.61 26.45 47.63
C GLN E 44 75.23 26.66 48.23
N ILE E 45 74.26 25.93 47.68
CA ILE E 45 72.86 26.01 48.05
C ILE E 45 72.41 24.63 48.52
N GLN E 46 71.79 24.61 49.69
CA GLN E 46 71.28 23.37 50.27
C GLN E 46 69.78 23.29 49.99
N THR E 47 69.37 22.22 49.32
CA THR E 47 67.96 21.95 49.09
C THR E 47 67.48 20.96 50.16
N LEU E 48 66.27 20.44 50.00
CA LEU E 48 65.77 19.47 50.96
C LEU E 48 66.59 18.17 50.99
N SER E 49 67.24 17.82 49.89
CA SER E 49 67.89 16.51 49.79
C SER E 49 69.40 16.53 49.56
N ASP E 50 69.95 17.55 48.90
CA ASP E 50 71.34 17.48 48.46
C ASP E 50 71.91 18.90 48.46
N THR E 51 73.15 19.05 47.97
CA THR E 51 73.84 20.32 47.93
C THR E 51 74.33 20.61 46.52
N ILE E 52 74.27 21.87 46.12
CA ILE E 52 74.73 22.29 44.80
C ILE E 52 75.81 23.35 44.99
N ILE E 53 76.88 23.24 44.23
CA ILE E 53 77.95 24.24 44.20
C ILE E 53 77.86 24.96 42.88
N VAL E 54 77.62 26.26 42.92
CA VAL E 54 77.46 27.10 41.75
C VAL E 54 78.74 27.92 41.60
N VAL E 55 79.44 27.72 40.49
CA VAL E 55 80.69 28.40 40.19
C VAL E 55 80.43 29.38 39.06
N SER E 56 80.96 30.59 39.20
CA SER E 56 80.74 31.64 38.20
C SER E 56 81.99 32.48 37.90
N GLY E 57 83.03 32.46 38.73
CA GLY E 57 84.25 33.20 38.42
C GLY E 57 85.06 32.43 37.38
N HIS E 58 85.62 33.17 36.42
CA HIS E 58 86.16 32.52 35.22
C HIS E 58 87.34 31.60 35.49
N GLU E 59 88.21 31.93 36.46
CA GLU E 59 89.33 31.02 36.67
C GLU E 59 88.93 29.83 37.54
N LEU E 60 87.98 30.04 38.47
CA LEU E 60 87.33 28.90 39.08
C LEU E 60 86.68 28.00 38.05
N VAL E 61 85.99 28.59 37.07
CA VAL E 61 85.38 27.81 35.99
C VAL E 61 86.46 27.10 35.17
N ALA E 62 87.55 27.81 34.86
CA ALA E 62 88.64 27.21 34.10
C ALA E 62 89.23 26.02 34.85
N GLU E 63 89.34 26.12 36.17
CA GLU E 63 89.86 24.99 36.95
C GLU E 63 88.89 23.84 36.89
N VAL E 64 87.60 24.13 37.06
CA VAL E 64 86.64 23.05 37.05
C VAL E 64 86.48 22.49 35.64
N CYS E 65 86.87 23.24 34.62
CA CYS E 65 86.84 22.79 33.23
C CYS E 65 88.02 21.91 32.85
N ASP E 66 88.90 21.63 33.83
CA ASP E 66 90.06 20.74 33.56
C ASP E 66 89.54 19.31 33.31
N GLU E 67 89.77 18.77 32.11
CA GLU E 67 89.25 17.45 31.79
C GLU E 67 89.92 16.35 32.61
N THR E 68 91.12 16.61 33.12
CA THR E 68 91.86 15.58 33.89
C THR E 68 91.35 15.50 35.33
N ARG E 69 90.62 16.51 35.80
CA ARG E 69 90.12 16.55 37.17
C ARG E 69 88.61 16.50 37.28
N PHE E 70 87.89 16.91 36.24
CA PHE E 70 86.44 17.00 36.30
C PHE E 70 85.84 16.42 35.02
N ASP E 71 84.67 15.84 35.17
CA ASP E 71 83.95 15.23 34.06
C ASP E 71 82.52 15.75 34.06
N LYS E 72 81.80 15.50 32.96
CA LYS E 72 80.42 15.95 32.87
C LYS E 72 79.52 15.14 33.79
N SER E 73 78.61 15.82 34.47
CA SER E 73 77.64 15.17 35.33
C SER E 73 76.25 15.26 34.71
N ILE E 74 75.47 14.18 34.84
CA ILE E 74 74.11 14.14 34.22
C ILE E 74 73.06 14.07 35.33
N GLU E 75 73.41 14.51 36.54
CA GLU E 75 72.45 14.45 37.69
C GLU E 75 71.39 15.53 37.54
N GLY E 76 70.18 15.28 38.06
CA GLY E 76 69.11 16.30 38.03
C GLY E 76 68.51 16.46 36.65
N ALA E 77 68.40 17.71 36.17
CA ALA E 77 67.77 17.98 34.86
C ALA E 77 68.06 16.84 33.87
N LEU E 78 69.34 16.63 33.53
CA LEU E 78 69.67 15.62 32.53
C LEU E 78 69.25 14.22 32.97
N ALA E 79 69.32 13.93 34.26
CA ALA E 79 68.90 12.62 34.73
C ALA E 79 67.41 12.39 34.49
N LYS E 80 66.63 13.47 34.43
CA LYS E 80 65.22 13.35 34.07
C LYS E 80 65.04 13.32 32.56
N VAL E 81 65.84 14.09 31.82
CA VAL E 81 65.75 14.04 30.36
C VAL E 81 66.10 12.63 29.87
N ARG E 82 66.91 11.91 30.65
CA ARG E 82 67.36 10.57 30.26
C ARG E 82 66.21 9.58 30.13
N ALA E 83 65.07 9.86 30.76
CA ALA E 83 63.93 8.95 30.70
C ALA E 83 63.56 8.60 29.27
N PHE E 84 63.66 9.59 28.36
CA PHE E 84 63.42 9.36 26.95
C PHE E 84 64.65 9.58 26.08
N ALA E 85 65.69 10.26 26.58
CA ALA E 85 66.91 10.44 25.81
C ALA E 85 67.90 9.30 25.98
N GLY E 86 67.76 8.50 27.04
CA GLY E 86 68.59 7.30 27.21
C GLY E 86 70.07 7.60 27.25
N ASP E 87 70.85 6.74 26.60
CA ASP E 87 72.30 6.94 26.53
C ASP E 87 72.70 7.54 25.19
N GLY E 88 72.06 8.64 24.82
CA GLY E 88 72.49 9.38 23.66
C GLY E 88 73.57 10.35 24.06
N LEU E 89 74.08 11.10 23.09
CA LEU E 89 75.23 11.94 23.38
C LEU E 89 74.95 12.94 24.49
N PHE E 90 73.70 13.38 24.65
CA PHE E 90 73.36 14.43 25.61
C PHE E 90 73.32 13.90 27.04
N THR E 91 72.75 12.72 27.26
CA THR E 91 72.43 12.25 28.61
C THR E 91 73.26 11.04 29.02
N SER E 92 74.34 10.76 28.31
CA SER E 92 75.19 9.63 28.64
C SER E 92 76.43 10.09 29.39
N GLU E 93 76.87 9.25 30.33
CA GLU E 93 78.14 9.50 31.01
C GLU E 93 79.29 9.18 30.07
N THR E 94 80.40 9.88 30.27
CA THR E 94 81.52 9.76 29.32
C THR E 94 82.05 8.34 29.27
N HIS E 95 82.06 7.64 30.41
CA HIS E 95 82.58 6.28 30.47
C HIS E 95 81.66 5.25 29.83
N GLU E 96 80.44 5.61 29.49
CA GLU E 96 79.55 4.66 28.84
C GLU E 96 80.01 4.41 27.41
N PRO E 97 79.99 3.16 26.96
CA PRO E 97 80.55 2.85 25.62
C PRO E 97 79.88 3.61 24.49
N ASN E 98 78.56 3.70 24.52
CA ASN E 98 77.86 4.35 23.42
C ASN E 98 78.20 5.82 23.32
N TRP E 99 78.70 6.43 24.40
CA TRP E 99 79.05 7.84 24.28
C TRP E 99 80.21 8.04 23.30
N LYS E 100 81.38 7.42 23.56
CA LYS E 100 82.48 7.65 22.62
C LYS E 100 82.21 6.97 21.29
N LYS E 101 81.46 5.86 21.29
CA LYS E 101 81.07 5.25 20.02
C LYS E 101 80.33 6.25 19.14
N ALA E 102 79.20 6.75 19.61
CA ALA E 102 78.41 7.68 18.81
C ALA E 102 79.19 8.98 18.57
N HIS E 103 80.00 9.41 19.53
CA HIS E 103 80.81 10.61 19.34
C HIS E 103 81.73 10.47 18.15
N ASN E 104 82.52 9.38 18.10
CA ASN E 104 83.39 9.14 16.96
C ASN E 104 82.59 9.02 15.68
N ILE E 105 81.42 8.38 15.75
CA ILE E 105 80.63 8.20 14.54
C ILE E 105 80.14 9.54 14.00
N LEU E 106 79.72 10.44 14.88
CA LEU E 106 78.95 11.61 14.48
C LEU E 106 79.73 12.92 14.42
N MET E 107 80.95 12.97 14.94
CA MET E 107 81.69 14.24 14.90
C MET E 107 81.94 14.78 13.50
N PRO E 108 82.46 14.00 12.53
CA PRO E 108 82.69 14.59 11.19
C PRO E 108 81.42 15.10 10.54
N THR E 109 80.28 14.48 10.84
CA THR E 109 78.99 14.91 10.30
C THR E 109 78.59 16.27 10.83
N PHE E 110 79.15 16.72 11.95
CA PHE E 110 78.80 17.99 12.55
C PHE E 110 79.87 19.05 12.33
N SER E 111 80.87 18.76 11.51
CA SER E 111 81.87 19.76 11.19
C SER E 111 81.24 20.89 10.37
N GLN E 112 81.93 22.03 10.32
CA GLN E 112 81.43 23.14 9.51
C GLN E 112 81.38 22.77 8.03
N ARG E 113 82.32 21.94 7.58
CA ARG E 113 82.29 21.50 6.18
C ARG E 113 81.11 20.57 5.93
N ALA E 114 80.83 19.68 6.88
CA ALA E 114 79.67 18.80 6.75
C ALA E 114 78.37 19.58 6.65
N MET E 115 78.34 20.81 7.14
CA MET E 115 77.12 21.61 7.02
C MET E 115 76.76 21.89 5.57
N LYS E 116 77.76 21.84 4.67
CA LYS E 116 77.47 21.90 3.23
C LYS E 116 76.33 20.97 2.86
N ASP E 117 76.29 19.79 3.48
CA ASP E 117 75.30 18.78 3.15
C ASP E 117 73.92 19.11 3.70
N TYR E 118 73.84 19.83 4.82
CA TYR E 118 72.56 20.16 5.43
C TYR E 118 71.99 21.50 4.96
N HIS E 119 72.82 22.32 4.33
CA HIS E 119 72.44 23.68 4.00
C HIS E 119 71.11 23.72 3.26
N ALA E 120 71.00 22.91 2.19
CA ALA E 120 69.78 22.89 1.39
C ALA E 120 68.55 22.65 2.24
N MET E 121 68.58 21.59 3.06
CA MET E 121 67.41 21.30 3.88
C MET E 121 67.11 22.46 4.82
N MET E 122 68.17 23.04 5.40
CA MET E 122 67.96 24.20 6.26
C MET E 122 67.22 25.28 5.50
N VAL E 123 67.69 25.56 4.27
CA VAL E 123 67.07 26.60 3.46
C VAL E 123 65.59 26.28 3.26
N ASP E 124 65.28 24.99 3.04
CA ASP E 124 63.89 24.57 2.89
C ASP E 124 63.05 25.12 4.03
N ILE E 125 63.40 24.74 5.26
CA ILE E 125 62.59 25.15 6.40
C ILE E 125 62.67 26.66 6.55
N ALA E 126 63.85 27.23 6.29
CA ALA E 126 63.99 28.67 6.36
C ALA E 126 63.03 29.34 5.40
N VAL E 127 62.93 28.82 4.18
CA VAL E 127 62.04 29.42 3.20
C VAL E 127 60.62 29.42 3.74
N GLN E 128 60.22 28.32 4.37
CA GLN E 128 58.87 28.25 4.92
C GLN E 128 58.64 29.41 5.87
N LEU E 129 59.56 29.60 6.81
CA LEU E 129 59.42 30.70 7.75
C LEU E 129 59.26 32.02 7.02
N VAL E 130 60.15 32.28 6.06
CA VAL E 130 60.09 33.56 5.36
C VAL E 130 58.74 33.71 4.67
N GLN E 131 58.29 32.64 4.00
CA GLN E 131 57.03 32.75 3.29
C GLN E 131 55.89 33.02 4.26
N LYS E 132 55.91 32.39 5.43
CA LYS E 132 54.87 32.69 6.41
C LYS E 132 54.83 34.19 6.68
N TRP E 133 55.99 34.77 7.02
CA TRP E 133 56.03 36.20 7.33
C TRP E 133 55.68 37.03 6.10
N ALA E 134 55.94 36.50 4.90
CA ALA E 134 55.60 37.26 3.71
C ALA E 134 54.11 37.28 3.47
N ARG E 135 53.40 36.24 3.91
CA ARG E 135 51.99 36.06 3.63
C ARG E 135 51.08 36.55 4.74
N LEU E 136 51.62 37.30 5.69
CA LEU E 136 50.79 37.80 6.78
C LEU E 136 49.96 38.98 6.30
N ASN E 137 48.83 39.19 6.96
CA ASN E 137 47.96 40.31 6.66
C ASN E 137 48.53 41.57 7.30
N PRO E 138 48.02 42.77 6.92
CA PRO E 138 48.69 44.02 7.29
C PRO E 138 49.14 44.20 8.74
N ASN E 139 48.22 44.30 9.69
CA ASN E 139 48.59 44.55 11.08
C ASN E 139 48.83 43.27 11.89
N GLU E 140 49.00 42.13 11.23
CA GLU E 140 49.26 40.90 11.98
C GLU E 140 50.62 40.92 12.66
N ASN E 141 50.66 40.37 13.87
CA ASN E 141 51.85 40.29 14.71
C ASN E 141 52.44 38.89 14.60
N VAL E 142 53.76 38.80 14.80
CA VAL E 142 54.44 37.51 14.86
C VAL E 142 54.94 37.28 16.27
N ASP E 143 54.85 36.02 16.69
CA ASP E 143 55.36 35.54 17.96
C ASP E 143 56.73 34.95 17.69
N VAL E 144 57.78 35.66 18.11
CA VAL E 144 59.14 35.27 17.70
C VAL E 144 59.52 33.89 18.19
N PRO E 145 59.41 33.55 19.49
CA PRO E 145 59.81 32.20 19.90
C PRO E 145 58.97 31.10 19.30
N GLU E 146 57.68 31.33 19.06
CA GLU E 146 56.82 30.27 18.51
C GLU E 146 57.28 29.88 17.10
N ASP E 147 57.49 30.88 16.24
CA ASP E 147 57.93 30.60 14.88
C ASP E 147 59.39 30.12 14.85
N MET E 148 60.25 30.69 15.70
CA MET E 148 61.62 30.19 15.76
C MET E 148 61.65 28.72 16.16
N THR E 149 60.76 28.31 17.07
CA THR E 149 60.70 26.92 17.49
C THR E 149 60.19 26.03 16.37
N ARG E 150 59.17 26.48 15.64
CA ARG E 150 58.73 25.78 14.45
C ARG E 150 59.90 25.54 13.50
N LEU E 151 60.64 26.60 13.22
CA LEU E 151 61.80 26.54 12.33
C LEU E 151 62.84 25.54 12.81
N THR E 152 63.25 25.66 14.07
CA THR E 152 64.37 24.86 14.57
C THR E 152 64.00 23.39 14.62
N LEU E 153 62.79 23.10 15.08
CA LEU E 153 62.34 21.72 15.14
C LEU E 153 62.26 21.10 13.75
N ASP E 154 61.65 21.81 12.79
CA ASP E 154 61.52 21.22 11.47
C ASP E 154 62.89 21.03 10.83
N THR E 155 63.80 21.98 11.04
CA THR E 155 65.14 21.85 10.49
C THR E 155 65.84 20.61 11.03
N ILE E 156 65.79 20.42 12.35
CA ILE E 156 66.44 19.25 12.94
C ILE E 156 65.79 17.97 12.44
N GLY E 157 64.45 17.95 12.37
CA GLY E 157 63.79 16.74 11.89
C GLY E 157 64.20 16.38 10.47
N LEU E 158 64.20 17.36 9.58
CA LEU E 158 64.53 17.11 8.18
C LEU E 158 66.00 16.68 8.02
N CYS E 159 66.92 17.46 8.60
CA CYS E 159 68.34 17.15 8.47
C CYS E 159 68.73 15.86 9.17
N GLY E 160 68.08 15.55 10.29
CA GLY E 160 68.45 14.43 11.12
C GLY E 160 67.86 13.11 10.68
N PHE E 161 66.61 13.11 10.19
CA PHE E 161 66.10 11.83 9.70
C PHE E 161 65.01 12.00 8.65
N ASN E 162 65.09 13.08 7.87
CA ASN E 162 64.25 13.27 6.69
C ASN E 162 62.76 13.18 7.03
N TYR E 163 62.38 13.72 8.18
CA TYR E 163 60.99 13.69 8.63
C TYR E 163 60.48 15.12 8.73
N ARG E 164 59.33 15.37 8.14
CA ARG E 164 58.75 16.72 8.11
C ARG E 164 57.68 16.82 9.19
N PHE E 165 57.98 17.57 10.25
CA PHE E 165 56.99 17.86 11.28
C PHE E 165 55.90 18.79 10.75
N ASN E 166 56.19 19.57 9.72
CA ASN E 166 55.26 20.51 9.11
C ASN E 166 54.66 21.43 10.17
N SER E 167 55.54 22.00 11.00
CA SER E 167 55.11 22.87 12.07
C SER E 167 54.45 24.14 11.55
N PHE E 168 54.82 24.60 10.35
CA PHE E 168 54.19 25.78 9.79
C PHE E 168 52.85 25.47 9.15
N TYR E 169 52.45 24.20 9.10
CA TYR E 169 51.11 23.83 8.66
C TYR E 169 50.15 23.63 9.82
N ARG E 170 50.60 23.89 11.05
CA ARG E 170 49.80 23.71 12.24
C ARG E 170 49.83 24.98 13.09
N GLU E 171 48.88 25.04 14.02
CA GLU E 171 49.01 25.95 15.15
C GLU E 171 48.93 25.24 16.48
N THR E 172 48.42 23.99 16.53
CA THR E 172 48.77 23.11 17.62
C THR E 172 49.99 22.29 17.21
N PRO E 173 51.10 22.40 17.92
CA PRO E 173 52.31 21.66 17.57
C PRO E 173 52.13 20.15 17.56
N HIS E 174 53.02 19.49 16.79
CA HIS E 174 53.02 18.08 16.38
C HIS E 174 52.88 17.12 17.57
N PRO E 175 52.26 15.95 17.36
CA PRO E 175 52.14 14.96 18.45
C PRO E 175 53.45 14.56 19.12
N PHE E 176 54.54 14.45 18.36
CA PHE E 176 55.82 14.11 18.96
C PHE E 176 56.26 15.17 19.96
N ILE E 177 56.11 16.44 19.60
CA ILE E 177 56.65 17.47 20.46
C ILE E 177 55.70 17.83 21.59
N THR E 178 54.40 17.56 21.43
CA THR E 178 53.55 17.58 22.61
C THR E 178 53.97 16.49 23.58
N SER E 179 54.26 15.29 23.08
CA SER E 179 54.78 14.24 23.96
C SER E 179 56.06 14.69 24.64
N MET E 180 56.94 15.36 23.90
CA MET E 180 58.25 15.75 24.44
C MET E 180 58.11 16.85 25.50
N THR E 181 57.37 17.92 25.18
CA THR E 181 57.11 18.97 26.17
C THR E 181 56.43 18.41 27.41
N ARG E 182 55.61 17.36 27.25
CA ARG E 182 55.03 16.73 28.43
C ARG E 182 56.08 15.96 29.21
N ALA E 183 57.01 15.32 28.50
CA ALA E 183 58.04 14.53 29.16
C ALA E 183 58.97 15.41 29.98
N LEU E 184 59.40 16.54 29.42
CA LEU E 184 60.27 17.44 30.15
C LEU E 184 59.58 18.00 31.39
N ASP E 185 58.43 18.64 31.21
CA ASP E 185 57.69 19.22 32.31
C ASP E 185 56.98 18.11 33.10
N GLN E 209 54.71 8.22 30.75
CA GLN E 209 55.41 7.22 29.96
C GLN E 209 54.71 6.95 28.63
N HIS E 210 53.39 7.12 28.62
CA HIS E 210 52.61 6.97 27.38
C HIS E 210 53.22 7.79 26.26
N ASP E 211 53.55 9.04 26.54
CA ASP E 211 54.15 9.91 25.53
C ASP E 211 55.55 9.45 25.15
N ILE E 212 56.34 8.99 26.13
CA ILE E 212 57.67 8.47 25.82
C ILE E 212 57.57 7.25 24.91
N GLN E 213 56.57 6.39 25.15
CA GLN E 213 56.37 5.21 24.31
C GLN E 213 55.97 5.60 22.89
N SER E 214 55.10 6.61 22.74
CA SER E 214 54.75 7.04 21.39
C SER E 214 55.94 7.65 20.67
N MET E 215 56.80 8.40 21.40
CA MET E 215 58.01 8.94 20.79
C MET E 215 58.93 7.82 20.32
N PHE E 216 59.17 6.83 21.19
CA PHE E 216 60.03 5.70 20.83
C PHE E 216 59.45 4.96 19.64
N SER E 217 58.13 4.88 19.57
CA SER E 217 57.50 4.15 18.47
C SER E 217 57.72 4.86 17.14
N LEU E 218 57.45 6.17 17.08
CA LEU E 218 57.68 6.89 15.84
C LEU E 218 59.13 6.78 15.37
N VAL E 219 60.07 6.98 16.30
CA VAL E 219 61.48 6.93 15.92
C VAL E 219 61.88 5.51 15.49
N ASP E 220 61.45 4.49 16.25
CA ASP E 220 61.82 3.12 15.91
C ASP E 220 61.21 2.71 14.57
N ASN E 221 59.98 3.13 14.29
CA ASN E 221 59.38 2.82 13.01
C ASN E 221 60.15 3.48 11.88
N ILE E 222 60.62 4.72 12.08
CA ILE E 222 61.40 5.36 11.03
C ILE E 222 62.72 4.62 10.80
N ILE E 223 63.36 4.17 11.88
CA ILE E 223 64.63 3.45 11.71
C ILE E 223 64.39 2.12 11.00
N ALA E 224 63.32 1.40 11.36
CA ALA E 224 63.07 0.10 10.73
C ALA E 224 62.67 0.27 9.27
N GLU E 225 61.89 1.31 8.95
CA GLU E 225 61.59 1.61 7.56
C GLU E 225 62.85 1.89 6.77
N ARG E 226 63.77 2.69 7.35
CA ARG E 226 64.99 3.02 6.63
C ARG E 226 65.81 1.78 6.30
N LYS E 227 65.77 0.76 7.15
CA LYS E 227 66.46 -0.50 6.89
C LYS E 227 65.70 -1.40 5.91
N SER E 228 64.78 -0.82 5.12
CA SER E 228 64.10 -1.53 4.05
C SER E 228 64.28 -0.87 2.68
N SER E 229 64.45 0.45 2.63
CA SER E 229 64.69 1.17 1.38
C SER E 229 65.97 1.99 1.52
N GLY E 230 66.74 2.07 0.45
CA GLY E 230 67.99 2.81 0.44
C GLY E 230 67.90 4.25 0.92
N ASN E 235 70.42 10.23 3.00
CA ASN E 235 71.79 10.74 3.09
C ASN E 235 71.92 11.76 4.22
N ASP E 236 71.51 11.38 5.43
CA ASP E 236 71.41 12.31 6.54
C ASP E 236 72.05 11.75 7.82
N LEU E 237 71.55 12.18 8.98
CA LEU E 237 72.08 11.70 10.25
C LEU E 237 71.73 10.23 10.49
N LEU E 238 70.50 9.85 10.14
CA LEU E 238 70.11 8.46 10.32
C LEU E 238 70.92 7.55 9.40
N SER E 239 71.14 7.98 8.16
CA SER E 239 71.99 7.19 7.26
C SER E 239 73.42 7.11 7.79
N ARG E 240 73.89 8.21 8.39
CA ARG E 240 75.23 8.20 8.98
C ARG E 240 75.34 7.16 10.09
N MET E 241 74.34 7.08 10.97
CA MET E 241 74.36 6.09 12.05
C MET E 241 74.11 4.68 11.56
N LEU E 242 73.36 4.52 10.48
CA LEU E 242 73.12 3.19 9.93
C LEU E 242 74.33 2.67 9.15
N ASN E 243 75.17 3.55 8.62
CA ASN E 243 76.23 3.15 7.70
C ASN E 243 77.63 3.24 8.31
N VAL E 244 77.96 4.36 8.95
CA VAL E 244 79.33 4.55 9.43
C VAL E 244 79.51 3.82 10.76
N PRO E 245 80.52 2.97 10.89
CA PRO E 245 80.82 2.35 12.19
C PRO E 245 81.85 3.14 12.98
N ASP E 246 81.94 2.82 14.26
CA ASP E 246 82.93 3.44 15.12
C ASP E 246 84.31 2.95 14.70
N PRO E 247 85.20 3.82 14.22
CA PRO E 247 86.53 3.34 13.83
C PRO E 247 87.29 2.70 14.98
N GLU E 248 87.12 3.24 16.20
CA GLU E 248 87.89 2.75 17.33
C GLU E 248 87.53 1.31 17.67
N THR E 249 86.25 1.02 17.85
CA THR E 249 85.83 -0.30 18.27
C THR E 249 85.43 -1.19 17.10
N GLY E 250 85.02 -0.60 15.98
CA GLY E 250 84.57 -1.36 14.82
C GLY E 250 83.09 -1.66 14.78
N GLU E 251 82.30 -1.08 15.67
CA GLU E 251 80.88 -1.42 15.81
C GLU E 251 80.01 -0.25 15.37
N LYS E 252 78.92 -0.57 14.66
CA LYS E 252 77.89 0.41 14.41
C LYS E 252 77.02 0.60 15.66
N LEU E 253 76.30 1.72 15.70
CA LEU E 253 75.34 1.93 16.77
C LEU E 253 74.15 0.98 16.60
N ASP E 254 73.76 0.30 17.67
CA ASP E 254 72.56 -0.51 17.65
C ASP E 254 71.32 0.37 17.42
N ASP E 255 70.18 -0.27 17.11
CA ASP E 255 68.99 0.49 16.74
C ASP E 255 68.45 1.29 17.93
N GLU E 256 68.47 0.71 19.14
CA GLU E 256 67.95 1.41 20.31
C GLU E 256 68.68 2.74 20.51
N ASN E 257 70.01 2.70 20.44
CA ASN E 257 70.77 3.92 20.64
C ASN E 257 70.59 4.89 19.47
N ILE E 258 70.39 4.40 18.24
CA ILE E 258 70.10 5.31 17.14
C ILE E 258 68.82 6.08 17.42
N ARG E 259 67.79 5.39 17.92
CA ARG E 259 66.57 6.05 18.35
C ARG E 259 66.84 7.12 19.41
N PHE E 260 67.59 6.73 20.45
CA PHE E 260 67.95 7.68 21.50
C PHE E 260 68.67 8.89 20.93
N GLN E 261 69.56 8.67 19.95
CA GLN E 261 70.30 9.78 19.35
C GLN E 261 69.37 10.73 18.61
N ILE E 262 68.39 10.18 17.88
CA ILE E 262 67.48 11.04 17.13
C ILE E 262 66.66 11.90 18.09
N ILE E 263 66.10 11.27 19.13
CA ILE E 263 65.36 12.02 20.15
C ILE E 263 66.28 13.06 20.78
N THR E 264 67.53 12.67 21.01
CA THR E 264 68.53 13.54 21.62
C THR E 264 68.78 14.77 20.76
N PHE E 265 68.89 14.59 19.45
CA PHE E 265 69.12 15.75 18.57
C PHE E 265 67.96 16.71 18.68
N LEU E 266 66.73 16.18 18.61
CA LEU E 266 65.55 17.04 18.73
C LEU E 266 65.60 17.87 20.01
N ILE E 267 65.75 17.20 21.16
CA ILE E 267 65.65 17.91 22.44
C ILE E 267 66.82 18.86 22.64
N ALA E 268 68.05 18.38 22.38
CA ALA E 268 69.23 19.20 22.63
C ALA E 268 69.32 20.39 21.67
N GLY E 269 68.78 20.26 20.47
CA GLY E 269 68.90 21.30 19.48
C GLY E 269 67.81 22.35 19.43
N HIS E 270 66.54 21.92 19.38
CA HIS E 270 65.51 22.83 18.87
C HIS E 270 65.30 24.02 19.81
N GLU E 271 65.15 23.76 21.11
CA GLU E 271 64.80 24.82 22.05
C GLU E 271 65.96 25.82 22.22
N THR E 272 67.18 25.31 22.34
CA THR E 272 68.35 26.19 22.47
C THR E 272 68.50 27.08 21.24
N THR E 273 68.38 26.50 20.05
CA THR E 273 68.65 27.30 18.86
C THR E 273 67.53 28.32 18.62
N SER E 274 66.27 27.96 18.91
CA SER E 274 65.20 28.93 18.79
C SER E 274 65.36 30.05 19.81
N GLY E 275 65.81 29.72 21.02
CA GLY E 275 66.11 30.77 21.98
C GLY E 275 67.19 31.70 21.48
N LEU E 276 68.24 31.15 20.87
CA LEU E 276 69.29 32.00 20.30
C LEU E 276 68.71 32.94 19.26
N LEU E 277 67.92 32.41 18.32
CA LEU E 277 67.32 33.26 17.29
C LEU E 277 66.47 34.38 17.90
N SER E 278 65.65 34.04 18.90
CA SER E 278 64.77 35.05 19.51
C SER E 278 65.58 36.12 20.24
N PHE E 279 66.62 35.72 20.96
CA PHE E 279 67.46 36.71 21.65
C PHE E 279 68.20 37.60 20.66
N ALA E 280 68.67 37.03 19.54
CA ALA E 280 69.35 37.86 18.56
C ALA E 280 68.39 38.87 17.94
N ILE E 281 67.18 38.44 17.59
CA ILE E 281 66.18 39.35 17.06
C ILE E 281 65.88 40.44 18.08
N TYR E 282 65.79 40.07 19.36
CA TYR E 282 65.56 41.04 20.41
C TYR E 282 66.66 42.10 20.42
N PHE E 283 67.92 41.65 20.46
CA PHE E 283 69.04 42.57 20.58
C PHE E 283 69.13 43.50 19.37
N LEU E 284 68.90 42.95 18.16
CA LEU E 284 68.93 43.81 16.98
C LEU E 284 67.80 44.84 17.02
N LEU E 285 66.62 44.47 17.55
CA LEU E 285 65.57 45.48 17.67
C LEU E 285 65.91 46.53 18.72
N LYS E 286 66.70 46.18 19.73
CA LYS E 286 66.99 47.12 20.81
C LYS E 286 68.30 47.89 20.61
N ASN E 287 69.12 47.53 19.63
CA ASN E 287 70.39 48.21 19.38
C ASN E 287 70.46 48.57 17.90
N PRO E 288 69.91 49.72 17.51
CA PRO E 288 69.79 50.05 16.08
C PRO E 288 71.10 50.15 15.32
N ASP E 289 72.19 50.61 15.94
CA ASP E 289 73.45 50.71 15.20
C ASP E 289 73.91 49.34 14.71
N LYS E 290 73.90 48.35 15.61
CA LYS E 290 74.29 47.01 15.20
C LYS E 290 73.32 46.45 14.17
N LEU E 291 72.04 46.80 14.26
CA LEU E 291 71.10 46.36 13.24
C LEU E 291 71.44 46.96 11.88
N LYS E 292 71.88 48.23 11.85
CA LYS E 292 72.24 48.82 10.57
C LYS E 292 73.48 48.16 9.99
N LYS E 293 74.44 47.82 10.85
CA LYS E 293 75.62 47.10 10.34
C LYS E 293 75.23 45.72 9.83
N ALA E 294 74.29 45.05 10.52
CA ALA E 294 73.83 43.75 10.05
C ALA E 294 73.13 43.87 8.70
N TYR E 295 72.26 44.88 8.55
CA TYR E 295 71.60 45.12 7.27
C TYR E 295 72.61 45.39 6.17
N GLU E 296 73.60 46.24 6.43
CA GLU E 296 74.59 46.55 5.41
C GLU E 296 75.34 45.30 4.98
N GLU E 297 75.76 44.47 5.94
CA GLU E 297 76.46 43.24 5.60
C GLU E 297 75.56 42.32 4.77
N VAL E 298 74.31 42.16 5.20
CA VAL E 298 73.40 41.22 4.55
C VAL E 298 73.12 41.67 3.11
N ASP E 299 72.84 42.96 2.94
CA ASP E 299 72.60 43.50 1.60
C ASP E 299 73.82 43.31 0.72
N ARG E 300 75.02 43.48 1.29
CA ARG E 300 76.24 43.30 0.52
C ARG E 300 76.39 41.85 0.06
N VAL E 301 76.09 40.90 0.94
CA VAL E 301 76.39 39.49 0.66
C VAL E 301 75.22 38.78 0.00
N LEU E 302 74.00 38.99 0.49
CA LEU E 302 72.86 38.20 0.02
C LEU E 302 72.33 38.82 -1.26
N THR E 303 72.76 38.26 -2.39
CA THR E 303 72.43 38.80 -3.70
C THR E 303 71.36 38.00 -4.41
N ASP E 304 71.27 36.73 -4.11
CA ASP E 304 70.40 35.77 -4.77
C ASP E 304 69.13 35.55 -3.97
N PRO E 305 68.12 34.90 -4.56
CA PRO E 305 66.87 34.68 -3.80
C PRO E 305 67.08 33.81 -2.57
N THR E 306 67.86 32.74 -2.70
CA THR E 306 68.19 31.88 -1.60
C THR E 306 69.68 31.94 -1.32
N PRO E 307 70.10 32.05 -0.07
CA PRO E 307 71.53 32.10 0.23
C PRO E 307 72.21 30.78 -0.07
N THR E 308 73.48 30.88 -0.44
CA THR E 308 74.34 29.72 -0.60
C THR E 308 75.21 29.55 0.63
N TYR E 309 75.70 28.32 0.81
CA TYR E 309 76.58 28.01 1.93
C TYR E 309 77.74 29.00 2.01
N GLN E 310 78.33 29.30 0.86
CA GLN E 310 79.35 30.33 0.76
C GLN E 310 78.87 31.65 1.36
N GLN E 311 77.72 32.13 0.90
CA GLN E 311 77.21 33.41 1.38
C GLN E 311 76.96 33.39 2.88
N VAL E 312 76.49 32.26 3.41
CA VAL E 312 76.24 32.20 4.85
C VAL E 312 77.54 32.32 5.63
N MET E 313 78.60 31.62 5.19
CA MET E 313 79.87 31.84 5.86
C MET E 313 80.41 33.24 5.64
N LYS E 314 79.97 33.94 4.59
CA LYS E 314 80.43 35.32 4.40
C LYS E 314 79.78 36.31 5.37
N LEU E 315 78.77 35.89 6.14
CA LEU E 315 78.09 36.79 7.07
C LEU E 315 78.80 36.77 8.43
N LYS E 316 79.99 37.40 8.44
CA LYS E 316 80.81 37.40 9.65
C LYS E 316 80.17 38.20 10.77
N TYR E 317 79.63 39.38 10.45
CA TYR E 317 79.05 40.23 11.49
C TYR E 317 77.82 39.59 12.10
N MET E 318 77.03 38.87 11.29
CA MET E 318 75.87 38.18 11.83
C MET E 318 76.28 37.11 12.84
N ARG E 319 77.34 36.36 12.53
CA ARG E 319 77.84 35.38 13.48
C ARG E 319 78.39 36.04 14.74
N MET E 320 78.97 37.24 14.62
CA MET E 320 79.40 37.94 15.83
C MET E 320 78.19 38.39 16.65
N ILE E 321 77.11 38.79 15.98
CA ILE E 321 75.87 39.10 16.68
C ILE E 321 75.39 37.87 17.43
N LEU E 322 75.43 36.70 16.80
CA LEU E 322 75.00 35.47 17.46
C LEU E 322 75.90 35.16 18.65
N ASN E 323 77.21 35.33 18.50
CA ASN E 323 78.14 35.06 19.59
C ASN E 323 77.85 35.96 20.79
N GLU E 324 77.62 37.25 20.53
CA GLU E 324 77.34 38.19 21.61
C GLU E 324 75.98 37.91 22.26
N SER E 325 74.97 37.54 21.45
CA SER E 325 73.67 37.16 22.00
C SER E 325 73.79 35.94 22.91
N LEU E 326 74.58 34.95 22.50
CA LEU E 326 74.81 33.80 23.35
C LEU E 326 75.58 34.19 24.60
N ARG E 327 76.44 35.21 24.50
CA ARG E 327 77.15 35.68 25.69
C ARG E 327 76.17 36.24 26.71
N LEU E 328 75.32 37.17 26.29
CA LEU E 328 74.42 37.84 27.24
C LEU E 328 73.41 36.87 27.85
N TRP E 329 72.74 36.06 27.02
CA TRP E 329 71.74 35.11 27.47
C TRP E 329 72.01 33.73 26.88
N PRO E 330 72.89 32.95 27.49
CA PRO E 330 73.11 31.58 27.01
C PRO E 330 71.85 30.75 27.14
N THR E 331 71.28 30.34 26.01
CA THR E 331 70.01 29.63 26.04
C THR E 331 70.14 28.32 26.81
N ALA E 332 71.28 27.65 26.71
CA ALA E 332 71.60 26.59 27.65
C ALA E 332 72.43 27.22 28.76
N PRO E 333 71.82 27.55 29.90
CA PRO E 333 72.47 28.45 30.87
C PRO E 333 73.40 27.77 31.88
N ALA E 334 73.46 26.45 31.93
CA ALA E 334 74.29 25.77 32.91
C ALA E 334 74.72 24.42 32.39
N PHE E 335 75.85 23.92 32.92
CA PHE E 335 76.20 22.52 32.79
C PHE E 335 76.86 22.08 34.09
N SER E 336 76.77 20.78 34.37
CA SER E 336 77.20 20.22 35.64
C SER E 336 78.43 19.35 35.48
N LEU E 337 79.23 19.32 36.54
CA LEU E 337 80.52 18.66 36.54
C LEU E 337 80.65 17.87 37.84
N TYR E 338 81.50 16.85 37.81
CA TYR E 338 81.85 16.10 39.00
C TYR E 338 83.35 15.89 39.03
N ALA E 339 83.90 15.84 40.24
CA ALA E 339 85.32 15.66 40.45
C ALA E 339 85.68 14.18 40.37
N LYS E 340 86.64 13.84 39.51
CA LYS E 340 87.08 12.45 39.42
C LYS E 340 87.86 12.03 40.65
N GLU E 341 88.57 12.97 41.30
CA GLU E 341 89.29 12.69 42.53
C GLU E 341 89.15 13.88 43.47
N ASP E 342 89.26 13.63 44.78
CA ASP E 342 89.14 14.70 45.77
C ASP E 342 90.15 15.80 45.45
N THR E 343 89.69 17.05 45.47
CA THR E 343 90.61 18.12 45.12
C THR E 343 90.14 19.42 45.78
N VAL E 344 90.91 20.47 45.55
CA VAL E 344 90.62 21.82 46.02
C VAL E 344 90.69 22.73 44.81
N ILE E 345 89.78 23.70 44.74
CA ILE E 345 89.76 24.63 43.62
C ILE E 345 89.96 26.04 44.18
N GLY E 346 90.59 26.87 43.36
CA GLY E 346 90.98 28.21 43.77
C GLY E 346 92.02 28.18 44.87
N GLY E 347 92.58 26.99 45.12
CA GLY E 347 93.50 26.78 46.21
C GLY E 347 92.89 26.75 47.58
N LYS E 348 91.57 26.88 47.69
CA LYS E 348 90.89 27.11 48.96
C LYS E 348 89.72 26.17 49.19
N TYR E 349 88.94 25.87 48.15
CA TYR E 349 87.62 25.27 48.32
C TYR E 349 87.67 23.77 48.09
N PRO E 350 87.27 22.95 49.06
CA PRO E 350 87.37 21.50 48.89
C PRO E 350 86.15 20.92 48.18
N ILE E 351 86.42 19.96 47.30
CA ILE E 351 85.39 19.24 46.56
C ILE E 351 85.67 17.76 46.70
N LYS E 352 84.68 17.01 47.19
CA LYS E 352 84.75 15.58 47.37
C LYS E 352 84.80 14.86 46.02
N LYS E 353 85.03 13.55 46.06
CA LYS E 353 85.21 12.76 44.85
C LYS E 353 83.83 12.43 44.27
N GLY E 354 83.46 13.11 43.19
CA GLY E 354 82.27 12.80 42.43
C GLY E 354 80.95 12.84 43.19
N GLU E 355 81.03 13.17 44.48
CA GLU E 355 79.84 13.29 45.31
C GLU E 355 79.25 14.69 45.28
N ASP E 356 80.02 15.68 44.84
CA ASP E 356 79.56 17.06 44.74
C ASP E 356 79.26 17.39 43.28
N ARG E 357 78.02 17.84 43.03
CA ARG E 357 77.57 18.23 41.70
C ARG E 357 77.79 19.74 41.52
N ILE E 358 78.72 20.11 40.66
CA ILE E 358 79.11 21.50 40.46
C ILE E 358 78.36 22.05 39.25
N SER E 359 77.62 23.13 39.42
CA SER E 359 76.87 23.74 38.33
C SER E 359 77.57 25.03 37.93
N VAL E 360 77.84 25.19 36.64
CA VAL E 360 78.45 26.42 36.13
C VAL E 360 77.35 27.38 35.72
N LEU E 361 77.38 28.59 36.26
CA LEU E 361 76.34 29.58 35.98
C LEU E 361 76.81 30.41 34.79
N ILE E 362 76.51 29.92 33.59
CA ILE E 362 77.12 30.48 32.38
C ILE E 362 76.84 31.96 32.21
N PRO E 363 75.65 32.49 32.53
CA PRO E 363 75.46 33.95 32.38
C PRO E 363 76.39 34.78 33.26
N GLN E 364 76.53 34.40 34.52
CA GLN E 364 77.44 35.14 35.41
C GLN E 364 78.88 35.03 34.94
N LEU E 365 79.28 33.83 34.51
CA LEU E 365 80.60 33.66 33.91
C LEU E 365 80.80 34.63 32.75
N HIS E 366 79.80 34.70 31.86
CA HIS E 366 79.85 35.62 30.73
C HIS E 366 79.82 37.08 31.14
N ARG E 367 79.50 37.38 32.39
CA ARG E 367 79.57 38.75 32.88
C ARG E 367 80.74 39.01 33.83
N ASP E 368 81.74 38.12 33.83
CA ASP E 368 82.89 38.31 34.70
C ASP E 368 83.73 39.45 34.14
N LYS E 369 83.79 40.56 34.89
CA LYS E 369 84.47 41.76 34.41
C LYS E 369 85.98 41.57 34.31
N ASP E 370 86.56 40.72 35.17
CA ASP E 370 88.01 40.48 35.11
C ASP E 370 88.42 39.89 33.77
N ALA E 371 87.53 39.12 33.13
CA ALA E 371 87.82 38.50 31.84
C ALA E 371 87.28 39.30 30.66
N TRP E 372 86.14 39.94 30.81
CA TRP E 372 85.45 40.52 29.66
C TRP E 372 85.61 42.03 29.54
N GLY E 373 86.01 42.71 30.59
CA GLY E 373 86.03 44.16 30.57
C GLY E 373 84.93 44.76 31.42
N ASP E 374 84.73 46.05 31.25
CA ASP E 374 83.84 46.81 32.10
C ASP E 374 82.40 46.82 31.59
N ASN E 375 82.21 47.04 30.29
CA ASN E 375 80.87 47.14 29.74
C ASN E 375 80.32 45.75 29.38
N VAL E 376 80.27 44.89 30.40
CA VAL E 376 79.78 43.53 30.21
C VAL E 376 78.29 43.52 29.86
N GLU E 377 77.52 44.50 30.35
CA GLU E 377 76.09 44.47 30.09
C GLU E 377 75.72 45.02 28.72
N GLU E 378 76.63 45.68 28.02
CA GLU E 378 76.33 46.18 26.69
C GLU E 378 76.37 45.08 25.64
N PHE E 379 75.52 45.25 24.62
CA PHE E 379 75.49 44.35 23.47
C PHE E 379 76.44 44.92 22.42
N GLN E 380 77.61 44.31 22.30
CA GLN E 380 78.64 44.75 21.36
C GLN E 380 79.17 43.55 20.60
N PRO E 381 78.59 43.23 19.44
CA PRO E 381 79.14 42.13 18.65
C PRO E 381 80.61 42.31 18.35
N GLU E 382 81.08 43.56 18.22
CA GLU E 382 82.48 43.84 17.97
C GLU E 382 83.38 43.34 19.08
N ARG E 383 82.81 42.95 20.23
CA ARG E 383 83.55 42.23 21.26
C ARG E 383 84.25 40.99 20.71
N PHE E 384 83.74 40.44 19.60
CA PHE E 384 84.31 39.27 18.94
C PHE E 384 85.05 39.63 17.65
N GLU E 385 85.34 40.92 17.42
CA GLU E 385 86.01 41.34 16.19
C GLU E 385 87.38 40.69 16.07
N GLU E 386 88.15 40.65 17.16
CA GLU E 386 89.50 40.10 17.17
C GLU E 386 89.45 38.75 17.88
N LEU E 387 89.69 37.68 17.13
CA LEU E 387 89.40 36.34 17.62
C LEU E 387 90.17 36.02 18.90
N ASP E 388 91.43 36.41 18.99
CA ASP E 388 92.25 35.94 20.10
C ASP E 388 92.19 36.83 21.33
N LYS E 389 91.57 38.01 21.25
CA LYS E 389 91.23 38.75 22.47
C LYS E 389 89.76 38.57 22.82
N VAL E 390 89.32 37.31 22.85
CA VAL E 390 88.10 36.90 23.55
C VAL E 390 88.49 35.84 24.55
N PRO E 391 88.12 35.96 25.82
CA PRO E 391 88.49 34.93 26.80
C PRO E 391 87.81 33.59 26.55
N HIS E 392 88.50 32.71 25.81
CA HIS E 392 87.98 31.37 25.54
C HIS E 392 87.60 30.65 26.84
N HIS E 393 88.35 30.90 27.91
CA HIS E 393 88.09 30.29 29.20
C HIS E 393 86.77 30.77 29.81
N ALA E 394 86.38 32.01 29.49
CA ALA E 394 85.24 32.67 30.11
C ALA E 394 84.01 32.73 29.19
N TYR E 395 84.01 31.99 28.09
CA TYR E 395 82.90 31.96 27.15
C TYR E 395 82.54 30.50 26.90
N LYS E 396 81.48 30.01 27.55
CA LYS E 396 81.10 28.59 27.48
C LYS E 396 79.62 28.38 27.15
N PRO E 397 79.12 28.99 26.07
CA PRO E 397 77.70 28.77 25.72
C PRO E 397 77.41 27.35 25.27
N PHE E 398 78.42 26.63 24.80
CA PHE E 398 78.26 25.30 24.21
C PHE E 398 78.91 24.21 25.04
N GLY E 399 79.01 24.41 26.36
CA GLY E 399 79.66 23.42 27.19
C GLY E 399 81.16 23.52 27.05
N ASN E 400 81.85 22.46 27.44
CA ASN E 400 83.30 22.53 27.47
C ASN E 400 83.95 21.23 27.00
N GLY E 401 85.04 21.38 26.24
CA GLY E 401 85.90 20.25 25.92
C GLY E 401 85.23 19.15 25.12
N GLN E 402 85.43 17.91 25.58
CA GLN E 402 84.97 16.76 24.82
C GLN E 402 83.45 16.62 24.91
N ARG E 403 82.85 17.08 25.99
CA ARG E 403 81.40 17.04 26.17
C ARG E 403 80.74 18.35 25.75
N ALA E 404 81.41 19.12 24.92
CA ALA E 404 80.81 20.33 24.39
C ALA E 404 79.72 19.97 23.38
N CYS E 405 79.00 20.99 22.96
CA CYS E 405 77.90 20.81 22.02
C CYS E 405 78.39 20.28 20.69
N ILE E 406 77.91 19.10 20.29
CA ILE E 406 78.23 18.62 18.96
C ILE E 406 77.53 19.42 17.87
N GLY E 407 76.36 19.97 18.19
CA GLY E 407 75.57 20.70 17.21
C GLY E 407 75.92 22.17 17.14
N MET E 408 77.09 22.53 17.68
CA MET E 408 77.51 23.93 17.71
C MET E 408 77.49 24.55 16.31
N GLN E 409 78.19 23.93 15.36
CA GLN E 409 78.24 24.47 14.00
C GLN E 409 76.88 24.36 13.32
N PHE E 410 76.16 23.27 13.57
CA PHE E 410 74.80 23.15 13.04
C PHE E 410 73.96 24.35 13.48
N ALA E 411 73.95 24.62 14.78
CA ALA E 411 73.13 25.70 15.33
C ALA E 411 73.56 27.05 14.79
N LEU E 412 74.89 27.30 14.75
CA LEU E 412 75.37 28.63 14.34
C LEU E 412 75.19 28.87 12.84
N HIS E 413 75.37 27.83 12.02
CA HIS E 413 75.08 27.94 10.60
C HIS E 413 73.60 28.21 10.37
N GLU E 414 72.74 27.42 11.02
CA GLU E 414 71.31 27.60 10.84
C GLU E 414 70.87 28.99 11.28
N ALA E 415 71.38 29.44 12.43
CA ALA E 415 70.98 30.76 12.93
C ALA E 415 71.47 31.87 12.01
N THR E 416 72.71 31.78 11.52
CA THR E 416 73.20 32.78 10.57
C THR E 416 72.33 32.80 9.32
N LEU E 417 72.04 31.62 8.75
CA LEU E 417 71.20 31.54 7.56
C LEU E 417 69.85 32.20 7.80
N VAL E 418 69.16 31.82 8.87
CA VAL E 418 67.82 32.34 9.11
C VAL E 418 67.86 33.83 9.36
N MET E 419 68.83 34.31 10.16
CA MET E 419 68.86 35.74 10.45
C MET E 419 69.18 36.54 9.19
N GLY E 420 70.13 36.04 8.38
CA GLY E 420 70.41 36.71 7.12
C GLY E 420 69.18 36.80 6.23
N MET E 421 68.42 35.71 6.12
CA MET E 421 67.23 35.74 5.28
C MET E 421 66.17 36.68 5.84
N LEU E 422 65.97 36.68 7.16
CA LEU E 422 64.98 37.57 7.77
C LEU E 422 65.33 39.03 7.50
N LEU E 423 66.59 39.41 7.71
CA LEU E 423 66.97 40.79 7.41
C LEU E 423 66.98 41.06 5.92
N GLN E 424 67.21 40.04 5.10
CA GLN E 424 67.13 40.22 3.65
C GLN E 424 65.74 40.63 3.22
N HIS E 425 64.71 40.01 3.79
CA HIS E 425 63.34 40.24 3.34
C HIS E 425 62.57 41.25 4.17
N PHE E 426 62.86 41.42 5.45
CA PHE E 426 61.90 42.08 6.32
C PHE E 426 62.50 43.26 7.10
N GLU E 427 61.62 44.21 7.35
CA GLU E 427 61.83 45.27 8.33
C GLU E 427 61.15 44.84 9.62
N LEU E 428 61.92 44.80 10.70
CA LEU E 428 61.44 44.33 11.98
C LEU E 428 60.95 45.51 12.80
N ILE E 429 59.73 45.43 13.32
CA ILE E 429 59.13 46.55 14.03
C ILE E 429 58.79 46.13 15.45
N ASP E 430 59.33 46.85 16.42
CA ASP E 430 59.01 46.66 17.84
C ASP E 430 57.82 47.55 18.20
N TYR E 431 56.67 47.23 17.59
CA TYR E 431 55.48 48.05 17.81
C TYR E 431 55.10 48.11 19.29
N GLN E 432 55.38 47.06 20.03
CA GLN E 432 54.99 46.93 21.42
C GLN E 432 56.01 47.49 22.39
N ASN E 433 57.12 48.05 21.89
CA ASN E 433 58.27 48.41 22.70
C ASN E 433 58.55 47.31 23.71
N TYR E 434 58.94 46.14 23.21
CA TYR E 434 59.02 44.95 24.05
C TYR E 434 59.97 45.13 25.22
N GLN E 435 59.53 44.69 26.39
CA GLN E 435 60.34 44.71 27.60
C GLN E 435 60.71 43.26 27.92
N LEU E 436 62.00 42.97 27.90
CA LEU E 436 62.47 41.59 27.98
C LEU E 436 62.01 40.92 29.27
N ASP E 437 61.52 39.70 29.15
CA ASP E 437 61.17 38.85 30.27
C ASP E 437 61.81 37.50 29.99
N VAL E 438 62.85 37.17 30.75
CA VAL E 438 63.65 35.96 30.52
C VAL E 438 62.92 34.78 31.14
N LYS E 439 62.21 33.99 30.33
CA LYS E 439 61.57 32.79 30.81
C LYS E 439 62.51 31.60 30.66
N GLN E 440 62.39 30.67 31.61
CA GLN E 440 63.23 29.47 31.63
C GLN E 440 62.35 28.24 31.63
N THR E 441 62.58 27.38 30.64
CA THR E 441 62.03 26.03 30.64
C THR E 441 63.14 25.14 31.12
N LEU E 442 63.69 24.31 30.26
CA LEU E 442 65.04 23.82 30.52
C LEU E 442 66.06 24.79 29.97
N THR E 443 65.65 25.59 28.99
CA THR E 443 66.47 26.57 28.30
C THR E 443 65.89 27.96 28.51
N LEU E 444 66.67 28.97 28.17
CA LEU E 444 66.22 30.36 28.29
C LEU E 444 65.62 30.87 26.99
N LYS E 445 64.64 31.75 27.12
CA LYS E 445 64.00 32.33 25.95
C LYS E 445 63.30 33.61 26.37
N PRO E 446 63.16 34.57 25.46
CA PRO E 446 62.29 35.73 25.73
C PRO E 446 60.83 35.28 25.82
N GLY E 447 60.13 35.77 26.83
CA GLY E 447 58.74 35.41 27.04
C GLY E 447 57.83 36.48 26.47
N ASP E 448 56.74 36.03 25.83
CA ASP E 448 55.71 36.94 25.32
C ASP E 448 56.31 37.95 24.34
N PHE E 449 57.16 37.48 23.45
CA PHE E 449 57.94 38.35 22.59
C PHE E 449 57.27 38.38 21.22
N LYS E 450 56.63 39.50 20.91
CA LYS E 450 55.92 39.68 19.65
C LYS E 450 56.39 40.94 18.96
N ILE E 451 56.51 40.89 17.63
CA ILE E 451 56.91 42.03 16.82
C ILE E 451 56.00 42.11 15.60
N ARG E 452 56.29 43.06 14.71
CA ARG E 452 55.59 43.21 13.44
C ARG E 452 56.59 43.23 12.29
N ILE E 453 56.07 43.04 11.08
CA ILE E 453 56.88 42.79 9.90
C ILE E 453 56.50 43.76 8.79
N LEU E 454 57.49 44.20 8.03
CA LEU E 454 57.26 44.89 6.77
C LEU E 454 58.13 44.27 5.70
N PRO E 455 57.71 44.34 4.43
CA PRO E 455 58.66 44.09 3.35
C PRO E 455 59.66 45.23 3.24
N ARG E 456 60.77 44.95 2.54
CA ARG E 456 61.79 45.97 2.35
C ARG E 456 61.65 46.59 0.96
N SER F 6 -91.53 -3.33 -16.57
CA SER F 6 -90.65 -2.70 -15.59
C SER F 6 -89.17 -3.04 -15.80
N ALA F 7 -88.35 -2.72 -14.80
CA ALA F 7 -86.90 -2.76 -14.97
C ALA F 7 -86.35 -4.17 -14.85
N ILE F 8 -85.24 -4.40 -15.55
CA ILE F 8 -84.60 -5.71 -15.60
C ILE F 8 -83.58 -5.80 -14.47
N PRO F 9 -83.52 -6.90 -13.74
CA PRO F 9 -82.63 -6.96 -12.56
C PRO F 9 -81.16 -6.84 -12.95
N GLN F 10 -80.40 -6.12 -12.11
CA GLN F 10 -78.99 -5.90 -12.32
C GLN F 10 -78.29 -5.91 -10.97
N PRO F 11 -77.14 -6.60 -10.87
CA PRO F 11 -76.38 -6.56 -9.60
C PRO F 11 -75.76 -5.20 -9.35
N LYS F 12 -74.91 -5.10 -8.33
CA LYS F 12 -74.32 -3.82 -7.99
C LYS F 12 -73.40 -3.32 -9.11
N THR F 13 -73.51 -2.03 -9.41
CA THR F 13 -72.58 -1.34 -10.30
C THR F 13 -71.54 -0.61 -9.47
N TYR F 14 -70.31 -0.57 -10.00
CA TYR F 14 -69.18 0.03 -9.30
C TYR F 14 -68.56 1.13 -10.16
N GLY F 15 -69.28 2.24 -10.28
CA GLY F 15 -68.81 3.42 -10.97
C GLY F 15 -68.37 3.11 -12.39
N PRO F 16 -67.13 3.46 -12.70
CA PRO F 16 -66.62 3.14 -14.04
C PRO F 16 -66.52 1.65 -14.29
N LEU F 17 -66.38 0.84 -13.24
CA LEU F 17 -66.15 -0.59 -13.39
C LEU F 17 -67.39 -1.37 -13.82
N GLY F 18 -68.56 -0.73 -13.86
CA GLY F 18 -69.76 -1.46 -14.23
C GLY F 18 -70.03 -2.62 -13.30
N ASN F 19 -70.39 -3.76 -13.88
CA ASN F 19 -70.62 -5.00 -13.14
C ASN F 19 -69.43 -5.94 -13.16
N LEU F 20 -68.33 -5.53 -13.81
CA LEU F 20 -67.21 -6.43 -14.00
C LEU F 20 -66.56 -6.92 -12.70
N PRO F 21 -66.55 -6.17 -11.59
CA PRO F 21 -65.98 -6.73 -10.35
C PRO F 21 -66.68 -8.00 -9.87
N LEU F 22 -67.79 -8.41 -10.49
CA LEU F 22 -68.54 -9.58 -10.05
C LEU F 22 -68.27 -10.80 -10.91
N ILE F 23 -67.40 -10.68 -11.90
CA ILE F 23 -67.16 -11.74 -12.87
C ILE F 23 -65.69 -12.09 -12.89
N ASP F 24 -65.39 -13.37 -13.11
CA ASP F 24 -64.06 -13.80 -13.52
C ASP F 24 -64.03 -13.79 -15.04
N LYS F 25 -63.17 -12.94 -15.62
CA LYS F 25 -63.12 -12.84 -17.07
C LYS F 25 -62.74 -14.17 -17.72
N ASP F 26 -61.93 -15.00 -17.05
CA ASP F 26 -61.53 -16.28 -17.61
C ASP F 26 -62.58 -17.37 -17.47
N LYS F 27 -63.61 -17.15 -16.64
CA LYS F 27 -64.67 -18.13 -16.45
C LYS F 27 -66.02 -17.46 -16.58
N PRO F 28 -66.31 -16.89 -17.77
CA PRO F 28 -67.53 -16.08 -17.89
C PRO F 28 -68.81 -16.88 -17.64
N THR F 29 -68.98 -18.01 -18.34
CA THR F 29 -70.17 -18.82 -18.18
C THR F 29 -70.38 -19.19 -16.71
N LEU F 30 -69.34 -19.75 -16.08
CA LEU F 30 -69.46 -20.09 -14.67
C LEU F 30 -69.79 -18.85 -13.85
N SER F 31 -69.14 -17.72 -14.15
CA SER F 31 -69.48 -16.47 -13.46
C SER F 31 -70.97 -16.18 -13.59
N PHE F 32 -71.49 -16.29 -14.82
CA PHE F 32 -72.90 -16.02 -15.03
C PHE F 32 -73.76 -16.97 -14.24
N ILE F 33 -73.35 -18.25 -14.15
CA ILE F 33 -74.13 -19.19 -13.36
C ILE F 33 -74.26 -18.68 -11.94
N LYS F 34 -73.14 -18.24 -11.36
CA LYS F 34 -73.21 -17.69 -10.00
C LYS F 34 -74.22 -16.56 -9.93
N ILE F 35 -74.08 -15.57 -10.81
CA ILE F 35 -74.98 -14.43 -10.74
C ILE F 35 -76.41 -14.85 -11.00
N ALA F 36 -76.63 -15.86 -11.86
CA ALA F 36 -77.99 -16.33 -12.07
C ALA F 36 -78.55 -16.89 -10.78
N GLU F 37 -77.75 -17.70 -10.08
CA GLU F 37 -78.19 -18.25 -8.81
C GLU F 37 -78.51 -17.13 -7.82
N GLU F 38 -77.90 -15.96 -8.00
CA GLU F 38 -78.20 -14.82 -7.14
C GLU F 38 -79.42 -14.04 -7.64
N TYR F 39 -79.59 -13.88 -8.95
CA TYR F 39 -80.58 -12.92 -9.43
C TYR F 39 -81.71 -13.51 -10.27
N GLY F 40 -81.70 -14.83 -10.51
CA GLY F 40 -82.86 -15.48 -11.05
C GLY F 40 -82.88 -15.62 -12.57
N PRO F 41 -84.07 -15.82 -13.12
CA PRO F 41 -84.20 -16.24 -14.53
C PRO F 41 -83.86 -15.15 -15.53
N ILE F 42 -83.72 -13.90 -15.13
CA ILE F 42 -83.34 -12.86 -16.09
C ILE F 42 -82.54 -11.80 -15.34
N PHE F 43 -81.41 -11.40 -15.90
CA PHE F 43 -80.66 -10.31 -15.27
C PHE F 43 -79.81 -9.59 -16.31
N GLN F 44 -79.22 -8.47 -15.90
CA GLN F 44 -78.42 -7.62 -16.78
C GLN F 44 -77.02 -7.42 -16.24
N ILE F 45 -76.05 -7.41 -17.14
CA ILE F 45 -74.65 -7.22 -16.78
C ILE F 45 -74.09 -6.06 -17.60
N GLN F 46 -73.51 -5.08 -16.90
CA GLN F 46 -72.94 -3.90 -17.56
C GLN F 46 -71.43 -4.08 -17.67
N THR F 47 -70.91 -3.99 -18.89
CA THR F 47 -69.47 -4.03 -19.10
C THR F 47 -68.99 -2.58 -19.17
N LEU F 48 -67.68 -2.40 -19.38
CA LEU F 48 -67.14 -1.06 -19.55
C LEU F 48 -67.69 -0.41 -20.81
N SER F 49 -68.10 -1.22 -21.78
CA SER F 49 -68.47 -0.76 -23.11
C SER F 49 -69.92 -1.02 -23.48
N ASP F 50 -70.55 -2.08 -22.96
CA ASP F 50 -71.86 -2.50 -23.44
C ASP F 50 -72.62 -3.15 -22.28
N THR F 51 -73.83 -3.64 -22.58
CA THR F 51 -74.66 -4.34 -21.61
C THR F 51 -75.17 -5.65 -22.22
N ILE F 52 -75.29 -6.69 -21.38
CA ILE F 52 -75.69 -8.01 -21.79
C ILE F 52 -76.93 -8.43 -21.01
N ILE F 53 -77.84 -9.13 -21.70
CA ILE F 53 -79.05 -9.68 -21.09
C ILE F 53 -78.85 -11.17 -20.96
N VAL F 54 -78.88 -11.70 -19.72
CA VAL F 54 -78.72 -13.13 -19.48
C VAL F 54 -80.07 -13.71 -19.09
N VAL F 55 -80.57 -14.64 -19.91
CA VAL F 55 -81.84 -15.32 -19.72
C VAL F 55 -81.56 -16.77 -19.37
N SER F 56 -82.25 -17.29 -18.36
CA SER F 56 -82.06 -18.66 -17.92
C SER F 56 -83.34 -19.40 -17.55
N GLY F 57 -84.45 -18.71 -17.26
CA GLY F 57 -85.69 -19.40 -16.93
C GLY F 57 -86.39 -19.93 -18.17
N HIS F 58 -86.89 -21.17 -18.08
CA HIS F 58 -87.31 -21.87 -19.28
C HIS F 58 -88.48 -21.20 -19.99
N GLU F 59 -89.36 -20.52 -19.26
CA GLU F 59 -90.45 -19.83 -19.94
C GLU F 59 -89.93 -18.63 -20.71
N LEU F 60 -89.00 -17.88 -20.10
CA LEU F 60 -88.37 -16.77 -20.81
C LEU F 60 -87.54 -17.27 -21.99
N VAL F 61 -86.82 -18.39 -21.82
CA VAL F 61 -86.07 -18.95 -22.94
C VAL F 61 -87.01 -19.37 -24.07
N ALA F 62 -88.12 -20.04 -23.72
CA ALA F 62 -89.11 -20.45 -24.71
C ALA F 62 -89.71 -19.26 -25.43
N GLU F 63 -89.90 -18.14 -24.71
CA GLU F 63 -90.39 -16.93 -25.35
C GLU F 63 -89.36 -16.36 -26.30
N VAL F 64 -88.09 -16.28 -25.86
CA VAL F 64 -87.06 -15.74 -26.73
C VAL F 64 -86.72 -16.71 -27.84
N CYS F 65 -87.09 -17.99 -27.69
CA CYS F 65 -86.91 -18.96 -28.76
C CYS F 65 -88.01 -18.87 -29.81
N ASP F 66 -88.99 -17.98 -29.61
CA ASP F 66 -90.04 -17.77 -30.61
C ASP F 66 -89.44 -17.06 -31.81
N GLU F 67 -89.41 -17.74 -32.96
CA GLU F 67 -88.74 -17.21 -34.13
C GLU F 67 -89.47 -16.02 -34.74
N THR F 68 -90.75 -15.85 -34.46
CA THR F 68 -91.48 -14.70 -34.99
C THR F 68 -90.92 -13.39 -34.43
N ARG F 69 -90.39 -13.42 -33.20
CA ARG F 69 -89.97 -12.24 -32.47
C ARG F 69 -88.46 -12.04 -32.35
N PHE F 70 -87.67 -13.11 -32.42
CA PHE F 70 -86.23 -13.02 -32.18
C PHE F 70 -85.45 -13.82 -33.22
N ASP F 71 -84.23 -13.35 -33.49
CA ASP F 71 -83.35 -14.00 -34.45
C ASP F 71 -81.97 -14.22 -33.83
N LYS F 72 -81.22 -15.15 -34.41
CA LYS F 72 -79.87 -15.42 -33.93
C LYS F 72 -79.03 -14.15 -33.97
N SER F 73 -78.27 -13.91 -32.92
CA SER F 73 -77.35 -12.78 -32.87
C SER F 73 -75.93 -13.30 -32.91
N ILE F 74 -75.05 -12.57 -33.59
CA ILE F 74 -73.63 -12.88 -33.64
C ILE F 74 -72.79 -11.74 -33.09
N GLU F 75 -73.27 -11.06 -32.04
CA GLU F 75 -72.65 -9.80 -31.66
C GLU F 75 -71.28 -9.98 -31.02
N GLY F 76 -71.06 -11.07 -30.29
CA GLY F 76 -69.81 -11.18 -29.56
C GLY F 76 -68.77 -12.16 -30.08
N ALA F 77 -68.58 -13.27 -29.37
CA ALA F 77 -67.57 -14.26 -29.76
C ALA F 77 -67.75 -14.71 -31.20
N LEU F 78 -69.00 -14.84 -31.64
CA LEU F 78 -69.25 -15.26 -33.01
C LEU F 78 -68.74 -14.23 -34.01
N ALA F 79 -68.77 -12.95 -33.65
CA ALA F 79 -68.21 -11.91 -34.51
C ALA F 79 -66.70 -12.08 -34.65
N LYS F 80 -66.01 -12.44 -33.58
CA LYS F 80 -64.59 -12.72 -33.69
C LYS F 80 -64.33 -13.96 -34.52
N VAL F 81 -65.16 -15.00 -34.34
CA VAL F 81 -64.93 -16.23 -35.09
C VAL F 81 -65.14 -15.99 -36.57
N ARG F 82 -66.09 -15.13 -36.92
CA ARG F 82 -66.36 -14.78 -38.32
C ARG F 82 -65.12 -14.24 -39.03
N ALA F 83 -64.14 -13.69 -38.29
CA ALA F 83 -62.93 -13.18 -38.92
C ALA F 83 -62.27 -14.22 -39.82
N PHE F 84 -62.40 -15.51 -39.48
CA PHE F 84 -61.92 -16.59 -40.32
C PHE F 84 -63.02 -17.57 -40.73
N ALA F 85 -64.19 -17.51 -40.10
CA ALA F 85 -65.33 -18.32 -40.53
C ALA F 85 -66.22 -17.58 -41.53
N GLY F 86 -66.12 -16.26 -41.60
CA GLY F 86 -66.80 -15.50 -42.64
C GLY F 86 -68.30 -15.68 -42.61
N ASP F 87 -68.87 -15.85 -43.80
CA ASP F 87 -70.31 -16.05 -43.94
C ASP F 87 -70.64 -17.53 -44.09
N GLY F 88 -70.13 -18.35 -43.18
CA GLY F 88 -70.50 -19.75 -43.14
C GLY F 88 -71.74 -19.94 -42.29
N LEU F 89 -72.17 -21.19 -42.18
CA LEU F 89 -73.43 -21.45 -41.49
C LEU F 89 -73.40 -20.98 -40.04
N PHE F 90 -72.24 -21.02 -39.38
CA PHE F 90 -72.17 -20.74 -37.95
C PHE F 90 -72.23 -19.25 -37.64
N THR F 91 -71.56 -18.43 -38.46
CA THR F 91 -71.30 -17.03 -38.16
C THR F 91 -72.01 -16.06 -39.10
N SER F 92 -73.05 -16.54 -39.80
CA SER F 92 -73.81 -15.73 -40.75
C SER F 92 -75.09 -15.18 -40.14
N GLU F 93 -75.47 -14.00 -40.61
CA GLU F 93 -76.79 -13.48 -40.29
C GLU F 93 -77.83 -14.29 -41.04
N THR F 94 -79.00 -14.44 -40.43
CA THR F 94 -80.03 -15.24 -41.07
C THR F 94 -80.44 -14.60 -42.40
N HIS F 95 -80.44 -13.27 -42.46
CA HIS F 95 -80.82 -12.53 -43.65
C HIS F 95 -79.79 -12.61 -44.77
N GLU F 96 -78.55 -13.04 -44.47
CA GLU F 96 -77.54 -13.13 -45.50
C GLU F 96 -77.86 -14.27 -46.46
N PRO F 97 -77.67 -14.06 -47.77
CA PRO F 97 -78.08 -15.09 -48.74
C PRO F 97 -77.40 -16.43 -48.55
N ASN F 98 -76.09 -16.41 -48.29
CA ASN F 98 -75.35 -17.66 -48.21
C ASN F 98 -75.86 -18.55 -47.09
N TRP F 99 -76.45 -17.98 -46.03
CA TRP F 99 -76.93 -18.84 -44.97
C TRP F 99 -78.00 -19.79 -45.47
N LYS F 100 -79.09 -19.26 -46.03
CA LYS F 100 -80.16 -20.10 -46.53
C LYS F 100 -79.68 -20.97 -47.69
N LYS F 101 -78.83 -20.41 -48.55
CA LYS F 101 -78.27 -21.17 -49.67
C LYS F 101 -77.60 -22.45 -49.16
N ALA F 102 -76.56 -22.30 -48.34
CA ALA F 102 -75.82 -23.44 -47.83
C ALA F 102 -76.69 -24.30 -46.91
N HIS F 103 -77.64 -23.68 -46.21
CA HIS F 103 -78.55 -24.44 -45.38
C HIS F 103 -79.35 -25.45 -46.20
N ASN F 104 -79.97 -25.00 -47.30
CA ASN F 104 -80.69 -25.93 -48.16
C ASN F 104 -79.74 -26.97 -48.76
N ILE F 105 -78.55 -26.54 -49.16
CA ILE F 105 -77.62 -27.47 -49.81
C ILE F 105 -77.18 -28.58 -48.85
N LEU F 106 -76.89 -28.24 -47.60
CA LEU F 106 -76.17 -29.09 -46.66
C LEU F 106 -77.06 -29.82 -45.66
N MET F 107 -78.33 -29.46 -45.57
CA MET F 107 -79.22 -30.11 -44.62
C MET F 107 -79.36 -31.61 -44.85
N PRO F 108 -79.57 -32.12 -46.08
CA PRO F 108 -79.66 -33.58 -46.24
C PRO F 108 -78.41 -34.36 -45.88
N THR F 109 -77.20 -33.79 -46.11
CA THR F 109 -75.97 -34.49 -45.76
C THR F 109 -75.78 -34.64 -44.26
N PHE F 110 -76.50 -33.85 -43.47
CA PHE F 110 -76.38 -33.88 -42.02
C PHE F 110 -77.57 -34.59 -41.37
N SER F 111 -78.41 -35.24 -42.15
CA SER F 111 -79.50 -36.01 -41.59
C SER F 111 -78.94 -37.22 -40.84
N GLN F 112 -79.84 -37.92 -40.13
CA GLN F 112 -79.43 -39.14 -39.45
C GLN F 112 -79.11 -40.25 -40.45
N ARG F 113 -79.99 -40.43 -41.44
CA ARG F 113 -79.74 -41.46 -42.45
C ARG F 113 -78.42 -41.22 -43.16
N ALA F 114 -78.10 -39.95 -43.43
CA ALA F 114 -76.84 -39.61 -44.08
C ALA F 114 -75.64 -40.08 -43.29
N MET F 115 -75.79 -40.28 -41.98
CA MET F 115 -74.66 -40.74 -41.18
C MET F 115 -74.18 -42.11 -41.63
N LYS F 116 -75.09 -42.92 -42.19
CA LYS F 116 -74.69 -44.22 -42.72
C LYS F 116 -73.59 -44.07 -43.76
N ASP F 117 -73.55 -42.94 -44.46
CA ASP F 117 -72.51 -42.69 -45.45
C ASP F 117 -71.20 -42.29 -44.81
N TYR F 118 -71.24 -41.60 -43.68
CA TYR F 118 -70.00 -41.16 -43.03
C TYR F 118 -69.50 -42.19 -42.03
N HIS F 119 -70.33 -43.17 -41.68
CA HIS F 119 -70.02 -44.11 -40.61
C HIS F 119 -68.64 -44.71 -40.77
N ALA F 120 -68.34 -45.23 -41.97
CA ALA F 120 -67.05 -45.88 -42.22
C ALA F 120 -65.89 -44.97 -41.81
N MET F 121 -65.89 -43.72 -42.30
CA MET F 121 -64.79 -42.84 -41.96
C MET F 121 -64.70 -42.63 -40.46
N MET F 122 -65.86 -42.48 -39.80
CA MET F 122 -65.83 -42.35 -38.35
C MET F 122 -65.13 -43.54 -37.72
N VAL F 123 -65.51 -44.75 -38.13
CA VAL F 123 -64.89 -45.93 -37.57
C VAL F 123 -63.38 -45.89 -37.77
N ASP F 124 -62.95 -45.43 -38.94
CA ASP F 124 -61.52 -45.31 -39.22
C ASP F 124 -60.84 -44.56 -38.08
N ILE F 125 -61.27 -43.32 -37.86
CA ILE F 125 -60.60 -42.52 -36.84
C ILE F 125 -60.82 -43.15 -35.48
N ALA F 126 -62.02 -43.69 -35.26
CA ALA F 126 -62.31 -44.34 -33.99
C ALA F 126 -61.33 -45.47 -33.75
N VAL F 127 -61.08 -46.29 -34.78
CA VAL F 127 -60.16 -47.40 -34.63
C VAL F 127 -58.78 -46.89 -34.24
N GLN F 128 -58.34 -45.79 -34.85
CA GLN F 128 -57.04 -45.24 -34.48
C GLN F 128 -56.99 -44.98 -32.99
N LEU F 129 -58.01 -44.31 -32.46
CA LEU F 129 -58.02 -44.01 -31.03
C LEU F 129 -57.89 -45.29 -30.23
N VAL F 130 -58.70 -46.29 -30.57
CA VAL F 130 -58.66 -47.54 -29.81
C VAL F 130 -57.27 -48.13 -29.88
N GLN F 131 -56.69 -48.17 -31.09
CA GLN F 131 -55.37 -48.75 -31.23
C GLN F 131 -54.36 -48.00 -30.39
N LYS F 132 -54.45 -46.66 -30.37
CA LYS F 132 -53.55 -45.90 -29.51
C LYS F 132 -53.68 -46.38 -28.07
N TRP F 133 -54.91 -46.39 -27.54
CA TRP F 133 -55.10 -46.80 -26.17
C TRP F 133 -54.71 -48.26 -25.96
N ALA F 134 -54.83 -49.08 -27.00
CA ALA F 134 -54.48 -50.49 -26.87
C ALA F 134 -52.97 -50.67 -26.78
N ARG F 135 -52.21 -49.74 -27.36
CA ARG F 135 -50.76 -49.88 -27.43
C ARG F 135 -50.04 -49.20 -26.28
N LEU F 136 -50.76 -48.83 -25.23
CA LEU F 136 -50.14 -48.18 -24.08
C LEU F 136 -49.37 -49.20 -23.25
N ASN F 137 -48.31 -48.72 -22.61
CA ASN F 137 -47.48 -49.52 -21.72
C ASN F 137 -48.03 -49.50 -20.31
N PRO F 138 -47.57 -50.40 -19.45
CA PRO F 138 -48.08 -50.46 -18.08
C PRO F 138 -47.99 -49.12 -17.36
N ASN F 139 -49.11 -48.71 -16.76
CA ASN F 139 -49.29 -47.47 -15.99
C ASN F 139 -49.17 -46.20 -16.81
N GLU F 140 -49.17 -46.26 -18.14
CA GLU F 140 -49.25 -45.03 -18.90
C GLU F 140 -50.66 -44.45 -18.77
N ASN F 141 -50.75 -43.14 -18.57
CA ASN F 141 -52.05 -42.49 -18.42
C ASN F 141 -52.46 -41.79 -19.71
N VAL F 142 -53.79 -41.62 -19.86
CA VAL F 142 -54.39 -40.96 -21.01
C VAL F 142 -54.94 -39.61 -20.59
N ASP F 143 -54.80 -38.61 -21.47
CA ASP F 143 -55.41 -37.31 -21.28
C ASP F 143 -56.69 -37.30 -22.11
N VAL F 144 -57.83 -37.41 -21.43
CA VAL F 144 -59.09 -37.62 -22.15
C VAL F 144 -59.43 -36.47 -23.09
N PRO F 145 -59.38 -35.20 -22.68
CA PRO F 145 -59.74 -34.14 -23.64
C PRO F 145 -58.84 -34.07 -24.85
N GLU F 146 -57.52 -34.24 -24.68
CA GLU F 146 -56.63 -34.11 -25.83
C GLU F 146 -56.82 -35.25 -26.82
N ASP F 147 -56.97 -36.48 -26.34
CA ASP F 147 -57.24 -37.58 -27.26
C ASP F 147 -58.62 -37.44 -27.91
N MET F 148 -59.62 -37.01 -27.14
CA MET F 148 -60.94 -36.79 -27.74
C MET F 148 -60.88 -35.72 -28.83
N THR F 149 -60.05 -34.68 -28.63
CA THR F 149 -59.92 -33.65 -29.64
C THR F 149 -59.20 -34.17 -30.88
N ARG F 150 -58.14 -34.97 -30.70
CA ARG F 150 -57.52 -35.64 -31.83
C ARG F 150 -58.56 -36.40 -32.66
N LEU F 151 -59.34 -37.26 -31.98
CA LEU F 151 -60.33 -38.06 -32.69
C LEU F 151 -61.36 -37.19 -33.40
N THR F 152 -61.90 -36.19 -32.70
CA THR F 152 -63.01 -35.43 -33.27
C THR F 152 -62.56 -34.62 -34.47
N LEU F 153 -61.38 -34.00 -34.35
CA LEU F 153 -60.86 -33.21 -35.46
C LEU F 153 -60.56 -34.10 -36.67
N ASP F 154 -59.95 -35.27 -36.44
CA ASP F 154 -59.66 -36.14 -37.58
C ASP F 154 -60.94 -36.64 -38.24
N THR F 155 -61.97 -36.96 -37.44
CA THR F 155 -63.24 -37.38 -38.03
C THR F 155 -63.85 -36.27 -38.87
N ILE F 156 -63.85 -35.03 -38.36
CA ILE F 156 -64.44 -33.96 -39.16
C ILE F 156 -63.65 -33.76 -40.45
N GLY F 157 -62.32 -33.76 -40.36
CA GLY F 157 -61.51 -33.57 -41.57
C GLY F 157 -61.77 -34.65 -42.60
N LEU F 158 -61.77 -35.91 -42.16
CA LEU F 158 -61.96 -37.03 -43.08
C LEU F 158 -63.36 -37.05 -43.68
N CYS F 159 -64.39 -36.97 -42.84
CA CYS F 159 -65.77 -37.03 -43.34
C CYS F 159 -66.12 -35.80 -44.17
N GLY F 160 -65.57 -34.64 -43.85
CA GLY F 160 -65.96 -33.42 -44.51
C GLY F 160 -65.25 -33.22 -45.83
N PHE F 161 -63.93 -33.37 -45.87
CA PHE F 161 -63.24 -33.14 -47.12
C PHE F 161 -62.11 -34.12 -47.35
N ASN F 162 -62.20 -35.32 -46.77
CA ASN F 162 -61.31 -36.44 -47.06
C ASN F 162 -59.85 -36.04 -46.88
N TYR F 163 -59.58 -35.29 -45.81
CA TYR F 163 -58.23 -34.83 -45.47
C TYR F 163 -57.84 -35.46 -44.13
N ARG F 164 -56.65 -36.04 -44.10
CA ARG F 164 -56.17 -36.73 -42.92
C ARG F 164 -55.26 -35.79 -42.15
N PHE F 165 -55.73 -35.32 -40.99
CA PHE F 165 -54.87 -34.55 -40.10
C PHE F 165 -53.81 -35.43 -39.47
N ASN F 166 -54.08 -36.73 -39.34
CA ASN F 166 -53.18 -37.68 -38.70
C ASN F 166 -52.79 -37.18 -37.31
N SER F 167 -53.80 -36.75 -36.55
CA SER F 167 -53.53 -36.21 -35.22
C SER F 167 -52.97 -37.27 -34.29
N PHE F 168 -53.27 -38.54 -34.52
CA PHE F 168 -52.74 -39.60 -33.69
C PHE F 168 -51.31 -39.97 -34.06
N TYR F 169 -50.77 -39.37 -35.12
CA TYR F 169 -49.37 -39.49 -35.46
C TYR F 169 -48.54 -38.34 -34.92
N ARG F 170 -49.05 -37.63 -33.91
CA ARG F 170 -48.40 -36.43 -33.41
C ARG F 170 -48.52 -36.32 -31.91
N GLU F 171 -47.66 -35.48 -31.34
CA GLU F 171 -47.88 -34.85 -30.04
C GLU F 171 -48.34 -33.41 -30.18
N THR F 172 -47.70 -32.63 -31.08
CA THR F 172 -48.12 -31.25 -31.33
C THR F 172 -49.17 -31.23 -32.43
N PRO F 173 -50.32 -30.60 -32.17
CA PRO F 173 -51.38 -30.53 -33.18
C PRO F 173 -50.93 -29.90 -34.49
N HIS F 174 -51.65 -30.27 -35.56
CA HIS F 174 -51.42 -29.93 -36.96
C HIS F 174 -51.31 -28.40 -37.07
N PRO F 175 -50.55 -27.89 -38.03
CA PRO F 175 -50.46 -26.42 -38.18
C PRO F 175 -51.82 -25.74 -38.30
N PHE F 176 -52.79 -26.40 -38.94
CA PHE F 176 -54.13 -25.83 -39.04
C PHE F 176 -54.76 -25.67 -37.67
N ILE F 177 -54.56 -26.68 -36.79
CA ILE F 177 -55.10 -26.62 -35.44
C ILE F 177 -54.53 -25.43 -34.68
N THR F 178 -53.21 -25.26 -34.77
CA THR F 178 -52.55 -24.21 -34.01
C THR F 178 -52.94 -22.84 -34.54
N SER F 179 -53.00 -22.69 -35.86
CA SER F 179 -53.47 -21.44 -36.45
C SER F 179 -54.88 -21.11 -35.98
N MET F 180 -55.78 -22.10 -36.00
CA MET F 180 -57.17 -21.87 -35.61
C MET F 180 -57.28 -21.52 -34.13
N THR F 181 -56.55 -22.24 -33.27
CA THR F 181 -56.56 -21.93 -31.85
C THR F 181 -56.01 -20.53 -31.57
N ARG F 182 -54.93 -20.13 -32.24
CA ARG F 182 -54.44 -18.78 -32.06
C ARG F 182 -55.43 -17.75 -32.56
N ALA F 183 -56.22 -18.09 -33.59
CA ALA F 183 -57.21 -17.16 -34.11
C ALA F 183 -58.20 -16.74 -33.04
N LEU F 184 -58.61 -17.66 -32.18
CA LEU F 184 -59.49 -17.34 -31.06
C LEU F 184 -58.74 -16.64 -29.93
N HIS F 210 -52.30 -13.76 -40.03
CA HIS F 210 -51.45 -14.56 -40.90
C HIS F 210 -51.74 -16.06 -40.72
N ASP F 211 -52.28 -16.42 -39.56
CA ASP F 211 -52.69 -17.81 -39.32
C ASP F 211 -53.99 -18.12 -40.05
N ILE F 212 -55.00 -17.26 -39.88
CA ILE F 212 -56.24 -17.32 -40.65
C ILE F 212 -55.95 -17.58 -42.12
N GLN F 213 -54.81 -17.08 -42.60
CA GLN F 213 -54.53 -17.26 -44.01
C GLN F 213 -53.88 -18.59 -44.32
N SER F 214 -53.06 -19.11 -43.41
CA SER F 214 -52.63 -20.49 -43.57
C SER F 214 -53.84 -21.39 -43.68
N MET F 215 -54.88 -21.08 -42.90
CA MET F 215 -56.14 -21.83 -42.99
C MET F 215 -56.80 -21.68 -44.35
N PHE F 216 -56.97 -20.43 -44.82
CA PHE F 216 -57.64 -20.22 -46.10
C PHE F 216 -56.88 -20.86 -47.24
N SER F 217 -55.55 -20.82 -47.19
CA SER F 217 -54.72 -21.38 -48.26
C SER F 217 -54.76 -22.89 -48.30
N LEU F 218 -54.53 -23.57 -47.16
CA LEU F 218 -54.67 -25.02 -47.14
C LEU F 218 -56.03 -25.43 -47.69
N VAL F 219 -57.06 -24.71 -47.24
CA VAL F 219 -58.46 -25.00 -47.69
C VAL F 219 -58.54 -24.87 -49.20
N ASP F 220 -58.20 -23.69 -49.74
CA ASP F 220 -58.37 -23.49 -51.17
C ASP F 220 -57.50 -24.44 -51.99
N ASN F 221 -56.34 -24.83 -51.44
CA ASN F 221 -55.60 -25.97 -51.97
C ASN F 221 -56.53 -27.15 -52.18
N ILE F 222 -57.24 -27.54 -51.11
CA ILE F 222 -58.05 -28.76 -51.19
C ILE F 222 -59.22 -28.58 -52.15
N ILE F 223 -59.85 -27.39 -52.14
CA ILE F 223 -60.96 -27.15 -53.05
C ILE F 223 -60.50 -27.17 -54.50
N ALA F 224 -59.34 -26.56 -54.79
CA ALA F 224 -58.85 -26.50 -56.16
C ALA F 224 -58.42 -27.86 -56.66
N GLU F 225 -57.84 -28.69 -55.77
CA GLU F 225 -57.51 -30.05 -56.14
C GLU F 225 -58.76 -30.85 -56.46
N ARG F 226 -59.77 -30.76 -55.58
CA ARG F 226 -61.01 -31.51 -55.81
C ARG F 226 -61.69 -31.05 -57.10
N LYS F 227 -61.58 -29.78 -57.45
CA LYS F 227 -62.06 -29.32 -58.75
C LYS F 227 -61.31 -30.00 -59.88
N SER F 228 -60.03 -30.28 -59.68
CA SER F 228 -59.19 -30.92 -60.70
C SER F 228 -59.57 -32.39 -60.88
N ASP F 236 -69.59 -37.49 -49.00
CA ASP F 236 -68.58 -36.47 -48.67
C ASP F 236 -69.17 -35.06 -48.70
N LEU F 237 -68.77 -34.25 -47.71
CA LEU F 237 -69.37 -32.92 -47.57
C LEU F 237 -68.93 -31.98 -48.69
N LEU F 238 -67.63 -31.97 -49.01
CA LEU F 238 -67.14 -31.10 -50.07
C LEU F 238 -67.72 -31.51 -51.43
N SER F 239 -67.91 -32.81 -51.66
CA SER F 239 -68.55 -33.27 -52.87
C SER F 239 -69.95 -32.70 -53.00
N ARG F 240 -70.75 -32.82 -51.93
CA ARG F 240 -72.11 -32.28 -51.93
C ARG F 240 -72.11 -30.77 -52.15
N MET F 241 -71.14 -30.06 -51.56
CA MET F 241 -71.07 -28.62 -51.75
C MET F 241 -70.71 -28.24 -53.17
N LEU F 242 -69.88 -29.05 -53.83
CA LEU F 242 -69.50 -28.75 -55.20
C LEU F 242 -70.62 -29.08 -56.19
N ASN F 243 -71.36 -30.15 -55.96
CA ASN F 243 -72.25 -30.67 -56.99
C ASN F 243 -73.71 -30.30 -56.79
N VAL F 244 -74.16 -30.11 -55.55
CA VAL F 244 -75.59 -29.89 -55.29
C VAL F 244 -75.92 -28.40 -55.27
N PRO F 245 -76.88 -27.96 -56.07
CA PRO F 245 -77.27 -26.55 -56.08
C PRO F 245 -78.33 -26.22 -55.03
N ASP F 246 -78.57 -24.93 -54.87
CA ASP F 246 -79.66 -24.46 -54.01
C ASP F 246 -80.97 -24.57 -54.79
N PRO F 247 -81.95 -25.36 -54.32
CA PRO F 247 -83.18 -25.52 -55.10
C PRO F 247 -83.98 -24.24 -55.25
N GLU F 248 -84.00 -23.41 -54.20
CA GLU F 248 -84.74 -22.15 -54.25
C GLU F 248 -84.09 -21.14 -55.18
N THR F 249 -82.77 -21.17 -55.31
CA THR F 249 -82.03 -20.25 -56.17
C THR F 249 -81.68 -20.86 -57.51
N GLY F 250 -81.34 -22.14 -57.54
CA GLY F 250 -80.81 -22.76 -58.74
C GLY F 250 -79.33 -22.51 -58.92
N GLU F 251 -78.56 -22.52 -57.84
CA GLU F 251 -77.14 -22.21 -57.90
C GLU F 251 -76.40 -22.89 -56.76
N LYS F 252 -75.18 -23.34 -57.03
CA LYS F 252 -74.30 -23.92 -56.03
C LYS F 252 -73.58 -22.81 -55.25
N LEU F 253 -72.88 -23.22 -54.19
CA LEU F 253 -72.11 -22.28 -53.39
C LEU F 253 -70.84 -21.88 -54.13
N ASP F 254 -70.46 -20.60 -53.99
CA ASP F 254 -69.22 -20.13 -54.60
C ASP F 254 -68.02 -20.69 -53.82
N ASP F 255 -66.83 -20.55 -54.40
CA ASP F 255 -65.63 -21.16 -53.81
C ASP F 255 -65.29 -20.56 -52.45
N GLU F 256 -65.36 -19.23 -52.34
CA GLU F 256 -65.01 -18.58 -51.09
C GLU F 256 -65.89 -19.07 -49.94
N ASN F 257 -67.20 -19.10 -50.17
CA ASN F 257 -68.09 -19.55 -49.11
C ASN F 257 -67.92 -21.03 -48.82
N ILE F 258 -67.57 -21.84 -49.83
CA ILE F 258 -67.31 -23.25 -49.55
C ILE F 258 -66.12 -23.38 -48.59
N ARG F 259 -65.10 -22.53 -48.79
CA ARG F 259 -63.98 -22.47 -47.87
C ARG F 259 -64.44 -22.07 -46.47
N PHE F 260 -65.29 -21.06 -46.40
CA PHE F 260 -65.80 -20.63 -45.10
C PHE F 260 -66.58 -21.75 -44.44
N GLN F 261 -67.35 -22.51 -45.22
CA GLN F 261 -68.16 -23.58 -44.66
C GLN F 261 -67.32 -24.71 -44.07
N ILE F 262 -66.28 -25.15 -44.77
CA ILE F 262 -65.46 -26.23 -44.19
C ILE F 262 -64.73 -25.73 -42.94
N ILE F 263 -64.21 -24.49 -42.97
CA ILE F 263 -63.58 -23.98 -41.75
C ILE F 263 -64.60 -23.96 -40.63
N THR F 264 -65.83 -23.58 -40.98
CA THR F 264 -66.93 -23.53 -40.03
C THR F 264 -67.24 -24.90 -39.46
N PHE F 265 -67.25 -25.94 -40.30
CA PHE F 265 -67.48 -27.28 -39.79
C PHE F 265 -66.42 -27.66 -38.76
N LEU F 266 -65.15 -27.41 -39.10
CA LEU F 266 -64.06 -27.69 -38.15
C LEU F 266 -64.31 -27.00 -36.81
N ILE F 267 -64.49 -25.67 -36.85
CA ILE F 267 -64.62 -24.90 -35.61
C ILE F 267 -65.83 -25.38 -34.81
N ALA F 268 -67.01 -25.33 -35.42
CA ALA F 268 -68.24 -25.62 -34.70
C ALA F 268 -68.28 -27.06 -34.21
N GLY F 269 -67.58 -27.98 -34.88
CA GLY F 269 -67.70 -29.37 -34.49
C GLY F 269 -66.70 -29.89 -33.45
N HIS F 270 -65.41 -29.66 -33.68
CA HIS F 270 -64.41 -30.53 -33.05
C HIS F 270 -64.39 -30.37 -31.53
N GLU F 271 -64.33 -29.13 -31.03
CA GLU F 271 -64.12 -28.97 -29.59
C GLU F 271 -65.40 -29.24 -28.81
N THR F 272 -66.56 -28.82 -29.33
CA THR F 272 -67.82 -29.16 -28.68
C THR F 272 -68.00 -30.67 -28.57
N THR F 273 -67.73 -31.40 -29.66
CA THR F 273 -67.99 -32.83 -29.60
C THR F 273 -66.99 -33.54 -28.70
N SER F 274 -65.73 -33.09 -28.72
CA SER F 274 -64.75 -33.68 -27.81
C SER F 274 -65.08 -33.36 -26.36
N GLY F 275 -65.58 -32.16 -26.10
CA GLY F 275 -66.04 -31.85 -24.75
C GLY F 275 -67.17 -32.77 -24.32
N LEU F 276 -68.11 -33.05 -25.22
CA LEU F 276 -69.16 -34.00 -24.89
C LEU F 276 -68.56 -35.35 -24.52
N LEU F 277 -67.62 -35.84 -25.34
CA LEU F 277 -66.99 -37.14 -25.06
C LEU F 277 -66.33 -37.15 -23.68
N SER F 278 -65.58 -36.09 -23.37
CA SER F 278 -64.87 -36.05 -22.10
C SER F 278 -65.83 -35.99 -20.92
N PHE F 279 -66.86 -35.14 -21.00
CA PHE F 279 -67.82 -35.04 -19.91
C PHE F 279 -68.59 -36.34 -19.71
N ALA F 280 -68.94 -37.02 -20.81
CA ALA F 280 -69.64 -38.28 -20.67
C ALA F 280 -68.77 -39.32 -19.99
N ILE F 281 -67.50 -39.42 -20.38
CA ILE F 281 -66.57 -40.33 -19.71
C ILE F 281 -66.44 -39.97 -18.23
N TYR F 282 -66.37 -38.68 -17.93
CA TYR F 282 -66.31 -38.25 -16.53
C TYR F 282 -67.52 -38.76 -15.75
N PHE F 283 -68.73 -38.50 -16.29
CA PHE F 283 -69.94 -38.87 -15.57
C PHE F 283 -70.03 -40.37 -15.39
N LEU F 284 -69.64 -41.14 -16.40
CA LEU F 284 -69.64 -42.60 -16.25
C LEU F 284 -68.63 -43.04 -15.20
N LEU F 285 -67.46 -42.38 -15.12
CA LEU F 285 -66.51 -42.77 -14.09
C LEU F 285 -67.02 -42.42 -12.70
N LYS F 286 -67.90 -41.43 -12.59
CA LYS F 286 -68.35 -41.02 -11.28
C LYS F 286 -69.66 -41.69 -10.88
N ASN F 287 -70.29 -42.44 -11.79
CA ASN F 287 -71.55 -43.13 -11.52
C ASN F 287 -71.49 -44.59 -11.95
N PRO F 288 -71.07 -45.49 -11.07
CA PRO F 288 -70.87 -46.89 -11.46
C PRO F 288 -72.13 -47.57 -11.96
N ASP F 289 -73.31 -47.21 -11.44
CA ASP F 289 -74.54 -47.84 -11.91
C ASP F 289 -74.75 -47.59 -13.40
N LYS F 290 -74.61 -46.32 -13.79
CA LYS F 290 -74.84 -45.97 -15.19
C LYS F 290 -73.80 -46.63 -16.08
N LEU F 291 -72.57 -46.75 -15.59
CA LEU F 291 -71.53 -47.42 -16.35
C LEU F 291 -71.83 -48.90 -16.52
N LYS F 292 -72.37 -49.56 -15.49
CA LYS F 292 -72.72 -50.96 -15.65
C LYS F 292 -73.85 -51.12 -16.66
N LYS F 293 -74.82 -50.21 -16.66
CA LYS F 293 -75.86 -50.27 -17.67
C LYS F 293 -75.27 -50.08 -19.08
N ALA F 294 -74.34 -49.13 -19.21
CA ALA F 294 -73.70 -48.92 -20.50
C ALA F 294 -72.94 -50.16 -20.95
N TYR F 295 -72.21 -50.80 -20.04
CA TYR F 295 -71.51 -52.04 -20.36
C TYR F 295 -72.49 -53.13 -20.77
N GLU F 296 -73.61 -53.26 -20.04
CA GLU F 296 -74.61 -54.25 -20.41
C GLU F 296 -75.07 -54.05 -21.84
N GLU F 297 -75.45 -52.82 -22.18
CA GLU F 297 -75.94 -52.55 -23.52
C GLU F 297 -74.85 -52.78 -24.56
N VAL F 298 -73.63 -52.33 -24.29
CA VAL F 298 -72.54 -52.45 -25.27
C VAL F 298 -72.22 -53.91 -25.54
N ASP F 299 -72.12 -54.72 -24.48
CA ASP F 299 -71.87 -56.15 -24.65
C ASP F 299 -73.00 -56.82 -25.42
N ARG F 300 -74.25 -56.45 -25.13
CA ARG F 300 -75.36 -57.08 -25.84
C ARG F 300 -75.37 -56.69 -27.32
N VAL F 301 -75.04 -55.44 -27.64
CA VAL F 301 -75.18 -54.96 -29.02
C VAL F 301 -73.89 -55.13 -29.81
N LEU F 302 -72.78 -54.66 -29.25
CA LEU F 302 -71.48 -54.72 -29.98
C LEU F 302 -70.96 -56.16 -29.95
N THR F 303 -71.12 -56.89 -31.06
CA THR F 303 -70.66 -58.26 -31.13
C THR F 303 -69.54 -58.46 -32.15
N ASP F 304 -69.46 -57.59 -33.14
CA ASP F 304 -68.53 -57.70 -34.25
C ASP F 304 -67.28 -56.87 -33.96
N PRO F 305 -66.21 -57.03 -34.76
CA PRO F 305 -64.97 -56.29 -34.41
C PRO F 305 -65.13 -54.78 -34.41
N THR F 306 -65.73 -54.22 -35.45
CA THR F 306 -66.06 -52.81 -35.48
C THR F 306 -67.56 -52.66 -35.69
N PRO F 307 -68.20 -51.74 -34.97
CA PRO F 307 -69.64 -51.57 -35.12
C PRO F 307 -70.03 -51.05 -36.49
N THR F 308 -71.24 -51.44 -36.91
CA THR F 308 -71.85 -50.87 -38.09
C THR F 308 -72.87 -49.82 -37.67
N TYR F 309 -73.41 -49.14 -38.69
CA TYR F 309 -74.42 -48.11 -38.49
C TYR F 309 -75.54 -48.59 -37.56
N GLN F 310 -75.93 -49.86 -37.71
CA GLN F 310 -77.11 -50.35 -37.01
C GLN F 310 -76.82 -50.61 -35.53
N GLN F 311 -75.68 -51.21 -35.20
CA GLN F 311 -75.37 -51.40 -33.79
C GLN F 311 -75.31 -50.06 -33.07
N VAL F 312 -74.78 -49.03 -33.74
CA VAL F 312 -74.78 -47.70 -33.14
C VAL F 312 -76.21 -47.22 -32.96
N MET F 313 -77.09 -47.56 -33.91
CA MET F 313 -78.50 -47.22 -33.75
C MET F 313 -79.08 -47.86 -32.49
N LYS F 314 -78.60 -49.06 -32.14
CA LYS F 314 -79.18 -49.81 -31.03
C LYS F 314 -78.55 -49.48 -29.69
N LEU F 315 -77.70 -48.46 -29.62
CA LEU F 315 -77.10 -48.02 -28.35
C LEU F 315 -77.91 -46.86 -27.76
N LYS F 316 -79.19 -47.16 -27.48
CA LYS F 316 -80.11 -46.11 -27.04
C LYS F 316 -79.70 -45.54 -25.69
N TYR F 317 -79.41 -46.42 -24.72
CA TYR F 317 -79.03 -45.95 -23.39
C TYR F 317 -77.78 -45.07 -23.47
N MET F 318 -76.83 -45.43 -24.33
CA MET F 318 -75.63 -44.64 -24.47
C MET F 318 -75.96 -43.25 -24.99
N ARG F 319 -76.88 -43.17 -25.95
CA ARG F 319 -77.29 -41.86 -26.45
C ARG F 319 -77.98 -41.04 -25.35
N MET F 320 -78.72 -41.70 -24.45
CA MET F 320 -79.28 -40.94 -23.34
C MET F 320 -78.20 -40.49 -22.37
N ILE F 321 -77.16 -41.29 -22.20
CA ILE F 321 -76.02 -40.83 -21.41
C ILE F 321 -75.46 -39.56 -22.01
N LEU F 322 -75.35 -39.52 -23.34
CA LEU F 322 -74.85 -38.32 -24.01
C LEU F 322 -75.81 -37.14 -23.83
N ASN F 323 -77.11 -37.39 -23.95
CA ASN F 323 -78.10 -36.34 -23.76
C ASN F 323 -78.03 -35.74 -22.36
N GLU F 324 -77.91 -36.59 -21.35
CA GLU F 324 -77.82 -36.08 -19.98
C GLU F 324 -76.50 -35.35 -19.75
N SER F 325 -75.41 -35.84 -20.32
CA SER F 325 -74.14 -35.13 -20.21
C SER F 325 -74.22 -33.74 -20.83
N LEU F 326 -74.88 -33.63 -21.98
CA LEU F 326 -75.09 -32.31 -22.57
C LEU F 326 -76.02 -31.46 -21.72
N ARG F 327 -76.96 -32.09 -20.99
CA ARG F 327 -77.81 -31.33 -20.09
C ARG F 327 -77.00 -30.73 -18.94
N LEU F 328 -76.20 -31.54 -18.26
CA LEU F 328 -75.46 -31.06 -17.09
C LEU F 328 -74.40 -30.04 -17.50
N TRP F 329 -73.61 -30.37 -18.52
CA TRP F 329 -72.54 -29.49 -19.00
C TRP F 329 -72.67 -29.33 -20.51
N PRO F 330 -73.52 -28.42 -20.97
CA PRO F 330 -73.61 -28.15 -22.41
C PRO F 330 -72.30 -27.57 -22.93
N THR F 331 -71.62 -28.32 -23.80
CA THR F 331 -70.30 -27.92 -24.25
C THR F 331 -70.34 -26.59 -25.01
N ALA F 332 -71.40 -26.34 -25.75
CA ALA F 332 -71.69 -24.98 -26.22
C ALA F 332 -72.66 -24.39 -25.22
N PRO F 333 -72.21 -23.56 -24.27
CA PRO F 333 -73.04 -23.21 -23.12
C PRO F 333 -73.98 -22.02 -23.33
N ALA F 334 -73.90 -21.33 -24.45
CA ALA F 334 -74.73 -20.16 -24.66
C ALA F 334 -74.94 -19.93 -26.14
N PHE F 335 -76.06 -19.29 -26.47
CA PHE F 335 -76.26 -18.68 -27.79
C PHE F 335 -77.03 -17.37 -27.60
N SER F 336 -76.82 -16.45 -28.54
CA SER F 336 -77.34 -15.09 -28.45
C SER F 336 -78.43 -14.84 -29.49
N LEU F 337 -79.33 -13.95 -29.13
CA LEU F 337 -80.50 -13.58 -29.90
C LEU F 337 -80.68 -12.07 -29.86
N TYR F 338 -81.24 -11.52 -30.93
CA TYR F 338 -81.60 -10.11 -31.00
C TYR F 338 -83.08 -9.99 -31.34
N ALA F 339 -83.66 -8.88 -30.90
CA ALA F 339 -85.08 -8.61 -31.10
C ALA F 339 -85.31 -8.10 -32.51
N LYS F 340 -86.18 -8.76 -33.27
CA LYS F 340 -86.49 -8.27 -34.61
C LYS F 340 -87.30 -6.98 -34.54
N GLU F 341 -88.18 -6.85 -33.55
CA GLU F 341 -88.88 -5.60 -33.26
C GLU F 341 -89.06 -5.50 -31.76
N ASP F 342 -89.23 -4.25 -31.29
CA ASP F 342 -89.39 -3.97 -29.86
C ASP F 342 -90.51 -4.81 -29.26
N THR F 343 -90.25 -5.39 -28.07
CA THR F 343 -91.20 -6.31 -27.45
C THR F 343 -91.02 -6.28 -25.93
N VAL F 344 -91.84 -7.06 -25.23
CA VAL F 344 -91.71 -7.32 -23.81
C VAL F 344 -91.76 -8.82 -23.61
N ILE F 345 -90.98 -9.33 -22.67
CA ILE F 345 -90.93 -10.76 -22.38
C ILE F 345 -91.33 -10.99 -20.93
N GLY F 346 -91.94 -12.15 -20.69
CA GLY F 346 -92.47 -12.50 -19.39
C GLY F 346 -93.61 -11.57 -19.00
N GLY F 347 -94.10 -10.81 -19.99
CA GLY F 347 -95.10 -9.80 -19.75
C GLY F 347 -94.58 -8.56 -19.06
N LYS F 348 -93.34 -8.57 -18.61
CA LYS F 348 -92.83 -7.62 -17.64
C LYS F 348 -91.63 -6.84 -18.13
N TYR F 349 -90.73 -7.47 -18.89
CA TYR F 349 -89.41 -6.91 -19.17
C TYR F 349 -89.32 -6.45 -20.62
N PRO F 350 -89.09 -5.16 -20.89
CA PRO F 350 -89.03 -4.71 -22.29
C PRO F 350 -87.65 -4.87 -22.91
N ILE F 351 -87.66 -5.20 -24.20
CA ILE F 351 -86.44 -5.37 -25.00
C ILE F 351 -86.58 -4.49 -26.24
N LYS F 352 -85.60 -3.60 -26.43
CA LYS F 352 -85.53 -2.78 -27.63
C LYS F 352 -85.19 -3.63 -28.85
N LYS F 353 -85.49 -3.09 -30.02
CA LYS F 353 -85.30 -3.84 -31.26
C LYS F 353 -83.82 -3.93 -31.59
N GLY F 354 -83.31 -5.16 -31.67
CA GLY F 354 -81.97 -5.41 -32.18
C GLY F 354 -80.88 -4.63 -31.48
N GLU F 355 -80.99 -4.44 -30.17
CA GLU F 355 -80.02 -3.63 -29.45
C GLU F 355 -79.26 -4.43 -28.42
N ASP F 356 -79.94 -5.00 -27.43
CA ASP F 356 -79.28 -5.73 -26.36
C ASP F 356 -79.19 -7.21 -26.73
N ARG F 357 -77.95 -7.70 -26.78
CA ARG F 357 -77.72 -9.14 -27.09
C ARG F 357 -78.28 -9.99 -25.95
N ILE F 358 -79.26 -10.83 -26.24
CA ILE F 358 -79.86 -11.70 -25.24
C ILE F 358 -79.13 -13.03 -25.28
N SER F 359 -78.55 -13.44 -24.16
CA SER F 359 -77.80 -14.68 -24.08
C SER F 359 -78.57 -15.70 -23.26
N VAL F 360 -78.75 -16.90 -23.81
CA VAL F 360 -79.39 -18.00 -23.09
C VAL F 360 -78.30 -18.74 -22.34
N LEU F 361 -78.45 -18.86 -21.03
CA LEU F 361 -77.44 -19.48 -20.18
C LEU F 361 -77.81 -20.95 -20.06
N ILE F 362 -77.33 -21.75 -21.03
CA ILE F 362 -77.85 -23.11 -21.19
C ILE F 362 -77.68 -23.99 -19.95
N PRO F 363 -76.60 -23.89 -19.17
CA PRO F 363 -76.53 -24.76 -17.97
C PRO F 363 -77.65 -24.49 -16.97
N GLN F 364 -77.93 -23.21 -16.69
CA GLN F 364 -79.03 -22.90 -15.77
C GLN F 364 -80.38 -23.29 -16.36
N LEU F 365 -80.57 -23.07 -17.66
CA LEU F 365 -81.79 -23.54 -18.31
C LEU F 365 -81.97 -25.03 -18.10
N HIS F 366 -80.90 -25.80 -18.31
CA HIS F 366 -80.92 -27.24 -18.10
C HIS F 366 -81.09 -27.63 -16.64
N ARG F 367 -80.91 -26.71 -15.69
CA ARG F 367 -81.14 -26.98 -14.28
C ARG F 367 -82.42 -26.34 -13.76
N ASP F 368 -83.32 -25.94 -14.65
CA ASP F 368 -84.56 -25.31 -14.23
C ASP F 368 -85.45 -26.37 -13.58
N LYS F 369 -85.66 -26.23 -12.26
CA LYS F 369 -86.43 -27.22 -11.52
C LYS F 369 -87.89 -27.21 -11.91
N ASP F 370 -88.42 -26.04 -12.26
CA ASP F 370 -89.83 -25.93 -12.64
C ASP F 370 -90.13 -26.76 -13.89
N ALA F 371 -89.15 -26.92 -14.77
CA ALA F 371 -89.32 -27.73 -15.98
C ALA F 371 -88.79 -29.15 -15.81
N TRP F 372 -87.67 -29.31 -15.10
CA TRP F 372 -86.95 -30.57 -15.06
C TRP F 372 -87.22 -31.40 -13.82
N GLY F 373 -87.73 -30.81 -12.77
CA GLY F 373 -87.88 -31.51 -11.51
C GLY F 373 -86.88 -31.04 -10.48
N ASP F 374 -86.82 -31.77 -9.38
CA ASP F 374 -86.04 -31.30 -8.23
C ASP F 374 -84.58 -31.79 -8.28
N ASN F 375 -84.33 -32.97 -8.83
CA ASN F 375 -82.98 -33.55 -8.90
C ASN F 375 -82.19 -33.04 -10.11
N VAL F 376 -82.21 -31.72 -10.34
CA VAL F 376 -81.53 -31.17 -11.50
C VAL F 376 -80.04 -31.51 -11.50
N GLU F 377 -79.43 -31.59 -10.32
CA GLU F 377 -78.00 -31.81 -10.24
C GLU F 377 -77.60 -33.28 -10.31
N GLU F 378 -78.54 -34.22 -10.19
CA GLU F 378 -78.18 -35.63 -10.30
C GLU F 378 -77.96 -35.99 -11.76
N PHE F 379 -77.02 -36.90 -11.99
CA PHE F 379 -76.76 -37.42 -13.34
C PHE F 379 -77.66 -38.61 -13.57
N GLN F 380 -78.70 -38.43 -14.39
CA GLN F 380 -79.70 -39.47 -14.61
C GLN F 380 -79.95 -39.63 -16.11
N PRO F 381 -79.22 -40.51 -16.78
CA PRO F 381 -79.53 -40.74 -18.21
C PRO F 381 -80.95 -41.19 -18.42
N GLU F 382 -81.50 -41.98 -17.49
CA GLU F 382 -82.86 -42.49 -17.61
C GLU F 382 -83.91 -41.38 -17.65
N ARG F 383 -83.52 -40.14 -17.33
CA ARG F 383 -84.40 -38.99 -17.58
C ARG F 383 -84.95 -39.00 -18.99
N PHE F 384 -84.10 -39.31 -19.97
CA PHE F 384 -84.51 -39.30 -21.37
C PHE F 384 -85.10 -40.63 -21.80
N GLU F 385 -85.41 -41.51 -20.84
CA GLU F 385 -85.94 -42.84 -21.18
C GLU F 385 -87.25 -42.73 -21.93
N GLU F 386 -88.05 -41.71 -21.63
CA GLU F 386 -89.31 -41.45 -22.33
C GLU F 386 -89.17 -40.10 -23.03
N LEU F 387 -88.93 -40.14 -24.34
CA LEU F 387 -89.01 -38.91 -25.14
C LEU F 387 -90.41 -38.32 -25.15
N ASP F 388 -91.37 -38.98 -24.49
CA ASP F 388 -92.69 -38.38 -24.28
C ASP F 388 -92.66 -37.28 -23.23
N LYS F 389 -91.75 -37.36 -22.26
CA LYS F 389 -91.74 -36.45 -21.12
C LYS F 389 -90.39 -35.81 -20.87
N VAL F 390 -89.64 -35.56 -21.95
CA VAL F 390 -88.47 -34.67 -21.87
C VAL F 390 -88.92 -33.23 -22.02
N PRO F 391 -88.58 -32.37 -21.07
CA PRO F 391 -88.95 -30.95 -21.18
C PRO F 391 -88.21 -30.26 -22.30
N HIS F 392 -88.60 -30.52 -23.55
CA HIS F 392 -88.09 -29.71 -24.65
C HIS F 392 -88.43 -28.24 -24.39
N HIS F 393 -87.62 -27.36 -24.97
CA HIS F 393 -87.61 -25.92 -24.72
C HIS F 393 -87.12 -25.58 -23.33
N ALA F 394 -86.78 -26.57 -22.51
CA ALA F 394 -85.84 -26.38 -21.41
C ALA F 394 -84.57 -27.20 -21.64
N TYR F 395 -84.42 -27.76 -22.84
CA TYR F 395 -83.26 -28.55 -23.22
C TYR F 395 -82.76 -28.00 -24.57
N LYS F 396 -81.67 -27.21 -24.55
CA LYS F 396 -81.16 -26.56 -25.76
C LYS F 396 -79.65 -26.72 -25.93
N PRO F 397 -79.13 -27.96 -25.87
CA PRO F 397 -77.69 -28.12 -26.09
C PRO F 397 -77.26 -27.83 -27.53
N PHE F 398 -78.17 -27.90 -28.49
CA PHE F 398 -77.89 -27.74 -29.90
C PHE F 398 -78.51 -26.47 -30.49
N GLY F 399 -78.71 -25.45 -29.66
CA GLY F 399 -79.33 -24.24 -30.15
C GLY F 399 -80.84 -24.39 -30.27
N ASN F 400 -81.42 -23.49 -31.06
CA ASN F 400 -82.87 -23.44 -31.17
C ASN F 400 -83.33 -23.16 -32.60
N GLY F 401 -84.41 -23.84 -32.99
CA GLY F 401 -85.14 -23.51 -34.21
C GLY F 401 -84.35 -23.63 -35.50
N GLN F 402 -84.49 -22.60 -36.33
CA GLN F 402 -83.91 -22.61 -37.67
C GLN F 402 -82.38 -22.53 -37.64
N ARG F 403 -81.82 -21.89 -36.61
CA ARG F 403 -80.38 -21.75 -36.44
C ARG F 403 -79.81 -22.77 -35.48
N ALA F 404 -80.50 -23.88 -35.24
CA ALA F 404 -79.95 -24.93 -34.39
C ALA F 404 -78.78 -25.63 -35.11
N CYS F 405 -78.09 -26.48 -34.37
CA CYS F 405 -76.90 -27.15 -34.87
C CYS F 405 -77.22 -28.07 -36.04
N ILE F 406 -76.59 -27.82 -37.19
CA ILE F 406 -76.73 -28.74 -38.31
C ILE F 406 -75.98 -30.04 -38.06
N GLY F 407 -74.93 -30.01 -37.24
CA GLY F 407 -74.12 -31.19 -36.99
C GLY F 407 -74.57 -32.04 -35.81
N MET F 408 -75.80 -31.82 -35.34
CA MET F 408 -76.32 -32.55 -34.18
C MET F 408 -76.26 -34.05 -34.39
N GLN F 409 -76.81 -34.55 -35.49
CA GLN F 409 -76.79 -35.99 -35.71
C GLN F 409 -75.37 -36.49 -35.93
N PHE F 410 -74.55 -35.73 -36.65
CA PHE F 410 -73.15 -36.09 -36.81
C PHE F 410 -72.49 -36.29 -35.45
N ALA F 411 -72.62 -35.28 -34.59
CA ALA F 411 -71.96 -35.33 -33.29
C ALA F 411 -72.48 -36.48 -32.44
N LEU F 412 -73.79 -36.68 -32.43
CA LEU F 412 -74.32 -37.71 -31.55
C LEU F 412 -73.98 -39.11 -32.04
N HIS F 413 -74.01 -39.32 -33.36
CA HIS F 413 -73.60 -40.61 -33.92
C HIS F 413 -72.14 -40.90 -33.62
N GLU F 414 -71.27 -39.93 -33.92
CA GLU F 414 -69.84 -40.13 -33.68
C GLU F 414 -69.56 -40.39 -32.21
N ALA F 415 -70.18 -39.63 -31.32
CA ALA F 415 -69.92 -39.82 -29.91
C ALA F 415 -70.41 -41.18 -29.43
N THR F 416 -71.59 -41.61 -29.89
CA THR F 416 -72.07 -42.95 -29.55
C THR F 416 -71.10 -44.01 -30.07
N LEU F 417 -70.66 -43.86 -31.31
CA LEU F 417 -69.72 -44.81 -31.90
C LEU F 417 -68.49 -44.96 -31.03
N VAL F 418 -67.81 -43.85 -30.75
CA VAL F 418 -66.56 -43.92 -30.01
C VAL F 418 -66.80 -44.43 -28.60
N MET F 419 -67.87 -43.98 -27.94
CA MET F 419 -68.11 -44.42 -26.57
C MET F 419 -68.38 -45.91 -26.50
N GLY F 420 -69.19 -46.44 -27.42
CA GLY F 420 -69.41 -47.87 -27.48
C GLY F 420 -68.13 -48.65 -27.73
N MET F 421 -67.28 -48.16 -28.64
CA MET F 421 -66.03 -48.88 -28.92
C MET F 421 -65.10 -48.87 -27.71
N LEU F 422 -64.97 -47.71 -27.06
CA LEU F 422 -64.13 -47.60 -25.88
C LEU F 422 -64.62 -48.53 -24.77
N LEU F 423 -65.93 -48.58 -24.55
CA LEU F 423 -66.46 -49.50 -23.55
C LEU F 423 -66.32 -50.95 -23.98
N GLN F 424 -66.37 -51.22 -25.29
CA GLN F 424 -66.15 -52.57 -25.80
C GLN F 424 -64.75 -53.07 -25.45
N HIS F 425 -63.74 -52.23 -25.62
CA HIS F 425 -62.37 -52.71 -25.49
C HIS F 425 -61.74 -52.46 -24.12
N PHE F 426 -62.15 -51.41 -23.41
CA PHE F 426 -61.37 -50.92 -22.28
C PHE F 426 -62.20 -50.78 -21.00
N GLU F 427 -61.54 -50.97 -19.87
CA GLU F 427 -62.04 -50.56 -18.56
C GLU F 427 -61.39 -49.24 -18.18
N LEU F 428 -62.21 -48.26 -17.85
CA LEU F 428 -61.74 -46.92 -17.54
C LEU F 428 -61.47 -46.82 -16.06
N ILE F 429 -60.28 -46.36 -15.69
CA ILE F 429 -59.83 -46.35 -14.30
C ILE F 429 -59.53 -44.93 -13.87
N ASP F 430 -60.20 -44.50 -12.80
CA ASP F 430 -60.03 -43.17 -12.20
C ASP F 430 -58.90 -43.19 -11.18
N TYR F 431 -57.68 -43.34 -11.68
CA TYR F 431 -56.56 -43.57 -10.77
C TYR F 431 -56.22 -42.36 -9.93
N GLN F 432 -56.58 -41.15 -10.36
CA GLN F 432 -56.31 -39.93 -9.61
C GLN F 432 -57.46 -39.54 -8.69
N ASN F 433 -58.60 -40.22 -8.77
CA ASN F 433 -59.86 -39.73 -8.21
C ASN F 433 -60.11 -38.29 -8.67
N TYR F 434 -60.33 -38.18 -9.98
CA TYR F 434 -60.38 -36.89 -10.65
C TYR F 434 -61.46 -35.99 -10.05
N GLN F 435 -61.11 -34.72 -9.87
CA GLN F 435 -62.03 -33.72 -9.36
C GLN F 435 -62.38 -32.76 -10.48
N LEU F 436 -63.66 -32.70 -10.82
CA LEU F 436 -64.10 -31.96 -12.01
C LEU F 436 -63.71 -30.48 -11.91
N ASP F 437 -63.13 -29.98 -12.99
CA ASP F 437 -62.83 -28.55 -13.14
C ASP F 437 -63.28 -28.15 -14.55
N VAL F 438 -64.36 -27.37 -14.62
CA VAL F 438 -64.93 -26.98 -15.90
C VAL F 438 -64.11 -25.81 -16.44
N LYS F 439 -63.22 -26.09 -17.40
CA LYS F 439 -62.46 -25.05 -18.07
C LYS F 439 -63.22 -24.59 -19.30
N GLN F 440 -63.07 -23.31 -19.64
CA GLN F 440 -63.80 -22.68 -20.74
C GLN F 440 -62.86 -21.94 -21.67
N THR F 441 -62.90 -22.31 -22.94
CA THR F 441 -62.29 -21.51 -24.00
C THR F 441 -63.45 -20.78 -24.67
N LEU F 442 -63.81 -21.20 -25.87
CA LEU F 442 -65.14 -20.87 -26.34
C LEU F 442 -66.16 -21.89 -25.89
N THR F 443 -65.70 -23.12 -25.62
CA THR F 443 -66.53 -24.23 -25.19
C THR F 443 -66.09 -24.70 -23.82
N LEU F 444 -66.90 -25.56 -23.21
CA LEU F 444 -66.58 -26.11 -21.91
C LEU F 444 -65.88 -27.47 -22.08
N LYS F 445 -64.97 -27.76 -21.15
CA LYS F 445 -64.20 -28.99 -21.16
C LYS F 445 -63.89 -29.38 -19.73
N PRO F 446 -63.68 -30.66 -19.47
CA PRO F 446 -63.01 -31.05 -18.21
C PRO F 446 -61.53 -30.70 -18.31
N GLY F 447 -61.01 -30.08 -17.25
CA GLY F 447 -59.63 -29.65 -17.20
C GLY F 447 -58.77 -30.65 -16.43
N ASP F 448 -57.57 -30.89 -16.96
CA ASP F 448 -56.58 -31.78 -16.34
C ASP F 448 -57.17 -33.15 -16.06
N PHE F 449 -57.93 -33.67 -17.02
CA PHE F 449 -58.69 -34.90 -16.86
C PHE F 449 -57.88 -36.05 -17.47
N LYS F 450 -57.30 -36.87 -16.61
CA LYS F 450 -56.49 -37.99 -17.05
C LYS F 450 -56.98 -39.27 -16.37
N ILE F 451 -56.96 -40.36 -17.11
CA ILE F 451 -57.41 -41.66 -16.62
C ILE F 451 -56.37 -42.69 -16.99
N ARG F 452 -56.52 -43.88 -16.41
CA ARG F 452 -55.83 -45.07 -16.91
C ARG F 452 -56.86 -45.99 -17.56
N ILE F 453 -56.37 -46.97 -18.30
CA ILE F 453 -57.23 -47.92 -18.99
C ILE F 453 -56.62 -49.32 -18.87
N LEU F 454 -57.49 -50.31 -18.80
CA LEU F 454 -56.99 -51.68 -18.93
C LEU F 454 -57.81 -52.43 -19.96
N PRO F 455 -57.22 -53.47 -20.57
CA PRO F 455 -57.96 -54.23 -21.59
C PRO F 455 -59.12 -55.03 -20.99
N ARG F 456 -59.85 -55.73 -21.86
CA ARG F 456 -60.90 -56.63 -21.41
C ARG F 456 -60.73 -58.01 -22.04
N SER G 6 8.26 -55.10 -46.00
CA SER G 6 7.96 -55.62 -44.68
C SER G 6 7.52 -54.50 -43.75
N ALA G 7 7.11 -53.38 -44.33
CA ALA G 7 6.56 -52.26 -43.57
C ALA G 7 5.22 -51.88 -44.17
N ILE G 8 4.22 -51.72 -43.32
CA ILE G 8 2.88 -51.39 -43.81
C ILE G 8 2.89 -50.00 -44.43
N PRO G 9 2.43 -49.84 -45.67
CA PRO G 9 2.42 -48.52 -46.30
C PRO G 9 1.69 -47.49 -45.45
N GLN G 10 2.20 -46.26 -45.47
CA GLN G 10 1.64 -45.18 -44.67
C GLN G 10 1.68 -43.89 -45.49
N PRO G 11 0.60 -43.11 -45.52
CA PRO G 11 0.64 -41.83 -46.22
C PRO G 11 1.57 -40.85 -45.51
N LYS G 12 1.77 -39.66 -46.06
CA LYS G 12 2.76 -38.75 -45.47
C LYS G 12 2.26 -38.22 -44.13
N THR G 13 3.09 -38.35 -43.10
CA THR G 13 2.85 -37.77 -41.80
C THR G 13 3.27 -36.31 -41.73
N TYR G 14 2.59 -35.56 -40.87
CA TYR G 14 2.85 -34.12 -40.70
C TYR G 14 3.19 -33.85 -39.24
N GLY G 15 4.36 -34.29 -38.81
CA GLY G 15 4.85 -34.06 -37.48
C GLY G 15 3.89 -34.57 -36.42
N PRO G 16 3.51 -33.69 -35.49
CA PRO G 16 2.55 -34.08 -34.44
C PRO G 16 1.16 -34.42 -34.97
N LEU G 17 0.79 -33.91 -36.15
CA LEU G 17 -0.55 -34.12 -36.69
C LEU G 17 -0.74 -35.51 -37.27
N GLY G 18 0.32 -36.31 -37.35
CA GLY G 18 0.22 -37.65 -37.89
C GLY G 18 -0.29 -37.67 -39.31
N ASN G 19 -1.23 -38.56 -39.58
CA ASN G 19 -1.88 -38.65 -40.88
C ASN G 19 -3.22 -37.94 -40.89
N LEU G 20 -3.63 -37.32 -39.79
CA LEU G 20 -4.98 -36.78 -39.71
C LEU G 20 -5.32 -35.68 -40.71
N PRO G 21 -4.39 -34.84 -41.20
CA PRO G 21 -4.79 -33.86 -42.24
C PRO G 21 -5.38 -34.51 -43.48
N LEU G 22 -5.39 -35.83 -43.57
CA LEU G 22 -5.91 -36.56 -44.71
C LEU G 22 -7.30 -37.11 -44.45
N ILE G 23 -7.87 -36.79 -43.29
CA ILE G 23 -9.15 -37.32 -42.85
C ILE G 23 -10.13 -36.18 -42.63
N ASP G 24 -11.39 -36.42 -42.96
CA ASP G 24 -12.49 -35.63 -42.43
C ASP G 24 -12.96 -36.34 -41.18
N LYS G 25 -12.72 -35.73 -40.01
CA LYS G 25 -13.06 -36.42 -38.77
C LYS G 25 -14.54 -36.78 -38.71
N ASP G 26 -15.40 -36.09 -39.47
CA ASP G 26 -16.81 -36.42 -39.51
C ASP G 26 -17.15 -37.53 -40.49
N LYS G 27 -16.24 -37.91 -41.37
CA LYS G 27 -16.48 -38.93 -42.37
C LYS G 27 -15.35 -39.94 -42.38
N PRO G 28 -15.15 -40.66 -41.27
CA PRO G 28 -13.96 -41.53 -41.16
C PRO G 28 -13.91 -42.63 -42.19
N THR G 29 -14.98 -43.42 -42.30
CA THR G 29 -15.00 -44.53 -43.25
C THR G 29 -14.78 -44.04 -44.69
N LEU G 30 -15.50 -42.99 -45.10
CA LEU G 30 -15.34 -42.46 -46.45
C LEU G 30 -13.92 -41.99 -46.69
N SER G 31 -13.34 -41.31 -45.70
CA SER G 31 -11.95 -40.86 -45.77
C SER G 31 -11.02 -42.05 -45.98
N PHE G 32 -11.22 -43.12 -45.22
CA PHE G 32 -10.40 -44.31 -45.36
C PHE G 32 -10.55 -44.95 -46.73
N ILE G 33 -11.75 -44.93 -47.30
CA ILE G 33 -11.93 -45.42 -48.66
C ILE G 33 -11.05 -44.62 -49.62
N LYS G 34 -11.05 -43.30 -49.47
CA LYS G 34 -10.18 -42.47 -50.31
C LYS G 34 -8.71 -42.89 -50.15
N ILE G 35 -8.26 -42.99 -48.91
CA ILE G 35 -6.87 -43.36 -48.70
C ILE G 35 -6.58 -44.77 -49.21
N ALA G 36 -7.58 -45.66 -49.18
CA ALA G 36 -7.41 -46.98 -49.77
C ALA G 36 -7.20 -46.88 -51.27
N GLU G 37 -7.99 -46.03 -51.93
CA GLU G 37 -7.80 -45.82 -53.36
C GLU G 37 -6.41 -45.28 -53.66
N GLU G 38 -5.81 -44.57 -52.70
CA GLU G 38 -4.46 -44.08 -52.95
C GLU G 38 -3.36 -45.10 -52.58
N TYR G 39 -3.52 -45.86 -51.49
CA TYR G 39 -2.41 -46.65 -50.95
C TYR G 39 -2.67 -48.16 -50.91
N GLY G 40 -3.85 -48.62 -51.30
CA GLY G 40 -4.09 -50.03 -51.54
C GLY G 40 -4.66 -50.85 -50.40
N PRO G 41 -4.50 -52.17 -50.49
CA PRO G 41 -5.25 -53.09 -49.62
C PRO G 41 -4.83 -53.07 -48.16
N ILE G 42 -3.69 -52.46 -47.82
CA ILE G 42 -3.29 -52.39 -46.43
C ILE G 42 -2.55 -51.08 -46.25
N PHE G 43 -2.91 -50.33 -45.22
CA PHE G 43 -2.15 -49.12 -44.91
C PHE G 43 -2.38 -48.78 -43.45
N GLN G 44 -1.61 -47.84 -42.95
CA GLN G 44 -1.74 -47.43 -41.56
C GLN G 44 -1.88 -45.91 -41.47
N ILE G 45 -2.70 -45.47 -40.54
CA ILE G 45 -3.02 -44.07 -40.32
C ILE G 45 -2.58 -43.71 -38.90
N GLN G 46 -1.79 -42.66 -38.77
CA GLN G 46 -1.27 -42.26 -37.48
C GLN G 46 -2.11 -41.10 -36.94
N THR G 47 -2.62 -41.25 -35.72
CA THR G 47 -3.41 -40.18 -35.11
C THR G 47 -2.49 -39.32 -34.23
N LEU G 48 -3.02 -38.32 -33.52
CA LEU G 48 -2.17 -37.62 -32.56
C LEU G 48 -1.78 -38.54 -31.41
N SER G 49 -2.57 -39.57 -31.14
CA SER G 49 -2.38 -40.41 -29.96
C SER G 49 -1.97 -41.84 -30.27
N ASP G 50 -2.39 -42.40 -31.39
CA ASP G 50 -2.20 -43.82 -31.65
C ASP G 50 -2.04 -44.05 -33.14
N THR G 51 -1.95 -45.33 -33.51
CA THR G 51 -1.82 -45.76 -34.90
C THR G 51 -2.88 -46.81 -35.18
N ILE G 52 -3.44 -46.75 -36.39
CA ILE G 52 -4.52 -47.63 -36.85
C ILE G 52 -4.07 -48.33 -38.11
N ILE G 53 -4.37 -49.61 -38.24
CA ILE G 53 -4.10 -50.36 -39.47
C ILE G 53 -5.41 -50.63 -40.17
N VAL G 54 -5.54 -50.14 -41.40
CA VAL G 54 -6.75 -50.30 -42.20
C VAL G 54 -6.47 -51.37 -43.26
N VAL G 55 -7.23 -52.45 -43.20
CA VAL G 55 -7.15 -53.58 -44.12
C VAL G 55 -8.39 -53.62 -45.00
N SER G 56 -8.18 -53.82 -46.30
CA SER G 56 -9.28 -53.88 -47.25
C SER G 56 -9.14 -54.95 -48.32
N GLY G 57 -7.94 -55.48 -48.57
CA GLY G 57 -7.79 -56.53 -49.57
C GLY G 57 -8.25 -57.86 -49.04
N HIS G 58 -8.95 -58.62 -49.89
CA HIS G 58 -9.62 -59.82 -49.40
C HIS G 58 -8.63 -60.87 -48.92
N GLU G 59 -7.44 -60.94 -49.50
CA GLU G 59 -6.43 -61.88 -49.01
C GLU G 59 -6.03 -61.50 -47.59
N LEU G 60 -5.68 -60.25 -47.38
CA LEU G 60 -5.28 -59.78 -46.06
C LEU G 60 -6.43 -59.85 -45.06
N VAL G 61 -7.65 -59.48 -45.49
CA VAL G 61 -8.80 -59.58 -44.59
C VAL G 61 -9.08 -61.02 -44.20
N ALA G 62 -9.01 -61.94 -45.18
CA ALA G 62 -9.22 -63.35 -44.88
C ALA G 62 -8.16 -63.86 -43.91
N GLU G 63 -6.94 -63.34 -44.05
CA GLU G 63 -5.84 -63.75 -43.14
C GLU G 63 -6.12 -63.20 -41.73
N VAL G 64 -6.58 -61.94 -41.65
CA VAL G 64 -6.85 -61.33 -40.36
C VAL G 64 -8.15 -61.87 -39.74
N CYS G 65 -9.03 -62.47 -40.53
CA CYS G 65 -10.27 -63.05 -39.99
C CYS G 65 -10.06 -64.40 -39.34
N ASP G 66 -8.83 -64.91 -39.34
CA ASP G 66 -8.52 -66.19 -38.71
C ASP G 66 -8.65 -66.05 -37.20
N GLU G 67 -9.58 -66.80 -36.60
CA GLU G 67 -9.83 -66.71 -35.17
C GLU G 67 -8.66 -67.24 -34.36
N THR G 68 -7.81 -68.07 -34.97
CA THR G 68 -6.63 -68.58 -34.28
C THR G 68 -5.68 -67.44 -33.92
N ARG G 69 -5.58 -66.44 -34.80
CA ARG G 69 -4.58 -65.40 -34.69
C ARG G 69 -5.10 -64.05 -34.26
N PHE G 70 -6.38 -63.76 -34.49
CA PHE G 70 -6.92 -62.44 -34.23
C PHE G 70 -8.26 -62.57 -33.53
N ASP G 71 -8.56 -61.60 -32.67
CA ASP G 71 -9.81 -61.59 -31.92
C ASP G 71 -10.44 -60.20 -32.03
N LYS G 72 -11.71 -60.13 -31.67
CA LYS G 72 -12.44 -58.86 -31.70
C LYS G 72 -11.76 -57.84 -30.79
N SER G 73 -11.69 -56.62 -31.27
CA SER G 73 -11.12 -55.50 -30.53
C SER G 73 -12.21 -54.53 -30.14
N ILE G 74 -11.98 -53.80 -29.05
CA ILE G 74 -12.88 -52.75 -28.62
C ILE G 74 -12.31 -51.46 -29.16
N GLU G 75 -12.91 -51.00 -30.27
CA GLU G 75 -12.49 -49.79 -30.95
C GLU G 75 -12.60 -48.58 -30.02
N GLY G 76 -12.12 -47.44 -30.51
CA GLY G 76 -12.40 -46.19 -29.83
C GLY G 76 -13.90 -45.93 -29.74
N ALA G 77 -14.59 -46.01 -30.89
CA ALA G 77 -16.04 -45.82 -30.89
C ALA G 77 -16.73 -46.84 -29.98
N LEU G 78 -16.31 -48.11 -30.05
CA LEU G 78 -16.94 -49.11 -29.19
C LEU G 78 -16.55 -48.91 -27.73
N ALA G 79 -15.37 -48.38 -27.45
CA ALA G 79 -15.04 -48.04 -26.06
C ALA G 79 -15.96 -46.94 -25.57
N LYS G 80 -16.30 -45.98 -26.43
CA LYS G 80 -17.31 -44.98 -26.09
C LYS G 80 -18.66 -45.64 -25.83
N VAL G 81 -19.03 -46.63 -26.66
CA VAL G 81 -20.32 -47.30 -26.51
C VAL G 81 -20.35 -48.10 -25.21
N ARG G 82 -19.17 -48.56 -24.77
CA ARG G 82 -19.03 -49.35 -23.56
C ARG G 82 -19.64 -48.67 -22.34
N ALA G 83 -19.74 -47.34 -22.36
CA ALA G 83 -20.24 -46.59 -21.20
C ALA G 83 -21.66 -47.02 -20.85
N PHE G 84 -22.52 -47.23 -21.85
CA PHE G 84 -23.90 -47.62 -21.61
C PHE G 84 -24.26 -49.01 -22.11
N ALA G 85 -23.50 -49.57 -23.05
CA ALA G 85 -23.71 -50.98 -23.42
C ALA G 85 -22.99 -51.92 -22.48
N GLY G 86 -22.00 -51.41 -21.74
CA GLY G 86 -21.41 -52.18 -20.66
C GLY G 86 -20.83 -53.50 -21.10
N ASP G 87 -21.18 -54.54 -20.35
CA ASP G 87 -20.71 -55.89 -20.60
C ASP G 87 -21.71 -56.69 -21.44
N GLY G 88 -22.28 -56.05 -22.47
CA GLY G 88 -23.19 -56.74 -23.36
C GLY G 88 -22.45 -57.39 -24.50
N LEU G 89 -23.22 -58.08 -25.35
CA LEU G 89 -22.62 -58.86 -26.42
C LEU G 89 -21.79 -58.00 -27.37
N PHE G 90 -22.18 -56.74 -27.56
CA PHE G 90 -21.54 -55.88 -28.56
C PHE G 90 -20.18 -55.37 -28.07
N THR G 91 -20.10 -55.00 -26.80
CA THR G 91 -18.96 -54.25 -26.28
C THR G 91 -18.16 -55.05 -25.26
N SER G 92 -18.33 -56.36 -25.23
CA SER G 92 -17.56 -57.18 -24.32
C SER G 92 -16.41 -57.83 -25.07
N GLU G 93 -15.29 -57.97 -24.37
CA GLU G 93 -14.15 -58.70 -24.87
C GLU G 93 -14.43 -60.21 -24.84
N THR G 94 -13.86 -60.94 -25.80
CA THR G 94 -14.19 -62.36 -25.95
C THR G 94 -13.78 -63.16 -24.71
N HIS G 95 -12.66 -62.77 -24.06
CA HIS G 95 -12.18 -63.44 -22.85
C HIS G 95 -13.05 -63.19 -21.63
N GLU G 96 -13.99 -62.24 -21.69
CA GLU G 96 -14.84 -62.00 -20.54
C GLU G 96 -15.86 -63.13 -20.39
N PRO G 97 -16.15 -63.56 -19.16
CA PRO G 97 -17.08 -64.69 -18.97
C PRO G 97 -18.47 -64.40 -19.52
N ASN G 98 -18.95 -63.17 -19.33
CA ASN G 98 -20.31 -62.81 -19.69
C ASN G 98 -20.55 -62.92 -21.19
N TRP G 99 -19.53 -62.74 -22.02
CA TRP G 99 -19.77 -62.83 -23.45
C TRP G 99 -20.21 -64.23 -23.85
N LYS G 100 -19.39 -65.24 -23.53
CA LYS G 100 -19.76 -66.61 -23.85
C LYS G 100 -21.01 -67.04 -23.10
N LYS G 101 -21.17 -66.55 -21.88
CA LYS G 101 -22.38 -66.79 -21.09
C LYS G 101 -23.62 -66.40 -21.88
N ALA G 102 -23.75 -65.11 -22.20
CA ALA G 102 -24.90 -64.60 -22.93
C ALA G 102 -24.97 -65.18 -24.34
N HIS G 103 -23.83 -65.46 -24.95
CA HIS G 103 -23.81 -66.05 -26.29
C HIS G 103 -24.53 -67.40 -26.29
N ASN G 104 -24.11 -68.33 -25.43
CA ASN G 104 -24.81 -69.60 -25.35
C ASN G 104 -26.27 -69.43 -24.96
N ILE G 105 -26.55 -68.51 -24.04
CA ILE G 105 -27.95 -68.34 -23.63
C ILE G 105 -28.81 -67.86 -24.79
N LEU G 106 -28.28 -66.95 -25.62
CA LEU G 106 -29.08 -66.22 -26.60
C LEU G 106 -28.93 -66.72 -28.03
N MET G 107 -27.95 -67.57 -28.35
CA MET G 107 -27.79 -68.01 -29.73
C MET G 107 -29.01 -68.74 -30.29
N PRO G 108 -29.63 -69.71 -29.59
CA PRO G 108 -30.79 -70.37 -30.21
C PRO G 108 -31.94 -69.42 -30.49
N THR G 109 -32.06 -68.37 -29.69
CA THR G 109 -33.16 -67.40 -29.84
C THR G 109 -33.04 -66.55 -31.10
N PHE G 110 -31.85 -66.45 -31.71
CA PHE G 110 -31.65 -65.62 -32.90
C PHE G 110 -31.46 -66.44 -34.17
N SER G 111 -31.70 -67.75 -34.12
CA SER G 111 -31.61 -68.60 -35.29
C SER G 111 -32.69 -68.24 -36.31
N GLN G 112 -32.63 -68.89 -37.47
CA GLN G 112 -33.63 -68.65 -38.50
C GLN G 112 -34.97 -69.25 -38.11
N ARG G 113 -34.97 -70.40 -37.42
CA ARG G 113 -36.22 -70.96 -36.95
C ARG G 113 -36.88 -70.04 -35.93
N ALA G 114 -36.10 -69.53 -34.99
CA ALA G 114 -36.63 -68.68 -33.94
C ALA G 114 -37.37 -67.47 -34.49
N MET G 115 -37.10 -67.10 -35.74
CA MET G 115 -37.76 -65.95 -36.34
C MET G 115 -39.27 -66.11 -36.41
N LYS G 116 -39.77 -67.36 -36.54
CA LYS G 116 -41.22 -67.50 -36.56
C LYS G 116 -41.81 -66.98 -35.25
N ASP G 117 -41.12 -67.23 -34.14
CA ASP G 117 -41.56 -66.71 -32.84
C ASP G 117 -41.70 -65.19 -32.85
N TYR G 118 -40.85 -64.49 -33.62
CA TYR G 118 -40.93 -63.04 -33.68
C TYR G 118 -41.77 -62.53 -34.83
N HIS G 119 -42.08 -63.39 -35.80
CA HIS G 119 -42.68 -62.91 -37.05
C HIS G 119 -43.90 -62.03 -36.77
N ALA G 120 -44.82 -62.52 -35.95
CA ALA G 120 -46.06 -61.78 -35.68
C ALA G 120 -45.76 -60.37 -35.21
N MET G 121 -44.90 -60.23 -34.18
CA MET G 121 -44.64 -58.89 -33.66
C MET G 121 -44.04 -57.99 -34.72
N MET G 122 -43.14 -58.53 -35.56
CA MET G 122 -42.59 -57.73 -36.64
C MET G 122 -43.71 -57.19 -37.52
N VAL G 123 -44.64 -58.07 -37.90
CA VAL G 123 -45.76 -57.64 -38.74
C VAL G 123 -46.50 -56.51 -38.06
N ASP G 124 -46.65 -56.59 -36.74
CA ASP G 124 -47.31 -55.53 -36.01
C ASP G 124 -46.71 -54.19 -36.40
N ILE G 125 -45.42 -54.03 -36.14
CA ILE G 125 -44.81 -52.73 -36.41
C ILE G 125 -44.85 -52.45 -37.91
N ALA G 126 -44.66 -53.50 -38.72
CA ALA G 126 -44.70 -53.33 -40.17
C ALA G 126 -46.03 -52.72 -40.59
N VAL G 127 -47.13 -53.27 -40.06
CA VAL G 127 -48.45 -52.76 -40.43
C VAL G 127 -48.53 -51.28 -40.09
N GLN G 128 -48.02 -50.90 -38.92
CA GLN G 128 -48.06 -49.50 -38.53
C GLN G 128 -47.39 -48.63 -39.59
N LEU G 129 -46.17 -49.02 -39.99
CA LEU G 129 -45.49 -48.26 -41.03
C LEU G 129 -46.37 -48.14 -42.25
N VAL G 130 -46.90 -49.28 -42.72
CA VAL G 130 -47.72 -49.24 -43.92
C VAL G 130 -48.89 -48.28 -43.71
N GLN G 131 -49.58 -48.41 -42.57
CA GLN G 131 -50.74 -47.56 -42.35
C GLN G 131 -50.32 -46.10 -42.28
N LYS G 132 -49.18 -45.82 -41.65
CA LYS G 132 -48.70 -44.43 -41.67
C LYS G 132 -48.57 -43.96 -43.11
N TRP G 133 -47.80 -44.71 -43.92
CA TRP G 133 -47.62 -44.30 -45.29
C TRP G 133 -48.94 -44.34 -46.05
N ALA G 134 -49.87 -45.21 -45.63
CA ALA G 134 -51.14 -45.29 -46.34
C ALA G 134 -51.99 -44.06 -46.09
N ARG G 135 -51.82 -43.41 -44.94
CA ARG G 135 -52.68 -42.30 -44.55
C ARG G 135 -52.13 -40.92 -44.87
N LEU G 136 -51.08 -40.83 -45.70
CA LEU G 136 -50.60 -39.50 -46.04
C LEU G 136 -51.50 -38.81 -47.05
N ASN G 137 -51.43 -37.48 -47.02
CA ASN G 137 -52.20 -36.63 -47.91
C ASN G 137 -51.50 -36.51 -49.25
N PRO G 138 -52.20 -36.06 -50.28
CA PRO G 138 -51.59 -35.94 -51.61
C PRO G 138 -50.31 -35.11 -51.59
N ASN G 139 -49.30 -35.57 -52.33
CA ASN G 139 -47.99 -34.95 -52.51
C ASN G 139 -47.21 -34.74 -51.21
N GLU G 140 -47.64 -35.35 -50.10
CA GLU G 140 -46.79 -35.33 -48.91
C GLU G 140 -45.61 -36.25 -49.12
N ASN G 141 -44.45 -35.84 -48.63
CA ASN G 141 -43.24 -36.64 -48.73
C ASN G 141 -42.97 -37.38 -47.43
N VAL G 142 -42.28 -38.52 -47.55
CA VAL G 142 -41.84 -39.29 -46.39
C VAL G 142 -40.33 -39.22 -46.32
N ASP G 143 -39.82 -39.18 -45.09
CA ASP G 143 -38.39 -39.20 -44.82
C ASP G 143 -38.01 -40.64 -44.53
N VAL G 144 -37.35 -41.29 -45.50
CA VAL G 144 -37.15 -42.74 -45.42
C VAL G 144 -36.32 -43.14 -44.21
N PRO G 145 -35.17 -42.52 -43.91
CA PRO G 145 -34.42 -42.98 -42.73
C PRO G 145 -35.19 -42.79 -41.43
N GLU G 146 -35.93 -41.68 -41.29
CA GLU G 146 -36.69 -41.47 -40.06
C GLU G 146 -37.73 -42.57 -39.85
N ASP G 147 -38.50 -42.89 -40.90
CA ASP G 147 -39.56 -43.88 -40.75
C ASP G 147 -38.98 -45.29 -40.60
N MET G 148 -37.90 -45.60 -41.33
CA MET G 148 -37.24 -46.88 -41.16
C MET G 148 -36.71 -47.03 -39.73
N THR G 149 -36.19 -45.95 -39.16
CA THR G 149 -35.67 -46.00 -37.79
C THR G 149 -36.79 -46.18 -36.78
N ARG G 150 -37.90 -45.47 -36.96
CA ARG G 150 -39.08 -45.70 -36.14
C ARG G 150 -39.47 -47.18 -36.18
N LEU G 151 -39.57 -47.74 -37.38
CA LEU G 151 -39.95 -49.14 -37.51
C LEU G 151 -38.96 -50.05 -36.79
N THR G 152 -37.66 -49.87 -37.02
CA THR G 152 -36.70 -50.83 -36.49
C THR G 152 -36.61 -50.74 -34.96
N LEU G 153 -36.63 -49.53 -34.41
CA LEU G 153 -36.62 -49.38 -32.97
C LEU G 153 -37.86 -49.99 -32.33
N ASP G 154 -39.04 -49.69 -32.89
CA ASP G 154 -40.26 -50.24 -32.30
C ASP G 154 -40.28 -51.76 -32.43
N THR G 155 -39.81 -52.28 -33.57
CA THR G 155 -39.79 -53.72 -33.77
C THR G 155 -38.88 -54.40 -32.77
N ILE G 156 -37.67 -53.90 -32.59
CA ILE G 156 -36.76 -54.58 -31.67
C ILE G 156 -37.28 -54.46 -30.24
N GLY G 157 -37.78 -53.29 -29.84
CA GLY G 157 -38.30 -53.17 -28.50
C GLY G 157 -39.44 -54.15 -28.24
N LEU G 158 -40.39 -54.22 -29.17
CA LEU G 158 -41.54 -55.10 -29.01
C LEU G 158 -41.12 -56.57 -29.01
N CYS G 159 -40.34 -56.98 -30.01
CA CYS G 159 -39.94 -58.38 -30.11
C CYS G 159 -39.04 -58.81 -28.96
N GLY G 160 -38.19 -57.91 -28.47
CA GLY G 160 -37.20 -58.27 -27.48
C GLY G 160 -37.72 -58.25 -26.07
N PHE G 161 -38.44 -57.20 -25.68
CA PHE G 161 -38.91 -57.11 -24.30
C PHE G 161 -40.34 -56.59 -24.20
N ASN G 162 -41.13 -56.68 -25.27
CA ASN G 162 -42.56 -56.35 -25.25
C ASN G 162 -42.81 -54.93 -24.75
N TYR G 163 -41.98 -54.00 -25.21
CA TYR G 163 -42.15 -52.60 -24.87
C TYR G 163 -42.47 -51.83 -26.14
N ARG G 164 -43.51 -51.01 -26.09
CA ARG G 164 -43.90 -50.25 -27.27
C ARG G 164 -43.35 -48.85 -27.14
N PHE G 165 -42.34 -48.54 -27.96
CA PHE G 165 -41.83 -47.17 -28.03
C PHE G 165 -42.85 -46.26 -28.68
N ASN G 166 -43.76 -46.82 -29.49
CA ASN G 166 -44.81 -46.06 -30.15
C ASN G 166 -44.22 -44.91 -30.94
N SER G 167 -43.16 -45.22 -31.70
CA SER G 167 -42.48 -44.18 -32.47
C SER G 167 -43.39 -43.57 -33.52
N PHE G 168 -44.39 -44.33 -33.99
CA PHE G 168 -45.29 -43.80 -35.00
C PHE G 168 -46.34 -42.88 -34.42
N TYR G 169 -46.41 -42.72 -33.11
CA TYR G 169 -47.32 -41.77 -32.48
C TYR G 169 -46.65 -40.44 -32.16
N ARG G 170 -45.40 -40.26 -32.55
CA ARG G 170 -44.65 -39.07 -32.23
C ARG G 170 -44.06 -38.47 -33.51
N GLU G 171 -44.03 -37.15 -33.56
CA GLU G 171 -43.19 -36.45 -34.52
C GLU G 171 -41.78 -36.21 -33.97
N THR G 172 -41.64 -36.15 -32.65
CA THR G 172 -40.33 -36.13 -32.02
C THR G 172 -39.88 -37.57 -31.77
N PRO G 173 -38.70 -37.98 -32.26
CA PRO G 173 -38.24 -39.34 -31.98
C PRO G 173 -38.22 -39.60 -30.48
N HIS G 174 -38.40 -40.88 -30.13
CA HIS G 174 -38.59 -41.23 -28.73
C HIS G 174 -37.42 -40.69 -27.90
N PRO G 175 -37.64 -40.37 -26.63
CA PRO G 175 -36.53 -39.92 -25.78
C PRO G 175 -35.34 -40.86 -25.83
N PHE G 176 -35.59 -42.16 -26.01
CA PHE G 176 -34.51 -43.12 -26.06
C PHE G 176 -33.55 -42.85 -27.22
N ILE G 177 -34.07 -42.45 -28.40
CA ILE G 177 -33.21 -42.22 -29.56
C ILE G 177 -32.44 -40.90 -29.42
N THR G 178 -33.11 -39.84 -28.99
CA THR G 178 -32.38 -38.60 -28.74
C THR G 178 -31.29 -38.82 -27.70
N SER G 179 -31.59 -39.58 -26.65
CA SER G 179 -30.54 -39.93 -25.68
C SER G 179 -29.47 -40.81 -26.31
N MET G 180 -29.84 -41.64 -27.28
CA MET G 180 -28.86 -42.45 -28.00
C MET G 180 -27.83 -41.56 -28.67
N THR G 181 -28.30 -40.53 -29.38
CA THR G 181 -27.37 -39.59 -29.99
C THR G 181 -26.61 -38.78 -28.95
N ARG G 182 -27.26 -38.44 -27.83
CA ARG G 182 -26.60 -37.74 -26.73
C ARG G 182 -25.47 -38.57 -26.14
N ALA G 183 -25.58 -39.89 -26.21
CA ALA G 183 -24.57 -40.77 -25.63
C ALA G 183 -23.34 -40.85 -26.53
N LEU G 184 -23.56 -41.11 -27.82
CA LEU G 184 -22.47 -41.18 -28.78
C LEU G 184 -22.06 -39.80 -29.26
N SER G 214 -28.74 -43.12 -17.74
CA SER G 214 -30.07 -42.61 -17.47
C SER G 214 -31.15 -43.52 -18.06
N MET G 215 -30.83 -44.13 -19.21
CA MET G 215 -31.70 -45.11 -19.84
C MET G 215 -31.92 -46.32 -18.94
N PHE G 216 -31.10 -46.46 -17.90
CA PHE G 216 -31.07 -47.67 -17.11
C PHE G 216 -32.37 -48.00 -16.38
N SER G 217 -33.15 -47.01 -15.93
CA SER G 217 -34.36 -47.36 -15.20
C SER G 217 -35.46 -47.90 -16.10
N LEU G 218 -35.65 -47.31 -17.28
CA LEU G 218 -36.64 -47.86 -18.18
C LEU G 218 -36.38 -49.35 -18.34
N VAL G 219 -35.13 -49.70 -18.59
CA VAL G 219 -34.72 -51.09 -18.74
C VAL G 219 -34.92 -51.87 -17.44
N ASP G 220 -34.52 -51.28 -16.31
CA ASP G 220 -34.53 -51.99 -15.02
C ASP G 220 -35.94 -52.36 -14.58
N ASN G 221 -36.85 -51.39 -14.47
CA ASN G 221 -38.19 -51.77 -14.04
C ASN G 221 -38.93 -52.54 -15.12
N ILE G 222 -38.55 -52.45 -16.39
CA ILE G 222 -39.08 -53.40 -17.35
C ILE G 222 -38.59 -54.81 -17.05
N ILE G 223 -37.32 -54.96 -16.62
CA ILE G 223 -36.84 -56.29 -16.24
C ILE G 223 -37.56 -56.77 -14.98
N ALA G 224 -37.87 -55.84 -14.06
CA ALA G 224 -38.50 -56.23 -12.81
C ALA G 224 -39.92 -56.74 -13.04
N GLU G 225 -40.62 -56.12 -14.00
CA GLU G 225 -41.95 -56.58 -14.37
C GLU G 225 -41.85 -57.85 -15.22
N ASP G 236 -40.31 -64.00 -24.91
CA ASP G 236 -39.45 -63.36 -25.90
C ASP G 236 -37.99 -63.32 -25.43
N LEU G 237 -37.24 -62.31 -25.88
CA LEU G 237 -35.81 -62.23 -25.55
C LEU G 237 -35.61 -62.10 -24.04
N LEU G 238 -36.33 -61.16 -23.41
CA LEU G 238 -36.17 -60.96 -21.97
C LEU G 238 -36.60 -62.18 -21.18
N SER G 239 -37.62 -62.90 -21.65
CA SER G 239 -38.10 -64.08 -20.94
C SER G 239 -37.17 -65.29 -21.13
N ARG G 240 -36.38 -65.32 -22.20
CA ARG G 240 -35.34 -66.33 -22.28
C ARG G 240 -34.16 -65.98 -21.39
N MET G 241 -33.81 -64.70 -21.28
CA MET G 241 -32.73 -64.31 -20.40
C MET G 241 -33.06 -64.52 -18.92
N LEU G 242 -34.25 -65.03 -18.60
CA LEU G 242 -34.62 -65.37 -17.24
C LEU G 242 -34.82 -66.88 -17.09
N ASP G 254 -27.26 -62.44 -14.84
CA ASP G 254 -27.21 -61.44 -13.78
C ASP G 254 -28.21 -60.34 -14.09
N ASP G 255 -28.46 -59.55 -13.06
CA ASP G 255 -29.39 -58.43 -13.14
C ASP G 255 -28.84 -57.38 -14.08
N GLU G 256 -27.64 -56.89 -13.77
CA GLU G 256 -27.02 -55.83 -14.54
C GLU G 256 -26.73 -56.22 -15.98
N ASN G 257 -26.21 -57.44 -16.19
CA ASN G 257 -25.77 -57.77 -17.54
C ASN G 257 -26.95 -57.88 -18.49
N ILE G 258 -28.09 -58.38 -18.02
CA ILE G 258 -29.25 -58.39 -18.91
C ILE G 258 -29.76 -56.97 -19.16
N ARG G 259 -29.64 -56.05 -18.18
CA ARG G 259 -29.88 -54.64 -18.54
C ARG G 259 -29.03 -54.25 -19.74
N PHE G 260 -27.73 -54.49 -19.61
CA PHE G 260 -26.78 -54.18 -20.68
C PHE G 260 -27.15 -54.88 -21.98
N GLN G 261 -27.63 -56.12 -21.89
CA GLN G 261 -27.97 -56.88 -23.09
C GLN G 261 -29.14 -56.25 -23.83
N ILE G 262 -30.18 -55.84 -23.10
CA ILE G 262 -31.33 -55.24 -23.77
C ILE G 262 -30.91 -53.93 -24.42
N ILE G 263 -30.14 -53.12 -23.71
CA ILE G 263 -29.66 -51.86 -24.28
C ILE G 263 -28.80 -52.15 -25.51
N THR G 264 -27.98 -53.21 -25.43
CA THR G 264 -27.12 -53.60 -26.52
C THR G 264 -27.94 -54.00 -27.74
N PHE G 265 -29.02 -54.77 -27.54
CA PHE G 265 -29.85 -55.17 -28.67
C PHE G 265 -30.43 -53.96 -29.35
N LEU G 266 -31.02 -53.04 -28.56
CA LEU G 266 -31.57 -51.83 -29.13
C LEU G 266 -30.54 -51.10 -29.98
N ILE G 267 -29.41 -50.73 -29.36
CA ILE G 267 -28.44 -49.88 -30.04
C ILE G 267 -27.83 -50.62 -31.23
N ALA G 268 -27.36 -51.85 -31.02
CA ALA G 268 -26.65 -52.58 -32.06
C ALA G 268 -27.55 -52.96 -33.23
N GLY G 269 -28.85 -53.13 -33.00
CA GLY G 269 -29.73 -53.56 -34.06
C GLY G 269 -30.37 -52.46 -34.87
N HIS G 270 -30.99 -51.47 -34.19
CA HIS G 270 -31.96 -50.65 -34.90
C HIS G 270 -31.31 -49.77 -35.96
N GLU G 271 -30.16 -49.16 -35.66
CA GLU G 271 -29.56 -48.20 -36.58
C GLU G 271 -29.05 -48.91 -37.84
N THR G 272 -28.37 -50.04 -37.65
CA THR G 272 -27.91 -50.82 -38.80
C THR G 272 -29.08 -51.28 -39.66
N THR G 273 -30.15 -51.80 -39.04
CA THR G 273 -31.21 -52.37 -39.85
C THR G 273 -31.97 -51.28 -40.61
N SER G 274 -32.18 -50.11 -39.98
CA SER G 274 -32.82 -49.01 -40.70
C SER G 274 -31.93 -48.49 -41.83
N GLY G 275 -30.62 -48.45 -41.60
CA GLY G 275 -29.74 -48.09 -42.69
C GLY G 275 -29.85 -49.04 -43.86
N LEU G 276 -29.91 -50.35 -43.58
CA LEU G 276 -30.10 -51.33 -44.65
C LEU G 276 -31.39 -51.05 -45.42
N LEU G 277 -32.50 -50.86 -44.70
CA LEU G 277 -33.77 -50.59 -45.37
C LEU G 277 -33.68 -49.36 -46.26
N SER G 278 -33.06 -48.29 -45.75
CA SER G 278 -32.97 -47.06 -46.53
C SER G 278 -32.15 -47.27 -47.80
N PHE G 279 -31.01 -47.95 -47.67
CA PHE G 279 -30.18 -48.19 -48.85
C PHE G 279 -30.88 -49.09 -49.85
N ALA G 280 -31.64 -50.08 -49.37
CA ALA G 280 -32.37 -50.96 -50.28
C ALA G 280 -33.44 -50.18 -51.04
N ILE G 281 -34.18 -49.31 -50.35
CA ILE G 281 -35.15 -48.46 -51.02
C ILE G 281 -34.45 -47.56 -52.03
N TYR G 282 -33.29 -47.01 -51.67
CA TYR G 282 -32.54 -46.16 -52.59
C TYR G 282 -32.16 -46.90 -53.88
N PHE G 283 -31.58 -48.09 -53.74
CA PHE G 283 -31.14 -48.84 -54.91
C PHE G 283 -32.33 -49.26 -55.77
N LEU G 284 -33.43 -49.67 -55.15
CA LEU G 284 -34.61 -50.00 -55.93
C LEU G 284 -35.15 -48.78 -56.67
N LEU G 285 -35.04 -47.60 -56.07
CA LEU G 285 -35.47 -46.39 -56.76
C LEU G 285 -34.54 -46.04 -57.93
N LYS G 286 -33.27 -46.41 -57.82
CA LYS G 286 -32.29 -46.05 -58.83
C LYS G 286 -32.06 -47.14 -59.87
N ASN G 287 -32.63 -48.34 -59.69
CA ASN G 287 -32.45 -49.45 -60.61
C ASN G 287 -33.80 -50.02 -61.02
N PRO G 288 -34.43 -49.46 -62.06
CA PRO G 288 -35.81 -49.85 -62.38
C PRO G 288 -35.98 -51.32 -62.76
N ASP G 289 -35.01 -51.92 -63.43
CA ASP G 289 -35.14 -53.33 -63.81
C ASP G 289 -35.29 -54.21 -62.59
N LYS G 290 -34.39 -54.01 -61.62
CA LYS G 290 -34.38 -54.84 -60.43
C LYS G 290 -35.63 -54.59 -59.60
N LEU G 291 -36.13 -53.35 -59.60
CA LEU G 291 -37.40 -53.06 -58.94
C LEU G 291 -38.55 -53.78 -59.62
N LYS G 292 -38.53 -53.88 -60.95
CA LYS G 292 -39.58 -54.62 -61.64
C LYS G 292 -39.55 -56.10 -61.28
N LYS G 293 -38.34 -56.68 -61.21
CA LYS G 293 -38.24 -58.07 -60.78
C LYS G 293 -38.75 -58.24 -59.34
N ALA G 294 -38.42 -57.29 -58.47
CA ALA G 294 -38.91 -57.34 -57.10
C ALA G 294 -40.43 -57.25 -57.04
N TYR G 295 -41.03 -56.36 -57.84
CA TYR G 295 -42.48 -56.27 -57.91
C TYR G 295 -43.08 -57.59 -58.38
N GLU G 296 -42.51 -58.18 -59.43
CA GLU G 296 -42.99 -59.47 -59.92
C GLU G 296 -43.01 -60.51 -58.80
N GLU G 297 -41.88 -60.61 -58.08
CA GLU G 297 -41.80 -61.60 -57.02
C GLU G 297 -42.78 -61.31 -55.89
N VAL G 298 -42.90 -60.05 -55.50
CA VAL G 298 -43.77 -59.70 -54.38
C VAL G 298 -45.21 -60.00 -54.74
N ASP G 299 -45.63 -59.62 -55.95
CA ASP G 299 -46.99 -59.90 -56.39
C ASP G 299 -47.24 -61.41 -56.43
N ARG G 300 -46.27 -62.19 -56.90
CA ARG G 300 -46.44 -63.65 -56.93
C ARG G 300 -46.51 -64.26 -55.54
N VAL G 301 -45.71 -63.79 -54.58
CA VAL G 301 -45.60 -64.49 -53.31
C VAL G 301 -46.59 -64.01 -52.24
N LEU G 302 -46.92 -62.73 -52.21
CA LEU G 302 -47.70 -62.16 -51.09
C LEU G 302 -49.18 -62.05 -51.50
N THR G 303 -49.91 -63.15 -51.29
CA THR G 303 -51.31 -63.20 -51.68
C THR G 303 -52.23 -62.65 -50.61
N ASP G 304 -51.82 -62.67 -49.36
CA ASP G 304 -52.62 -62.27 -48.21
C ASP G 304 -52.35 -60.83 -47.83
N PRO G 305 -53.20 -60.23 -46.99
CA PRO G 305 -52.95 -58.83 -46.59
C PRO G 305 -51.67 -58.64 -45.82
N THR G 306 -51.39 -59.52 -44.85
CA THR G 306 -50.14 -59.48 -44.13
C THR G 306 -49.37 -60.76 -44.42
N PRO G 307 -48.09 -60.67 -44.75
CA PRO G 307 -47.33 -61.86 -45.12
C PRO G 307 -47.16 -62.86 -43.99
N THR G 308 -47.03 -64.11 -44.37
CA THR G 308 -46.70 -65.18 -43.44
C THR G 308 -45.21 -65.44 -43.47
N TYR G 309 -44.77 -66.24 -42.51
CA TYR G 309 -43.36 -66.58 -42.34
C TYR G 309 -42.81 -67.29 -43.58
N GLN G 310 -43.51 -68.31 -44.05
CA GLN G 310 -43.05 -69.03 -45.23
C GLN G 310 -43.07 -68.15 -46.48
N GLN G 311 -44.03 -67.21 -46.57
CA GLN G 311 -44.05 -66.33 -47.73
C GLN G 311 -42.88 -65.37 -47.76
N VAL G 312 -42.47 -64.81 -46.62
CA VAL G 312 -41.30 -63.95 -46.63
C VAL G 312 -40.05 -64.75 -46.94
N MET G 313 -39.98 -66.01 -46.47
CA MET G 313 -38.84 -66.85 -46.85
C MET G 313 -38.76 -67.04 -48.34
N LYS G 314 -39.91 -67.25 -48.99
CA LYS G 314 -39.92 -67.44 -50.42
C LYS G 314 -39.54 -66.17 -51.18
N LEU G 315 -39.43 -65.03 -50.49
CA LEU G 315 -38.98 -63.80 -51.13
C LEU G 315 -37.45 -63.81 -51.23
N LYS G 316 -36.94 -64.54 -52.22
CA LYS G 316 -35.49 -64.68 -52.32
C LYS G 316 -34.84 -63.53 -53.08
N TYR G 317 -35.51 -62.97 -54.10
CA TYR G 317 -34.92 -61.87 -54.83
C TYR G 317 -34.83 -60.61 -53.98
N MET G 318 -35.83 -60.39 -53.12
CA MET G 318 -35.77 -59.26 -52.20
C MET G 318 -34.58 -59.40 -51.25
N ARG G 319 -34.36 -60.63 -50.76
CA ARG G 319 -33.21 -60.91 -49.91
C ARG G 319 -31.89 -60.78 -50.67
N MET G 320 -31.89 -61.08 -51.98
CA MET G 320 -30.68 -60.81 -52.76
C MET G 320 -30.46 -59.30 -52.91
N ILE G 321 -31.55 -58.55 -53.05
CA ILE G 321 -31.46 -57.09 -53.06
C ILE G 321 -30.82 -56.60 -51.76
N LEU G 322 -31.23 -57.17 -50.64
CA LEU G 322 -30.66 -56.79 -49.35
C LEU G 322 -29.18 -57.17 -49.27
N ASN G 323 -28.82 -58.37 -49.74
CA ASN G 323 -27.42 -58.78 -49.76
C ASN G 323 -26.59 -57.81 -50.59
N GLU G 324 -27.11 -57.43 -51.76
CA GLU G 324 -26.40 -56.54 -52.65
C GLU G 324 -26.26 -55.14 -52.04
N SER G 325 -27.32 -54.66 -51.39
CA SER G 325 -27.26 -53.37 -50.72
C SER G 325 -26.21 -53.36 -49.62
N LEU G 326 -26.16 -54.42 -48.82
CA LEU G 326 -25.13 -54.51 -47.78
C LEU G 326 -23.74 -54.63 -48.38
N ARG G 327 -23.61 -55.21 -49.58
CA ARG G 327 -22.30 -55.21 -50.22
C ARG G 327 -21.88 -53.81 -50.62
N LEU G 328 -22.74 -53.09 -51.34
CA LEU G 328 -22.36 -51.77 -51.82
C LEU G 328 -22.12 -50.81 -50.68
N TRP G 329 -23.04 -50.77 -49.71
CA TRP G 329 -22.92 -49.90 -48.53
C TRP G 329 -23.15 -50.73 -47.27
N PRO G 330 -22.10 -51.38 -46.76
CA PRO G 330 -22.25 -52.12 -45.50
C PRO G 330 -22.60 -51.18 -44.38
N THR G 331 -23.81 -51.34 -43.86
CA THR G 331 -24.36 -50.40 -42.89
C THR G 331 -23.50 -50.30 -41.63
N ALA G 332 -22.91 -51.42 -41.21
CA ALA G 332 -21.82 -51.40 -40.25
C ALA G 332 -20.52 -51.47 -41.03
N PRO G 333 -19.81 -50.35 -41.22
CA PRO G 333 -18.74 -50.32 -42.22
C PRO G 333 -17.39 -50.82 -41.76
N ALA G 334 -17.21 -51.12 -40.47
CA ALA G 334 -15.91 -51.55 -39.99
C ALA G 334 -16.06 -52.41 -38.74
N PHE G 335 -15.08 -53.29 -38.53
CA PHE G 335 -14.86 -53.90 -37.23
C PHE G 335 -13.37 -54.06 -37.00
N SER G 336 -12.98 -54.07 -35.72
CA SER G 336 -11.58 -54.05 -35.35
C SER G 336 -11.17 -55.36 -34.69
N LEU G 337 -9.89 -55.69 -34.86
CA LEU G 337 -9.30 -56.93 -34.41
C LEU G 337 -7.95 -56.63 -33.78
N TYR G 338 -7.45 -57.60 -33.01
CA TYR G 338 -6.12 -57.54 -32.41
C TYR G 338 -5.45 -58.90 -32.51
N ALA G 339 -4.13 -58.88 -32.43
CA ALA G 339 -3.32 -60.09 -32.61
C ALA G 339 -3.14 -60.82 -31.29
N LYS G 340 -3.36 -62.14 -31.31
CA LYS G 340 -3.21 -62.95 -30.11
C LYS G 340 -1.79 -63.46 -29.91
N GLU G 341 -0.99 -63.55 -30.97
CA GLU G 341 0.46 -63.72 -30.87
C GLU G 341 1.11 -62.95 -32.01
N ASP G 342 2.38 -62.58 -31.82
CA ASP G 342 3.13 -61.88 -32.86
C ASP G 342 3.07 -62.68 -34.15
N THR G 343 2.77 -62.01 -35.26
CA THR G 343 2.57 -62.73 -36.51
C THR G 343 2.88 -61.80 -37.69
N VAL G 344 2.79 -62.36 -38.89
CA VAL G 344 2.94 -61.66 -40.15
C VAL G 344 1.73 -61.97 -41.01
N ILE G 345 1.23 -60.96 -41.71
CA ILE G 345 0.08 -61.13 -42.60
C ILE G 345 0.51 -60.72 -44.00
N GLY G 346 -0.11 -61.35 -45.00
CA GLY G 346 0.26 -61.13 -46.37
C GLY G 346 1.64 -61.58 -46.74
N GLY G 347 2.29 -62.37 -45.87
CA GLY G 347 3.66 -62.78 -46.11
C GLY G 347 4.72 -61.73 -45.88
N LYS G 348 4.35 -60.49 -45.59
CA LYS G 348 5.32 -59.40 -45.46
C LYS G 348 5.10 -58.54 -44.22
N TYR G 349 3.85 -58.29 -43.84
CA TYR G 349 3.56 -57.22 -42.91
C TYR G 349 3.53 -57.73 -41.47
N PRO G 350 4.38 -57.24 -40.58
CA PRO G 350 4.42 -57.72 -39.20
C PRO G 350 3.39 -56.99 -38.34
N ILE G 351 2.85 -57.72 -37.37
CA ILE G 351 1.80 -57.17 -36.52
C ILE G 351 2.25 -57.23 -35.06
N LYS G 352 2.37 -56.05 -34.45
CA LYS G 352 2.56 -55.94 -33.01
C LYS G 352 1.34 -56.51 -32.30
N LYS G 353 1.54 -57.01 -31.10
CA LYS G 353 0.55 -57.83 -30.43
C LYS G 353 -0.27 -57.02 -29.44
N GLY G 354 -1.58 -56.94 -29.66
CA GLY G 354 -2.51 -56.35 -28.72
C GLY G 354 -2.59 -54.84 -28.71
N GLU G 355 -1.62 -54.14 -29.32
CA GLU G 355 -1.58 -52.69 -29.28
C GLU G 355 -1.74 -52.06 -30.66
N ASP G 356 -1.88 -52.86 -31.71
CA ASP G 356 -2.28 -52.38 -33.03
C ASP G 356 -3.74 -52.73 -33.25
N ARG G 357 -4.60 -51.72 -33.21
CA ARG G 357 -6.03 -51.93 -33.45
C ARG G 357 -6.27 -51.98 -34.95
N ILE G 358 -6.47 -53.20 -35.47
CA ILE G 358 -6.58 -53.41 -36.92
C ILE G 358 -8.04 -53.27 -37.32
N SER G 359 -8.34 -52.34 -38.21
CA SER G 359 -9.71 -52.08 -38.64
C SER G 359 -9.93 -52.57 -40.07
N VAL G 360 -11.00 -53.33 -40.28
CA VAL G 360 -11.37 -53.83 -41.60
C VAL G 360 -12.28 -52.82 -42.30
N LEU G 361 -11.91 -52.43 -43.52
CA LEU G 361 -12.66 -51.44 -44.29
C LEU G 361 -13.63 -52.21 -45.16
N ILE G 362 -14.83 -52.46 -44.61
CA ILE G 362 -15.77 -53.39 -45.26
C ILE G 362 -16.20 -52.92 -46.65
N PRO G 363 -16.43 -51.62 -46.91
CA PRO G 363 -16.83 -51.25 -48.29
C PRO G 363 -15.78 -51.58 -49.34
N GLN G 364 -14.52 -51.26 -49.06
CA GLN G 364 -13.45 -51.57 -50.00
C GLN G 364 -13.28 -53.07 -50.17
N LEU G 365 -13.37 -53.83 -49.06
CA LEU G 365 -13.35 -55.29 -49.17
C LEU G 365 -14.45 -55.77 -50.10
N HIS G 366 -15.66 -55.25 -49.91
CA HIS G 366 -16.79 -55.60 -50.77
C HIS G 366 -16.59 -55.14 -52.21
N ARG G 367 -15.61 -54.27 -52.46
CA ARG G 367 -15.31 -53.85 -53.83
C ARG G 367 -13.98 -54.42 -54.34
N ASP G 368 -13.44 -55.46 -53.71
CA ASP G 368 -12.19 -56.04 -54.17
C ASP G 368 -12.44 -56.80 -55.47
N LYS G 369 -11.88 -56.30 -56.57
CA LYS G 369 -12.16 -56.89 -57.87
C LYS G 369 -11.58 -58.30 -58.00
N ASP G 370 -10.49 -58.61 -57.28
CA ASP G 370 -9.94 -59.96 -57.33
C ASP G 370 -10.94 -61.01 -56.83
N ALA G 371 -11.80 -60.65 -55.90
CA ALA G 371 -12.78 -61.58 -55.36
C ALA G 371 -14.14 -61.50 -56.03
N TRP G 372 -14.59 -60.30 -56.39
CA TRP G 372 -15.97 -60.08 -56.82
C TRP G 372 -16.11 -59.98 -58.33
N GLY G 373 -15.04 -59.68 -59.04
CA GLY G 373 -15.08 -59.40 -60.47
C GLY G 373 -14.88 -57.93 -60.75
N ASP G 374 -15.00 -57.58 -62.03
CA ASP G 374 -14.64 -56.26 -62.52
C ASP G 374 -15.82 -55.31 -62.62
N ASN G 375 -16.91 -55.57 -61.91
CA ASN G 375 -18.14 -54.78 -62.03
C ASN G 375 -18.66 -54.35 -60.66
N VAL G 376 -17.76 -53.84 -59.82
CA VAL G 376 -18.06 -53.75 -58.39
C VAL G 376 -19.10 -52.67 -58.09
N GLU G 377 -19.11 -51.57 -58.85
CA GLU G 377 -19.98 -50.46 -58.52
C GLU G 377 -21.41 -50.61 -59.01
N GLU G 378 -21.72 -51.59 -59.85
CA GLU G 378 -23.08 -51.78 -60.33
C GLU G 378 -23.95 -52.47 -59.27
N PHE G 379 -25.23 -52.11 -59.26
CA PHE G 379 -26.20 -52.76 -58.37
C PHE G 379 -26.76 -53.97 -59.09
N GLN G 380 -26.29 -55.16 -58.72
CA GLN G 380 -26.70 -56.42 -59.36
C GLN G 380 -27.03 -57.41 -58.26
N PRO G 381 -28.29 -57.48 -57.81
CA PRO G 381 -28.66 -58.51 -56.83
C PRO G 381 -28.36 -59.91 -57.30
N GLU G 382 -28.42 -60.14 -58.61
CA GLU G 382 -28.19 -61.45 -59.21
C GLU G 382 -26.80 -62.01 -58.91
N ARG G 383 -25.92 -61.21 -58.29
CA ARG G 383 -24.66 -61.74 -57.78
C ARG G 383 -24.88 -62.87 -56.80
N PHE G 384 -26.01 -62.88 -56.10
CA PHE G 384 -26.23 -63.83 -55.03
C PHE G 384 -27.19 -64.95 -55.40
N GLU G 385 -27.47 -65.14 -56.70
CA GLU G 385 -28.36 -66.22 -57.10
C GLU G 385 -27.79 -67.58 -56.69
N GLU G 386 -26.54 -67.85 -57.07
CA GLU G 386 -25.87 -69.09 -56.69
C GLU G 386 -24.94 -68.78 -55.52
N LEU G 387 -25.35 -69.16 -54.31
CA LEU G 387 -24.58 -68.85 -53.11
C LEU G 387 -23.25 -69.60 -53.04
N ASP G 388 -23.07 -70.65 -53.85
CA ASP G 388 -21.80 -71.37 -53.79
C ASP G 388 -20.65 -70.51 -54.27
N LYS G 389 -20.90 -69.63 -55.24
CA LYS G 389 -19.84 -68.84 -55.86
C LYS G 389 -19.74 -67.42 -55.32
N VAL G 390 -20.50 -67.09 -54.27
CA VAL G 390 -20.32 -65.77 -53.66
C VAL G 390 -19.01 -65.74 -52.89
N PRO G 391 -18.15 -64.74 -53.08
CA PRO G 391 -16.89 -64.68 -52.35
C PRO G 391 -17.11 -64.51 -50.85
N HIS G 392 -17.38 -65.62 -50.16
CA HIS G 392 -17.64 -65.57 -48.72
C HIS G 392 -16.51 -64.89 -47.97
N HIS G 393 -15.26 -65.09 -48.40
CA HIS G 393 -14.13 -64.44 -47.76
C HIS G 393 -14.19 -62.92 -47.89
N ALA G 394 -14.81 -62.41 -48.95
CA ALA G 394 -14.81 -61.00 -49.27
C ALA G 394 -16.13 -60.31 -48.95
N TYR G 395 -17.02 -60.97 -48.19
CA TYR G 395 -18.33 -60.41 -47.85
C TYR G 395 -18.49 -60.52 -46.32
N LYS G 396 -18.26 -59.40 -45.63
CA LYS G 396 -18.28 -59.39 -44.16
C LYS G 396 -19.15 -58.26 -43.62
N PRO G 397 -20.41 -58.13 -44.09
CA PRO G 397 -21.25 -57.06 -43.55
C PRO G 397 -21.67 -57.31 -42.12
N PHE G 398 -21.65 -58.56 -41.67
CA PHE G 398 -22.14 -58.94 -40.35
C PHE G 398 -21.00 -59.38 -39.42
N GLY G 399 -19.80 -58.86 -39.63
CA GLY G 399 -18.68 -59.25 -38.82
C GLY G 399 -18.14 -60.60 -39.27
N ASN G 400 -17.42 -61.26 -38.39
CA ASN G 400 -16.77 -62.51 -38.76
C ASN G 400 -16.89 -63.53 -37.65
N GLY G 401 -17.19 -64.78 -38.05
CA GLY G 401 -17.03 -65.90 -37.14
C GLY G 401 -17.83 -65.80 -35.87
N GLN G 402 -17.11 -66.00 -34.77
CA GLN G 402 -17.69 -66.12 -33.43
C GLN G 402 -18.23 -64.81 -32.90
N ARG G 403 -17.62 -63.67 -33.29
CA ARG G 403 -18.08 -62.35 -32.87
C ARG G 403 -18.93 -61.67 -33.93
N ALA G 404 -19.50 -62.43 -34.85
CA ALA G 404 -20.37 -61.89 -35.88
C ALA G 404 -21.70 -61.45 -35.28
N CYS G 405 -22.49 -60.78 -36.11
CA CYS G 405 -23.78 -60.24 -35.69
C CYS G 405 -24.74 -61.37 -35.28
N ILE G 406 -25.18 -61.34 -34.02
CA ILE G 406 -26.20 -62.28 -33.56
C ILE G 406 -27.56 -61.97 -34.15
N GLY G 407 -27.81 -60.71 -34.51
CA GLY G 407 -29.10 -60.31 -35.03
C GLY G 407 -29.21 -60.42 -36.53
N MET G 408 -28.29 -61.16 -37.15
CA MET G 408 -28.31 -61.29 -38.61
C MET G 408 -29.64 -61.80 -39.12
N GLN G 409 -30.10 -62.94 -38.60
CA GLN G 409 -31.37 -63.49 -39.05
C GLN G 409 -32.52 -62.56 -38.69
N PHE G 410 -32.50 -61.99 -37.49
CA PHE G 410 -33.51 -61.01 -37.11
C PHE G 410 -33.57 -59.87 -38.11
N ALA G 411 -32.42 -59.25 -38.38
CA ALA G 411 -32.37 -58.08 -39.24
C ALA G 411 -32.83 -58.42 -40.66
N LEU G 412 -32.32 -59.52 -41.23
CA LEU G 412 -32.66 -59.81 -42.61
C LEU G 412 -34.10 -60.27 -42.76
N HIS G 413 -34.62 -61.02 -41.78
CA HIS G 413 -36.03 -61.42 -41.82
C HIS G 413 -36.92 -60.18 -41.76
N GLU G 414 -36.66 -59.31 -40.79
CA GLU G 414 -37.44 -58.09 -40.64
C GLU G 414 -37.33 -57.20 -41.88
N ALA G 415 -36.12 -57.05 -42.43
CA ALA G 415 -35.94 -56.22 -43.60
C ALA G 415 -36.67 -56.77 -44.81
N THR G 416 -36.58 -58.08 -45.05
CA THR G 416 -37.35 -58.68 -46.14
C THR G 416 -38.84 -58.46 -45.94
N LEU G 417 -39.33 -58.67 -44.72
CA LEU G 417 -40.75 -58.45 -44.45
C LEU G 417 -41.16 -57.02 -44.80
N VAL G 418 -40.45 -56.03 -44.27
CA VAL G 418 -40.84 -54.64 -44.50
C VAL G 418 -40.75 -54.30 -45.98
N MET G 419 -39.69 -54.74 -46.65
CA MET G 419 -39.55 -54.40 -48.06
C MET G 419 -40.66 -55.03 -48.90
N GLY G 420 -40.97 -56.30 -48.62
CA GLY G 420 -42.06 -56.96 -49.32
C GLY G 420 -43.39 -56.26 -49.10
N MET G 421 -43.69 -55.88 -47.85
CA MET G 421 -44.96 -55.20 -47.58
C MET G 421 -45.01 -53.82 -48.24
N LEU G 422 -43.92 -53.07 -48.19
CA LEU G 422 -43.89 -51.78 -48.85
C LEU G 422 -44.14 -51.93 -50.34
N LEU G 423 -43.51 -52.91 -50.98
CA LEU G 423 -43.75 -53.10 -52.40
C LEU G 423 -45.16 -53.64 -52.66
N GLN G 424 -45.69 -54.42 -51.72
CA GLN G 424 -47.06 -54.92 -51.84
C GLN G 424 -48.06 -53.77 -51.88
N HIS G 425 -47.87 -52.77 -51.03
CA HIS G 425 -48.85 -51.70 -50.90
C HIS G 425 -48.51 -50.45 -51.71
N PHE G 426 -47.23 -50.17 -51.97
CA PHE G 426 -46.86 -48.83 -52.42
C PHE G 426 -46.03 -48.82 -53.69
N GLU G 427 -46.21 -47.74 -54.45
CA GLU G 427 -45.33 -47.30 -55.52
C GLU G 427 -44.48 -46.16 -54.99
N LEU G 428 -43.16 -46.31 -55.07
CA LEU G 428 -42.20 -45.36 -54.55
C LEU G 428 -41.77 -44.42 -55.66
N ILE G 429 -41.85 -43.11 -55.43
CA ILE G 429 -41.52 -42.13 -56.47
C ILE G 429 -40.41 -41.23 -55.95
N ASP G 430 -39.32 -41.17 -56.72
CA ASP G 430 -38.16 -40.32 -56.46
C ASP G 430 -38.42 -38.95 -57.08
N TYR G 431 -39.22 -38.15 -56.38
CA TYR G 431 -39.68 -36.90 -56.96
C TYR G 431 -38.57 -35.86 -57.02
N GLN G 432 -37.74 -35.78 -55.98
CA GLN G 432 -36.72 -34.74 -55.89
C GLN G 432 -35.41 -35.14 -56.58
N ASN G 433 -35.40 -36.26 -57.31
CA ASN G 433 -34.19 -36.82 -57.92
C ASN G 433 -33.04 -36.88 -56.92
N TYR G 434 -33.24 -37.72 -55.91
CA TYR G 434 -32.31 -37.78 -54.78
C TYR G 434 -30.90 -38.15 -55.24
N GLN G 435 -29.92 -37.43 -54.71
CA GLN G 435 -28.51 -37.68 -54.95
C GLN G 435 -27.90 -38.21 -53.66
N LEU G 436 -27.40 -39.43 -53.70
CA LEU G 436 -27.00 -40.13 -52.48
C LEU G 436 -25.93 -39.35 -51.73
N ASP G 437 -26.12 -39.20 -50.42
CA ASP G 437 -25.11 -38.63 -49.54
C ASP G 437 -25.01 -39.54 -48.33
N VAL G 438 -23.91 -40.28 -48.23
CA VAL G 438 -23.74 -41.26 -47.17
C VAL G 438 -23.27 -40.51 -45.92
N LYS G 439 -24.15 -40.41 -44.93
CA LYS G 439 -23.80 -39.84 -43.64
C LYS G 439 -23.44 -40.97 -42.67
N GLN G 440 -22.46 -40.70 -41.82
CA GLN G 440 -21.96 -41.67 -40.86
C GLN G 440 -22.02 -41.13 -39.45
N THR G 441 -22.71 -41.84 -38.57
CA THR G 441 -22.57 -41.65 -37.13
C THR G 441 -21.74 -42.83 -36.64
N LEU G 442 -22.35 -43.78 -35.96
CA LEU G 442 -21.67 -45.06 -35.87
C LEU G 442 -21.99 -45.94 -37.07
N THR G 443 -23.10 -45.66 -37.71
CA THR G 443 -23.61 -46.45 -38.81
C THR G 443 -23.65 -45.58 -40.06
N LEU G 444 -23.74 -46.23 -41.22
CA LEU G 444 -23.88 -45.53 -42.49
C LEU G 444 -25.36 -45.45 -42.84
N LYS G 445 -25.77 -44.33 -43.44
CA LYS G 445 -27.15 -44.21 -43.87
C LYS G 445 -27.25 -43.12 -44.92
N PRO G 446 -28.21 -43.22 -45.84
CA PRO G 446 -28.47 -42.09 -46.75
C PRO G 446 -28.96 -40.88 -45.97
N GLY G 447 -28.39 -39.72 -46.29
CA GLY G 447 -28.75 -38.48 -45.63
C GLY G 447 -29.72 -37.68 -46.47
N ASP G 448 -30.70 -37.06 -45.81
CA ASP G 448 -31.69 -36.20 -46.48
C ASP G 448 -32.44 -36.97 -47.56
N PHE G 449 -32.86 -38.19 -47.23
CA PHE G 449 -33.46 -39.11 -48.20
C PHE G 449 -34.96 -39.08 -48.04
N LYS G 450 -35.65 -38.42 -48.98
CA LYS G 450 -37.09 -38.28 -48.94
C LYS G 450 -37.69 -38.77 -50.25
N ILE G 451 -38.83 -39.44 -50.18
CA ILE G 451 -39.52 -39.95 -51.36
C ILE G 451 -41.00 -39.59 -51.25
N ARG G 452 -41.79 -39.96 -52.26
CA ARG G 452 -43.23 -39.84 -52.15
C ARG G 452 -43.87 -41.17 -52.50
N ILE G 453 -45.15 -41.30 -52.15
CA ILE G 453 -45.85 -42.58 -52.13
C ILE G 453 -47.10 -42.49 -53.00
N LEU G 454 -47.41 -43.59 -53.70
CA LEU G 454 -48.71 -43.77 -54.30
C LEU G 454 -49.21 -45.18 -54.02
N PRO G 455 -50.50 -45.36 -53.76
CA PRO G 455 -51.02 -46.71 -53.47
C PRO G 455 -51.21 -47.51 -54.76
N ARG G 456 -51.74 -48.71 -54.59
CA ARG G 456 -51.91 -49.64 -55.71
C ARG G 456 -53.31 -50.25 -55.75
N ILE H 8 66.50 59.33 42.82
CA ILE H 8 67.93 58.98 42.85
C ILE H 8 68.25 57.85 43.87
N PRO H 9 67.57 57.77 45.02
CA PRO H 9 67.77 56.60 45.88
C PRO H 9 67.25 55.33 45.21
N GLN H 10 68.01 54.22 45.38
CA GLN H 10 67.65 52.93 44.76
C GLN H 10 67.97 51.75 45.67
N PRO H 11 67.13 50.73 45.70
CA PRO H 11 67.48 49.50 46.39
C PRO H 11 68.61 48.82 45.65
N LYS H 12 69.02 47.65 46.13
CA LYS H 12 70.17 46.98 45.55
C LYS H 12 69.84 46.41 44.17
N THR H 13 70.79 46.57 43.26
CA THR H 13 70.71 46.03 41.91
C THR H 13 71.52 44.73 41.84
N TYR H 14 71.06 43.81 41.02
CA TYR H 14 71.66 42.48 40.90
C TYR H 14 72.08 42.23 39.45
N GLY H 15 73.14 42.93 39.03
CA GLY H 15 73.70 42.73 37.71
C GLY H 15 72.69 42.91 36.60
N PRO H 16 72.56 41.89 35.75
CA PRO H 16 71.57 41.97 34.65
C PRO H 16 70.14 42.02 35.14
N LEU H 17 69.85 41.52 36.33
CA LEU H 17 68.48 41.48 36.82
C LEU H 17 67.96 42.83 37.31
N GLY H 18 68.82 43.85 37.36
CA GLY H 18 68.37 45.15 37.82
C GLY H 18 67.81 45.11 39.22
N ASN H 19 66.65 45.76 39.41
CA ASN H 19 65.94 45.74 40.68
C ASN H 19 64.79 44.74 40.71
N LEU H 20 64.56 44.02 39.60
CA LEU H 20 63.36 43.18 39.52
C LEU H 20 63.30 42.07 40.58
N PRO H 21 64.40 41.50 41.06
CA PRO H 21 64.28 40.49 42.13
C PRO H 21 63.61 40.98 43.41
N LEU H 22 63.31 42.27 43.54
CA LEU H 22 62.69 42.78 44.76
C LEU H 22 61.19 42.99 44.62
N ILE H 23 60.61 42.64 43.48
CA ILE H 23 59.20 42.86 43.21
C ILE H 23 58.56 41.52 42.85
N ASP H 24 57.28 41.39 43.18
CA ASP H 24 56.44 40.36 42.60
C ASP H 24 55.83 40.92 41.33
N LYS H 25 56.12 40.32 40.19
CA LYS H 25 55.66 40.90 38.93
C LYS H 25 54.14 40.93 38.85
N ASP H 26 53.46 40.03 39.57
CA ASP H 26 51.99 40.04 39.54
C ASP H 26 51.39 41.08 40.45
N LYS H 27 52.17 41.68 41.34
CA LYS H 27 51.69 42.67 42.30
C LYS H 27 52.62 43.89 42.27
N PRO H 28 52.72 44.58 41.12
CA PRO H 28 53.71 45.67 41.05
C PRO H 28 53.44 46.79 42.03
N THR H 29 52.21 47.34 42.03
CA THR H 29 51.88 48.44 42.94
C THR H 29 52.16 48.07 44.38
N LEU H 30 51.63 46.92 44.84
CA LEU H 30 51.89 46.50 46.21
C LEU H 30 53.38 46.35 46.45
N SER H 31 54.10 45.76 45.48
CA SER H 31 55.54 45.63 45.62
C SER H 31 56.18 46.98 45.84
N PHE H 32 55.79 47.97 45.03
CA PHE H 32 56.39 49.29 45.17
C PHE H 32 56.10 49.87 46.55
N ILE H 33 54.90 49.62 47.08
CA ILE H 33 54.56 50.09 48.42
C ILE H 33 55.59 49.58 49.41
N LYS H 34 55.91 48.28 49.32
CA LYS H 34 56.93 47.73 50.20
C LYS H 34 58.22 48.53 50.10
N ILE H 35 58.71 48.71 48.87
CA ILE H 35 59.96 49.43 48.69
C ILE H 35 59.83 50.86 49.15
N ALA H 36 58.64 51.45 49.03
CA ALA H 36 58.46 52.81 49.52
C ALA H 36 58.70 52.87 51.02
N GLU H 37 58.10 51.92 51.75
CA GLU H 37 58.29 51.86 53.19
C GLU H 37 59.76 51.71 53.54
N GLU H 38 60.54 51.13 52.64
CA GLU H 38 61.98 50.97 52.83
C GLU H 38 62.78 52.18 52.37
N TYR H 39 62.41 52.83 51.27
CA TYR H 39 63.31 53.81 50.66
C TYR H 39 62.76 55.21 50.59
N GLY H 40 61.56 55.46 51.06
CA GLY H 40 61.11 56.81 51.29
C GLY H 40 60.34 57.46 50.16
N PRO H 41 60.29 58.80 50.18
CA PRO H 41 59.32 59.51 49.34
C PRO H 41 59.65 59.45 47.86
N ILE H 42 60.86 59.07 47.49
CA ILE H 42 61.20 58.91 46.08
C ILE H 42 62.31 57.87 45.99
N PHE H 43 62.18 56.98 45.01
CA PHE H 43 63.22 56.00 44.75
C PHE H 43 63.14 55.59 43.29
N GLN H 44 64.13 54.83 42.84
CA GLN H 44 64.21 54.38 41.46
C GLN H 44 64.32 52.87 41.43
N ILE H 45 63.67 52.27 40.44
CA ILE H 45 63.64 50.83 40.24
C ILE H 45 64.11 50.56 38.81
N GLN H 46 65.16 49.77 38.69
CA GLN H 46 65.74 49.45 37.39
C GLN H 46 65.33 48.05 36.98
N THR H 47 64.72 47.93 35.80
CA THR H 47 64.28 46.66 35.25
C THR H 47 65.34 46.09 34.31
N LEU H 48 64.97 45.02 33.60
CA LEU H 48 65.88 44.40 32.64
C LEU H 48 66.20 45.34 31.48
N SER H 49 65.28 46.25 31.15
CA SER H 49 65.38 47.10 29.98
C SER H 49 65.43 48.60 30.29
N ASP H 50 64.83 49.04 31.40
CA ASP H 50 64.62 50.47 31.63
C ASP H 50 64.67 50.73 33.13
N THR H 51 64.46 52.00 33.50
CA THR H 51 64.40 52.44 34.88
C THR H 51 63.15 53.28 35.07
N ILE H 52 62.52 53.15 36.23
CA ILE H 52 61.30 53.84 36.59
C ILE H 52 61.58 54.64 37.86
N ILE H 53 61.06 55.86 37.93
CA ILE H 53 61.20 56.68 39.13
C ILE H 53 59.85 56.68 39.84
N VAL H 54 59.84 56.17 41.06
CA VAL H 54 58.63 56.05 41.86
C VAL H 54 58.66 57.17 42.90
N VAL H 55 57.68 58.06 42.82
CA VAL H 55 57.57 59.20 43.72
C VAL H 55 56.40 58.94 44.66
N SER H 56 56.63 59.21 45.94
CA SER H 56 55.63 58.90 46.96
C SER H 56 55.43 59.98 48.01
N GLY H 57 56.38 60.89 48.20
CA GLY H 57 56.19 61.98 49.15
C GLY H 57 55.36 63.10 48.55
N HIS H 58 54.46 63.64 49.39
CA HIS H 58 53.46 64.58 48.87
C HIS H 58 54.10 65.86 48.32
N GLU H 59 55.20 66.32 48.92
CA GLU H 59 55.89 67.50 48.40
C GLU H 59 56.52 67.22 47.05
N LEU H 60 57.18 66.08 46.92
CA LEU H 60 57.76 65.69 45.64
C LEU H 60 56.68 65.47 44.58
N VAL H 61 55.56 64.85 44.97
CA VAL H 61 54.46 64.64 44.03
C VAL H 61 53.86 65.98 43.59
N ALA H 62 53.66 66.90 44.54
CA ALA H 62 53.16 68.22 44.18
C ALA H 62 54.11 68.92 43.22
N GLU H 63 55.42 68.71 43.40
CA GLU H 63 56.39 69.29 42.49
C GLU H 63 56.28 68.65 41.10
N VAL H 64 56.15 67.31 41.05
CA VAL H 64 56.05 66.60 39.79
C VAL H 64 54.68 66.78 39.11
N CYS H 65 53.66 67.22 39.86
CA CYS H 65 52.35 67.46 39.29
C CYS H 65 52.25 68.79 38.56
N ASP H 66 53.32 69.58 38.55
CA ASP H 66 53.32 70.89 37.90
C ASP H 66 53.28 70.74 36.38
N GLU H 67 52.22 71.29 35.78
CA GLU H 67 51.99 71.18 34.35
C GLU H 67 53.02 71.98 33.57
N THR H 68 53.60 73.02 34.19
CA THR H 68 54.68 73.76 33.51
C THR H 68 55.92 72.91 33.35
N ARG H 69 56.18 72.03 34.32
CA ARG H 69 57.40 71.22 34.33
C ARG H 69 57.20 69.78 33.89
N PHE H 70 55.98 69.24 34.00
CA PHE H 70 55.81 67.83 33.69
C PHE H 70 54.52 67.61 32.89
N ASP H 71 54.54 66.58 32.05
CA ASP H 71 53.38 66.25 31.23
C ASP H 71 53.08 64.77 31.38
N LYS H 72 51.85 64.38 31.04
CA LYS H 72 51.43 62.99 31.20
C LYS H 72 52.20 62.08 30.26
N SER H 73 52.57 60.90 30.77
CA SER H 73 53.35 59.91 30.05
C SER H 73 52.49 58.72 29.64
N ILE H 74 52.92 58.05 28.58
CA ILE H 74 52.32 56.80 28.14
C ILE H 74 53.23 55.70 28.68
N GLU H 75 52.80 55.07 29.76
CA GLU H 75 53.60 54.05 30.44
C GLU H 75 53.79 52.85 29.52
N GLY H 76 54.37 51.79 30.07
CA GLY H 76 54.27 50.50 29.41
C GLY H 76 52.85 50.00 29.38
N ALA H 77 52.19 50.01 30.56
CA ALA H 77 50.80 49.57 30.65
C ALA H 77 49.88 50.39 29.75
N LEU H 78 50.04 51.71 29.74
CA LEU H 78 49.16 52.54 28.91
C LEU H 78 49.43 52.37 27.43
N ALA H 79 50.66 52.12 27.01
CA ALA H 79 50.91 51.82 25.59
C ALA H 79 50.27 50.50 25.21
N LYS H 80 50.48 49.46 26.02
CA LYS H 80 49.82 48.19 25.84
C LYS H 80 48.30 48.38 25.71
N VAL H 81 47.76 49.35 26.45
CA VAL H 81 46.33 49.61 26.39
C VAL H 81 45.99 50.39 25.11
N ARG H 82 46.88 51.30 24.73
CA ARG H 82 46.65 52.09 23.48
C ARG H 82 46.48 51.12 22.30
N ALA H 83 47.18 49.97 22.34
CA ALA H 83 47.02 48.97 21.29
C ALA H 83 45.59 48.93 20.76
N PHE H 84 44.60 49.07 21.63
CA PHE H 84 43.20 49.13 21.23
C PHE H 84 42.48 50.40 21.65
N ALA H 85 43.05 51.21 22.53
CA ALA H 85 42.44 52.48 22.92
C ALA H 85 42.78 53.62 21.97
N GLY H 86 43.83 53.47 21.16
CA GLY H 86 44.16 54.43 20.12
C GLY H 86 44.44 55.82 20.66
N ASP H 87 43.92 56.82 19.95
CA ASP H 87 44.10 58.22 20.36
C ASP H 87 42.87 58.75 21.09
N GLY H 88 42.35 58.01 22.06
CA GLY H 88 41.26 58.51 22.87
C GLY H 88 41.84 59.28 24.03
N LEU H 89 40.96 59.83 24.86
CA LEU H 89 41.46 60.67 25.95
C LEU H 89 42.40 59.91 26.87
N PHE H 90 42.21 58.59 27.00
CA PHE H 90 42.99 57.88 28.00
C PHE H 90 44.43 57.64 27.55
N THR H 91 44.64 57.22 26.30
CA THR H 91 45.93 56.68 25.90
C THR H 91 46.63 57.48 24.82
N SER H 92 46.21 58.71 24.54
CA SER H 92 46.91 59.55 23.58
C SER H 92 47.72 60.59 24.34
N GLU H 93 48.87 60.96 23.79
CA GLU H 93 49.68 61.98 24.42
C GLU H 93 49.05 63.36 24.26
N THR H 94 49.35 64.22 25.24
CA THR H 94 48.70 65.52 25.36
C THR H 94 48.95 66.41 24.15
N HIS H 95 50.14 66.35 23.55
CA HIS H 95 50.45 67.20 22.41
C HIS H 95 49.71 66.78 21.15
N GLU H 96 49.12 65.59 21.14
CA GLU H 96 48.43 65.09 19.96
C GLU H 96 47.12 65.85 19.73
N PRO H 97 46.77 66.17 18.48
CA PRO H 97 45.59 67.00 18.22
C PRO H 97 44.29 66.40 18.74
N ASN H 98 44.08 65.09 18.55
CA ASN H 98 42.80 64.50 18.95
C ASN H 98 42.56 64.62 20.46
N TRP H 99 43.62 64.69 21.27
CA TRP H 99 43.38 64.79 22.71
C TRP H 99 42.60 66.06 23.03
N LYS H 100 43.17 67.23 22.74
CA LYS H 100 42.45 68.45 23.09
C LYS H 100 41.20 68.63 22.22
N LYS H 101 41.23 68.17 20.97
CA LYS H 101 40.03 68.21 20.15
C LYS H 101 38.85 67.53 20.86
N ALA H 102 38.99 66.23 21.14
CA ALA H 102 37.92 65.50 21.79
C ALA H 102 37.67 66.01 23.20
N HIS H 103 38.72 66.47 23.89
CA HIS H 103 38.56 67.02 25.23
C HIS H 103 37.59 68.19 25.21
N ASN H 104 37.82 69.15 24.31
CA ASN H 104 36.88 70.26 24.16
C ASN H 104 35.49 69.77 23.78
N ILE H 105 35.41 68.75 22.91
CA ILE H 105 34.09 68.30 22.46
C ILE H 105 33.28 67.73 23.62
N LEU H 106 33.89 66.87 24.43
CA LEU H 106 33.13 66.05 25.38
C LEU H 106 33.26 66.47 26.85
N MET H 107 34.11 67.46 27.16
CA MET H 107 34.25 67.94 28.54
C MET H 107 32.92 68.40 29.15
N PRO H 108 32.06 69.17 28.45
CA PRO H 108 30.77 69.56 29.06
C PRO H 108 29.87 68.39 29.43
N THR H 109 29.95 67.27 28.72
CA THR H 109 29.09 66.12 29.01
C THR H 109 29.39 65.47 30.35
N PHE H 110 30.55 65.72 30.94
CA PHE H 110 30.92 65.06 32.18
C PHE H 110 30.80 65.97 33.39
N SER H 111 30.19 67.14 33.21
CA SER H 111 29.95 68.05 34.32
C SER H 111 28.96 67.44 35.30
N GLN H 112 28.93 67.99 36.52
CA GLN H 112 27.90 67.62 37.48
C GLN H 112 26.51 68.00 36.95
N ARG H 113 26.44 68.94 36.01
CA ARG H 113 25.17 69.34 35.43
C ARG H 113 24.61 68.26 34.52
N ALA H 114 25.46 67.65 33.71
CA ALA H 114 25.04 66.60 32.79
C ALA H 114 24.66 65.31 33.51
N MET H 115 25.10 65.13 34.76
CA MET H 115 24.76 63.91 35.49
C MET H 115 23.26 63.75 35.64
N LYS H 116 22.52 64.85 35.63
CA LYS H 116 21.07 64.74 35.61
C LYS H 116 20.59 64.09 34.32
N ASP H 117 21.33 64.27 33.23
CA ASP H 117 20.93 63.65 31.96
C ASP H 117 21.18 62.14 31.96
N TYR H 118 22.20 61.67 32.67
CA TYR H 118 22.53 60.26 32.71
C TYR H 118 21.88 59.53 33.88
N HIS H 119 21.32 60.28 34.83
CA HIS H 119 20.80 59.71 36.07
C HIS H 119 19.79 58.60 35.79
N ALA H 120 18.82 58.84 34.90
CA ALA H 120 17.79 57.86 34.62
C ALA H 120 18.37 56.51 34.25
N MET H 121 19.30 56.50 33.29
CA MET H 121 19.92 55.25 32.84
C MET H 121 20.69 54.59 33.97
N MET H 122 21.39 55.40 34.78
CA MET H 122 22.06 54.85 35.94
C MET H 122 21.06 54.14 36.86
N VAL H 123 19.92 54.78 37.13
CA VAL H 123 18.90 54.16 37.95
C VAL H 123 18.41 52.86 37.32
N ASP H 124 18.29 52.83 36.00
CA ASP H 124 17.90 51.61 35.30
C ASP H 124 18.80 50.45 35.72
N ILE H 125 20.11 50.61 35.50
CA ILE H 125 21.02 49.50 35.80
C ILE H 125 21.06 49.22 37.29
N ALA H 126 20.96 50.27 38.12
CA ALA H 126 20.95 50.08 39.56
C ALA H 126 19.75 49.23 40.00
N VAL H 127 18.56 49.52 39.47
CA VAL H 127 17.39 48.72 39.80
C VAL H 127 17.61 47.27 39.37
N GLN H 128 18.25 47.07 38.21
CA GLN H 128 18.56 45.70 37.81
C GLN H 128 19.39 45.00 38.88
N LEU H 129 20.44 45.67 39.35
CA LEU H 129 21.28 45.11 40.41
C LEU H 129 20.49 44.79 41.68
N VAL H 130 19.70 45.77 42.15
CA VAL H 130 18.95 45.58 43.40
C VAL H 130 17.97 44.44 43.26
N GLN H 131 17.28 44.34 42.11
CA GLN H 131 16.35 43.24 41.90
C GLN H 131 17.07 41.89 41.84
N LYS H 132 18.25 41.83 41.22
CA LYS H 132 19.01 40.58 41.27
C LYS H 132 19.26 40.18 42.71
N TRP H 133 19.81 41.09 43.51
CA TRP H 133 20.08 40.74 44.90
C TRP H 133 18.78 40.43 45.66
N ALA H 134 17.67 41.05 45.27
CA ALA H 134 16.39 40.82 45.93
C ALA H 134 15.80 39.46 45.58
N ARG H 135 16.11 38.93 44.39
CA ARG H 135 15.54 37.68 43.94
C ARG H 135 16.42 36.50 44.32
N LEU H 136 17.36 36.71 45.23
CA LEU H 136 18.26 35.67 45.69
C LEU H 136 17.56 34.71 46.66
N ASN H 137 18.06 33.49 46.72
CA ASN H 137 17.57 32.47 47.62
C ASN H 137 18.20 32.62 49.01
N PRO H 138 17.67 31.88 50.02
CA PRO H 138 18.09 32.13 51.42
C PRO H 138 19.59 32.20 51.72
N ASN H 139 20.35 31.17 51.39
CA ASN H 139 21.77 31.12 51.73
C ASN H 139 22.67 31.41 50.53
N GLU H 140 22.13 31.91 49.44
CA GLU H 140 22.97 32.28 48.30
C GLU H 140 23.82 33.49 48.65
N ASN H 141 25.09 33.43 48.29
CA ASN H 141 26.02 34.52 48.50
C ASN H 141 26.28 35.26 47.20
N VAL H 142 26.68 36.52 47.33
CA VAL H 142 26.97 37.39 46.21
C VAL H 142 28.47 37.60 46.12
N ASP H 143 28.97 37.65 44.90
CA ASP H 143 30.36 38.01 44.63
C ASP H 143 30.34 39.51 44.29
N VAL H 144 30.81 40.32 45.24
CA VAL H 144 30.65 41.77 45.10
C VAL H 144 31.36 42.33 43.88
N PRO H 145 32.64 42.02 43.61
CA PRO H 145 33.27 42.62 42.44
C PRO H 145 32.62 42.22 41.12
N GLU H 146 32.17 40.97 40.99
CA GLU H 146 31.55 40.56 39.74
C GLU H 146 30.24 41.32 39.48
N ASP H 147 29.39 41.45 40.50
CA ASP H 147 28.13 42.15 40.32
C ASP H 147 28.35 43.67 40.16
N MET H 148 29.32 44.23 40.90
CA MET H 148 29.64 45.65 40.70
C MET H 148 30.13 45.89 39.28
N THR H 149 30.90 44.96 38.71
CA THR H 149 31.39 45.11 37.35
C THR H 149 30.27 44.96 36.33
N ARG H 150 29.36 44.01 36.55
CA ARG H 150 28.16 43.93 35.72
C ARG H 150 27.47 45.29 35.70
N LEU H 151 27.25 45.85 36.89
CA LEU H 151 26.59 47.15 37.00
C LEU H 151 27.34 48.23 36.24
N THR H 152 28.65 48.34 36.47
CA THR H 152 29.38 49.47 35.90
C THR H 152 29.48 49.38 34.39
N LEU H 153 29.76 48.19 33.87
CA LEU H 153 29.83 48.05 32.42
C LEU H 153 28.47 48.35 31.79
N ASP H 154 27.39 47.80 32.36
CA ASP H 154 26.08 48.02 31.76
C ASP H 154 25.67 49.49 31.82
N THR H 155 25.90 50.15 32.95
CA THR H 155 25.55 51.55 33.05
C THR H 155 26.38 52.41 32.10
N ILE H 156 27.68 52.15 32.01
CA ILE H 156 28.51 52.96 31.12
C ILE H 156 28.07 52.79 29.67
N GLY H 157 27.79 51.54 29.26
CA GLY H 157 27.32 51.31 27.90
C GLY H 157 26.02 52.03 27.60
N LEU H 158 25.05 51.91 28.52
CA LEU H 158 23.75 52.55 28.29
C LEU H 158 23.88 54.07 28.26
N CYS H 159 24.54 54.64 29.27
CA CYS H 159 24.67 56.10 29.34
C CYS H 159 25.50 56.67 28.20
N GLY H 160 26.51 55.94 27.73
CA GLY H 160 27.42 56.46 26.73
C GLY H 160 26.95 56.33 25.30
N PHE H 161 26.31 55.20 24.96
CA PHE H 161 25.93 55.04 23.56
C PHE H 161 24.64 54.24 23.39
N ASN H 162 23.80 54.17 24.43
CA ASN H 162 22.46 53.56 24.32
C ASN H 162 22.57 52.08 23.95
N TYR H 163 23.54 51.39 24.52
CA TYR H 163 23.73 49.97 24.26
C TYR H 163 23.59 49.20 25.57
N ARG H 164 22.79 48.14 25.57
CA ARG H 164 22.55 47.34 26.76
C ARG H 164 23.42 46.09 26.66
N PHE H 165 24.44 46.01 27.51
CA PHE H 165 25.23 44.78 27.58
C PHE H 165 24.45 43.64 28.22
N ASN H 166 23.44 43.96 29.04
CA ASN H 166 22.60 42.97 29.73
C ASN H 166 23.45 41.95 30.50
N SER H 167 24.43 42.48 31.25
CA SER H 167 25.32 41.62 32.02
C SER H 167 24.57 40.86 33.09
N PHE H 168 23.47 41.42 33.59
CA PHE H 168 22.71 40.76 34.64
C PHE H 168 21.88 39.60 34.13
N TYR H 169 21.82 39.38 32.81
CA TYR H 169 21.15 38.21 32.27
C TYR H 169 22.12 37.07 32.04
N ARG H 170 23.39 37.24 32.38
CA ARG H 170 24.39 36.19 32.27
C ARG H 170 25.01 35.92 33.63
N GLU H 171 25.37 34.66 33.86
CA GLU H 171 26.15 34.28 35.03
C GLU H 171 27.63 34.19 34.72
N THR H 172 27.99 34.22 33.46
CA THR H 172 29.33 34.38 32.90
C THR H 172 29.49 35.81 32.41
N PRO H 173 30.57 36.49 32.81
CA PRO H 173 30.78 37.88 32.38
C PRO H 173 30.69 38.02 30.87
N HIS H 174 30.32 39.22 30.43
CA HIS H 174 29.99 39.46 29.03
C HIS H 174 31.17 39.07 28.13
N PRO H 175 30.88 38.62 26.90
CA PRO H 175 32.00 38.31 25.97
C PRO H 175 32.95 39.47 25.76
N PHE H 176 32.42 40.70 25.77
CA PHE H 176 33.25 41.89 25.60
C PHE H 176 34.27 42.02 26.72
N ILE H 177 33.84 41.80 27.96
CA ILE H 177 34.74 42.02 29.08
C ILE H 177 35.78 40.89 29.20
N THR H 178 35.40 39.66 28.84
CA THR H 178 36.38 38.57 28.78
C THR H 178 37.41 38.85 27.69
N SER H 179 36.96 39.35 26.54
CA SER H 179 37.92 39.78 25.52
C SER H 179 38.81 40.90 26.04
N MET H 180 38.24 41.82 26.82
CA MET H 180 39.01 42.93 27.38
C MET H 180 40.16 42.41 28.24
N THR H 181 39.86 41.46 29.13
CA THR H 181 40.94 40.86 29.91
C THR H 181 41.90 40.07 29.03
N ARG H 182 41.38 39.41 27.99
CA ARG H 182 42.23 38.73 27.02
C ARG H 182 43.29 39.67 26.45
N ALA H 183 42.89 40.92 26.19
CA ALA H 183 43.85 41.92 25.72
C ALA H 183 44.93 42.15 26.76
N LEU H 184 44.54 42.40 28.01
CA LEU H 184 45.49 42.62 29.08
C LEU H 184 45.99 41.29 29.65
N ASP H 211 41.22 39.04 18.77
CA ASP H 211 40.03 39.32 19.57
C ASP H 211 39.90 40.81 19.84
N ILE H 212 41.00 41.53 19.63
CA ILE H 212 40.93 42.98 19.53
C ILE H 212 39.82 43.37 18.55
N GLN H 213 39.79 42.68 17.42
CA GLN H 213 38.79 42.94 16.40
C GLN H 213 37.38 42.67 16.88
N SER H 214 37.18 41.92 17.98
CA SER H 214 35.82 41.69 18.44
C SER H 214 35.29 42.86 19.26
N MET H 215 36.13 43.45 20.12
CA MET H 215 35.73 44.66 20.81
C MET H 215 35.46 45.74 19.77
N PHE H 216 36.42 45.89 18.86
CA PHE H 216 36.23 46.85 17.79
C PHE H 216 35.00 46.48 16.96
N SER H 217 34.68 45.18 16.89
CA SER H 217 33.54 44.70 16.11
C SER H 217 32.22 45.20 16.66
N LEU H 218 31.97 44.97 17.96
CA LEU H 218 30.71 45.47 18.53
C LEU H 218 30.65 46.98 18.41
N VAL H 219 31.79 47.67 18.61
CA VAL H 219 31.80 49.11 18.41
C VAL H 219 31.48 49.46 16.95
N ASP H 220 31.92 48.61 16.01
CA ASP H 220 31.65 48.82 14.60
C ASP H 220 30.16 48.82 14.36
N ASN H 221 29.49 47.84 14.94
CA ASN H 221 28.06 47.70 14.74
C ASN H 221 27.28 48.83 15.41
N ILE H 222 27.73 49.28 16.59
CA ILE H 222 27.00 50.35 17.27
C ILE H 222 27.15 51.66 16.52
N ILE H 223 28.34 51.96 15.99
CA ILE H 223 28.44 53.16 15.17
C ILE H 223 27.61 52.99 13.91
N ALA H 224 27.58 51.76 13.36
CA ALA H 224 26.82 51.50 12.14
C ALA H 224 25.33 51.62 12.36
N GLU H 225 24.86 51.51 13.60
CA GLU H 225 23.44 51.70 13.90
C GLU H 225 22.97 53.09 13.51
N ARG H 226 23.80 54.10 13.73
CA ARG H 226 23.42 55.46 13.38
C ARG H 226 23.58 55.70 11.89
N ASN H 235 20.68 60.95 22.70
CA ASN H 235 20.95 61.93 23.76
C ASN H 235 22.00 61.38 24.74
N ASP H 236 23.11 60.91 24.21
CA ASP H 236 24.15 60.23 24.99
C ASP H 236 25.51 60.75 24.55
N LEU H 237 26.58 60.12 25.07
CA LEU H 237 27.94 60.52 24.70
C LEU H 237 28.15 60.44 23.20
N LEU H 238 27.63 59.37 22.58
CA LEU H 238 27.74 59.27 21.12
C LEU H 238 27.00 60.41 20.43
N SER H 239 25.90 60.88 21.02
CA SER H 239 25.19 62.02 20.43
C SER H 239 26.07 63.26 20.38
N ARG H 240 26.86 63.50 21.44
CA ARG H 240 27.73 64.67 21.45
C ARG H 240 28.94 64.49 20.54
N MET H 241 29.49 63.27 20.51
CA MET H 241 30.59 63.02 19.58
C MET H 241 30.12 62.94 18.13
N LEU H 242 28.81 62.91 17.89
CA LEU H 242 28.24 62.89 16.55
C LEU H 242 27.81 64.28 16.06
N ASN H 243 27.19 65.10 16.92
CA ASN H 243 26.58 66.34 16.48
C ASN H 243 27.37 67.60 16.81
N VAL H 244 28.39 67.51 17.65
CA VAL H 244 29.07 68.70 18.20
C VAL H 244 30.49 68.75 17.67
N PRO H 245 30.85 69.75 16.88
CA PRO H 245 32.26 69.98 16.55
C PRO H 245 32.98 70.75 17.65
N ASP H 246 34.31 70.79 17.53
CA ASP H 246 35.19 71.33 18.55
C ASP H 246 35.25 72.85 18.46
N PRO H 247 34.97 73.57 19.55
CA PRO H 247 34.99 75.05 19.47
C PRO H 247 36.32 75.62 19.01
N GLU H 248 37.45 75.04 19.42
CA GLU H 248 38.74 75.62 19.07
C GLU H 248 39.10 75.35 17.61
N THR H 249 38.68 74.21 17.06
CA THR H 249 38.96 73.88 15.66
C THR H 249 37.77 74.09 14.75
N GLY H 250 36.55 73.96 15.28
CA GLY H 250 35.38 73.98 14.42
C GLY H 250 35.21 72.67 13.67
N GLU H 251 35.60 71.56 14.27
CA GLU H 251 35.57 70.28 13.59
C GLU H 251 35.17 69.17 14.57
N LYS H 252 34.49 68.16 14.05
CA LYS H 252 34.01 67.03 14.83
C LYS H 252 34.93 65.82 14.63
N LEU H 253 34.85 64.89 15.58
CA LEU H 253 35.71 63.72 15.54
C LEU H 253 35.38 62.83 14.35
N ASP H 254 36.42 62.26 13.74
CA ASP H 254 36.26 61.34 12.62
C ASP H 254 35.94 59.93 13.14
N ASP H 255 35.72 59.00 12.20
CA ASP H 255 35.19 57.69 12.55
C ASP H 255 36.14 56.92 13.47
N GLU H 256 37.41 56.81 13.08
CA GLU H 256 38.36 56.02 13.85
C GLU H 256 38.48 56.52 15.28
N ASN H 257 38.55 57.84 15.47
CA ASN H 257 38.72 58.36 16.82
C ASN H 257 37.45 58.18 17.65
N ILE H 258 36.27 58.26 17.02
CA ILE H 258 35.04 58.01 17.74
C ILE H 258 35.02 56.58 18.26
N ARG H 259 35.39 55.62 17.40
CA ARG H 259 35.58 54.23 17.82
C ARG H 259 36.50 54.14 19.04
N PHE H 260 37.68 54.79 18.94
CA PHE H 260 38.65 54.74 20.02
C PHE H 260 38.07 55.33 21.31
N GLN H 261 37.32 56.43 21.19
CA GLN H 261 36.73 57.05 22.37
C GLN H 261 35.73 56.12 23.04
N ILE H 262 34.93 55.42 22.22
CA ILE H 262 33.93 54.52 22.79
C ILE H 262 34.61 53.43 23.61
N ILE H 263 35.64 52.82 23.02
CA ILE H 263 36.35 51.77 23.74
C ILE H 263 37.04 52.32 25.00
N THR H 264 37.63 53.52 24.89
CA THR H 264 38.33 54.09 26.05
C THR H 264 37.38 54.35 27.21
N PHE H 265 36.19 54.90 26.93
CA PHE H 265 35.24 55.14 28.01
C PHE H 265 34.84 53.85 28.69
N LEU H 266 34.48 52.84 27.89
CA LEU H 266 34.12 51.55 28.49
C LEU H 266 35.23 51.05 29.42
N ILE H 267 36.44 50.92 28.89
CA ILE H 267 37.55 50.36 29.67
C ILE H 267 37.82 51.22 30.90
N ALA H 268 38.16 52.49 30.68
CA ALA H 268 38.61 53.36 31.75
C ALA H 268 37.58 53.49 32.86
N GLY H 269 36.29 53.33 32.54
CA GLY H 269 35.30 53.52 33.57
C GLY H 269 35.02 52.28 34.38
N HIS H 270 34.80 51.15 33.70
CA HIS H 270 34.10 50.05 34.36
C HIS H 270 34.92 49.47 35.51
N GLU H 271 36.19 49.13 35.29
CA GLU H 271 36.95 48.44 36.34
C GLU H 271 37.25 49.36 37.51
N THR H 272 37.56 50.63 37.26
CA THR H 272 37.88 51.53 38.36
C THR H 272 36.67 51.78 39.25
N THR H 273 35.50 52.08 38.66
CA THR H 273 34.37 52.37 39.53
C THR H 273 33.84 51.10 40.21
N SER H 274 33.93 49.95 39.53
CA SER H 274 33.53 48.72 40.18
C SER H 274 34.44 48.42 41.37
N GLY H 275 35.75 48.67 41.22
CA GLY H 275 36.64 48.52 42.35
C GLY H 275 36.30 49.47 43.50
N LEU H 276 35.99 50.72 43.17
CA LEU H 276 35.57 51.67 44.20
C LEU H 276 34.37 51.13 44.96
N LEU H 277 33.36 50.65 44.23
CA LEU H 277 32.18 50.09 44.90
C LEU H 277 32.56 48.92 45.80
N SER H 278 33.42 48.02 45.33
CA SER H 278 33.78 46.85 46.12
C SER H 278 34.53 47.26 47.39
N PHE H 279 35.50 48.18 47.26
CA PHE H 279 36.26 48.62 48.43
C PHE H 279 35.37 49.35 49.43
N ALA H 280 34.43 50.17 48.94
CA ALA H 280 33.54 50.89 49.83
C ALA H 280 32.62 49.94 50.59
N ILE H 281 32.06 48.94 49.89
CA ILE H 281 31.26 47.93 50.57
C ILE H 281 32.10 47.21 51.61
N TYR H 282 33.36 46.90 51.28
CA TYR H 282 34.27 46.27 52.23
C TYR H 282 34.44 47.12 53.49
N PHE H 283 34.77 48.40 53.30
CA PHE H 283 35.04 49.26 54.45
C PHE H 283 33.80 49.47 55.31
N LEU H 284 32.64 49.68 54.69
CA LEU H 284 31.42 49.80 55.48
C LEU H 284 31.12 48.50 56.21
N LEU H 285 31.46 47.37 55.60
CA LEU H 285 31.24 46.07 56.23
C LEU H 285 32.18 45.86 57.42
N LYS H 286 33.36 46.47 57.39
CA LYS H 286 34.38 46.27 58.43
C LYS H 286 34.39 47.36 59.50
N ASN H 287 33.65 48.45 59.31
CA ASN H 287 33.60 49.56 60.26
C ASN H 287 32.15 49.88 60.57
N PRO H 288 31.56 49.18 61.54
CA PRO H 288 30.10 49.30 61.75
C PRO H 288 29.62 50.70 62.09
N ASP H 289 30.43 51.52 62.76
CA ASP H 289 29.99 52.86 63.12
C ASP H 289 29.66 53.69 61.88
N LYS H 290 30.58 53.70 60.92
CA LYS H 290 30.34 54.45 59.68
C LYS H 290 29.19 53.86 58.90
N LEU H 291 28.99 52.53 58.95
CA LEU H 291 27.83 51.95 58.29
C LEU H 291 26.53 52.41 58.95
N LYS H 292 26.51 52.56 60.27
CA LYS H 292 25.31 53.05 60.92
C LYS H 292 25.04 54.50 60.54
N LYS H 293 26.09 55.33 60.49
CA LYS H 293 25.89 56.71 60.03
C LYS H 293 25.39 56.76 58.59
N ALA H 294 25.94 55.89 57.73
CA ALA H 294 25.50 55.86 56.34
C ALA H 294 24.05 55.43 56.23
N TYR H 295 23.65 54.42 57.01
CA TYR H 295 22.25 54.00 57.03
C TYR H 295 21.36 55.14 57.47
N GLU H 296 21.76 55.87 58.52
CA GLU H 296 20.96 57.00 58.98
C GLU H 296 20.78 58.04 57.89
N GLU H 297 21.88 58.37 57.20
CA GLU H 297 21.78 59.36 56.12
C GLU H 297 20.89 58.86 54.99
N VAL H 298 21.05 57.59 54.60
CA VAL H 298 20.30 57.05 53.47
C VAL H 298 18.81 57.03 53.80
N ASP H 299 18.47 56.54 54.99
CA ASP H 299 17.07 56.50 55.40
C ASP H 299 16.47 57.90 55.47
N ARG H 300 17.23 58.88 55.96
CA ARG H 300 16.72 60.24 56.01
C ARG H 300 16.54 60.83 54.61
N VAL H 301 17.44 60.52 53.67
CA VAL H 301 17.38 61.16 52.36
C VAL H 301 16.59 60.35 51.34
N LEU H 302 16.75 59.03 51.31
CA LEU H 302 16.10 58.19 50.30
C LEU H 302 14.71 57.80 50.77
N THR H 303 13.70 58.53 50.31
CA THR H 303 12.32 58.33 50.74
C THR H 303 11.47 57.62 49.70
N ASP H 304 11.84 57.75 48.43
CA ASP H 304 11.10 57.29 47.28
C ASP H 304 11.60 55.92 46.83
N PRO H 305 10.87 55.25 45.94
CA PRO H 305 11.35 53.92 45.49
C PRO H 305 12.69 53.99 44.78
N THR H 306 12.84 54.92 43.84
CA THR H 306 14.10 55.16 43.17
C THR H 306 14.55 56.59 43.38
N PRO H 307 15.80 56.83 43.72
CA PRO H 307 16.27 58.22 43.90
C PRO H 307 16.33 58.98 42.58
N THR H 308 16.12 60.30 42.64
CA THR H 308 16.42 61.14 41.50
C THR H 308 17.75 61.87 41.76
N TYR H 309 18.03 62.90 40.97
CA TYR H 309 19.34 63.54 40.99
C TYR H 309 19.63 64.20 42.33
N GLN H 310 18.70 64.97 42.85
CA GLN H 310 19.00 65.77 44.03
C GLN H 310 18.88 65.00 45.34
N GLN H 311 18.14 63.89 45.39
CA GLN H 311 18.28 63.06 46.59
C GLN H 311 19.69 62.47 46.66
N VAL H 312 20.25 62.11 45.50
CA VAL H 312 21.62 61.65 45.47
C VAL H 312 22.57 62.78 45.86
N MET H 313 22.27 64.01 45.42
CA MET H 313 23.09 65.15 45.79
C MET H 313 23.15 65.33 47.31
N LYS H 314 22.04 65.02 48.00
CA LYS H 314 21.95 65.25 49.44
C LYS H 314 22.46 64.07 50.27
N LEU H 315 23.21 63.16 49.67
CA LEU H 315 23.88 62.09 50.40
C LEU H 315 25.36 62.44 50.46
N LYS H 316 25.74 63.25 51.45
CA LYS H 316 27.12 63.69 51.57
C LYS H 316 28.00 62.70 52.32
N TYR H 317 27.44 61.98 53.31
CA TYR H 317 28.27 61.05 54.06
C TYR H 317 28.70 59.88 53.20
N MET H 318 27.82 59.43 52.30
CA MET H 318 28.17 58.35 51.39
C MET H 318 29.30 58.77 50.45
N ARG H 319 29.24 60.00 49.94
CA ARG H 319 30.31 60.51 49.07
C ARG H 319 31.62 60.69 49.84
N MET H 320 31.55 61.05 51.12
CA MET H 320 32.76 61.11 51.93
C MET H 320 33.32 59.72 52.18
N ILE H 321 32.45 58.72 52.34
CA ILE H 321 32.88 57.32 52.42
C ILE H 321 33.62 56.93 51.15
N LEU H 322 33.09 57.31 49.99
CA LEU H 322 33.74 56.99 48.73
C LEU H 322 35.08 57.69 48.61
N ASN H 323 35.15 58.97 48.99
CA ASN H 323 36.43 59.68 48.97
C ASN H 323 37.44 59.00 49.87
N GLU H 324 37.00 58.59 51.07
CA GLU H 324 37.89 57.92 52.03
C GLU H 324 38.38 56.59 51.42
N SER H 325 37.45 55.80 50.86
CA SER H 325 37.82 54.52 50.26
C SER H 325 38.82 54.69 49.14
N LEU H 326 38.62 55.72 48.31
CA LEU H 326 39.58 55.99 47.25
C LEU H 326 40.90 56.46 47.83
N ARG H 327 40.89 57.10 48.99
CA ARG H 327 42.14 57.46 49.66
C ARG H 327 42.90 56.21 50.10
N LEU H 328 42.21 55.28 50.76
CA LEU H 328 42.91 54.10 51.27
C LEU H 328 43.35 53.19 50.12
N TRP H 329 42.45 52.88 49.18
CA TRP H 329 42.76 52.02 48.04
C TRP H 329 42.29 52.65 46.74
N PRO H 330 43.08 53.54 46.15
CA PRO H 330 42.73 54.11 44.83
C PRO H 330 42.73 53.02 43.77
N THR H 331 41.57 52.78 43.17
CA THR H 331 41.46 51.68 42.22
C THR H 331 42.39 51.88 41.03
N ALA H 332 42.60 53.12 40.62
CA ALA H 332 43.68 53.45 39.70
C ALA H 332 44.88 53.88 40.53
N PRO H 333 45.85 52.98 40.73
CA PRO H 333 46.89 53.24 41.74
C PRO H 333 48.09 54.04 41.27
N ALA H 334 48.21 54.33 39.98
CA ALA H 334 49.39 55.04 39.51
C ALA H 334 49.08 55.79 38.22
N PHE H 335 49.84 56.87 38.01
CA PHE H 335 49.97 57.51 36.71
C PHE H 335 51.39 58.02 36.55
N SER H 336 51.85 58.10 35.31
CA SER H 336 53.22 58.45 34.99
C SER H 336 53.31 59.78 34.26
N LEU H 337 54.49 60.40 34.41
CA LEU H 337 54.79 61.70 33.84
C LEU H 337 56.17 61.66 33.20
N TYR H 338 56.41 62.62 32.31
CA TYR H 338 57.70 62.86 31.69
C TYR H 338 58.06 64.33 31.83
N ALA H 339 59.36 64.59 31.78
CA ALA H 339 59.90 65.93 31.96
C ALA H 339 59.97 66.64 30.61
N LYS H 340 59.28 67.77 30.49
CA LYS H 340 59.35 68.56 29.27
C LYS H 340 60.75 69.11 29.04
N GLU H 341 61.42 69.51 30.12
CA GLU H 341 62.80 70.01 30.06
C GLU H 341 63.50 69.57 31.34
N ASP H 342 64.84 69.47 31.27
CA ASP H 342 65.63 69.07 32.44
C ASP H 342 65.36 69.96 33.64
N THR H 343 65.19 69.34 34.81
CA THR H 343 64.95 70.06 36.05
C THR H 343 65.41 69.17 37.20
N VAL H 344 65.30 69.71 38.42
CA VAL H 344 65.62 68.98 39.63
C VAL H 344 64.43 69.07 40.57
N ILE H 345 64.14 67.97 41.26
CA ILE H 345 63.01 67.86 42.18
C ILE H 345 63.55 67.61 43.57
N GLY H 346 62.79 68.09 44.57
CA GLY H 346 63.25 68.00 45.94
C GLY H 346 64.46 68.83 46.24
N GLY H 347 64.84 69.73 45.32
CA GLY H 347 66.05 70.50 45.47
C GLY H 347 67.35 69.77 45.17
N LYS H 348 67.31 68.47 44.92
CA LYS H 348 68.57 67.77 44.65
C LYS H 348 68.50 66.65 43.62
N TYR H 349 67.34 66.14 43.23
CA TYR H 349 67.30 64.98 42.34
C TYR H 349 67.14 65.42 40.90
N PRO H 350 68.09 65.12 40.02
CA PRO H 350 67.98 65.58 38.62
C PRO H 350 67.17 64.62 37.78
N ILE H 351 66.41 65.19 36.83
CA ILE H 351 65.57 64.41 35.93
C ILE H 351 65.93 64.77 34.50
N LYS H 352 66.26 63.75 33.70
CA LYS H 352 66.51 63.95 32.28
C LYS H 352 65.21 64.29 31.56
N LYS H 353 65.37 64.90 30.39
CA LYS H 353 64.23 65.44 29.64
C LYS H 353 63.39 64.30 29.10
N GLY H 354 62.56 63.73 29.98
CA GLY H 354 61.54 62.77 29.57
C GLY H 354 62.03 61.41 29.14
N GLU H 355 63.28 61.06 29.47
CA GLU H 355 63.81 59.76 29.08
C GLU H 355 63.50 58.67 30.10
N ASP H 356 63.39 59.01 31.37
CA ASP H 356 62.90 58.11 32.40
C ASP H 356 61.47 58.48 32.74
N ARG H 357 60.64 57.47 32.97
CA ARG H 357 59.21 57.66 33.23
C ARG H 357 58.99 57.72 34.74
N ILE H 358 58.41 58.82 35.21
CA ILE H 358 58.18 59.02 36.65
C ILE H 358 56.79 58.49 36.98
N SER H 359 56.71 57.54 37.93
CA SER H 359 55.43 56.96 38.32
C SER H 359 55.04 57.43 39.71
N VAL H 360 53.82 57.93 39.85
CA VAL H 360 53.28 58.39 41.12
C VAL H 360 52.59 57.23 41.83
N LEU H 361 53.00 56.99 43.08
CA LEU H 361 52.50 55.88 43.88
C LEU H 361 51.34 56.39 44.71
N ILE H 362 50.13 56.32 44.14
CA ILE H 362 48.98 56.99 44.76
C ILE H 362 48.66 56.48 46.15
N PRO H 363 48.74 55.18 46.45
CA PRO H 363 48.40 54.74 47.83
C PRO H 363 49.32 55.29 48.91
N GLN H 364 50.64 55.20 48.72
CA GLN H 364 51.57 55.73 49.71
C GLN H 364 51.40 57.24 49.84
N LEU H 365 51.21 57.93 48.72
CA LEU H 365 50.91 59.36 48.76
C LEU H 365 49.69 59.63 49.63
N HIS H 366 48.63 58.84 49.44
CA HIS H 366 47.43 58.97 50.24
C HIS H 366 47.65 58.60 51.71
N ARG H 367 48.76 57.95 52.04
CA ARG H 367 49.09 57.67 53.43
C ARG H 367 50.25 58.52 53.94
N ASP H 368 50.54 59.63 53.26
CA ASP H 368 51.63 60.52 53.67
C ASP H 368 51.26 61.24 54.95
N LYS H 369 51.95 60.91 56.05
CA LYS H 369 51.62 61.50 57.33
C LYS H 369 51.93 62.98 57.39
N ASP H 370 52.91 63.45 56.60
CA ASP H 370 53.21 64.87 56.56
C ASP H 370 52.03 65.70 56.11
N ALA H 371 51.20 65.16 55.21
CA ALA H 371 50.04 65.88 54.70
C ALA H 371 48.74 65.53 55.40
N TRP H 372 48.55 64.26 55.79
CA TRP H 372 47.23 63.80 56.21
C TRP H 372 47.04 63.72 57.72
N GLY H 373 48.11 63.67 58.49
CA GLY H 373 48.00 63.39 59.91
C GLY H 373 48.48 61.98 60.20
N ASP H 374 48.25 61.52 61.43
CA ASP H 374 48.88 60.27 61.84
C ASP H 374 48.02 59.03 61.60
N ASN H 375 46.69 59.13 61.68
CA ASN H 375 45.83 57.94 61.64
C ASN H 375 45.50 57.53 60.20
N VAL H 376 46.56 57.22 59.44
CA VAL H 376 46.43 57.07 57.99
C VAL H 376 45.72 55.77 57.63
N GLU H 377 45.94 54.71 58.41
CA GLU H 377 45.38 53.40 58.11
C GLU H 377 43.93 53.25 58.54
N GLU H 378 43.42 54.18 59.34
CA GLU H 378 42.03 54.11 59.78
C GLU H 378 41.09 54.58 58.68
N PHE H 379 39.92 53.96 58.59
CA PHE H 379 38.87 54.36 57.67
C PHE H 379 38.02 55.39 58.39
N GLN H 380 38.22 56.67 58.04
CA GLN H 380 37.53 57.78 58.71
C GLN H 380 37.00 58.69 57.60
N PRO H 381 35.76 58.46 57.16
CA PRO H 381 35.18 59.37 56.14
C PRO H 381 35.15 60.83 56.58
N GLU H 382 35.01 61.09 57.88
CA GLU H 382 34.92 62.44 58.41
C GLU H 382 36.14 63.29 58.09
N ARG H 383 37.18 62.70 57.49
CA ARG H 383 38.28 63.51 56.97
C ARG H 383 37.81 64.49 55.92
N PHE H 384 36.78 64.13 55.14
CA PHE H 384 36.32 64.96 54.05
C PHE H 384 35.10 65.80 54.43
N GLU H 385 34.78 65.88 55.73
CA GLU H 385 33.65 66.69 56.18
C GLU H 385 33.86 68.16 55.85
N GLU H 386 34.97 68.72 56.31
CA GLU H 386 35.32 70.11 55.99
C GLU H 386 36.03 70.11 54.64
N LEU H 387 35.42 70.79 53.66
CA LEU H 387 35.76 70.57 52.26
C LEU H 387 37.11 71.15 51.86
N ASP H 388 37.60 72.17 52.56
CA ASP H 388 38.86 72.79 52.19
C ASP H 388 39.97 72.53 53.19
N LYS H 389 39.80 71.55 54.08
CA LYS H 389 40.89 71.09 54.94
C LYS H 389 41.39 69.70 54.56
N VAL H 390 41.01 69.21 53.39
CA VAL H 390 41.59 67.97 52.86
C VAL H 390 42.87 68.36 52.13
N PRO H 391 44.00 67.70 52.42
CA PRO H 391 45.23 68.02 51.70
C PRO H 391 45.07 67.64 50.24
N HIS H 392 44.34 68.49 49.49
CA HIS H 392 43.94 68.19 48.13
C HIS H 392 45.12 67.68 47.30
N HIS H 393 46.27 68.34 47.41
CA HIS H 393 47.42 68.00 46.59
C HIS H 393 48.09 66.70 46.99
N ALA H 394 47.73 66.12 48.15
CA ALA H 394 48.13 64.78 48.51
C ALA H 394 47.02 63.77 48.24
N TYR H 395 46.00 64.17 47.48
CA TYR H 395 44.85 63.34 47.16
C TYR H 395 44.70 63.34 45.64
N LYS H 396 45.17 62.27 44.98
CA LYS H 396 45.17 62.20 43.51
C LYS H 396 44.58 60.89 43.01
N PRO H 397 43.37 60.52 43.45
CA PRO H 397 42.77 59.28 42.95
C PRO H 397 42.38 59.38 41.49
N PHE H 398 42.17 60.60 40.98
CA PHE H 398 41.68 60.82 39.63
C PHE H 398 42.72 61.48 38.73
N GLY H 399 43.99 61.25 39.01
CA GLY H 399 45.04 61.87 38.22
C GLY H 399 45.22 63.32 38.63
N ASN H 400 45.84 64.11 37.76
CA ASN H 400 46.13 65.49 38.10
C ASN H 400 45.94 66.39 36.89
N GLY H 401 45.43 67.60 37.15
CA GLY H 401 45.37 68.69 36.18
C GLY H 401 44.53 68.37 34.97
N GLN H 402 45.04 68.74 33.79
CA GLN H 402 44.25 68.60 32.56
C GLN H 402 44.09 67.14 32.16
N ARG H 403 45.04 66.29 32.54
CA ARG H 403 44.95 64.87 32.22
C ARG H 403 44.34 64.07 33.36
N ALA H 404 43.61 64.74 34.25
CA ALA H 404 42.88 64.08 35.31
C ALA H 404 41.67 63.34 34.75
N CYS H 405 41.06 62.52 35.60
CA CYS H 405 39.94 61.71 35.15
C CYS H 405 38.76 62.59 34.76
N ILE H 406 38.36 62.51 33.50
CA ILE H 406 37.17 63.21 33.06
C ILE H 406 35.90 62.56 33.57
N GLY H 407 35.95 61.26 33.87
CA GLY H 407 34.75 60.59 34.32
C GLY H 407 34.56 60.66 35.82
N MET H 408 35.29 61.56 36.48
CA MET H 408 35.20 61.69 37.93
C MET H 408 33.76 61.96 38.38
N GLN H 409 33.12 62.96 37.78
CA GLN H 409 31.76 63.27 38.21
C GLN H 409 30.83 62.09 37.91
N PHE H 410 30.97 61.51 36.72
CA PHE H 410 30.21 60.33 36.35
C PHE H 410 30.39 59.21 37.37
N ALA H 411 31.65 58.90 37.67
CA ALA H 411 31.97 57.79 38.57
C ALA H 411 31.42 58.03 39.97
N LEU H 412 31.63 59.23 40.50
CA LEU H 412 31.22 59.48 41.88
C LEU H 412 29.71 59.54 41.99
N HIS H 413 29.03 60.11 41.01
CA HIS H 413 27.57 60.12 41.02
C HIS H 413 27.02 58.70 40.97
N GLU H 414 27.52 57.89 40.04
CA GLU H 414 27.05 56.52 39.93
C GLU H 414 27.31 55.71 41.20
N ALA H 415 28.53 55.82 41.73
CA ALA H 415 28.85 55.04 42.92
C ALA H 415 28.00 55.48 44.09
N THR H 416 27.81 56.79 44.24
CA THR H 416 26.97 57.33 45.31
C THR H 416 25.54 56.80 45.20
N LEU H 417 24.96 56.88 44.01
CA LEU H 417 23.61 56.38 43.80
C LEU H 417 23.49 54.90 44.14
N VAL H 418 24.39 54.08 43.60
CA VAL H 418 24.30 52.63 43.80
C VAL H 418 24.44 52.30 45.27
N MET H 419 25.39 52.94 45.95
CA MET H 419 25.58 52.65 47.37
C MET H 419 24.35 53.05 48.16
N GLY H 420 23.77 54.21 47.84
CA GLY H 420 22.56 54.63 48.51
C GLY H 420 21.43 53.63 48.33
N MET H 421 21.22 53.16 47.10
CA MET H 421 20.14 52.20 46.88
C MET H 421 20.39 50.88 47.60
N LEU H 422 21.63 50.38 47.52
CA LEU H 422 21.95 49.14 48.20
C LEU H 422 21.68 49.23 49.70
N LEU H 423 22.08 50.35 50.32
CA LEU H 423 21.77 50.51 51.74
C LEU H 423 20.28 50.70 51.97
N GLN H 424 19.58 51.31 51.00
CA GLN H 424 18.14 51.48 51.09
C GLN H 424 17.43 50.14 51.19
N HIS H 425 17.85 49.16 50.38
CA HIS H 425 17.13 47.90 50.30
C HIS H 425 17.73 46.77 51.12
N PHE H 426 19.04 46.73 51.34
CA PHE H 426 19.67 45.52 51.82
C PHE H 426 20.51 45.74 53.07
N GLU H 427 20.55 44.68 53.89
CA GLU H 427 21.52 44.51 54.96
C GLU H 427 22.58 43.54 54.48
N LEU H 428 23.84 44.00 54.47
CA LEU H 428 24.97 43.23 53.98
C LEU H 428 25.66 42.49 55.13
N ILE H 429 25.89 41.20 54.92
CA ILE H 429 26.40 40.31 55.96
C ILE H 429 27.72 39.73 55.52
N ASP H 430 28.75 39.91 56.34
CA ASP H 430 30.06 39.31 56.13
C ASP H 430 30.07 37.92 56.78
N TYR H 431 29.16 37.07 56.31
CA TYR H 431 29.04 35.74 56.90
C TYR H 431 30.34 34.97 56.80
N GLN H 432 31.20 35.31 55.85
CA GLN H 432 32.42 34.59 55.58
C GLN H 432 33.64 35.22 56.24
N ASN H 433 33.43 36.22 57.12
CA ASN H 433 34.50 37.01 57.75
C ASN H 433 35.63 37.28 56.78
N TYR H 434 35.34 38.06 55.74
CA TYR H 434 36.27 38.28 54.64
C TYR H 434 37.57 38.89 55.13
N GLN H 435 38.68 38.36 54.63
CA GLN H 435 40.01 38.90 54.91
C GLN H 435 40.52 39.52 53.61
N LEU H 436 40.77 40.83 53.64
CA LEU H 436 41.02 41.58 52.42
C LEU H 436 42.23 41.08 51.68
N ASP H 437 42.08 40.92 50.36
CA ASP H 437 43.16 40.58 49.46
C ASP H 437 43.07 41.50 48.25
N VAL H 438 43.99 42.44 48.14
CA VAL H 438 43.97 43.40 47.04
C VAL H 438 44.62 42.74 45.83
N LYS H 439 43.84 42.56 44.76
CA LYS H 439 44.35 42.07 43.50
C LYS H 439 44.48 43.24 42.53
N GLN H 440 45.44 43.12 41.61
CA GLN H 440 45.73 44.16 40.63
C GLN H 440 45.72 43.56 39.24
N THR H 441 44.89 44.12 38.37
CA THR H 441 44.94 43.86 36.93
C THR H 441 45.58 45.08 36.32
N LEU H 442 44.77 45.88 35.63
CA LEU H 442 45.15 47.25 35.34
C LEU H 442 44.79 48.18 36.50
N THR H 443 43.76 47.82 37.25
CA THR H 443 43.24 48.56 38.40
C THR H 443 43.26 47.65 39.64
N LEU H 444 43.03 48.25 40.81
CA LEU H 444 42.97 47.49 42.06
C LEU H 444 41.53 47.09 42.40
N LYS H 445 41.39 45.90 42.98
CA LYS H 445 40.08 45.39 43.36
C LYS H 445 40.23 44.38 44.48
N PRO H 446 39.22 44.24 45.33
CA PRO H 446 39.22 43.11 46.28
C PRO H 446 39.00 41.79 45.56
N GLY H 447 39.79 40.79 45.93
CA GLY H 447 39.72 39.48 45.31
C GLY H 447 38.93 38.51 46.16
N ASP H 448 38.08 37.71 45.50
CA ASP H 448 37.29 36.65 46.12
C ASP H 448 36.46 37.20 47.30
N PHE H 449 35.80 38.32 47.05
CA PHE H 449 35.04 39.05 48.05
C PHE H 449 33.56 38.70 47.89
N LYS H 450 33.05 37.86 48.81
CA LYS H 450 31.67 37.39 48.76
C LYS H 450 30.96 37.69 50.08
N ILE H 451 29.69 38.10 49.98
CA ILE H 451 28.88 38.48 51.12
C ILE H 451 27.52 37.81 51.00
N ARG H 452 26.65 38.07 51.98
CA ARG H 452 25.27 37.60 51.92
C ARG H 452 24.30 38.76 52.16
N ILE H 453 23.06 38.57 51.74
CA ILE H 453 22.11 39.67 51.65
C ILE H 453 20.89 39.34 52.50
N LEU H 454 20.33 40.36 53.15
CA LEU H 454 19.00 40.24 53.73
C LEU H 454 18.19 41.47 53.34
N PRO H 455 16.94 41.29 52.91
CA PRO H 455 16.12 42.47 52.59
C PRO H 455 15.72 43.24 53.84
N ARG H 456 15.11 44.40 53.60
CA ARG H 456 14.68 45.29 54.68
C ARG H 456 13.26 45.83 54.45
N ILE I 8 18.60 -12.47 -10.72
CA ILE I 8 18.80 -12.34 -9.28
C ILE I 8 17.99 -11.18 -8.71
N PRO I 9 17.13 -11.47 -7.73
CA PRO I 9 16.15 -10.48 -7.30
C PRO I 9 16.83 -9.23 -6.75
N GLN I 10 16.26 -8.07 -7.10
CA GLN I 10 16.81 -6.80 -6.68
C GLN I 10 15.64 -5.86 -6.40
N PRO I 11 15.66 -5.16 -5.28
CA PRO I 11 14.59 -4.18 -5.01
C PRO I 11 14.67 -3.00 -5.96
N LYS I 12 13.69 -2.09 -5.88
CA LYS I 12 13.66 -0.96 -6.79
C LYS I 12 14.91 -0.11 -6.62
N THR I 13 15.53 0.24 -7.73
CA THR I 13 16.67 1.15 -7.75
C THR I 13 16.19 2.54 -8.17
N TYR I 14 16.87 3.56 -7.67
CA TYR I 14 16.47 4.95 -7.87
C TYR I 14 17.59 5.71 -8.55
N GLY I 15 17.82 5.40 -9.82
CA GLY I 15 18.81 6.09 -10.62
C GLY I 15 20.18 6.08 -9.99
N PRO I 16 20.75 7.26 -9.76
CA PRO I 16 22.07 7.32 -9.13
C PRO I 16 22.08 6.77 -7.71
N LEU I 17 20.96 6.76 -7.01
CA LEU I 17 20.94 6.33 -5.61
C LEU I 17 21.00 4.82 -5.41
N GLY I 18 20.92 4.02 -6.48
CA GLY I 18 20.95 2.57 -6.32
C GLY I 18 19.78 2.06 -5.47
N ASN I 19 20.09 1.17 -4.54
CA ASN I 19 19.10 0.67 -3.59
C ASN I 19 19.18 1.37 -2.23
N LEU I 20 20.08 2.34 -2.10
CA LEU I 20 20.36 2.92 -0.79
C LEU I 20 19.16 3.58 -0.11
N PRO I 21 18.18 4.18 -0.80
CA PRO I 21 17.01 4.72 -0.09
C PRO I 21 16.20 3.70 0.69
N LEU I 22 16.54 2.41 0.58
CA LEU I 22 15.83 1.38 1.30
C LEU I 22 16.56 0.92 2.55
N ILE I 23 17.70 1.54 2.86
CA ILE I 23 18.56 1.12 3.97
C ILE I 23 18.79 2.31 4.91
N ASP I 24 18.89 2.04 6.20
CA ASP I 24 19.45 2.99 7.15
C ASP I 24 20.93 2.69 7.28
N LYS I 25 21.77 3.66 6.92
CA LYS I 25 23.22 3.42 6.87
C LYS I 25 23.77 2.96 8.22
N ASP I 26 23.16 3.39 9.32
CA ASP I 26 23.67 3.09 10.65
C ASP I 26 23.18 1.76 11.20
N LYS I 27 22.18 1.15 10.57
CA LYS I 27 21.67 -0.16 11.00
C LYS I 27 21.62 -1.08 9.80
N PRO I 28 22.77 -1.34 9.17
CA PRO I 28 22.74 -2.13 7.91
C PRO I 28 22.22 -3.54 8.09
N THR I 29 22.75 -4.29 9.06
CA THR I 29 22.32 -5.67 9.24
C THR I 29 20.81 -5.75 9.40
N LEU I 30 20.27 -4.97 10.34
CA LEU I 30 18.83 -4.97 10.53
C LEU I 30 18.12 -4.57 9.24
N SER I 31 18.66 -3.56 8.53
CA SER I 31 18.08 -3.17 7.25
C SER I 31 18.04 -4.34 6.30
N PHE I 32 19.16 -5.07 6.17
CA PHE I 32 19.17 -6.22 5.28
C PHE I 32 18.15 -7.26 5.73
N ILE I 33 18.02 -7.44 7.05
CA ILE I 33 17.01 -8.37 7.56
C ILE I 33 15.65 -7.97 7.02
N LYS I 34 15.32 -6.67 7.10
CA LYS I 34 14.06 -6.22 6.54
C LYS I 34 13.94 -6.60 5.08
N ILE I 35 14.97 -6.27 4.28
CA ILE I 35 14.89 -6.56 2.86
C ILE I 35 14.78 -8.05 2.61
N ALA I 36 15.37 -8.88 3.49
CA ALA I 36 15.22 -10.31 3.29
C ALA I 36 13.76 -10.70 3.40
N GLU I 37 13.06 -10.19 4.43
CA GLU I 37 11.64 -10.47 4.58
C GLU I 37 10.84 -10.05 3.36
N GLU I 38 11.35 -9.08 2.61
CA GLU I 38 10.61 -8.70 1.41
C GLU I 38 10.97 -9.55 0.21
N TYR I 39 12.25 -9.88 0.01
CA TYR I 39 12.65 -10.42 -1.29
C TYR I 39 13.21 -11.83 -1.21
N GLY I 40 13.26 -12.43 -0.02
CA GLY I 40 13.51 -13.85 0.11
C GLY I 40 14.96 -14.22 0.34
N PRO I 41 15.28 -15.48 0.04
CA PRO I 41 16.56 -16.05 0.47
C PRO I 41 17.76 -15.51 -0.27
N ILE I 42 17.57 -14.77 -1.37
CA ILE I 42 18.70 -14.23 -2.12
C ILE I 42 18.27 -12.91 -2.74
N PHE I 43 19.10 -11.88 -2.56
CA PHE I 43 18.83 -10.62 -3.25
C PHE I 43 20.12 -9.83 -3.38
N GLN I 44 20.09 -8.77 -4.19
CA GLN I 44 21.27 -7.98 -4.46
C GLN I 44 20.96 -6.50 -4.20
N ILE I 45 21.96 -5.79 -3.67
CA ILE I 45 21.84 -4.41 -3.26
C ILE I 45 22.86 -3.59 -4.03
N GLN I 46 22.39 -2.53 -4.67
CA GLN I 46 23.21 -1.68 -5.53
C GLN I 46 23.55 -0.42 -4.73
N THR I 47 24.85 -0.13 -4.59
CA THR I 47 25.33 1.05 -3.88
C THR I 47 25.62 2.16 -4.90
N LEU I 48 26.13 3.29 -4.41
CA LEU I 48 26.58 4.35 -5.30
C LEU I 48 27.77 3.89 -6.13
N SER I 49 28.55 2.93 -5.59
CA SER I 49 29.81 2.49 -6.17
C SER I 49 29.86 1.01 -6.55
N ASP I 50 29.08 0.14 -5.90
CA ASP I 50 29.32 -1.30 -5.99
C ASP I 50 27.99 -2.05 -5.87
N THR I 51 28.08 -3.38 -5.90
CA THR I 51 26.94 -4.27 -5.71
C THR I 51 27.31 -5.34 -4.71
N ILE I 52 26.36 -5.68 -3.84
CA ILE I 52 26.54 -6.71 -2.84
C ILE I 52 25.43 -7.73 -2.99
N ILE I 53 25.75 -9.01 -2.83
CA ILE I 53 24.77 -10.08 -2.89
C ILE I 53 24.55 -10.60 -1.49
N VAL I 54 23.32 -10.51 -1.00
CA VAL I 54 22.96 -10.94 0.35
C VAL I 54 22.21 -12.26 0.24
N VAL I 55 22.79 -13.29 0.84
CA VAL I 55 22.23 -14.64 0.87
C VAL I 55 21.79 -14.94 2.29
N SER I 56 20.62 -15.56 2.41
CA SER I 56 20.07 -15.90 3.72
C SER I 56 19.41 -17.27 3.77
N GLY I 57 19.07 -17.88 2.63
CA GLY I 57 18.49 -19.21 2.64
C GLY I 57 19.55 -20.28 2.84
N HIS I 58 19.22 -21.28 3.66
CA HIS I 58 20.20 -22.26 4.12
C HIS I 58 20.77 -23.11 2.98
N GLU I 59 19.98 -23.36 1.92
CA GLU I 59 20.51 -24.09 0.79
C GLU I 59 21.57 -23.29 0.06
N LEU I 60 21.27 -22.02 -0.23
CA LEU I 60 22.23 -21.16 -0.91
C LEU I 60 23.45 -20.93 -0.01
N VAL I 61 23.21 -20.75 1.29
CA VAL I 61 24.30 -20.61 2.25
C VAL I 61 25.16 -21.85 2.24
N ALA I 62 24.54 -23.03 2.19
CA ALA I 62 25.32 -24.26 2.12
C ALA I 62 26.17 -24.32 0.86
N GLU I 63 25.62 -23.87 -0.27
CA GLU I 63 26.38 -23.93 -1.52
C GLU I 63 27.54 -22.95 -1.53
N VAL I 64 27.28 -21.71 -1.09
CA VAL I 64 28.35 -20.73 -1.06
C VAL I 64 29.34 -20.98 0.06
N CYS I 65 28.94 -21.75 1.08
CA CYS I 65 29.83 -22.03 2.21
C CYS I 65 30.86 -23.11 1.91
N ASP I 66 30.76 -23.79 0.78
CA ASP I 66 31.77 -24.78 0.42
C ASP I 66 33.04 -24.11 -0.07
N GLU I 67 34.18 -24.52 0.50
CA GLU I 67 35.43 -23.85 0.13
C GLU I 67 35.84 -24.04 -1.32
N THR I 68 35.38 -25.11 -1.98
CA THR I 68 35.81 -25.34 -3.35
C THR I 68 35.34 -24.25 -4.29
N ARG I 69 34.16 -23.70 -4.08
CA ARG I 69 33.68 -22.68 -5.01
C ARG I 69 33.82 -21.28 -4.47
N PHE I 70 33.87 -21.12 -3.15
CA PHE I 70 33.97 -19.80 -2.59
C PHE I 70 35.02 -19.78 -1.49
N ASP I 71 35.70 -18.64 -1.41
CA ASP I 71 36.77 -18.43 -0.45
C ASP I 71 36.48 -17.12 0.26
N LYS I 72 36.94 -17.01 1.51
CA LYS I 72 36.65 -15.83 2.30
C LYS I 72 37.07 -14.57 1.57
N SER I 73 36.27 -13.52 1.73
CA SER I 73 36.51 -12.23 1.12
C SER I 73 36.67 -11.18 2.20
N ILE I 74 37.43 -10.14 1.88
CA ILE I 74 37.60 -9.00 2.77
C ILE I 74 36.65 -7.93 2.26
N GLU I 75 35.43 -7.96 2.79
CA GLU I 75 34.46 -6.90 2.55
C GLU I 75 35.07 -5.56 2.93
N GLY I 76 34.50 -4.50 2.34
CA GLY I 76 34.90 -3.14 2.66
C GLY I 76 35.16 -2.92 4.13
N ALA I 77 34.32 -3.54 4.98
CA ALA I 77 34.49 -3.42 6.43
C ALA I 77 35.84 -3.97 6.89
N LEU I 78 36.15 -5.20 6.52
CA LEU I 78 37.42 -5.78 6.95
C LEU I 78 38.60 -5.13 6.24
N ALA I 79 38.41 -4.65 5.00
CA ALA I 79 39.49 -3.92 4.35
C ALA I 79 39.80 -2.63 5.11
N LYS I 80 38.76 -1.93 5.57
CA LYS I 80 38.95 -0.78 6.45
C LYS I 80 39.64 -1.20 7.75
N VAL I 81 39.37 -2.41 8.23
CA VAL I 81 39.97 -2.90 9.47
C VAL I 81 41.44 -3.27 9.25
N ARG I 82 41.82 -3.63 8.02
CA ARG I 82 43.15 -4.16 7.76
C ARG I 82 44.25 -3.15 8.10
N ALA I 83 43.96 -1.86 7.97
CA ALA I 83 44.95 -0.80 8.21
C ALA I 83 45.72 -1.02 9.50
N PHE I 84 45.01 -1.50 10.53
CA PHE I 84 45.63 -1.83 11.81
C PHE I 84 45.59 -3.31 12.14
N ALA I 85 44.74 -4.10 11.49
CA ALA I 85 44.73 -5.54 11.73
C ALA I 85 45.73 -6.27 10.86
N GLY I 86 46.22 -5.62 9.79
CA GLY I 86 47.26 -6.18 8.94
C GLY I 86 46.83 -7.47 8.27
N ASP I 87 47.73 -8.46 8.28
CA ASP I 87 47.42 -9.77 7.72
C ASP I 87 47.17 -10.81 8.81
N GLY I 88 46.60 -10.43 9.95
CA GLY I 88 46.32 -11.43 10.96
C GLY I 88 45.24 -12.38 10.50
N LEU I 89 44.89 -13.38 11.30
CA LEU I 89 43.94 -14.39 10.84
C LEU I 89 42.61 -13.79 10.47
N PHE I 90 42.19 -12.69 11.12
CA PHE I 90 40.85 -12.20 10.86
C PHE I 90 40.78 -11.50 9.51
N THR I 91 41.83 -10.76 9.15
CA THR I 91 41.81 -9.82 8.04
C THR I 91 42.78 -10.20 6.91
N SER I 92 43.21 -11.46 6.85
CA SER I 92 44.14 -11.91 5.82
C SER I 92 43.42 -12.65 4.71
N GLU I 93 44.01 -12.57 3.50
CA GLU I 93 43.52 -13.40 2.40
C GLU I 93 43.88 -14.85 2.68
N THR I 94 43.03 -15.76 2.23
CA THR I 94 43.23 -17.16 2.55
C THR I 94 44.53 -17.70 1.93
N HIS I 95 44.84 -17.26 0.71
CA HIS I 95 46.05 -17.68 0.00
C HIS I 95 47.32 -17.02 0.52
N GLU I 96 47.21 -15.98 1.32
CA GLU I 96 48.40 -15.30 1.81
C GLU I 96 49.15 -16.20 2.78
N PRO I 97 50.49 -16.23 2.72
CA PRO I 97 51.25 -17.21 3.51
C PRO I 97 51.01 -17.11 4.99
N ASN I 98 50.92 -15.88 5.50
CA ASN I 98 50.84 -15.68 6.93
C ASN I 98 49.59 -16.30 7.52
N TRP I 99 48.50 -16.37 6.75
CA TRP I 99 47.28 -16.95 7.30
C TRP I 99 47.51 -18.39 7.76
N LYS I 100 47.86 -19.29 6.84
CA LYS I 100 48.00 -20.68 7.25
C LYS I 100 49.26 -20.91 8.07
N LYS I 101 50.29 -20.07 7.90
CA LYS I 101 51.45 -20.14 8.77
C LYS I 101 51.01 -20.02 10.24
N ALA I 102 50.39 -18.88 10.57
CA ALA I 102 49.92 -18.66 11.93
C ALA I 102 48.82 -19.65 12.31
N HIS I 103 47.98 -20.05 11.36
CA HIS I 103 46.94 -21.05 11.65
C HIS I 103 47.57 -22.35 12.15
N ASN I 104 48.57 -22.86 11.42
CA ASN I 104 49.27 -24.04 11.86
C ASN I 104 49.86 -23.83 13.24
N ILE I 105 50.39 -22.64 13.49
CA ILE I 105 51.02 -22.41 14.80
C ILE I 105 49.99 -22.46 15.93
N LEU I 106 48.87 -21.74 15.77
CA LEU I 106 48.02 -21.46 16.93
C LEU I 106 46.66 -22.17 16.96
N MET I 107 46.27 -22.90 15.90
CA MET I 107 45.03 -23.67 15.97
C MET I 107 45.05 -24.65 17.14
N PRO I 108 46.15 -25.38 17.43
CA PRO I 108 46.14 -26.25 18.63
C PRO I 108 45.96 -25.49 19.94
N THR I 109 46.39 -24.23 20.01
CA THR I 109 46.23 -23.44 21.24
C THR I 109 44.76 -23.16 21.56
N PHE I 110 43.87 -23.33 20.60
CA PHE I 110 42.47 -22.97 20.73
C PHE I 110 41.55 -24.17 20.92
N SER I 111 42.11 -25.36 21.10
CA SER I 111 41.28 -26.52 21.39
C SER I 111 40.64 -26.37 22.76
N GLN I 112 39.49 -27.01 22.94
CA GLN I 112 38.78 -26.91 24.21
C GLN I 112 39.68 -27.31 25.38
N ARG I 113 40.48 -28.36 25.18
CA ARG I 113 41.41 -28.80 26.22
C ARG I 113 42.31 -27.65 26.66
N ALA I 114 42.92 -26.96 25.69
CA ALA I 114 43.97 -25.99 26.01
C ALA I 114 43.46 -24.83 26.86
N MET I 115 42.16 -24.53 26.80
CA MET I 115 41.55 -23.48 27.61
C MET I 115 41.74 -23.71 29.10
N LYS I 116 42.01 -24.94 29.52
CA LYS I 116 42.21 -25.16 30.94
C LYS I 116 43.39 -24.36 31.43
N ASP I 117 44.46 -24.25 30.62
CA ASP I 117 45.62 -23.46 31.03
C ASP I 117 45.27 -21.99 31.18
N TYR I 118 44.26 -21.51 30.45
CA TYR I 118 43.82 -20.14 30.58
C TYR I 118 42.76 -19.97 31.64
N HIS I 119 42.15 -21.08 32.10
CA HIS I 119 40.98 -20.99 32.96
C HIS I 119 41.22 -20.10 34.16
N ALA I 120 42.29 -20.38 34.92
CA ALA I 120 42.60 -19.58 36.10
C ALA I 120 42.65 -18.11 35.71
N MET I 121 43.38 -17.82 34.64
CA MET I 121 43.54 -16.45 34.20
C MET I 121 42.18 -15.82 33.92
N MET I 122 41.31 -16.55 33.21
CA MET I 122 39.97 -16.05 32.96
C MET I 122 39.23 -15.79 34.27
N VAL I 123 39.28 -16.74 35.20
CA VAL I 123 38.60 -16.54 36.48
C VAL I 123 39.12 -15.26 37.12
N ASP I 124 40.41 -14.99 37.00
CA ASP I 124 40.96 -13.74 37.52
C ASP I 124 40.12 -12.58 37.05
N ILE I 125 39.98 -12.42 35.74
CA ILE I 125 39.21 -11.29 35.24
C ILE I 125 37.77 -11.41 35.71
N ALA I 126 37.26 -12.64 35.75
CA ALA I 126 35.92 -12.89 36.25
C ALA I 126 35.76 -12.41 37.69
N VAL I 127 36.72 -12.72 38.57
CA VAL I 127 36.56 -12.27 39.95
C VAL I 127 36.46 -10.77 39.98
N GLN I 128 37.24 -10.09 39.14
CA GLN I 128 37.17 -8.64 39.10
C GLN I 128 35.72 -8.22 38.88
N LEU I 129 35.08 -8.79 37.85
CA LEU I 129 33.68 -8.46 37.58
C LEU I 129 32.81 -8.77 38.77
N VAL I 130 32.90 -9.99 39.32
CA VAL I 130 32.03 -10.33 40.43
C VAL I 130 32.25 -9.34 41.55
N GLN I 131 33.52 -9.01 41.81
CA GLN I 131 33.82 -8.12 42.91
C GLN I 131 33.18 -6.76 42.68
N LYS I 132 33.27 -6.23 41.44
CA LYS I 132 32.63 -4.96 41.17
C LYS I 132 31.15 -5.02 41.49
N TRP I 133 30.45 -6.03 40.97
CA TRP I 133 29.01 -6.09 41.21
C TRP I 133 28.70 -6.29 42.68
N ALA I 134 29.58 -6.97 43.41
CA ALA I 134 29.35 -7.15 44.84
C ALA I 134 29.55 -5.84 45.60
N ARG I 135 30.39 -4.96 45.07
CA ARG I 135 30.78 -3.74 45.77
C ARG I 135 29.95 -2.52 45.38
N LEU I 136 28.85 -2.69 44.64
CA LEU I 136 27.96 -1.58 44.35
C LEU I 136 27.07 -1.23 45.54
N ASN I 137 26.56 -0.01 45.53
CA ASN I 137 25.65 0.49 46.55
C ASN I 137 24.26 -0.09 46.26
N PRO I 138 23.31 0.02 47.20
CA PRO I 138 22.03 -0.70 47.02
C PRO I 138 21.29 -0.49 45.69
N ASN I 139 21.07 0.75 45.26
CA ASN I 139 20.32 1.01 44.03
C ASN I 139 21.18 1.43 42.84
N GLU I 140 22.49 1.23 42.90
CA GLU I 140 23.34 1.58 41.77
C GLU I 140 23.06 0.70 40.57
N ASN I 141 23.20 1.30 39.39
CA ASN I 141 22.95 0.60 38.14
C ASN I 141 24.24 0.02 37.59
N VAL I 142 24.12 -1.09 36.88
CA VAL I 142 25.22 -1.68 36.15
C VAL I 142 24.88 -1.57 34.67
N ASP I 143 25.88 -1.26 33.85
CA ASP I 143 25.70 -1.26 32.42
C ASP I 143 26.23 -2.58 31.88
N VAL I 144 25.32 -3.48 31.49
CA VAL I 144 25.72 -4.83 31.09
C VAL I 144 26.69 -4.79 29.91
N PRO I 145 26.43 -4.05 28.84
CA PRO I 145 27.41 -4.05 27.74
C PRO I 145 28.76 -3.50 28.16
N GLU I 146 28.79 -2.41 28.93
CA GLU I 146 30.07 -1.81 29.30
C GLU I 146 30.88 -2.74 30.21
N ASP I 147 30.24 -3.33 31.21
CA ASP I 147 30.98 -4.20 32.12
C ASP I 147 31.38 -5.51 31.44
N MET I 148 30.50 -6.08 30.61
CA MET I 148 30.89 -7.26 29.84
C MET I 148 32.06 -6.94 28.92
N THR I 149 32.10 -5.73 28.36
CA THR I 149 33.20 -5.33 27.49
C THR I 149 34.49 -5.18 28.27
N ARG I 150 34.41 -4.57 29.45
CA ARG I 150 35.55 -4.50 30.36
C ARG I 150 36.11 -5.89 30.59
N LEU I 151 35.21 -6.81 30.98
CA LEU I 151 35.60 -8.18 31.29
C LEU I 151 36.26 -8.87 30.10
N THR I 152 35.62 -8.78 28.92
CA THR I 152 36.13 -9.53 27.77
C THR I 152 37.47 -8.98 27.32
N LEU I 153 37.62 -7.65 27.31
CA LEU I 153 38.90 -7.05 26.93
C LEU I 153 40.00 -7.48 27.88
N ASP I 154 39.73 -7.42 29.19
CA ASP I 154 40.78 -7.81 30.14
C ASP I 154 41.10 -9.30 30.02
N THR I 155 40.07 -10.13 29.81
CA THR I 155 40.30 -11.56 29.69
C THR I 155 41.18 -11.88 28.48
N ILE I 156 40.85 -11.32 27.32
CA ILE I 156 41.64 -11.64 26.13
C ILE I 156 43.05 -11.08 26.24
N GLY I 157 43.20 -9.83 26.70
CA GLY I 157 44.54 -9.27 26.82
C GLY I 157 45.41 -10.07 27.77
N LEU I 158 44.87 -10.40 28.94
CA LEU I 158 45.62 -11.13 29.95
C LEU I 158 45.95 -12.54 29.48
N CYS I 159 44.95 -13.28 28.96
CA CYS I 159 45.20 -14.65 28.54
C CYS I 159 46.18 -14.71 27.37
N GLY I 160 46.16 -13.73 26.48
CA GLY I 160 47.01 -13.82 25.32
C GLY I 160 48.42 -13.37 25.60
N PHE I 161 48.58 -12.27 26.35
CA PHE I 161 49.90 -11.64 26.47
C PHE I 161 50.21 -11.22 27.89
N ASN I 162 49.47 -11.74 28.87
CA ASN I 162 49.67 -11.43 30.29
C ASN I 162 49.78 -9.92 30.52
N TYR I 163 48.89 -9.18 29.86
CA TYR I 163 48.80 -7.74 30.00
C TYR I 163 47.49 -7.39 30.66
N ARG I 164 47.56 -6.55 31.69
CA ARG I 164 46.40 -6.15 32.47
C ARG I 164 45.93 -4.75 32.06
N PHE I 165 44.78 -4.70 31.39
CA PHE I 165 44.13 -3.43 31.05
C PHE I 165 43.50 -2.74 32.25
N ASN I 166 43.11 -3.49 33.27
CA ASN I 166 42.44 -2.94 34.45
C ASN I 166 41.22 -2.12 34.04
N SER I 167 40.41 -2.69 33.15
CA SER I 167 39.22 -1.98 32.68
C SER I 167 38.23 -1.74 33.81
N PHE I 168 38.23 -2.59 34.83
CA PHE I 168 37.35 -2.39 35.97
C PHE I 168 37.88 -1.36 36.96
N TYR I 169 39.13 -0.92 36.79
CA TYR I 169 39.70 0.15 37.59
C TYR I 169 39.58 1.51 36.91
N ARG I 170 38.71 1.64 35.91
CA ARG I 170 38.56 2.88 35.17
C ARG I 170 37.07 3.22 35.02
N GLU I 171 36.73 4.48 35.29
CA GLU I 171 35.40 5.00 35.03
C GLU I 171 35.14 5.25 33.55
N THR I 172 36.21 5.50 32.78
CA THR I 172 36.21 5.75 31.35
C THR I 172 36.86 4.58 30.61
N PRO I 173 36.25 4.08 29.55
CA PRO I 173 36.82 2.94 28.83
C PRO I 173 38.28 3.18 28.42
N HIS I 174 39.02 2.07 28.33
CA HIS I 174 40.47 2.11 28.18
C HIS I 174 40.88 2.91 26.94
N PRO I 175 42.04 3.56 26.99
CA PRO I 175 42.53 4.30 25.81
C PRO I 175 42.62 3.47 24.54
N PHE I 176 42.97 2.18 24.67
CA PHE I 176 43.09 1.33 23.49
C PHE I 176 41.76 1.21 22.77
N ILE I 177 40.68 0.97 23.52
CA ILE I 177 39.36 0.83 22.91
C ILE I 177 38.94 2.13 22.23
N THR I 178 39.30 3.27 22.82
CA THR I 178 38.97 4.55 22.22
C THR I 178 39.73 4.77 20.92
N SER I 179 41.02 4.42 20.92
CA SER I 179 41.80 4.46 19.68
C SER I 179 41.18 3.56 18.62
N MET I 180 40.68 2.40 19.03
CA MET I 180 40.10 1.47 18.06
C MET I 180 38.81 2.02 17.47
N THR I 181 37.92 2.54 18.33
CA THR I 181 36.70 3.15 17.83
C THR I 181 36.99 4.26 16.84
N ARG I 182 37.93 5.16 17.17
CA ARG I 182 38.23 6.22 16.21
C ARG I 182 38.89 5.67 14.96
N ALA I 183 39.59 4.55 15.07
CA ALA I 183 40.13 3.86 13.90
C ALA I 183 39.04 3.34 12.99
N LEU I 184 37.80 3.25 13.47
CA LEU I 184 36.69 2.76 12.66
C LEU I 184 35.72 3.90 12.34
N SER I 214 49.61 4.43 16.93
CA SER I 214 49.18 4.61 18.32
C SER I 214 48.98 3.29 19.06
N MET I 215 48.09 2.45 18.52
CA MET I 215 47.88 1.09 19.05
C MET I 215 49.12 0.24 18.86
N PHE I 216 49.71 0.32 17.66
CA PHE I 216 50.89 -0.46 17.34
C PHE I 216 51.99 -0.15 18.34
N SER I 217 52.00 1.07 18.86
CA SER I 217 52.97 1.45 19.86
C SER I 217 52.81 0.60 21.12
N LEU I 218 51.59 0.56 21.69
CA LEU I 218 51.34 -0.22 22.89
C LEU I 218 51.60 -1.71 22.67
N VAL I 219 51.14 -2.24 21.53
CA VAL I 219 51.26 -3.67 21.28
C VAL I 219 52.73 -4.09 21.14
N ASP I 220 53.49 -3.37 20.31
CA ASP I 220 54.90 -3.73 20.26
C ASP I 220 55.65 -3.33 21.53
N ASN I 221 55.09 -2.43 22.35
CA ASN I 221 55.63 -2.26 23.70
C ASN I 221 55.59 -3.59 24.43
N ILE I 222 54.42 -4.23 24.45
CA ILE I 222 54.29 -5.51 25.15
C ILE I 222 55.23 -6.54 24.54
N ILE I 223 55.41 -6.52 23.22
CA ILE I 223 56.35 -7.46 22.62
C ILE I 223 57.78 -7.15 23.05
N ALA I 224 58.14 -5.86 23.09
CA ALA I 224 59.49 -5.44 23.44
C ALA I 224 59.79 -5.69 24.91
N GLU I 225 58.77 -5.95 25.73
CA GLU I 225 59.03 -6.46 27.07
C GLU I 225 59.89 -7.72 27.02
N ARG I 226 59.52 -8.68 26.18
CA ARG I 226 60.33 -9.87 25.99
C ARG I 226 61.30 -9.70 24.82
N PRO I 247 55.51 -24.53 11.02
CA PRO I 247 55.11 -25.87 11.48
C PRO I 247 55.13 -26.88 10.34
N GLU I 248 54.18 -26.75 9.41
CA GLU I 248 54.28 -27.51 8.17
C GLU I 248 55.44 -27.02 7.33
N THR I 249 55.74 -25.73 7.41
CA THR I 249 56.93 -25.14 6.79
C THR I 249 58.08 -24.96 7.76
N GLY I 250 57.77 -24.74 9.04
CA GLY I 250 58.78 -24.75 10.09
C GLY I 250 59.21 -23.39 10.58
N GLU I 251 59.06 -22.35 9.77
CA GLU I 251 59.57 -21.03 10.12
C GLU I 251 58.63 -20.33 11.09
N LYS I 252 59.22 -19.47 11.92
CA LYS I 252 58.46 -18.67 12.88
C LYS I 252 57.99 -17.38 12.23
N LEU I 253 56.88 -16.86 12.74
CA LEU I 253 56.26 -15.71 12.13
C LEU I 253 57.12 -14.48 12.32
N ASP I 254 57.16 -13.64 11.31
CA ASP I 254 57.77 -12.33 11.39
C ASP I 254 57.23 -11.49 12.54
N ASP I 255 58.02 -10.49 12.97
CA ASP I 255 57.59 -9.61 14.07
C ASP I 255 56.44 -8.71 13.65
N GLU I 256 56.54 -8.15 12.44
CA GLU I 256 55.39 -7.45 11.87
C GLU I 256 54.14 -8.33 11.97
N ASN I 257 54.30 -9.63 11.68
CA ASN I 257 53.16 -10.54 11.82
C ASN I 257 52.78 -10.80 13.26
N ILE I 258 53.74 -10.93 14.18
CA ILE I 258 53.32 -11.15 15.56
C ILE I 258 52.53 -9.98 16.11
N ARG I 259 52.97 -8.77 15.77
CA ARG I 259 52.22 -7.55 16.17
C ARG I 259 50.81 -7.61 15.55
N PHE I 260 50.71 -7.90 14.25
CA PHE I 260 49.41 -7.93 13.59
C PHE I 260 48.53 -9.04 14.15
N GLN I 261 49.10 -10.22 14.42
CA GLN I 261 48.31 -11.34 14.89
C GLN I 261 47.73 -11.04 16.25
N ILE I 262 48.55 -10.50 17.15
CA ILE I 262 48.10 -10.24 18.51
C ILE I 262 47.06 -9.11 18.54
N ILE I 263 47.27 -8.05 17.76
CA ILE I 263 46.23 -7.01 17.70
C ILE I 263 44.93 -7.56 17.13
N THR I 264 45.01 -8.44 16.11
CA THR I 264 43.78 -9.03 15.57
C THR I 264 43.07 -9.86 16.62
N PHE I 265 43.82 -10.59 17.44
CA PHE I 265 43.17 -11.36 18.49
C PHE I 265 42.40 -10.43 19.41
N LEU I 266 43.07 -9.37 19.87
CA LEU I 266 42.43 -8.40 20.75
C LEU I 266 41.13 -7.88 20.15
N ILE I 267 41.18 -7.44 18.90
CA ILE I 267 40.00 -6.86 18.27
C ILE I 267 38.91 -7.91 18.10
N ALA I 268 39.25 -9.02 17.43
CA ALA I 268 38.24 -9.99 17.02
C ALA I 268 37.54 -10.63 18.21
N GLY I 269 38.18 -10.69 19.37
CA GLY I 269 37.51 -11.44 20.42
C GLY I 269 36.53 -10.67 21.29
N HIS I 270 36.98 -9.56 21.87
CA HIS I 270 36.30 -9.00 23.03
C HIS I 270 34.93 -8.44 22.68
N GLU I 271 34.80 -7.74 21.55
CA GLU I 271 33.54 -7.09 21.21
C GLU I 271 32.44 -8.12 20.95
N THR I 272 32.74 -9.12 20.11
CA THR I 272 31.78 -10.18 19.84
C THR I 272 31.41 -10.95 21.11
N THR I 273 32.40 -11.27 21.95
CA THR I 273 32.10 -12.08 23.12
C THR I 273 31.30 -11.29 24.15
N SER I 274 31.57 -9.98 24.28
CA SER I 274 30.79 -9.13 25.16
C SER I 274 29.36 -9.00 24.67
N GLY I 275 29.18 -8.89 23.35
CA GLY I 275 27.83 -8.91 22.80
C GLY I 275 27.10 -10.20 23.13
N LEU I 276 27.78 -11.33 23.01
CA LEU I 276 27.18 -12.61 23.39
C LEU I 276 26.75 -12.59 24.84
N LEU I 277 27.64 -12.16 25.74
CA LEU I 277 27.32 -12.10 27.16
C LEU I 277 26.10 -11.21 27.42
N SER I 278 26.06 -10.05 26.79
CA SER I 278 24.94 -9.14 27.03
C SER I 278 23.64 -9.77 26.53
N PHE I 279 23.67 -10.38 25.35
CA PHE I 279 22.45 -10.97 24.81
C PHE I 279 21.96 -12.13 25.68
N ALA I 280 22.89 -12.95 26.19
CA ALA I 280 22.46 -14.05 27.05
C ALA I 280 21.86 -13.53 28.35
N ILE I 281 22.47 -12.49 28.95
CA ILE I 281 21.87 -11.90 30.15
C ILE I 281 20.46 -11.40 29.84
N TYR I 282 20.30 -10.74 28.71
CA TYR I 282 18.97 -10.26 28.30
C TYR I 282 17.98 -11.40 28.19
N PHE I 283 18.36 -12.46 27.46
CA PHE I 283 17.42 -13.55 27.21
C PHE I 283 17.03 -14.25 28.50
N LEU I 284 18.00 -14.50 29.40
CA LEU I 284 17.66 -15.12 30.67
C LEU I 284 16.79 -14.20 31.53
N LEU I 285 16.99 -12.89 31.43
CA LEU I 285 16.13 -11.96 32.15
C LEU I 285 14.72 -11.92 31.60
N LYS I 286 14.55 -12.19 30.31
CA LYS I 286 13.23 -12.05 29.72
C LYS I 286 12.47 -13.37 29.66
N ASN I 287 13.10 -14.49 30.00
CA ASN I 287 12.46 -15.80 30.00
C ASN I 287 12.69 -16.44 31.36
N PRO I 288 11.82 -16.15 32.33
CA PRO I 288 12.09 -16.59 33.71
C PRO I 288 12.17 -18.09 33.89
N ASP I 289 11.40 -18.87 33.12
CA ASP I 289 11.46 -20.32 33.26
C ASP I 289 12.84 -20.84 32.93
N LYS I 290 13.39 -20.41 31.79
CA LYS I 290 14.71 -20.85 31.37
C LYS I 290 15.77 -20.30 32.32
N LEU I 291 15.53 -19.11 32.88
CA LEU I 291 16.45 -18.57 33.87
C LEU I 291 16.51 -19.45 35.10
N LYS I 292 15.35 -19.87 35.62
CA LYS I 292 15.35 -20.72 36.80
C LYS I 292 15.87 -22.12 36.49
N LYS I 293 15.77 -22.58 35.25
CA LYS I 293 16.43 -23.84 34.87
C LYS I 293 17.95 -23.70 34.89
N ALA I 294 18.46 -22.61 34.32
CA ALA I 294 19.88 -22.28 34.47
C ALA I 294 20.27 -22.22 35.93
N TYR I 295 19.42 -21.60 36.76
CA TYR I 295 19.68 -21.53 38.19
C TYR I 295 19.75 -22.91 38.83
N GLU I 296 18.82 -23.80 38.49
CA GLU I 296 18.85 -25.13 39.09
C GLU I 296 20.16 -25.83 38.74
N GLU I 297 20.60 -25.70 37.48
CA GLU I 297 21.86 -26.36 37.14
C GLU I 297 23.05 -25.69 37.83
N VAL I 298 23.11 -24.36 37.87
CA VAL I 298 24.27 -23.73 38.50
C VAL I 298 24.34 -24.08 39.98
N ASP I 299 23.20 -24.05 40.68
CA ASP I 299 23.18 -24.42 42.11
C ASP I 299 23.59 -25.88 42.31
N ARG I 300 23.09 -26.80 41.48
CA ARG I 300 23.50 -28.19 41.62
C ARG I 300 24.99 -28.33 41.37
N VAL I 301 25.48 -27.50 40.44
CA VAL I 301 26.88 -27.64 40.01
C VAL I 301 27.80 -26.72 40.79
N LEU I 302 27.73 -25.41 40.57
CA LEU I 302 28.72 -24.52 41.18
C LEU I 302 28.51 -24.44 42.69
N THR I 303 29.43 -25.08 43.44
CA THR I 303 29.43 -25.02 44.89
C THR I 303 30.67 -24.37 45.48
N ASP I 304 31.77 -24.31 44.73
CA ASP I 304 33.05 -23.84 45.23
C ASP I 304 33.18 -22.34 44.99
N PRO I 305 34.16 -21.67 45.62
CA PRO I 305 34.24 -20.20 45.45
C PRO I 305 34.48 -19.79 44.01
N THR I 306 35.42 -20.43 43.33
CA THR I 306 35.64 -20.22 41.91
C THR I 306 35.36 -21.54 41.21
N PRO I 307 34.63 -21.52 40.10
CA PRO I 307 34.33 -22.79 39.41
C PRO I 307 35.60 -23.44 38.88
N THR I 308 35.57 -24.77 38.81
CA THR I 308 36.67 -25.50 38.21
C THR I 308 36.34 -25.87 36.77
N TYR I 309 37.39 -26.16 36.02
CA TYR I 309 37.28 -26.35 34.57
C TYR I 309 36.31 -27.47 34.23
N GLN I 310 36.46 -28.62 34.89
CA GLN I 310 35.50 -29.70 34.67
C GLN I 310 34.09 -29.21 34.95
N GLN I 311 33.94 -28.45 36.04
CA GLN I 311 32.60 -27.95 36.47
C GLN I 311 31.95 -27.12 35.34
N VAL I 312 32.72 -26.21 34.74
CA VAL I 312 32.17 -25.42 33.64
C VAL I 312 31.81 -26.33 32.48
N MET I 313 32.57 -27.40 32.30
CA MET I 313 32.22 -28.39 31.24
C MET I 313 30.91 -29.08 31.66
N LYS I 314 30.57 -29.02 32.95
CA LYS I 314 29.36 -29.66 33.43
C LYS I 314 28.12 -28.81 33.15
N LEU I 315 28.26 -27.49 33.21
CA LEU I 315 27.13 -26.56 32.96
C LEU I 315 26.85 -26.51 31.45
N LYS I 316 26.13 -27.52 30.98
CA LYS I 316 25.83 -27.60 29.56
C LYS I 316 24.60 -26.78 29.19
N TYR I 317 23.60 -26.71 30.08
CA TYR I 317 22.41 -25.91 29.79
C TYR I 317 22.77 -24.46 29.58
N MET I 318 23.75 -23.95 30.34
CA MET I 318 24.26 -22.61 30.11
C MET I 318 24.86 -22.49 28.72
N ARG I 319 25.58 -23.53 28.29
CA ARG I 319 26.16 -23.56 26.96
C ARG I 319 25.08 -23.56 25.88
N MET I 320 23.96 -24.24 26.13
CA MET I 320 22.87 -24.22 25.17
C MET I 320 22.19 -22.86 25.14
N ILE I 321 22.09 -22.21 26.30
CA ILE I 321 21.59 -20.83 26.34
C ILE I 321 22.46 -19.93 25.49
N LEU I 322 23.78 -20.08 25.59
CA LEU I 322 24.68 -19.28 24.76
C LEU I 322 24.53 -19.62 23.29
N ASN I 323 24.40 -20.91 22.97
CA ASN I 323 24.22 -21.32 21.58
C ASN I 323 22.98 -20.67 20.99
N GLU I 324 21.88 -20.69 21.74
CA GLU I 324 20.64 -20.08 21.27
C GLU I 324 20.75 -18.56 21.20
N SER I 325 21.44 -17.95 22.17
CA SER I 325 21.64 -16.50 22.14
C SER I 325 22.40 -16.07 20.90
N LEU I 326 23.46 -16.80 20.55
CA LEU I 326 24.16 -16.50 19.30
C LEU I 326 23.30 -16.81 18.08
N ARG I 327 22.39 -17.77 18.22
CA ARG I 327 21.49 -18.04 17.09
C ARG I 327 20.61 -16.82 16.85
N LEU I 328 19.88 -16.38 17.87
CA LEU I 328 18.93 -15.29 17.68
C LEU I 328 19.64 -14.01 17.27
N TRP I 329 20.71 -13.63 17.99
CA TRP I 329 21.47 -12.43 17.66
C TRP I 329 22.94 -12.80 17.58
N PRO I 330 23.39 -13.32 16.44
CA PRO I 330 24.82 -13.59 16.29
C PRO I 330 25.56 -12.27 16.32
N THR I 331 26.38 -12.07 17.35
CA THR I 331 27.00 -10.77 17.55
C THR I 331 27.87 -10.39 16.37
N ALA I 332 28.52 -11.37 15.75
CA ALA I 332 29.12 -11.17 14.44
C ALA I 332 28.07 -11.57 13.40
N PRO I 333 27.39 -10.59 12.80
CA PRO I 333 26.19 -10.91 12.02
C PRO I 333 26.41 -11.28 10.56
N ALA I 334 27.62 -11.15 10.03
CA ALA I 334 27.84 -11.43 8.62
C ALA I 334 29.29 -11.84 8.37
N PHE I 335 29.48 -12.58 7.29
CA PHE I 335 30.78 -12.75 6.67
C PHE I 335 30.61 -12.79 5.16
N SER I 336 31.68 -12.40 4.46
CA SER I 336 31.66 -12.24 3.02
C SER I 336 32.54 -13.29 2.35
N LEU I 337 32.18 -13.64 1.12
CA LEU I 337 32.86 -14.70 0.39
C LEU I 337 33.15 -14.27 -1.05
N TYR I 338 34.12 -14.97 -1.64
CA TYR I 338 34.78 -14.59 -2.88
C TYR I 338 34.71 -15.77 -3.83
N ALA I 339 34.19 -15.53 -5.04
CA ALA I 339 34.03 -16.59 -6.04
C ALA I 339 35.37 -16.86 -6.73
N LYS I 340 35.87 -18.10 -6.61
CA LYS I 340 37.15 -18.43 -7.23
C LYS I 340 36.99 -18.68 -8.73
N GLU I 341 35.92 -19.36 -9.14
CA GLU I 341 35.66 -19.59 -10.55
C GLU I 341 34.17 -19.32 -10.80
N ASP I 342 33.85 -18.94 -12.04
CA ASP I 342 32.46 -18.67 -12.41
C ASP I 342 31.58 -19.87 -12.10
N THR I 343 30.42 -19.61 -11.50
CA THR I 343 29.53 -20.70 -11.10
C THR I 343 28.09 -20.19 -11.11
N VAL I 344 27.17 -21.08 -10.78
CA VAL I 344 25.76 -20.77 -10.66
C VAL I 344 25.31 -21.20 -9.28
N ILE I 345 24.42 -20.42 -8.67
CA ILE I 345 23.94 -20.63 -7.32
C ILE I 345 22.45 -20.90 -7.37
N GLY I 346 21.99 -21.83 -6.53
CA GLY I 346 20.59 -22.20 -6.48
C GLY I 346 20.03 -22.80 -7.76
N GLY I 347 20.93 -23.16 -8.68
CA GLY I 347 20.49 -23.64 -9.97
C GLY I 347 19.98 -22.58 -10.91
N LYS I 348 20.04 -21.31 -10.52
CA LYS I 348 19.42 -20.23 -11.31
C LYS I 348 20.32 -19.01 -11.46
N TYR I 349 21.00 -18.58 -10.40
CA TYR I 349 21.60 -17.26 -10.35
C TYR I 349 23.09 -17.34 -10.65
N PRO I 350 23.58 -16.69 -11.71
CA PRO I 350 25.01 -16.83 -12.06
C PRO I 350 25.90 -15.83 -11.32
N ILE I 351 27.10 -16.29 -10.97
CA ILE I 351 28.10 -15.46 -10.31
C ILE I 351 29.41 -15.56 -11.06
N LYS I 352 29.89 -14.42 -11.55
CA LYS I 352 31.23 -14.32 -12.14
C LYS I 352 32.28 -14.43 -11.03
N LYS I 353 33.41 -15.04 -11.36
CA LYS I 353 34.44 -15.23 -10.35
C LYS I 353 35.07 -13.89 -9.97
N GLY I 354 35.23 -13.67 -8.68
CA GLY I 354 35.93 -12.50 -8.18
C GLY I 354 35.11 -11.22 -8.14
N GLU I 355 34.54 -10.82 -9.28
CA GLU I 355 34.00 -9.48 -9.44
C GLU I 355 32.94 -9.14 -8.39
N ASP I 356 32.20 -10.13 -7.91
CA ASP I 356 31.07 -9.89 -7.03
C ASP I 356 31.43 -10.20 -5.58
N ARG I 357 30.82 -9.41 -4.69
CA ARG I 357 30.98 -9.61 -3.23
C ARG I 357 29.67 -10.20 -2.71
N ILE I 358 29.75 -11.29 -1.96
CA ILE I 358 28.59 -12.01 -1.44
C ILE I 358 28.64 -11.99 0.08
N SER I 359 27.58 -11.46 0.69
CA SER I 359 27.47 -11.34 2.14
C SER I 359 26.42 -12.30 2.67
N VAL I 360 26.77 -13.06 3.71
CA VAL I 360 25.82 -13.94 4.38
C VAL I 360 25.13 -13.20 5.51
N LEU I 361 23.80 -13.21 5.49
CA LEU I 361 22.99 -12.50 6.49
C LEU I 361 22.65 -13.51 7.58
N ILE I 362 23.56 -13.63 8.55
CA ILE I 362 23.49 -14.75 9.50
C ILE I 362 22.22 -14.76 10.33
N PRO I 363 21.67 -13.64 10.80
CA PRO I 363 20.43 -13.75 11.60
C PRO I 363 19.26 -14.34 10.83
N GLN I 364 19.03 -13.91 9.59
CA GLN I 364 17.93 -14.48 8.82
C GLN I 364 18.15 -15.95 8.55
N LEU I 365 19.40 -16.34 8.26
CA LEU I 365 19.76 -17.76 8.15
C LEU I 365 19.36 -18.51 9.42
N HIS I 366 19.69 -17.95 10.58
CA HIS I 366 19.34 -18.55 11.85
C HIS I 366 17.84 -18.58 12.09
N ARG I 367 17.05 -17.83 11.31
CA ARG I 367 15.60 -17.87 11.44
C ARG I 367 14.93 -18.59 10.27
N ASP I 368 15.67 -19.40 9.52
CA ASP I 368 15.12 -20.13 8.39
C ASP I 368 14.21 -21.22 8.91
N LYS I 369 12.91 -21.07 8.65
CA LYS I 369 11.96 -22.03 9.18
C LYS I 369 12.12 -23.41 8.54
N ASP I 370 12.56 -23.48 7.28
CA ASP I 370 12.75 -24.79 6.64
C ASP I 370 13.79 -25.62 7.37
N ALA I 371 14.80 -24.98 7.95
CA ALA I 371 15.86 -25.69 8.64
C ALA I 371 15.63 -25.79 10.14
N TRP I 372 15.09 -24.73 10.75
CA TRP I 372 14.99 -24.64 12.19
C TRP I 372 13.62 -24.99 12.73
N GLY I 373 12.60 -24.94 11.89
CA GLY I 373 11.23 -25.18 12.31
C GLY I 373 10.43 -23.89 12.38
N ASP I 374 9.23 -24.01 12.94
CA ASP I 374 8.30 -22.90 13.03
C ASP I 374 8.49 -22.11 14.32
N ASN I 375 9.60 -22.32 15.01
CA ASN I 375 9.79 -21.80 16.36
C ASN I 375 11.05 -20.94 16.43
N VAL I 376 11.29 -20.17 15.37
CA VAL I 376 12.60 -19.56 15.21
C VAL I 376 12.77 -18.38 16.18
N GLU I 377 11.67 -17.66 16.44
CA GLU I 377 11.71 -16.45 17.23
C GLU I 377 11.66 -16.70 18.74
N GLU I 378 11.20 -17.86 19.18
CA GLU I 378 11.16 -18.14 20.61
C GLU I 378 12.55 -18.47 21.13
N PHE I 379 12.82 -18.06 22.37
CA PHE I 379 14.08 -18.39 23.02
C PHE I 379 13.88 -19.72 23.74
N GLN I 380 14.39 -20.79 23.13
CA GLN I 380 14.27 -22.15 23.67
C GLN I 380 15.65 -22.78 23.57
N PRO I 381 16.48 -22.65 24.62
CA PRO I 381 17.79 -23.30 24.61
C PRO I 381 17.72 -24.81 24.40
N GLU I 382 16.62 -25.45 24.82
CA GLU I 382 16.48 -26.90 24.69
C GLU I 382 16.60 -27.37 23.24
N ARG I 383 16.67 -26.44 22.28
CA ARG I 383 16.86 -26.81 20.89
C ARG I 383 18.22 -27.47 20.65
N PHE I 384 19.22 -27.17 21.49
CA PHE I 384 20.58 -27.67 21.28
C PHE I 384 20.91 -28.88 22.15
N GLU I 385 19.90 -29.57 22.70
CA GLU I 385 20.16 -30.74 23.53
C GLU I 385 20.94 -31.80 22.76
N GLU I 386 20.33 -32.36 21.72
CA GLU I 386 21.01 -33.35 20.89
C GLU I 386 21.86 -32.64 19.83
N LEU I 387 23.15 -33.00 19.77
CA LEU I 387 24.03 -32.44 18.75
C LEU I 387 23.65 -32.91 17.35
N ASP I 388 22.95 -34.04 17.24
CA ASP I 388 22.59 -34.58 15.93
C ASP I 388 21.49 -33.77 15.26
N LYS I 389 20.62 -33.14 16.03
CA LYS I 389 19.42 -32.50 15.51
C LYS I 389 19.57 -31.00 15.30
N VAL I 390 20.76 -30.45 15.46
CA VAL I 390 20.93 -29.02 15.18
C VAL I 390 21.20 -28.87 13.69
N PRO I 391 20.46 -28.01 12.99
CA PRO I 391 20.72 -27.81 11.56
C PRO I 391 22.09 -27.20 11.33
N HIS I 392 23.14 -28.04 11.45
CA HIS I 392 24.52 -27.56 11.43
C HIS I 392 24.82 -26.67 10.24
N HIS I 393 24.10 -26.85 9.14
CA HIS I 393 24.30 -26.03 7.95
C HIS I 393 23.65 -24.65 8.08
N ALA I 394 22.56 -24.54 8.84
CA ALA I 394 21.85 -23.30 9.05
C ALA I 394 22.26 -22.56 10.31
N TYR I 395 23.38 -22.95 10.92
CA TYR I 395 23.86 -22.34 12.16
C TYR I 395 25.31 -21.91 11.94
N LYS I 396 25.55 -20.61 11.70
CA LYS I 396 26.88 -20.11 11.37
C LYS I 396 27.27 -18.87 12.19
N PRO I 397 27.18 -18.92 13.52
CA PRO I 397 27.59 -17.75 14.31
C PRO I 397 29.10 -17.51 14.31
N PHE I 398 29.91 -18.52 14.04
CA PHE I 398 31.36 -18.40 14.11
C PHE I 398 32.02 -18.49 12.75
N GLY I 399 31.32 -18.06 11.71
CA GLY I 399 31.89 -18.18 10.38
C GLY I 399 31.71 -19.60 9.87
N ASN I 400 32.54 -19.95 8.89
CA ASN I 400 32.38 -21.23 8.21
C ASN I 400 33.71 -21.89 7.89
N GLY I 401 33.76 -23.21 8.07
CA GLY I 401 34.84 -24.00 7.50
C GLY I 401 36.21 -23.58 7.99
N GLN I 402 37.12 -23.40 7.03
CA GLN I 402 38.51 -23.10 7.36
C GLN I 402 38.64 -21.69 7.92
N ARG I 403 37.70 -20.81 7.57
CA ARG I 403 37.77 -19.40 8.04
C ARG I 403 36.85 -19.19 9.24
N ALA I 404 36.44 -20.26 9.93
CA ALA I 404 35.62 -20.10 11.12
C ALA I 404 36.44 -19.44 12.24
N CYS I 405 35.73 -19.03 13.29
CA CYS I 405 36.36 -18.35 14.41
C CYS I 405 37.32 -19.31 15.11
N ILE I 406 38.59 -18.93 15.18
CA ILE I 406 39.53 -19.75 15.94
C ILE I 406 39.29 -19.63 17.44
N GLY I 407 38.71 -18.52 17.88
CA GLY I 407 38.47 -18.31 19.29
C GLY I 407 37.14 -18.85 19.76
N MET I 408 36.51 -19.72 18.96
CA MET I 408 35.21 -20.26 19.32
C MET I 408 35.22 -20.87 20.70
N GLN I 409 36.14 -21.81 20.94
CA GLN I 409 36.18 -22.46 22.24
C GLN I 409 36.55 -21.47 23.33
N PHE I 410 37.51 -20.57 23.05
CA PHE I 410 37.83 -19.51 24.01
C PHE I 410 36.61 -18.69 24.38
N ALA I 411 35.92 -18.14 23.37
CA ALA I 411 34.79 -17.25 23.65
C ALA I 411 33.70 -17.99 24.40
N LEU I 412 33.39 -19.22 23.98
CA LEU I 412 32.28 -19.95 24.59
C LEU I 412 32.63 -20.39 26.01
N HIS I 413 33.86 -20.81 26.25
CA HIS I 413 34.30 -21.17 27.59
C HIS I 413 34.26 -19.96 28.52
N GLU I 414 34.80 -18.83 28.06
CA GLU I 414 34.78 -17.62 28.87
C GLU I 414 33.36 -17.20 29.19
N ALA I 415 32.47 -17.25 28.19
CA ALA I 415 31.09 -16.84 28.41
C ALA I 415 30.37 -17.78 29.38
N THR I 416 30.57 -19.09 29.24
CA THR I 416 29.97 -20.03 30.17
C THR I 416 30.45 -19.77 31.59
N LEU I 417 31.76 -19.59 31.76
CA LEU I 417 32.33 -19.32 33.07
C LEU I 417 31.69 -18.09 33.70
N VAL I 418 31.68 -16.97 32.96
CA VAL I 418 31.18 -15.72 33.50
C VAL I 418 29.69 -15.82 33.83
N MET I 419 28.91 -16.41 32.92
CA MET I 419 27.47 -16.50 33.17
C MET I 419 27.16 -17.37 34.37
N GLY I 420 27.81 -18.53 34.46
CA GLY I 420 27.59 -19.39 35.60
C GLY I 420 27.93 -18.68 36.90
N MET I 421 29.06 -17.97 36.92
CA MET I 421 29.46 -17.30 38.15
C MET I 421 28.50 -16.16 38.51
N LEU I 422 28.08 -15.38 37.52
CA LEU I 422 27.14 -14.29 37.78
C LEU I 422 25.83 -14.82 38.36
N LEU I 423 25.31 -15.91 37.78
CA LEU I 423 24.10 -16.50 38.35
C LEU I 423 24.37 -17.11 39.72
N GLN I 424 25.59 -17.59 39.95
CA GLN I 424 25.98 -18.14 41.24
C GLN I 424 25.88 -17.09 42.34
N HIS I 425 26.38 -15.90 42.08
CA HIS I 425 26.50 -14.88 43.14
C HIS I 425 25.34 -13.91 43.21
N PHE I 426 24.64 -13.67 42.10
CA PHE I 426 23.77 -12.50 42.01
C PHE I 426 22.35 -12.88 41.61
N GLU I 427 21.42 -12.07 42.11
CA GLU I 427 20.04 -12.02 41.65
C GLU I 427 19.94 -10.83 40.70
N LEU I 428 19.55 -11.10 39.46
CA LEU I 428 19.50 -10.08 38.43
C LEU I 428 18.09 -9.52 38.36
N ILE I 429 17.96 -8.19 38.49
CA ILE I 429 16.64 -7.58 38.52
C ILE I 429 16.55 -6.52 37.44
N ASP I 430 15.55 -6.63 36.58
CA ASP I 430 15.28 -5.65 35.52
C ASP I 430 14.32 -4.60 36.05
N TYR I 431 14.85 -3.44 36.41
CA TYR I 431 14.01 -2.31 36.77
C TYR I 431 13.61 -1.55 35.51
N GLN I 432 12.35 -1.14 35.46
CA GLN I 432 11.77 -0.32 34.40
C GLN I 432 11.76 -1.02 33.04
N ASN I 433 11.88 -2.35 33.02
CA ASN I 433 11.42 -3.17 31.90
C ASN I 433 12.15 -2.85 30.60
N TYR I 434 13.42 -3.27 30.55
CA TYR I 434 14.26 -2.94 29.41
C TYR I 434 13.63 -3.45 28.11
N GLN I 435 13.67 -2.61 27.09
CA GLN I 435 13.17 -2.93 25.76
C GLN I 435 14.36 -3.09 24.83
N LEU I 436 14.53 -4.29 24.29
CA LEU I 436 15.74 -4.61 23.53
C LEU I 436 15.89 -3.66 22.36
N ASP I 437 17.10 -3.11 22.20
CA ASP I 437 17.45 -2.27 21.06
C ASP I 437 18.81 -2.74 20.56
N VAL I 438 18.82 -3.38 19.39
CA VAL I 438 20.06 -3.94 18.84
C VAL I 438 20.83 -2.81 18.17
N LYS I 439 21.96 -2.43 18.75
CA LYS I 439 22.83 -1.44 18.15
C LYS I 439 23.97 -2.16 17.44
N GLN I 440 24.34 -1.64 16.28
CA GLN I 440 25.36 -2.24 15.43
C GLN I 440 26.51 -1.28 15.22
N THR I 441 27.70 -1.73 15.57
CA THR I 441 28.94 -1.08 15.17
C THR I 441 29.47 -1.92 14.03
N LEU I 442 30.54 -2.66 14.28
CA LEU I 442 30.83 -3.81 13.44
C LEU I 442 30.10 -5.04 13.96
N THR I 443 29.75 -5.03 15.24
CA THR I 443 29.12 -6.13 15.94
C THR I 443 27.73 -5.70 16.42
N LEU I 444 26.90 -6.68 16.73
CA LEU I 444 25.58 -6.43 17.29
C LEU I 444 25.64 -6.56 18.81
N LYS I 445 25.00 -5.63 19.50
CA LYS I 445 24.94 -5.73 20.95
C LYS I 445 23.69 -5.01 21.42
N PRO I 446 23.10 -5.43 22.54
CA PRO I 446 21.99 -4.65 23.09
C PRO I 446 22.51 -3.30 23.57
N GLY I 447 21.79 -2.25 23.19
CA GLY I 447 22.19 -0.89 23.51
C GLY I 447 21.46 -0.35 24.72
N ASP I 448 22.20 0.38 25.56
CA ASP I 448 21.63 1.07 26.71
C ASP I 448 20.94 0.09 27.65
N PHE I 449 21.60 -1.05 27.89
CA PHE I 449 21.03 -2.16 28.66
C PHE I 449 21.61 -2.10 30.08
N LYS I 450 20.77 -1.66 31.03
CA LYS I 450 21.20 -1.56 32.42
C LYS I 450 20.22 -2.28 33.33
N ILE I 451 20.76 -2.96 34.34
CA ILE I 451 20.00 -3.73 35.31
C ILE I 451 20.53 -3.45 36.71
N ARG I 452 19.77 -3.90 37.71
CA ARG I 452 20.19 -3.81 39.11
C ARG I 452 20.50 -5.21 39.65
N ILE I 453 21.26 -5.24 40.75
CA ILE I 453 21.89 -6.45 41.23
C ILE I 453 21.57 -6.65 42.71
N LEU I 454 21.38 -7.89 43.10
CA LEU I 454 21.34 -8.32 44.49
C LEU I 454 22.23 -9.55 44.65
N PRO I 455 22.58 -9.92 45.88
CA PRO I 455 22.89 -11.33 46.12
C PRO I 455 21.84 -12.01 46.99
N ALA J 7 -12.09 -38.63 -72.89
CA ALA J 7 -11.71 -37.51 -73.72
C ALA J 7 -11.76 -36.20 -72.93
N ILE J 8 -12.81 -36.01 -72.13
CA ILE J 8 -12.91 -34.84 -71.25
C ILE J 8 -12.06 -35.10 -70.02
N PRO J 9 -11.13 -34.20 -69.67
CA PRO J 9 -10.27 -34.45 -68.50
C PRO J 9 -11.05 -34.38 -67.20
N GLN J 10 -10.70 -35.28 -66.27
CA GLN J 10 -11.32 -35.36 -64.97
C GLN J 10 -10.25 -35.72 -63.96
N PRO J 11 -10.30 -35.12 -62.78
CA PRO J 11 -9.32 -35.46 -61.74
C PRO J 11 -9.52 -36.89 -61.26
N LYS J 12 -8.67 -37.34 -60.34
CA LYS J 12 -8.73 -38.73 -59.90
C LYS J 12 -10.09 -39.06 -59.32
N THR J 13 -10.54 -40.28 -59.59
CA THR J 13 -11.72 -40.85 -59.00
C THR J 13 -11.32 -41.78 -57.87
N TYR J 14 -12.16 -41.86 -56.85
CA TYR J 14 -11.85 -42.65 -55.66
C TYR J 14 -12.96 -43.70 -55.48
N GLY J 15 -12.96 -44.69 -56.37
CA GLY J 15 -13.91 -45.77 -56.30
C GLY J 15 -15.34 -45.27 -56.26
N PRO J 16 -16.09 -45.69 -55.24
CA PRO J 16 -17.47 -45.21 -55.13
C PRO J 16 -17.58 -43.72 -54.88
N LEU J 17 -16.55 -43.07 -54.34
CA LEU J 17 -16.67 -41.65 -53.99
C LEU J 17 -16.57 -40.71 -55.19
N GLY J 18 -16.25 -41.22 -56.38
CA GLY J 18 -16.14 -40.36 -57.55
C GLY J 18 -15.08 -39.28 -57.38
N ASN J 19 -15.43 -38.06 -57.77
CA ASN J 19 -14.54 -36.91 -57.61
C ASN J 19 -14.87 -36.10 -56.38
N LEU J 20 -15.87 -36.52 -55.60
CA LEU J 20 -16.33 -35.72 -54.49
C LEU J 20 -15.28 -35.46 -53.41
N PRO J 21 -14.31 -36.34 -53.14
CA PRO J 21 -13.28 -36.00 -52.14
C PRO J 21 -12.48 -34.75 -52.46
N LEU J 22 -12.66 -34.16 -53.64
CA LEU J 22 -11.96 -32.96 -54.03
C LEU J 22 -12.81 -31.73 -53.86
N ILE J 23 -14.01 -31.88 -53.29
CA ILE J 23 -14.99 -30.81 -53.20
C ILE J 23 -15.31 -30.54 -51.74
N ASP J 24 -15.48 -29.27 -51.41
CA ASP J 24 -16.15 -28.88 -50.18
C ASP J 24 -17.62 -28.67 -50.51
N LYS J 25 -18.49 -29.53 -49.99
CA LYS J 25 -19.90 -29.49 -50.35
C LYS J 25 -20.53 -28.14 -50.05
N ASP J 26 -20.04 -27.43 -49.02
CA ASP J 26 -20.57 -26.11 -48.67
C ASP J 26 -20.04 -25.00 -49.57
N LYS J 27 -18.99 -25.27 -50.35
CA LYS J 27 -18.38 -24.28 -51.23
C LYS J 27 -18.17 -24.88 -52.62
N PRO J 28 -19.24 -25.27 -53.30
CA PRO J 28 -19.04 -25.92 -54.62
C PRO J 28 -18.36 -25.02 -55.62
N THR J 29 -18.88 -23.80 -55.83
CA THR J 29 -18.29 -22.89 -56.82
C THR J 29 -16.80 -22.70 -56.57
N LEU J 30 -16.44 -22.30 -55.34
CA LEU J 30 -15.04 -22.10 -55.03
C LEU J 30 -14.25 -23.39 -55.26
N SER J 31 -14.82 -24.53 -54.85
CA SER J 31 -14.14 -25.80 -55.10
C SER J 31 -13.87 -25.97 -56.58
N PHE J 32 -14.88 -25.71 -57.41
CA PHE J 32 -14.69 -25.84 -58.85
C PHE J 32 -13.61 -24.90 -59.34
N ILE J 33 -13.57 -23.68 -58.79
CA ILE J 33 -12.52 -22.73 -59.18
C ILE J 33 -11.16 -23.37 -58.96
N LYS J 34 -10.95 -23.98 -57.78
CA LYS J 34 -9.68 -24.64 -57.54
C LYS J 34 -9.42 -25.68 -58.62
N ILE J 35 -10.39 -26.57 -58.85
CA ILE J 35 -10.16 -27.62 -59.84
C ILE J 35 -9.96 -27.01 -61.21
N ALA J 36 -10.62 -25.89 -61.50
CA ALA J 36 -10.40 -25.24 -62.78
C ALA J 36 -8.95 -24.84 -62.92
N GLU J 37 -8.40 -24.19 -61.88
CA GLU J 37 -7.00 -23.78 -61.90
C GLU J 37 -6.08 -24.97 -62.13
N GLU J 38 -6.51 -26.17 -61.73
CA GLU J 38 -5.68 -27.34 -61.96
C GLU J 38 -5.92 -27.99 -63.32
N TYR J 39 -7.15 -28.00 -63.83
CA TYR J 39 -7.44 -28.88 -64.96
C TYR J 39 -7.84 -28.17 -66.25
N GLY J 40 -7.89 -26.84 -66.26
CA GLY J 40 -8.02 -26.12 -67.50
C GLY J 40 -9.44 -25.73 -67.86
N PRO J 41 -9.65 -25.42 -69.14
CA PRO J 41 -10.90 -24.77 -69.57
C PRO J 41 -12.14 -25.66 -69.55
N ILE J 42 -12.00 -26.98 -69.47
CA ILE J 42 -13.16 -27.85 -69.36
C ILE J 42 -12.74 -29.10 -68.59
N PHE J 43 -13.59 -29.52 -67.66
CA PHE J 43 -13.33 -30.75 -66.92
C PHE J 43 -14.65 -31.34 -66.46
N GLN J 44 -14.58 -32.56 -65.95
CA GLN J 44 -15.77 -33.31 -65.54
C GLN J 44 -15.62 -33.79 -64.11
N ILE J 45 -16.73 -33.75 -63.36
CA ILE J 45 -16.78 -34.12 -61.96
C ILE J 45 -17.79 -35.23 -61.77
N GLN J 46 -17.36 -36.33 -61.19
CA GLN J 46 -18.20 -37.50 -60.98
C GLN J 46 -18.69 -37.53 -59.54
N THR J 47 -20.01 -37.60 -59.38
CA THR J 47 -20.68 -37.64 -58.08
C THR J 47 -20.92 -39.09 -57.68
N LEU J 48 -21.57 -39.29 -56.52
CA LEU J 48 -21.95 -40.64 -56.13
C LEU J 48 -22.99 -41.20 -57.09
N SER J 49 -23.76 -40.32 -57.72
CA SER J 49 -24.91 -40.70 -58.55
C SER J 49 -24.79 -40.28 -60.01
N ASP J 50 -24.08 -39.19 -60.31
CA ASP J 50 -24.17 -38.57 -61.64
C ASP J 50 -22.82 -37.96 -62.00
N THR J 51 -22.78 -37.30 -63.17
CA THR J 51 -21.61 -36.61 -63.68
C THR J 51 -21.99 -35.21 -64.13
N ILE J 52 -21.09 -34.26 -63.88
CA ILE J 52 -21.29 -32.87 -64.25
C ILE J 52 -20.12 -32.45 -65.13
N ILE J 53 -20.40 -31.70 -66.19
CA ILE J 53 -19.36 -31.16 -67.06
C ILE J 53 -19.24 -29.68 -66.76
N VAL J 54 -18.06 -29.26 -66.32
CA VAL J 54 -17.78 -27.89 -65.93
C VAL J 54 -16.97 -27.24 -67.05
N VAL J 55 -17.54 -26.19 -67.65
CA VAL J 55 -16.93 -25.46 -68.74
C VAL J 55 -16.51 -24.09 -68.23
N SER J 56 -15.30 -23.68 -68.61
CA SER J 56 -14.71 -22.43 -68.13
C SER J 56 -13.96 -21.62 -69.17
N GLY J 57 -13.54 -22.21 -70.29
CA GLY J 57 -12.83 -21.46 -71.32
C GLY J 57 -13.77 -20.64 -72.19
N HIS J 58 -13.33 -19.42 -72.53
CA HIS J 58 -14.22 -18.46 -73.17
C HIS J 58 -14.67 -18.91 -74.55
N GLU J 59 -13.77 -19.52 -75.33
CA GLU J 59 -14.20 -20.08 -76.61
C GLU J 59 -15.11 -21.28 -76.40
N LEU J 60 -14.78 -22.11 -75.42
CA LEU J 60 -15.61 -23.27 -75.13
C LEU J 60 -17.00 -22.83 -74.66
N VAL J 61 -17.05 -21.81 -73.80
CA VAL J 61 -18.33 -21.26 -73.34
C VAL J 61 -19.10 -20.66 -74.52
N ALA J 62 -18.41 -19.90 -75.37
CA ALA J 62 -19.07 -19.31 -76.54
C ALA J 62 -19.68 -20.39 -77.41
N GLU J 63 -19.01 -21.53 -77.49
CA GLU J 63 -19.55 -22.65 -78.24
C GLU J 63 -20.75 -23.26 -77.54
N VAL J 64 -20.68 -23.43 -76.21
CA VAL J 64 -21.78 -24.02 -75.46
C VAL J 64 -22.96 -23.06 -75.32
N CYS J 65 -22.74 -21.77 -75.50
CA CYS J 65 -23.81 -20.79 -75.40
C CYS J 65 -24.67 -20.66 -76.65
N ASP J 66 -24.35 -21.39 -77.72
CA ASP J 66 -25.13 -21.31 -78.95
C ASP J 66 -26.52 -21.93 -78.81
N GLU J 67 -27.55 -21.14 -79.14
CA GLU J 67 -28.92 -21.63 -78.99
C GLU J 67 -29.23 -22.76 -79.97
N THR J 68 -28.49 -22.81 -81.09
CA THR J 68 -28.77 -23.83 -82.09
C THR J 68 -28.51 -25.24 -81.56
N ARG J 69 -27.48 -25.39 -80.73
CA ARG J 69 -27.10 -26.71 -80.25
C ARG J 69 -27.42 -26.97 -78.79
N PHE J 70 -27.57 -25.93 -77.97
CA PHE J 70 -27.67 -26.10 -76.53
C PHE J 70 -28.87 -25.34 -75.98
N ASP J 71 -29.48 -25.91 -74.95
CA ASP J 71 -30.64 -25.34 -74.31
C ASP J 71 -30.43 -25.34 -72.79
N LYS J 72 -31.25 -24.57 -72.10
CA LYS J 72 -31.05 -24.37 -70.66
C LYS J 72 -31.50 -25.59 -69.88
N SER J 73 -30.61 -26.14 -69.05
CA SER J 73 -30.95 -27.26 -68.20
C SER J 73 -31.36 -26.74 -66.83
N ILE J 74 -32.45 -27.28 -66.28
CA ILE J 74 -32.90 -26.96 -64.94
C ILE J 74 -32.66 -28.11 -63.98
N GLU J 75 -31.90 -29.12 -64.40
CA GLU J 75 -31.53 -30.17 -63.47
C GLU J 75 -30.56 -29.64 -62.43
N GLY J 76 -30.44 -30.38 -61.33
CA GLY J 76 -29.61 -29.94 -60.24
C GLY J 76 -30.35 -29.04 -59.28
N ALA J 77 -29.66 -28.01 -58.79
CA ALA J 77 -30.28 -27.10 -57.82
C ALA J 77 -31.58 -26.51 -58.35
N LEU J 78 -31.62 -26.16 -59.63
CA LEU J 78 -32.82 -25.52 -60.16
C LEU J 78 -34.03 -26.42 -60.04
N ALA J 79 -33.83 -27.74 -60.16
CA ALA J 79 -34.95 -28.66 -60.01
C ALA J 79 -35.56 -28.56 -58.63
N LYS J 80 -34.71 -28.54 -57.60
CA LYS J 80 -35.24 -28.41 -56.25
C LYS J 80 -36.01 -27.10 -56.09
N VAL J 81 -35.54 -26.03 -56.75
CA VAL J 81 -36.22 -24.74 -56.59
C VAL J 81 -37.59 -24.82 -57.23
N ARG J 82 -37.71 -25.62 -58.31
CA ARG J 82 -38.96 -25.99 -58.95
C ARG J 82 -40.06 -26.21 -57.93
N ALA J 83 -39.71 -26.91 -56.84
CA ALA J 83 -40.71 -27.36 -55.87
C ALA J 83 -41.64 -26.24 -55.43
N PHE J 84 -41.12 -25.02 -55.32
CA PHE J 84 -41.97 -23.88 -54.99
C PHE J 84 -41.98 -22.83 -56.08
N ALA J 85 -41.09 -22.94 -57.06
CA ALA J 85 -41.03 -21.98 -58.15
C ALA J 85 -41.82 -22.42 -59.36
N GLY J 86 -42.12 -23.71 -59.47
CA GLY J 86 -43.00 -24.19 -60.53
C GLY J 86 -42.47 -23.85 -61.90
N ASP J 87 -43.39 -23.42 -62.78
CA ASP J 87 -43.10 -23.06 -64.16
C ASP J 87 -42.98 -21.56 -64.33
N GLY J 88 -42.12 -20.90 -63.53
CA GLY J 88 -41.85 -19.49 -63.71
C GLY J 88 -40.71 -19.35 -64.69
N LEU J 89 -40.38 -18.09 -65.01
CA LEU J 89 -39.33 -17.86 -66.01
C LEU J 89 -38.01 -18.47 -65.59
N PHE J 90 -37.73 -18.51 -64.29
CA PHE J 90 -36.43 -18.95 -63.83
C PHE J 90 -36.31 -20.47 -63.92
N THR J 91 -37.38 -21.18 -63.63
CA THR J 91 -37.34 -22.62 -63.42
C THR J 91 -38.06 -23.39 -64.53
N SER J 92 -38.29 -22.76 -65.67
CA SER J 92 -38.91 -23.41 -66.83
C SER J 92 -37.89 -23.69 -67.94
N GLU J 93 -38.11 -24.79 -68.64
CA GLU J 93 -37.47 -25.21 -69.88
C GLU J 93 -38.07 -24.45 -71.08
N THR J 94 -37.29 -24.41 -72.19
CA THR J 94 -37.68 -23.71 -73.42
C THR J 94 -39.03 -24.24 -73.94
N HIS J 95 -39.18 -25.57 -74.00
CA HIS J 95 -40.32 -26.19 -74.63
C HIS J 95 -41.61 -26.05 -73.84
N GLU J 96 -41.56 -25.64 -72.59
CA GLU J 96 -42.77 -25.47 -71.83
C GLU J 96 -43.50 -24.25 -72.38
N PRO J 97 -44.81 -24.35 -72.62
CA PRO J 97 -45.54 -23.23 -73.25
C PRO J 97 -45.53 -21.96 -72.43
N ASN J 98 -45.72 -22.11 -71.11
CA ASN J 98 -45.82 -20.93 -70.25
C ASN J 98 -44.53 -20.13 -70.27
N TRP J 99 -43.41 -20.77 -70.56
CA TRP J 99 -42.16 -20.03 -70.74
C TRP J 99 -42.30 -18.96 -71.80
N LYS J 100 -42.53 -19.37 -73.06
CA LYS J 100 -42.67 -18.43 -74.16
C LYS J 100 -43.74 -17.38 -73.82
N LYS J 101 -44.88 -17.84 -73.28
CA LYS J 101 -45.96 -16.89 -73.01
C LYS J 101 -45.53 -15.82 -72.00
N ALA J 102 -45.13 -16.23 -70.80
CA ALA J 102 -44.77 -15.30 -69.74
C ALA J 102 -43.59 -14.42 -70.15
N HIS J 103 -42.62 -14.94 -70.92
CA HIS J 103 -41.51 -14.10 -71.40
C HIS J 103 -42.04 -12.98 -72.30
N ASN J 104 -42.93 -13.31 -73.26
CA ASN J 104 -43.47 -12.26 -74.12
C ASN J 104 -44.24 -11.23 -73.29
N ILE J 105 -44.99 -11.69 -72.28
CA ILE J 105 -45.79 -10.79 -71.47
C ILE J 105 -44.91 -9.84 -70.66
N LEU J 106 -43.80 -10.36 -70.11
CA LEU J 106 -43.08 -9.66 -69.07
C LEU J 106 -41.82 -8.93 -69.55
N MET J 107 -41.34 -9.21 -70.76
CA MET J 107 -40.16 -8.51 -71.28
C MET J 107 -40.34 -7.02 -71.48
N PRO J 108 -41.43 -6.55 -72.09
CA PRO J 108 -41.58 -5.09 -72.28
C PRO J 108 -41.56 -4.38 -70.96
N THR J 109 -42.01 -5.06 -69.92
CA THR J 109 -41.99 -4.53 -68.57
C THR J 109 -40.57 -4.41 -68.01
N PHE J 110 -39.62 -5.20 -68.53
CA PHE J 110 -38.27 -5.23 -67.97
C PHE J 110 -37.23 -4.54 -68.84
N SER J 111 -37.62 -3.87 -69.91
CA SER J 111 -36.66 -3.08 -70.67
C SER J 111 -36.23 -1.86 -69.84
N GLN J 112 -35.18 -1.18 -70.29
CA GLN J 112 -34.59 -0.13 -69.47
C GLN J 112 -35.51 1.07 -69.32
N ARG J 113 -36.22 1.45 -70.40
CA ARG J 113 -37.12 2.59 -70.29
C ARG J 113 -38.27 2.31 -69.32
N ALA J 114 -38.86 1.12 -69.40
CA ALA J 114 -39.94 0.76 -68.48
C ALA J 114 -39.52 0.90 -67.02
N MET J 115 -38.21 0.87 -66.72
CA MET J 115 -37.74 1.06 -65.34
C MET J 115 -38.15 2.39 -64.75
N LYS J 116 -38.47 3.38 -65.58
CA LYS J 116 -38.88 4.65 -65.01
C LYS J 116 -40.20 4.50 -64.30
N ASP J 117 -41.08 3.63 -64.84
CA ASP J 117 -42.32 3.30 -64.13
C ASP J 117 -42.04 2.87 -62.71
N TYR J 118 -40.91 2.21 -62.48
CA TYR J 118 -40.54 1.71 -61.16
C TYR J 118 -39.66 2.68 -60.38
N HIS J 119 -39.06 3.67 -61.05
CA HIS J 119 -38.03 4.46 -60.39
C HIS J 119 -38.54 5.02 -59.06
N ALA J 120 -39.71 5.66 -59.10
CA ALA J 120 -40.28 6.22 -57.88
C ALA J 120 -40.37 5.16 -56.79
N MET J 121 -40.96 4.00 -57.12
CA MET J 121 -41.11 2.94 -56.12
C MET J 121 -39.77 2.54 -55.53
N MET J 122 -38.73 2.48 -56.36
CA MET J 122 -37.40 2.17 -55.84
C MET J 122 -36.93 3.21 -54.84
N VAL J 123 -37.06 4.50 -55.19
CA VAL J 123 -36.41 5.55 -54.41
C VAL J 123 -36.86 5.53 -52.96
N ASP J 124 -38.16 5.38 -52.70
CA ASP J 124 -38.63 5.36 -51.32
C ASP J 124 -37.87 4.32 -50.50
N ILE J 125 -37.80 3.08 -50.98
CA ILE J 125 -37.11 2.06 -50.21
C ILE J 125 -35.64 2.39 -50.09
N ALA J 126 -35.05 2.94 -51.16
CA ALA J 126 -33.69 3.42 -51.06
C ALA J 126 -33.60 4.48 -49.98
N VAL J 127 -34.56 5.40 -49.97
CA VAL J 127 -34.60 6.40 -48.91
C VAL J 127 -34.68 5.71 -47.56
N GLN J 128 -35.49 4.65 -47.47
CA GLN J 128 -35.59 3.94 -46.20
C GLN J 128 -34.21 3.53 -45.73
N LEU J 129 -33.43 2.90 -46.62
CA LEU J 129 -32.08 2.48 -46.25
C LEU J 129 -31.26 3.68 -45.78
N VAL J 130 -31.24 4.75 -46.58
CA VAL J 130 -30.44 5.91 -46.17
C VAL J 130 -30.96 6.41 -44.83
N GLN J 131 -32.29 6.45 -44.67
CA GLN J 131 -32.84 6.92 -43.40
C GLN J 131 -32.35 6.04 -42.27
N LYS J 132 -32.37 4.72 -42.47
CA LYS J 132 -31.85 3.81 -41.46
C LYS J 132 -30.40 4.13 -41.16
N TRP J 133 -29.57 4.22 -42.20
CA TRP J 133 -28.17 4.51 -41.94
C TRP J 133 -28.00 5.92 -41.36
N ALA J 134 -28.89 6.85 -41.69
CA ALA J 134 -28.75 8.20 -41.16
C ALA J 134 -29.01 8.25 -39.66
N ARG J 135 -29.80 7.30 -39.16
CA ARG J 135 -30.25 7.26 -37.78
C ARG J 135 -29.39 6.36 -36.89
N LEU J 136 -28.20 5.99 -37.32
CA LEU J 136 -27.35 5.15 -36.48
C LEU J 136 -26.75 5.97 -35.34
N ASN J 137 -26.37 5.25 -34.28
CA ASN J 137 -25.72 5.84 -33.12
C ASN J 137 -24.25 6.07 -33.46
N PRO J 138 -23.52 6.84 -32.63
CA PRO J 138 -22.16 7.26 -33.00
C PRO J 138 -21.22 6.17 -33.49
N ASN J 139 -21.22 4.98 -32.89
CA ASN J 139 -20.29 3.93 -33.28
C ASN J 139 -20.98 2.63 -33.65
N GLU J 140 -22.28 2.64 -33.89
CA GLU J 140 -22.94 1.42 -34.33
C GLU J 140 -22.48 1.04 -35.72
N ASN J 141 -22.24 -0.25 -35.91
CA ASN J 141 -21.86 -0.79 -37.20
C ASN J 141 -23.07 -1.39 -37.88
N VAL J 142 -23.06 -1.39 -39.20
CA VAL J 142 -24.15 -1.94 -40.00
C VAL J 142 -23.67 -3.19 -40.70
N ASP J 143 -24.57 -4.16 -40.84
CA ASP J 143 -24.28 -5.39 -41.59
C ASP J 143 -24.79 -5.16 -43.01
N VAL J 144 -23.87 -4.92 -43.93
CA VAL J 144 -24.24 -4.51 -45.29
C VAL J 144 -25.02 -5.60 -46.01
N PRO J 145 -24.65 -6.89 -45.97
CA PRO J 145 -25.46 -7.86 -46.72
C PRO J 145 -26.91 -7.92 -46.27
N GLU J 146 -27.17 -7.81 -44.97
CA GLU J 146 -28.55 -7.93 -44.49
C GLU J 146 -29.38 -6.67 -44.76
N ASP J 147 -28.81 -5.48 -44.58
CA ASP J 147 -29.55 -4.28 -44.96
C ASP J 147 -29.73 -4.19 -46.47
N MET J 148 -28.71 -4.60 -47.24
CA MET J 148 -28.88 -4.70 -48.69
C MET J 148 -29.99 -5.67 -49.05
N THR J 149 -30.11 -6.78 -48.29
CA THR J 149 -31.18 -7.73 -48.55
C THR J 149 -32.54 -7.16 -48.19
N ARG J 150 -32.62 -6.45 -47.07
CA ARG J 150 -33.83 -5.71 -46.74
C ARG J 150 -34.23 -4.82 -47.91
N LEU J 151 -33.27 -4.03 -48.39
CA LEU J 151 -33.49 -3.11 -49.50
C LEU J 151 -33.98 -3.85 -50.74
N THR J 152 -33.28 -4.94 -51.12
CA THR J 152 -33.57 -5.59 -52.39
C THR J 152 -34.92 -6.27 -52.36
N LEU J 153 -35.22 -6.98 -51.27
CA LEU J 153 -36.51 -7.65 -51.15
C LEU J 153 -37.64 -6.64 -51.14
N ASP J 154 -37.48 -5.56 -50.36
CA ASP J 154 -38.54 -4.57 -50.31
C ASP J 154 -38.72 -3.88 -51.66
N THR J 155 -37.62 -3.61 -52.37
CA THR J 155 -37.72 -2.99 -53.69
C THR J 155 -38.46 -3.87 -54.67
N ILE J 156 -38.09 -5.16 -54.74
CA ILE J 156 -38.76 -6.03 -55.70
C ILE J 156 -40.22 -6.24 -55.32
N GLY J 157 -40.51 -6.41 -54.03
CA GLY J 157 -41.89 -6.57 -53.60
C GLY J 157 -42.75 -5.37 -53.95
N LEU J 158 -42.24 -4.17 -53.65
CA LEU J 158 -42.99 -2.95 -53.92
C LEU J 158 -43.21 -2.75 -55.42
N CYS J 159 -42.14 -2.84 -56.20
CA CYS J 159 -42.25 -2.62 -57.64
C CYS J 159 -43.12 -3.67 -58.31
N GLY J 160 -43.09 -4.91 -57.81
CA GLY J 160 -43.81 -5.98 -58.45
C GLY J 160 -45.27 -6.08 -58.08
N PHE J 161 -45.62 -5.81 -56.81
CA PHE J 161 -46.97 -6.11 -56.36
C PHE J 161 -47.59 -5.05 -55.47
N ASN J 162 -46.96 -3.88 -55.33
CA ASN J 162 -47.45 -2.85 -54.42
C ASN J 162 -47.62 -3.42 -53.02
N TYR J 163 -46.71 -4.28 -52.62
CA TYR J 163 -46.68 -4.89 -51.29
C TYR J 163 -45.39 -4.50 -50.59
N ARG J 164 -45.52 -4.02 -49.37
CA ARG J 164 -44.37 -3.60 -48.56
C ARG J 164 -44.02 -4.72 -47.59
N PHE J 165 -42.88 -5.37 -47.84
CA PHE J 165 -42.35 -6.34 -46.89
C PHE J 165 -41.91 -5.65 -45.61
N ASN J 166 -41.59 -4.36 -45.68
CA ASN J 166 -41.17 -3.59 -44.52
C ASN J 166 -40.02 -4.27 -43.79
N SER J 167 -39.03 -4.71 -44.56
CA SER J 167 -37.87 -5.36 -43.96
C SER J 167 -37.12 -4.41 -43.06
N PHE J 168 -37.19 -3.11 -43.33
CA PHE J 168 -36.55 -2.14 -42.45
C PHE J 168 -37.37 -1.88 -41.19
N TYR J 169 -38.57 -2.47 -41.09
CA TYR J 169 -39.40 -2.40 -39.90
C TYR J 169 -39.18 -3.56 -38.99
N ARG J 170 -38.12 -4.32 -39.23
CA ARG J 170 -37.83 -5.54 -38.49
C ARG J 170 -36.32 -5.72 -38.48
N GLU J 171 -35.79 -6.27 -37.39
CA GLU J 171 -34.39 -6.67 -37.32
C GLU J 171 -34.19 -8.10 -37.79
N THR J 172 -35.05 -9.01 -37.35
CA THR J 172 -35.05 -10.35 -37.91
C THR J 172 -35.59 -10.30 -39.34
N PRO J 173 -34.89 -10.88 -40.32
CA PRO J 173 -35.38 -10.84 -41.70
C PRO J 173 -36.80 -11.38 -41.83
N HIS J 174 -37.50 -10.89 -42.86
CA HIS J 174 -38.94 -11.08 -43.02
C HIS J 174 -39.33 -12.56 -43.01
N PRO J 175 -40.54 -12.89 -42.57
CA PRO J 175 -40.99 -14.30 -42.62
C PRO J 175 -40.84 -14.94 -43.99
N PHE J 176 -41.00 -14.17 -45.07
CA PHE J 176 -40.84 -14.74 -46.41
C PHE J 176 -39.42 -15.25 -46.63
N ILE J 177 -38.40 -14.53 -46.14
CA ILE J 177 -37.05 -15.01 -46.40
C ILE J 177 -36.72 -16.20 -45.51
N THR J 178 -37.25 -16.26 -44.29
CA THR J 178 -37.05 -17.47 -43.49
C THR J 178 -37.70 -18.67 -44.17
N SER J 179 -38.91 -18.48 -44.71
CA SER J 179 -39.57 -19.54 -45.46
C SER J 179 -38.74 -19.98 -46.66
N MET J 180 -38.22 -19.03 -47.44
CA MET J 180 -37.51 -19.43 -48.66
C MET J 180 -36.13 -20.01 -48.38
N THR J 181 -35.40 -19.44 -47.42
CA THR J 181 -34.15 -20.06 -46.98
C THR J 181 -34.38 -21.46 -46.46
N ARG J 182 -35.52 -21.69 -45.79
CA ARG J 182 -35.86 -23.05 -45.39
C ARG J 182 -36.27 -23.90 -46.59
N ALA J 183 -36.79 -23.26 -47.65
CA ALA J 183 -37.18 -23.98 -48.84
C ALA J 183 -35.97 -24.49 -49.61
N LEU J 184 -34.89 -23.71 -49.65
CA LEU J 184 -33.66 -24.16 -50.29
C LEU J 184 -33.13 -25.43 -49.62
N ASP J 185 -33.06 -25.41 -48.29
CA ASP J 185 -32.50 -26.52 -47.54
C ASP J 185 -33.60 -27.35 -46.88
N ILE J 212 -42.90 -21.48 -47.16
CA ILE J 212 -42.79 -22.90 -47.42
C ILE J 212 -44.16 -23.35 -47.97
N GLN J 213 -44.89 -24.18 -47.22
CA GLN J 213 -46.33 -24.27 -47.44
C GLN J 213 -46.99 -22.91 -47.26
N SER J 214 -46.35 -22.00 -46.52
CA SER J 214 -46.84 -20.64 -46.25
C SER J 214 -46.43 -19.61 -47.29
N MET J 215 -45.42 -19.90 -48.12
CA MET J 215 -45.17 -18.99 -49.24
C MET J 215 -46.41 -18.89 -50.10
N PHE J 216 -47.05 -20.03 -50.32
CA PHE J 216 -48.32 -20.05 -51.01
C PHE J 216 -49.36 -19.26 -50.24
N SER J 217 -49.24 -19.19 -48.91
CA SER J 217 -50.18 -18.38 -48.16
C SER J 217 -50.02 -16.91 -48.56
N LEU J 218 -48.80 -16.40 -48.49
CA LEU J 218 -48.55 -15.00 -48.85
C LEU J 218 -48.95 -14.71 -50.29
N VAL J 219 -48.55 -15.59 -51.21
CA VAL J 219 -48.83 -15.33 -52.61
C VAL J 219 -50.34 -15.38 -52.88
N ASP J 220 -51.05 -16.32 -52.27
CA ASP J 220 -52.49 -16.39 -52.46
C ASP J 220 -53.15 -15.13 -51.90
N ASN J 221 -52.56 -14.56 -50.85
CA ASN J 221 -53.07 -13.30 -50.33
C ASN J 221 -52.96 -12.20 -51.37
N ILE J 222 -51.77 -12.02 -51.93
CA ILE J 222 -51.61 -10.89 -52.83
C ILE J 222 -52.45 -11.09 -54.09
N ILE J 223 -52.58 -12.33 -54.58
CA ILE J 223 -53.42 -12.58 -55.75
C ILE J 223 -54.90 -12.33 -55.45
N ALA J 224 -55.37 -12.70 -54.25
CA ALA J 224 -56.80 -12.65 -53.98
C ALA J 224 -57.36 -11.23 -53.97
N GLU J 225 -56.57 -10.24 -53.55
CA GLU J 225 -57.13 -8.89 -53.45
C GLU J 225 -57.36 -8.26 -54.82
N ARG J 226 -56.43 -8.44 -55.76
CA ARG J 226 -56.60 -7.91 -57.10
C ARG J 226 -57.38 -8.88 -57.98
N ASP J 236 -48.54 -2.21 -62.42
CA ASP J 236 -47.27 -2.81 -62.05
C ASP J 236 -47.10 -4.20 -62.66
N LEU J 237 -46.22 -5.01 -62.05
CA LEU J 237 -45.99 -6.36 -62.53
C LEU J 237 -47.24 -7.21 -62.42
N LEU J 238 -47.88 -7.21 -61.24
CA LEU J 238 -49.14 -7.93 -61.07
C LEU J 238 -50.20 -7.39 -62.01
N SER J 239 -50.28 -6.06 -62.16
CA SER J 239 -51.26 -5.46 -63.07
C SER J 239 -51.01 -5.91 -64.51
N ARG J 240 -49.75 -5.84 -64.96
CA ARG J 240 -49.44 -6.23 -66.34
C ARG J 240 -49.74 -7.70 -66.58
N MET J 241 -49.35 -8.57 -65.64
CA MET J 241 -49.67 -9.98 -65.78
C MET J 241 -51.17 -10.24 -65.75
N LEU J 242 -51.92 -9.36 -65.09
CA LEU J 242 -53.37 -9.52 -65.01
C LEU J 242 -54.10 -8.96 -66.21
N ASN J 243 -53.50 -8.04 -66.98
CA ASN J 243 -54.24 -7.38 -68.04
C ASN J 243 -53.80 -7.74 -69.45
N VAL J 244 -52.50 -7.89 -69.72
CA VAL J 244 -52.07 -8.16 -71.10
C VAL J 244 -52.00 -9.66 -71.34
N PRO J 245 -52.69 -10.17 -72.38
CA PRO J 245 -52.40 -11.52 -72.87
C PRO J 245 -51.22 -11.43 -73.83
N ASP J 246 -50.78 -12.54 -74.42
CA ASP J 246 -49.62 -12.50 -75.29
C ASP J 246 -50.04 -12.40 -76.74
N PRO J 247 -49.11 -12.03 -77.63
CA PRO J 247 -49.47 -11.92 -79.05
C PRO J 247 -49.71 -13.25 -79.73
N GLU J 248 -48.77 -14.20 -79.60
CA GLU J 248 -48.86 -15.45 -80.34
C GLU J 248 -50.02 -16.31 -79.84
N THR J 249 -50.03 -16.62 -78.54
CA THR J 249 -51.08 -17.47 -77.99
C THR J 249 -52.42 -16.74 -77.95
N GLY J 250 -52.40 -15.42 -77.74
CA GLY J 250 -53.61 -14.65 -77.58
C GLY J 250 -54.27 -14.77 -76.22
N GLU J 251 -53.68 -15.53 -75.30
CA GLU J 251 -54.31 -15.86 -74.04
C GLU J 251 -53.54 -15.25 -72.88
N LYS J 252 -54.28 -14.93 -71.82
CA LYS J 252 -53.68 -14.42 -70.60
C LYS J 252 -53.08 -15.57 -69.79
N LEU J 253 -52.16 -15.22 -68.89
CA LEU J 253 -51.48 -16.22 -68.08
C LEU J 253 -52.47 -16.94 -67.15
N ASP J 254 -52.19 -18.21 -66.91
CA ASP J 254 -53.10 -19.03 -66.14
C ASP J 254 -52.88 -18.77 -64.65
N ASP J 255 -53.82 -19.28 -63.84
CA ASP J 255 -53.93 -19.00 -62.41
C ASP J 255 -52.72 -19.48 -61.60
N GLU J 256 -52.58 -20.80 -61.53
CA GLU J 256 -51.41 -21.41 -60.89
C GLU J 256 -50.13 -20.74 -61.35
N ASN J 257 -50.09 -20.32 -62.61
CA ASN J 257 -48.87 -19.71 -63.11
C ASN J 257 -48.72 -18.26 -62.66
N ILE J 258 -49.80 -17.49 -62.47
CA ILE J 258 -49.58 -16.16 -61.92
C ILE J 258 -48.89 -16.29 -60.57
N ARG J 259 -49.33 -17.28 -59.77
CA ARG J 259 -48.69 -17.48 -58.47
C ARG J 259 -47.23 -17.92 -58.62
N PHE J 260 -46.98 -18.93 -59.45
CA PHE J 260 -45.61 -19.38 -59.67
C PHE J 260 -44.72 -18.24 -60.13
N GLN J 261 -45.21 -17.40 -61.04
CA GLN J 261 -44.38 -16.33 -61.56
C GLN J 261 -43.99 -15.35 -60.48
N ILE J 262 -44.97 -14.94 -59.66
CA ILE J 262 -44.66 -13.91 -58.66
C ILE J 262 -43.67 -14.43 -57.62
N ILE J 263 -43.87 -15.65 -57.14
CA ILE J 263 -42.90 -16.19 -56.18
C ILE J 263 -41.51 -16.31 -56.81
N THR J 264 -41.45 -16.76 -58.08
CA THR J 264 -40.15 -16.90 -58.75
C THR J 264 -39.44 -15.57 -58.90
N PHE J 265 -40.18 -14.52 -59.27
CA PHE J 265 -39.55 -13.22 -59.43
C PHE J 265 -38.91 -12.77 -58.13
N LEU J 266 -39.68 -12.89 -57.03
CA LEU J 266 -39.11 -12.53 -55.74
C LEU J 266 -37.83 -13.30 -55.46
N ILE J 267 -37.82 -14.61 -55.73
CA ILE J 267 -36.63 -15.41 -55.45
C ILE J 267 -35.47 -14.98 -56.34
N ALA J 268 -35.75 -14.70 -57.61
CA ALA J 268 -34.69 -14.48 -58.57
C ALA J 268 -34.02 -13.13 -58.40
N GLY J 269 -34.74 -12.14 -57.86
CA GLY J 269 -34.16 -10.81 -57.80
C GLY J 269 -33.32 -10.43 -56.59
N HIS J 270 -33.88 -10.64 -55.40
CA HIS J 270 -33.40 -9.91 -54.22
C HIS J 270 -31.98 -10.31 -53.83
N GLU J 271 -31.69 -11.62 -53.79
CA GLU J 271 -30.40 -12.03 -53.24
C GLU J 271 -29.26 -11.79 -54.22
N THR J 272 -29.50 -12.04 -55.52
CA THR J 272 -28.49 -11.69 -56.52
C THR J 272 -28.19 -10.20 -56.48
N THR J 273 -29.24 -9.36 -56.40
CA THR J 273 -29.01 -7.92 -56.46
C THR J 273 -28.32 -7.42 -55.18
N SER J 274 -28.68 -7.98 -54.03
CA SER J 274 -28.01 -7.61 -52.77
C SER J 274 -26.56 -8.08 -52.77
N GLY J 275 -26.28 -9.26 -53.31
CA GLY J 275 -24.90 -9.69 -53.44
C GLY J 275 -24.10 -8.74 -54.30
N LEU J 276 -24.67 -8.30 -55.42
CA LEU J 276 -24.00 -7.31 -56.26
C LEU J 276 -23.70 -6.03 -55.47
N LEU J 277 -24.71 -5.52 -54.75
CA LEU J 277 -24.51 -4.30 -53.96
C LEU J 277 -23.40 -4.47 -52.92
N SER J 278 -23.41 -5.59 -52.21
CA SER J 278 -22.41 -5.81 -51.16
C SER J 278 -21.01 -5.90 -51.76
N PHE J 279 -20.86 -6.62 -52.88
CA PHE J 279 -19.57 -6.71 -53.53
C PHE J 279 -19.11 -5.35 -54.04
N ALA J 280 -20.03 -4.54 -54.54
CA ALA J 280 -19.65 -3.22 -55.01
C ALA J 280 -19.16 -2.35 -53.86
N ILE J 281 -19.85 -2.39 -52.71
CA ILE J 281 -19.40 -1.65 -51.54
C ILE J 281 -18.03 -2.13 -51.09
N TYR J 282 -17.81 -3.45 -51.10
CA TYR J 282 -16.51 -4.01 -50.75
C TYR J 282 -15.42 -3.47 -51.66
N PHE J 283 -15.64 -3.58 -52.97
CA PHE J 283 -14.61 -3.19 -53.93
C PHE J 283 -14.29 -1.71 -53.81
N LEU J 284 -15.32 -0.88 -53.64
CA LEU J 284 -15.06 0.55 -53.44
C LEU J 284 -14.31 0.80 -52.13
N LEU J 285 -14.58 0.00 -51.11
CA LEU J 285 -13.88 0.19 -49.83
C LEU J 285 -12.41 -0.21 -49.91
N LYS J 286 -12.04 -1.19 -50.74
CA LYS J 286 -10.66 -1.67 -50.67
C LYS J 286 -9.71 -1.04 -51.67
N ASN J 287 -10.22 -0.32 -52.69
CA ASN J 287 -9.37 0.40 -53.63
C ASN J 287 -9.87 1.84 -53.72
N PRO J 288 -9.36 2.72 -52.86
CA PRO J 288 -9.92 4.08 -52.75
C PRO J 288 -9.88 4.92 -54.02
N ASP J 289 -8.96 4.66 -54.96
CA ASP J 289 -8.89 5.48 -56.16
C ASP J 289 -10.21 5.48 -56.93
N LYS J 290 -10.75 4.29 -57.16
CA LYS J 290 -12.01 4.18 -57.86
C LYS J 290 -13.12 4.78 -57.02
N LEU J 291 -12.97 4.70 -55.70
CA LEU J 291 -13.90 5.34 -54.79
C LEU J 291 -13.89 6.85 -54.97
N LYS J 292 -12.71 7.43 -55.22
CA LYS J 292 -12.60 8.86 -55.47
C LYS J 292 -13.31 9.24 -56.76
N LYS J 293 -13.08 8.48 -57.82
CA LYS J 293 -13.77 8.81 -59.07
C LYS J 293 -15.28 8.64 -58.93
N ALA J 294 -15.72 7.62 -58.21
CA ALA J 294 -17.15 7.44 -57.98
C ALA J 294 -17.73 8.58 -57.16
N TYR J 295 -16.99 9.04 -56.14
CA TYR J 295 -17.43 10.19 -55.34
C TYR J 295 -17.55 11.43 -56.21
N GLU J 296 -16.58 11.68 -57.08
CA GLU J 296 -16.67 12.88 -57.91
C GLU J 296 -17.83 12.79 -58.88
N GLU J 297 -18.07 11.59 -59.44
CA GLU J 297 -19.20 11.41 -60.35
C GLU J 297 -20.51 11.68 -59.64
N VAL J 298 -20.67 11.12 -58.44
CA VAL J 298 -21.93 11.28 -57.71
C VAL J 298 -22.13 12.74 -57.30
N ASP J 299 -21.07 13.39 -56.80
CA ASP J 299 -21.18 14.78 -56.40
C ASP J 299 -21.56 15.68 -57.58
N ARG J 300 -20.95 15.46 -58.76
CA ARG J 300 -21.30 16.28 -59.92
C ARG J 300 -22.73 16.01 -60.37
N VAL J 301 -23.15 14.74 -60.36
CA VAL J 301 -24.40 14.36 -60.99
C VAL J 301 -25.60 14.38 -60.04
N LEU J 302 -25.40 14.29 -58.74
CA LEU J 302 -26.50 14.22 -57.78
C LEU J 302 -26.52 15.51 -56.94
N THR J 303 -27.20 16.53 -57.46
CA THR J 303 -27.42 17.76 -56.73
C THR J 303 -28.78 17.82 -56.06
N ASP J 304 -29.77 17.04 -56.53
CA ASP J 304 -31.09 17.13 -55.96
C ASP J 304 -31.23 16.12 -54.81
N PRO J 305 -32.25 16.27 -53.95
CA PRO J 305 -32.30 15.39 -52.76
C PRO J 305 -32.45 13.91 -53.07
N THR J 306 -33.38 13.53 -53.94
CA THR J 306 -33.49 12.13 -54.32
C THR J 306 -33.22 12.03 -55.81
N PRO J 307 -32.41 11.08 -56.26
CA PRO J 307 -32.09 10.99 -57.68
C PRO J 307 -33.29 10.61 -58.54
N THR J 308 -33.27 11.11 -59.77
CA THR J 308 -34.22 10.72 -60.79
C THR J 308 -33.58 9.75 -61.77
N TYR J 309 -34.44 9.15 -62.60
CA TYR J 309 -34.04 8.10 -63.53
C TYR J 309 -32.93 8.58 -64.46
N GLN J 310 -33.19 9.65 -65.22
CA GLN J 310 -32.20 10.18 -66.14
C GLN J 310 -30.93 10.59 -65.39
N GLN J 311 -31.09 11.07 -64.16
CA GLN J 311 -29.94 11.58 -63.42
C GLN J 311 -29.00 10.46 -63.00
N VAL J 312 -29.55 9.34 -62.51
CA VAL J 312 -28.71 8.22 -62.16
C VAL J 312 -28.13 7.56 -63.41
N MET J 313 -28.88 7.57 -64.52
CA MET J 313 -28.31 7.07 -65.76
C MET J 313 -27.04 7.82 -66.14
N LYS J 314 -26.87 9.06 -65.68
CA LYS J 314 -25.62 9.77 -65.87
C LYS J 314 -24.50 9.21 -65.01
N LEU J 315 -24.81 8.39 -64.01
CA LEU J 315 -23.78 7.64 -63.29
C LEU J 315 -23.42 6.40 -64.11
N LYS J 316 -22.78 6.66 -65.26
CA LYS J 316 -22.31 5.58 -66.11
C LYS J 316 -21.09 4.89 -65.50
N TYR J 317 -20.23 5.67 -64.85
CA TYR J 317 -19.09 5.09 -64.13
C TYR J 317 -19.55 4.19 -63.00
N MET J 318 -20.64 4.55 -62.32
CA MET J 318 -21.17 3.68 -61.28
C MET J 318 -21.62 2.35 -61.88
N ARG J 319 -22.26 2.40 -63.05
CA ARG J 319 -22.63 1.18 -63.75
C ARG J 319 -21.42 0.36 -64.16
N MET J 320 -20.32 1.02 -64.52
CA MET J 320 -19.12 0.26 -64.83
C MET J 320 -18.51 -0.37 -63.57
N ILE J 321 -18.59 0.33 -62.42
CA ILE J 321 -18.17 -0.28 -61.15
C ILE J 321 -18.98 -1.53 -60.87
N LEU J 322 -20.29 -1.47 -61.12
CA LEU J 322 -21.15 -2.62 -60.90
C LEU J 322 -20.79 -3.75 -61.87
N ASN J 323 -20.53 -3.39 -63.14
CA ASN J 323 -20.13 -4.38 -64.14
C ASN J 323 -18.85 -5.09 -63.70
N GLU J 324 -17.88 -4.33 -63.19
CA GLU J 324 -16.61 -4.90 -62.76
C GLU J 324 -16.77 -5.76 -61.50
N SER J 325 -17.58 -5.30 -60.55
CA SER J 325 -17.81 -6.11 -59.34
C SER J 325 -18.45 -7.44 -59.69
N LEU J 326 -19.44 -7.41 -60.58
CA LEU J 326 -20.07 -8.64 -61.01
C LEU J 326 -19.14 -9.48 -61.90
N ARG J 327 -18.16 -8.84 -62.56
CA ARG J 327 -17.18 -9.60 -63.32
C ARG J 327 -16.26 -10.39 -62.39
N LEU J 328 -15.74 -9.73 -61.35
CA LEU J 328 -14.86 -10.41 -60.42
C LEU J 328 -15.59 -11.50 -59.64
N TRP J 329 -16.77 -11.18 -59.11
CA TRP J 329 -17.56 -12.13 -58.31
C TRP J 329 -18.98 -12.16 -58.85
N PRO J 330 -19.23 -12.98 -59.88
CA PRO J 330 -20.60 -13.10 -60.39
C PRO J 330 -21.54 -13.67 -59.34
N THR J 331 -22.50 -12.85 -58.90
CA THR J 331 -23.35 -13.25 -57.78
C THR J 331 -24.16 -14.51 -58.11
N ALA J 332 -24.59 -14.63 -59.35
CA ALA J 332 -25.09 -15.92 -59.84
C ALA J 332 -23.91 -16.58 -60.52
N PRO J 333 -23.25 -17.56 -59.87
CA PRO J 333 -21.93 -18.01 -60.33
C PRO J 333 -21.94 -19.09 -61.41
N ALA J 334 -23.08 -19.66 -61.75
CA ALA J 334 -23.11 -20.74 -62.71
C ALA J 334 -24.46 -20.80 -63.39
N PHE J 335 -24.48 -21.35 -64.60
CA PHE J 335 -25.72 -21.84 -65.18
C PHE J 335 -25.42 -23.12 -65.95
N SER J 336 -26.43 -23.98 -66.06
CA SER J 336 -26.30 -25.29 -66.64
C SER J 336 -27.10 -25.38 -67.94
N LEU J 337 -26.63 -26.24 -68.84
CA LEU J 337 -27.21 -26.43 -70.16
C LEU J 337 -27.26 -27.92 -70.47
N TYR J 338 -28.37 -28.35 -71.06
CA TYR J 338 -28.44 -29.62 -71.77
C TYR J 338 -28.44 -29.28 -73.25
N ALA J 339 -28.79 -30.26 -74.09
CA ALA J 339 -28.82 -29.95 -75.51
C ALA J 339 -29.46 -31.08 -76.30
N LYS J 340 -29.77 -30.80 -77.56
CA LYS J 340 -30.67 -31.66 -78.32
C LYS J 340 -29.97 -32.90 -78.85
N GLU J 341 -28.85 -32.74 -79.57
CA GLU J 341 -28.24 -33.86 -80.26
C GLU J 341 -26.74 -33.92 -79.97
N ASP J 342 -26.24 -35.13 -79.75
CA ASP J 342 -24.84 -35.32 -79.43
C ASP J 342 -23.95 -34.65 -80.46
N THR J 343 -22.93 -33.95 -79.99
CA THR J 343 -22.05 -33.17 -80.85
C THR J 343 -20.69 -33.09 -80.17
N VAL J 344 -19.73 -32.46 -80.83
CA VAL J 344 -18.39 -32.34 -80.27
C VAL J 344 -18.04 -30.86 -80.20
N ILE J 345 -17.48 -30.45 -79.07
CA ILE J 345 -17.08 -29.08 -78.81
C ILE J 345 -15.61 -29.07 -78.47
N GLY J 346 -14.96 -27.94 -78.73
CA GLY J 346 -13.51 -27.86 -78.55
C GLY J 346 -12.70 -28.67 -79.52
N GLY J 347 -13.31 -29.13 -80.61
CA GLY J 347 -12.66 -29.99 -81.58
C GLY J 347 -12.53 -31.45 -81.19
N LYS J 348 -12.58 -31.78 -79.90
CA LYS J 348 -12.40 -33.17 -79.50
C LYS J 348 -13.23 -33.66 -78.34
N TYR J 349 -14.00 -32.81 -77.65
CA TYR J 349 -14.74 -33.31 -76.48
C TYR J 349 -16.17 -33.60 -76.88
N PRO J 350 -16.61 -34.86 -76.79
CA PRO J 350 -17.96 -35.24 -77.20
C PRO J 350 -19.00 -35.13 -76.09
N ILE J 351 -20.21 -34.78 -76.50
CA ILE J 351 -21.35 -34.62 -75.61
C ILE J 351 -22.49 -35.45 -76.19
N LYS J 352 -22.86 -36.55 -75.51
CA LYS J 352 -24.09 -37.26 -75.83
C LYS J 352 -25.24 -36.50 -75.17
N LYS J 353 -26.04 -35.80 -75.97
CA LYS J 353 -26.81 -34.70 -75.44
C LYS J 353 -28.21 -35.13 -75.01
N GLY J 354 -28.71 -34.44 -73.98
CA GLY J 354 -29.81 -34.90 -73.18
C GLY J 354 -29.29 -35.41 -71.86
N GLU J 355 -28.43 -36.43 -71.93
CA GLU J 355 -27.99 -37.13 -70.72
C GLU J 355 -27.15 -36.24 -69.82
N ASP J 356 -26.35 -35.36 -70.42
CA ASP J 356 -25.33 -34.62 -69.68
C ASP J 356 -25.77 -33.20 -69.40
N ARG J 357 -25.67 -32.79 -68.13
CA ARG J 357 -25.85 -31.41 -67.72
C ARG J 357 -24.48 -30.74 -67.65
N ILE J 358 -24.38 -29.54 -68.20
CA ILE J 358 -23.11 -28.85 -68.38
C ILE J 358 -23.18 -27.55 -67.60
N SER J 359 -22.26 -27.35 -66.67
CA SER J 359 -22.25 -26.14 -65.86
C SER J 359 -21.12 -25.24 -66.31
N VAL J 360 -21.43 -23.98 -66.59
CA VAL J 360 -20.40 -23.01 -66.95
C VAL J 360 -19.93 -22.32 -65.67
N LEU J 361 -18.62 -22.29 -65.46
CA LEU J 361 -18.04 -21.75 -64.24
C LEU J 361 -17.75 -20.27 -64.49
N ILE J 362 -18.76 -19.43 -64.20
CA ILE J 362 -18.71 -18.02 -64.62
C ILE J 362 -17.54 -17.25 -64.02
N PRO J 363 -17.14 -17.45 -62.76
CA PRO J 363 -15.98 -16.67 -62.29
C PRO J 363 -14.71 -16.97 -63.08
N GLN J 364 -14.43 -18.24 -63.32
CA GLN J 364 -13.24 -18.59 -64.09
C GLN J 364 -13.35 -18.09 -65.52
N LEU J 365 -14.53 -18.22 -66.12
CA LEU J 365 -14.75 -17.63 -67.44
C LEU J 365 -14.44 -16.14 -67.44
N HIS J 366 -14.94 -15.42 -66.43
CA HIS J 366 -14.67 -13.99 -66.33
C HIS J 366 -13.20 -13.68 -66.06
N ARG J 367 -12.41 -14.68 -65.65
CA ARG J 367 -10.98 -14.46 -65.45
C ARG J 367 -10.13 -15.13 -66.52
N ASP J 368 -10.70 -15.45 -67.68
CA ASP J 368 -9.96 -16.08 -68.78
C ASP J 368 -8.98 -15.06 -69.35
N LYS J 369 -7.68 -15.33 -69.17
CA LYS J 369 -6.67 -14.39 -69.62
C LYS J 369 -6.66 -14.25 -71.13
N ASP J 370 -7.03 -15.30 -71.86
CA ASP J 370 -7.06 -15.24 -73.32
C ASP J 370 -8.07 -14.21 -73.81
N ALA J 371 -9.16 -14.00 -73.08
CA ALA J 371 -10.20 -13.04 -73.45
C ALA J 371 -10.08 -11.69 -72.78
N TRP J 372 -9.66 -11.66 -71.51
CA TRP J 372 -9.71 -10.43 -70.72
C TRP J 372 -8.36 -9.74 -70.60
N GLY J 373 -7.28 -10.48 -70.80
CA GLY J 373 -5.93 -10.00 -70.57
C GLY J 373 -5.34 -10.58 -69.31
N ASP J 374 -4.14 -10.12 -68.97
CA ASP J 374 -3.42 -10.64 -67.82
C ASP J 374 -3.67 -9.83 -66.56
N ASN J 375 -4.79 -9.12 -66.51
CA ASN J 375 -5.09 -8.16 -65.46
C ASN J 375 -6.28 -8.59 -64.61
N VAL J 376 -6.61 -9.89 -64.66
CA VAL J 376 -7.99 -10.32 -64.38
C VAL J 376 -8.37 -10.07 -62.94
N GLU J 377 -7.43 -10.19 -62.01
CA GLU J 377 -7.74 -10.05 -60.59
C GLU J 377 -7.83 -8.60 -60.13
N GLU J 378 -7.46 -7.65 -60.97
CA GLU J 378 -7.56 -6.25 -60.58
C GLU J 378 -9.00 -5.78 -60.66
N PHE J 379 -9.38 -4.90 -59.74
CA PHE J 379 -10.67 -4.23 -59.78
C PHE J 379 -10.53 -2.91 -60.54
N GLN J 380 -10.96 -2.90 -61.80
CA GLN J 380 -10.83 -1.73 -62.67
C GLN J 380 -12.12 -1.51 -63.46
N PRO J 381 -13.02 -0.64 -62.97
CA PRO J 381 -14.21 -0.30 -63.77
C PRO J 381 -13.86 0.19 -65.15
N GLU J 382 -12.66 0.76 -65.30
CA GLU J 382 -12.13 1.28 -66.55
C GLU J 382 -12.06 0.24 -67.67
N ARG J 383 -12.27 -1.05 -67.36
CA ARG J 383 -12.39 -2.03 -68.44
C ARG J 383 -13.65 -1.82 -69.26
N PHE J 384 -14.69 -1.23 -68.67
CA PHE J 384 -15.97 -1.10 -69.33
C PHE J 384 -16.19 0.30 -69.92
N GLU J 385 -15.18 1.17 -69.85
CA GLU J 385 -15.28 2.47 -70.54
C GLU J 385 -15.35 2.29 -72.04
N GLU J 386 -14.68 1.28 -72.57
CA GLU J 386 -14.77 0.92 -73.99
C GLU J 386 -15.93 -0.05 -74.13
N LEU J 387 -17.11 0.49 -74.41
CA LEU J 387 -18.28 -0.35 -74.63
C LEU J 387 -18.14 -1.22 -75.86
N ASP J 388 -17.32 -0.79 -76.83
CA ASP J 388 -16.93 -1.65 -77.93
C ASP J 388 -15.97 -2.75 -77.48
N LYS J 389 -15.40 -2.62 -76.29
CA LYS J 389 -14.47 -3.60 -75.72
C LYS J 389 -15.11 -4.22 -74.48
N VAL J 390 -16.24 -4.88 -74.67
CA VAL J 390 -16.71 -5.92 -73.76
C VAL J 390 -16.56 -7.25 -74.49
N PRO J 391 -15.82 -8.21 -73.94
CA PRO J 391 -15.68 -9.50 -74.62
C PRO J 391 -17.02 -10.22 -74.68
N HIS J 392 -17.49 -10.41 -75.93
CA HIS J 392 -18.90 -10.68 -76.17
C HIS J 392 -19.38 -11.99 -75.55
N HIS J 393 -18.50 -12.98 -75.45
CA HIS J 393 -18.89 -14.27 -74.89
C HIS J 393 -18.03 -14.70 -73.71
N ALA J 394 -17.22 -13.80 -73.15
CA ALA J 394 -16.46 -14.10 -71.94
C ALA J 394 -16.96 -13.33 -70.73
N TYR J 395 -18.10 -12.65 -70.87
CA TYR J 395 -18.73 -11.90 -69.77
C TYR J 395 -20.21 -12.27 -69.78
N LYS J 396 -20.62 -13.21 -68.94
CA LYS J 396 -22.01 -13.70 -68.92
C LYS J 396 -22.55 -13.77 -67.49
N PRO J 397 -22.51 -12.65 -66.76
CA PRO J 397 -23.06 -12.66 -65.40
C PRO J 397 -24.57 -12.81 -65.34
N PHE J 398 -25.28 -12.51 -66.43
CA PHE J 398 -26.73 -12.53 -66.48
C PHE J 398 -27.26 -13.68 -67.33
N GLY J 399 -26.52 -14.78 -67.41
CA GLY J 399 -26.92 -15.90 -68.23
C GLY J 399 -26.61 -15.64 -69.69
N ASN J 400 -27.29 -16.38 -70.56
CA ASN J 400 -26.99 -16.28 -71.98
C ASN J 400 -28.24 -16.33 -72.84
N GLY J 401 -28.25 -15.47 -73.86
CA GLY J 401 -29.24 -15.54 -74.93
C GLY J 401 -30.65 -15.33 -74.42
N GLN J 402 -31.54 -16.23 -74.87
CA GLN J 402 -32.96 -16.17 -74.56
C GLN J 402 -33.24 -16.43 -73.09
N ARG J 403 -32.30 -17.09 -72.41
CA ARG J 403 -32.49 -17.43 -70.98
C ARG J 403 -31.68 -16.47 -70.11
N ALA J 404 -31.38 -15.26 -70.63
CA ALA J 404 -30.69 -14.30 -69.80
C ALA J 404 -31.63 -13.74 -68.74
N CYS J 405 -31.05 -13.05 -67.77
CA CYS J 405 -31.83 -12.47 -66.69
C CYS J 405 -32.76 -11.42 -67.24
N ILE J 406 -34.06 -11.60 -67.03
CA ILE J 406 -35.01 -10.60 -67.48
C ILE J 406 -34.88 -9.35 -66.61
N GLY J 407 -34.44 -9.51 -65.37
CA GLY J 407 -34.33 -8.41 -64.44
C GLY J 407 -33.00 -7.70 -64.47
N MET J 408 -32.21 -7.93 -65.53
CA MET J 408 -30.91 -7.27 -65.64
C MET J 408 -31.04 -5.76 -65.51
N GLN J 409 -31.93 -5.15 -66.30
CA GLN J 409 -32.09 -3.71 -66.22
C GLN J 409 -32.56 -3.30 -64.83
N PHE J 410 -33.50 -4.05 -64.26
CA PHE J 410 -33.93 -3.80 -62.89
C PHE J 410 -32.76 -3.84 -61.91
N ALA J 411 -31.98 -4.92 -61.95
CA ALA J 411 -30.90 -5.08 -60.98
C ALA J 411 -29.88 -3.96 -61.11
N LEU J 412 -29.44 -3.66 -62.34
CA LEU J 412 -28.38 -2.67 -62.49
C LEU J 412 -28.88 -1.25 -62.23
N HIS J 413 -30.12 -0.92 -62.63
CA HIS J 413 -30.65 0.40 -62.32
C HIS J 413 -30.79 0.58 -60.82
N GLU J 414 -31.40 -0.39 -60.14
CA GLU J 414 -31.56 -0.30 -58.70
C GLU J 414 -30.20 -0.20 -58.01
N ALA J 415 -29.24 -1.02 -58.45
CA ALA J 415 -27.94 -1.00 -57.82
C ALA J 415 -27.26 0.35 -58.00
N THR J 416 -27.27 0.88 -59.23
CA THR J 416 -26.68 2.20 -59.47
C THR J 416 -27.35 3.26 -58.60
N LEU J 417 -28.68 3.25 -58.55
CA LEU J 417 -29.40 4.24 -57.75
C LEU J 417 -28.96 4.20 -56.29
N VAL J 418 -29.03 3.02 -55.67
CA VAL J 418 -28.73 2.92 -54.24
C VAL J 418 -27.26 3.23 -53.97
N MET J 419 -26.35 2.78 -54.84
CA MET J 419 -24.93 3.06 -54.63
C MET J 419 -24.68 4.55 -54.69
N GLY J 420 -25.29 5.21 -55.69
CA GLY J 420 -25.16 6.65 -55.79
C GLY J 420 -25.66 7.35 -54.55
N MET J 421 -26.79 6.91 -54.01
CA MET J 421 -27.32 7.56 -52.83
C MET J 421 -26.39 7.38 -51.62
N LEU J 422 -25.86 6.17 -51.45
CA LEU J 422 -24.93 5.93 -50.34
C LEU J 422 -23.72 6.83 -50.43
N LEU J 423 -23.12 6.95 -51.63
CA LEU J 423 -21.99 7.86 -51.76
C LEU J 423 -22.41 9.32 -51.60
N GLN J 424 -23.64 9.64 -51.99
CA GLN J 424 -24.16 11.00 -51.82
C GLN J 424 -24.22 11.39 -50.35
N HIS J 425 -24.71 10.49 -49.49
CA HIS J 425 -24.94 10.87 -48.10
C HIS J 425 -23.82 10.50 -47.15
N PHE J 426 -23.10 9.42 -47.42
CA PHE J 426 -22.25 8.83 -46.41
C PHE J 426 -20.84 8.62 -46.93
N GLU J 427 -19.89 8.72 -46.01
CA GLU J 427 -18.55 8.19 -46.21
C GLU J 427 -18.47 6.86 -45.46
N LEU J 428 -18.07 5.82 -46.18
CA LEU J 428 -18.07 4.45 -45.68
C LEU J 428 -16.72 4.15 -45.04
N ILE J 429 -16.75 3.56 -43.85
CA ILE J 429 -15.55 3.33 -43.06
C ILE J 429 -15.36 1.83 -42.85
N ASP J 430 -14.20 1.34 -43.26
CA ASP J 430 -13.80 -0.04 -43.02
C ASP J 430 -13.08 -0.11 -41.68
N TYR J 431 -13.88 0.00 -40.61
CA TYR J 431 -13.31 0.03 -39.27
C TYR J 431 -12.60 -1.28 -38.93
N GLN J 432 -13.03 -2.38 -39.53
CA GLN J 432 -12.57 -3.71 -39.15
C GLN J 432 -11.41 -4.20 -40.00
N ASN J 433 -11.08 -3.51 -41.09
CA ASN J 433 -10.20 -4.03 -42.13
C ASN J 433 -10.68 -5.42 -42.57
N TYR J 434 -11.84 -5.38 -43.23
CA TYR J 434 -12.55 -6.60 -43.59
C TYR J 434 -11.70 -7.48 -44.50
N GLN J 435 -11.72 -8.79 -44.23
CA GLN J 435 -11.02 -9.78 -45.04
C GLN J 435 -12.07 -10.60 -45.75
N LEU J 436 -12.07 -10.55 -47.08
CA LEU J 436 -13.16 -11.12 -47.86
C LEU J 436 -13.28 -12.62 -47.62
N ASP J 437 -14.52 -13.06 -47.35
CA ASP J 437 -14.87 -14.47 -47.24
C ASP J 437 -16.13 -14.65 -48.07
N VAL J 438 -15.98 -15.30 -49.22
CA VAL J 438 -17.09 -15.47 -50.16
C VAL J 438 -17.94 -16.64 -49.67
N LYS J 439 -19.11 -16.33 -49.10
CA LYS J 439 -20.04 -17.36 -48.70
C LYS J 439 -21.02 -17.62 -49.82
N GLN J 440 -21.33 -18.89 -50.02
CA GLN J 440 -22.25 -19.34 -51.06
C GLN J 440 -23.42 -20.07 -50.43
N THR J 441 -24.62 -19.59 -50.70
CA THR J 441 -25.81 -20.36 -50.41
C THR J 441 -26.19 -20.93 -51.77
N LEU J 442 -27.25 -20.41 -52.39
CA LEU J 442 -27.36 -20.67 -53.81
C LEU J 442 -26.60 -19.62 -54.63
N THR J 443 -26.41 -18.42 -54.08
CA THR J 443 -25.73 -17.33 -54.75
C THR J 443 -24.51 -16.95 -53.91
N LEU J 444 -23.64 -16.12 -54.49
CA LEU J 444 -22.45 -15.66 -53.78
C LEU J 444 -22.72 -14.36 -53.05
N LYS J 445 -22.11 -14.20 -51.88
CA LYS J 445 -22.28 -13.04 -51.02
C LYS J 445 -20.99 -12.84 -50.25
N PRO J 446 -20.68 -11.60 -49.86
CA PRO J 446 -19.64 -11.40 -48.85
C PRO J 446 -20.19 -11.83 -47.49
N GLY J 447 -19.41 -12.60 -46.75
CA GLY J 447 -19.83 -13.12 -45.46
C GLY J 447 -19.27 -12.28 -44.31
N ASP J 448 -20.12 -12.05 -43.32
CA ASP J 448 -19.74 -11.36 -42.07
C ASP J 448 -19.15 -9.99 -42.37
N PHE J 449 -19.76 -9.26 -43.30
CA PHE J 449 -19.23 -7.99 -43.82
C PHE J 449 -19.94 -6.82 -43.16
N LYS J 450 -19.24 -6.13 -42.25
CA LYS J 450 -19.78 -5.02 -41.49
C LYS J 450 -18.89 -3.79 -41.64
N ILE J 451 -19.52 -2.61 -41.70
CA ILE J 451 -18.82 -1.35 -41.90
C ILE J 451 -19.32 -0.31 -40.89
N ARG J 452 -18.79 0.90 -41.02
CA ARG J 452 -19.18 2.08 -40.26
C ARG J 452 -19.56 3.20 -41.23
N ILE J 453 -20.18 4.23 -40.69
CA ILE J 453 -20.76 5.31 -41.47
C ILE J 453 -20.37 6.66 -40.90
N LEU J 454 -20.20 7.63 -41.79
CA LEU J 454 -20.20 9.05 -41.45
C LEU J 454 -21.07 9.77 -42.47
N PRO J 455 -21.65 10.92 -42.11
CA PRO J 455 -22.33 11.74 -43.11
C PRO J 455 -21.36 12.69 -43.81
N ARG J 456 -21.87 13.34 -44.86
CA ARG J 456 -21.06 14.28 -45.63
C ARG J 456 -21.68 15.67 -45.68
N SER K 6 -62.38 10.33 15.56
CA SER K 6 -63.17 9.29 14.88
C SER K 6 -62.26 8.34 14.09
N ALA K 7 -62.72 7.10 13.90
CA ALA K 7 -61.94 6.13 13.16
C ALA K 7 -62.14 6.29 11.66
N ILE K 8 -61.06 6.08 10.90
CA ILE K 8 -61.17 6.09 9.44
C ILE K 8 -61.91 4.85 8.99
N PRO K 9 -62.89 4.96 8.10
CA PRO K 9 -63.62 3.76 7.64
C PRO K 9 -62.67 2.74 7.04
N GLN K 10 -62.93 1.47 7.36
CA GLN K 10 -62.12 0.34 6.94
C GLN K 10 -63.03 -0.85 6.67
N PRO K 11 -62.83 -1.56 5.56
CA PRO K 11 -63.66 -2.75 5.30
C PRO K 11 -63.37 -3.88 6.27
N LYS K 12 -64.02 -5.01 6.07
CA LYS K 12 -63.86 -6.14 6.99
C LYS K 12 -62.46 -6.72 6.83
N THR K 13 -61.77 -6.88 7.95
CA THR K 13 -60.47 -7.54 7.98
C THR K 13 -60.67 -9.01 8.28
N TYR K 14 -59.78 -9.83 7.73
CA TYR K 14 -59.90 -11.27 7.84
C TYR K 14 -58.64 -11.80 8.52
N GLY K 15 -58.51 -11.51 9.80
CA GLY K 15 -57.41 -11.98 10.61
C GLY K 15 -56.06 -11.60 10.04
N PRO K 16 -55.20 -12.60 9.85
CA PRO K 16 -53.86 -12.32 9.30
C PRO K 16 -53.90 -11.79 7.89
N LEU K 17 -54.97 -12.06 7.13
CA LEU K 17 -55.04 -11.62 5.76
C LEU K 17 -55.37 -10.13 5.64
N GLY K 18 -55.67 -9.45 6.75
CA GLY K 18 -56.01 -8.04 6.70
C GLY K 18 -57.20 -7.77 5.80
N ASN K 19 -57.10 -6.75 4.98
CA ASN K 19 -58.13 -6.44 4.00
C ASN K 19 -57.81 -6.95 2.60
N LEU K 20 -56.69 -7.64 2.43
CA LEU K 20 -56.26 -8.05 1.10
C LEU K 20 -57.22 -9.01 0.38
N PRO K 21 -58.00 -9.86 1.05
CA PRO K 21 -58.96 -10.69 0.30
C PRO K 21 -59.98 -9.89 -0.51
N LEU K 22 -60.01 -8.57 -0.38
CA LEU K 22 -60.95 -7.75 -1.12
C LEU K 22 -60.31 -7.10 -2.33
N ILE K 23 -59.06 -7.42 -2.62
CA ILE K 23 -58.30 -6.78 -3.68
C ILE K 23 -57.91 -7.83 -4.71
N ASP K 24 -57.92 -7.44 -5.97
CA ASP K 24 -57.25 -8.19 -7.02
C ASP K 24 -55.82 -7.67 -7.07
N LYS K 25 -54.87 -8.50 -6.61
CA LYS K 25 -53.50 -8.03 -6.44
C LYS K 25 -52.93 -7.47 -7.74
N ASP K 26 -53.36 -8.01 -8.89
CA ASP K 26 -52.88 -7.50 -10.17
C ASP K 26 -53.61 -6.25 -10.66
N LYS K 27 -54.71 -5.87 -10.01
CA LYS K 27 -55.47 -4.68 -10.41
C LYS K 27 -55.73 -3.80 -9.19
N PRO K 28 -54.67 -3.26 -8.57
CA PRO K 28 -54.87 -2.51 -7.32
C PRO K 28 -55.75 -1.29 -7.49
N THR K 29 -55.45 -0.45 -8.49
CA THR K 29 -56.23 0.77 -8.69
C THR K 29 -57.71 0.46 -8.90
N LEU K 30 -58.04 -0.48 -9.80
CA LEU K 30 -59.44 -0.81 -10.04
C LEU K 30 -60.10 -1.37 -8.78
N SER K 31 -59.39 -2.23 -8.05
CA SER K 31 -59.89 -2.74 -6.77
C SER K 31 -60.22 -1.58 -5.82
N PHE K 32 -59.32 -0.62 -5.73
CA PHE K 32 -59.53 0.55 -4.88
C PHE K 32 -60.74 1.34 -5.34
N ILE K 33 -60.94 1.44 -6.65
CA ILE K 33 -62.14 2.09 -7.19
C ILE K 33 -63.40 1.40 -6.68
N LYS K 34 -63.41 0.07 -6.77
CA LYS K 34 -64.54 -0.71 -6.27
C LYS K 34 -64.79 -0.45 -4.77
N ILE K 35 -63.74 -0.59 -3.96
CA ILE K 35 -63.87 -0.38 -2.53
C ILE K 35 -64.25 1.06 -2.22
N ALA K 36 -63.81 2.02 -3.04
CA ALA K 36 -64.23 3.41 -2.86
C ALA K 36 -65.73 3.56 -3.12
N GLU K 37 -66.22 2.91 -4.17
CA GLU K 37 -67.65 2.94 -4.46
C GLU K 37 -68.44 2.37 -3.28
N GLU K 38 -67.82 1.46 -2.53
CA GLU K 38 -68.49 0.85 -1.38
C GLU K 38 -68.38 1.65 -0.08
N TYR K 39 -67.24 2.28 0.20
CA TYR K 39 -66.95 2.82 1.53
C TYR K 39 -66.74 4.33 1.56
N GLY K 40 -66.87 5.02 0.44
CA GLY K 40 -66.93 6.46 0.43
C GLY K 40 -65.60 7.15 0.16
N PRO K 41 -65.52 8.43 0.52
CA PRO K 41 -64.42 9.28 0.04
C PRO K 41 -63.08 9.00 0.70
N ILE K 42 -63.03 8.25 1.80
CA ILE K 42 -61.78 7.91 2.44
C ILE K 42 -61.94 6.55 3.08
N PHE K 43 -60.92 5.70 2.92
CA PHE K 43 -60.96 4.41 3.59
C PHE K 43 -59.54 3.93 3.85
N GLN K 44 -59.47 2.86 4.62
CA GLN K 44 -58.23 2.29 5.09
C GLN K 44 -58.15 0.84 4.65
N ILE K 45 -56.98 0.43 4.18
CA ILE K 45 -56.78 -0.93 3.71
C ILE K 45 -55.60 -1.50 4.47
N GLN K 46 -55.81 -2.62 5.13
CA GLN K 46 -54.77 -3.27 5.90
C GLN K 46 -54.20 -4.40 5.06
N THR K 47 -52.89 -4.39 4.86
CA THR K 47 -52.21 -5.47 4.16
C THR K 47 -51.67 -6.47 5.18
N LEU K 48 -50.94 -7.48 4.67
CA LEU K 48 -50.31 -8.42 5.60
C LEU K 48 -49.27 -7.76 6.48
N SER K 49 -48.66 -6.67 6.01
CA SER K 49 -47.54 -6.04 6.71
C SER K 49 -47.81 -4.60 7.18
N ASP K 50 -48.65 -3.84 6.49
CA ASP K 50 -48.74 -2.39 6.73
C ASP K 50 -50.18 -1.93 6.46
N THR K 51 -50.39 -0.61 6.53
CA THR K 51 -51.70 0.00 6.28
C THR K 51 -51.59 1.13 5.26
N ILE K 52 -52.61 1.25 4.41
CA ILE K 52 -52.68 2.27 3.38
C ILE K 52 -53.96 3.06 3.59
N ILE K 53 -53.88 4.38 3.46
CA ILE K 53 -55.05 5.24 3.53
C ILE K 53 -55.33 5.77 2.13
N VAL K 54 -56.51 5.45 1.59
CA VAL K 54 -56.89 5.85 0.24
C VAL K 54 -57.94 6.95 0.34
N VAL K 55 -57.60 8.12 -0.23
CA VAL K 55 -58.46 9.30 -0.25
C VAL K 55 -58.93 9.55 -1.68
N SER K 56 -60.22 9.87 -1.83
CA SER K 56 -60.81 10.11 -3.14
C SER K 56 -61.77 11.29 -3.17
N GLY K 57 -62.30 11.76 -2.04
CA GLY K 57 -63.18 12.92 -2.06
C GLY K 57 -62.38 14.22 -2.18
N HIS K 58 -62.92 15.15 -2.97
CA HIS K 58 -62.15 16.33 -3.35
C HIS K 58 -61.82 17.21 -2.16
N GLU K 59 -62.72 17.31 -1.17
CA GLU K 59 -62.39 18.14 -0.01
C GLU K 59 -61.22 17.54 0.76
N LEU K 60 -61.28 16.23 1.04
CA LEU K 60 -60.19 15.57 1.72
C LEU K 60 -58.90 15.65 0.91
N VAL K 61 -58.98 15.50 -0.41
CA VAL K 61 -57.80 15.61 -1.25
C VAL K 61 -57.20 17.01 -1.17
N ALA K 62 -58.05 18.04 -1.18
CA ALA K 62 -57.59 19.41 -1.04
C ALA K 62 -56.88 19.61 0.29
N GLU K 63 -57.38 18.96 1.33
CA GLU K 63 -56.73 19.03 2.64
C GLU K 63 -55.37 18.34 2.61
N VAL K 64 -55.30 17.16 1.98
CA VAL K 64 -54.07 16.39 1.90
C VAL K 64 -53.04 16.94 0.89
N CYS K 65 -53.47 17.76 -0.08
CA CYS K 65 -52.53 18.37 -1.01
C CYS K 65 -51.84 19.60 -0.44
N ASP K 66 -52.18 20.00 0.78
CA ASP K 66 -51.54 21.14 1.42
C ASP K 66 -50.10 20.78 1.76
N GLU K 67 -49.15 21.49 1.16
CA GLU K 67 -47.74 21.18 1.39
C GLU K 67 -47.31 21.53 2.80
N THR K 68 -48.06 22.43 3.45
CA THR K 68 -47.74 22.84 4.82
C THR K 68 -47.81 21.65 5.77
N ARG K 69 -48.73 20.73 5.52
CA ARG K 69 -49.00 19.62 6.40
C ARG K 69 -48.49 18.29 5.87
N PHE K 70 -48.31 18.15 4.56
CA PHE K 70 -47.97 16.87 3.97
C PHE K 70 -46.88 17.05 2.91
N ASP K 71 -46.06 16.01 2.76
CA ASP K 71 -44.97 15.99 1.78
C ASP K 71 -45.04 14.68 1.01
N LYS K 72 -44.55 14.69 -0.23
CA LYS K 72 -44.61 13.48 -1.05
C LYS K 72 -43.79 12.37 -0.42
N SER K 73 -44.27 11.14 -0.58
CA SER K 73 -43.79 9.98 0.16
C SER K 73 -43.18 8.95 -0.79
N ILE K 74 -42.49 7.99 -0.18
CA ILE K 74 -41.92 6.86 -0.89
C ILE K 74 -42.88 5.69 -0.63
N GLU K 75 -43.83 5.52 -1.55
CA GLU K 75 -44.66 4.33 -1.65
C GLU K 75 -43.76 3.12 -1.84
N GLY K 76 -44.26 1.91 -1.63
CA GLY K 76 -43.48 0.73 -1.98
C GLY K 76 -43.02 0.75 -3.42
N ALA K 77 -43.94 1.11 -4.33
CA ALA K 77 -43.61 1.19 -5.75
C ALA K 77 -42.45 2.17 -5.99
N LEU K 78 -42.48 3.33 -5.34
CA LEU K 78 -41.41 4.31 -5.56
C LEU K 78 -40.08 3.85 -5.00
N ALA K 79 -40.08 3.10 -3.89
CA ALA K 79 -38.84 2.55 -3.37
C ALA K 79 -38.26 1.50 -4.33
N LYS K 80 -39.10 0.58 -4.80
CA LYS K 80 -38.66 -0.40 -5.78
C LYS K 80 -38.16 0.26 -7.05
N VAL K 81 -38.73 1.41 -7.42
CA VAL K 81 -38.26 2.11 -8.61
C VAL K 81 -36.96 2.84 -8.31
N ARG K 82 -36.82 3.36 -7.09
CA ARG K 82 -35.57 3.97 -6.65
C ARG K 82 -34.42 2.97 -6.69
N ALA K 83 -34.72 1.68 -6.50
CA ALA K 83 -33.69 0.66 -6.59
C ALA K 83 -32.77 0.86 -7.81
N PHE K 84 -33.36 1.13 -8.98
CA PHE K 84 -32.58 1.44 -10.16
C PHE K 84 -32.49 2.93 -10.46
N ALA K 85 -33.53 3.71 -10.14
CA ALA K 85 -33.53 5.15 -10.34
C ALA K 85 -32.79 5.90 -9.24
N GLY K 86 -32.56 5.28 -8.08
CA GLY K 86 -31.73 5.90 -7.05
C GLY K 86 -32.29 7.24 -6.60
N ASP K 87 -31.42 8.23 -6.50
CA ASP K 87 -31.91 9.54 -6.14
C ASP K 87 -32.32 10.25 -7.43
N GLY K 88 -33.14 11.26 -7.29
CA GLY K 88 -33.54 12.02 -8.47
C GLY K 88 -34.89 12.66 -8.26
N LEU K 89 -35.34 13.34 -9.31
CA LEU K 89 -36.56 14.12 -9.18
C LEU K 89 -37.73 13.24 -8.80
N PHE K 90 -37.81 12.04 -9.38
CA PHE K 90 -38.92 11.13 -9.21
C PHE K 90 -38.86 10.34 -7.90
N THR K 91 -37.67 9.86 -7.53
CA THR K 91 -37.53 8.87 -6.47
C THR K 91 -36.76 9.35 -5.25
N SER K 92 -36.55 10.66 -5.11
CA SER K 92 -35.90 11.19 -3.93
C SER K 92 -36.93 11.85 -3.03
N GLU K 93 -36.68 11.80 -1.73
CA GLU K 93 -37.52 12.52 -0.79
C GLU K 93 -37.23 14.03 -0.90
N THR K 94 -38.25 14.82 -0.59
CA THR K 94 -38.15 16.26 -0.77
C THR K 94 -37.02 16.86 0.04
N HIS K 95 -36.77 16.33 1.24
CA HIS K 95 -35.72 16.88 2.09
C HIS K 95 -34.33 16.57 1.55
N GLU K 96 -34.22 15.66 0.59
CA GLU K 96 -32.90 15.32 0.06
C GLU K 96 -32.37 16.48 -0.79
N PRO K 97 -31.08 16.81 -0.66
CA PRO K 97 -30.54 17.99 -1.38
C PRO K 97 -30.60 17.88 -2.91
N ASN K 98 -30.32 16.69 -3.44
CA ASN K 98 -30.20 16.54 -4.89
C ASN K 98 -31.52 16.86 -5.59
N TRP K 99 -32.65 16.64 -4.93
CA TRP K 99 -33.93 17.01 -5.51
C TRP K 99 -34.01 18.51 -5.75
N LYS K 100 -33.79 19.32 -4.71
CA LYS K 100 -33.81 20.77 -4.86
C LYS K 100 -32.83 21.22 -5.94
N LYS K 101 -31.60 20.69 -5.90
CA LYS K 101 -30.58 21.02 -6.89
C LYS K 101 -31.08 20.80 -8.32
N ALA K 102 -31.41 19.54 -8.65
CA ALA K 102 -31.83 19.20 -10.00
C ALA K 102 -33.13 19.91 -10.38
N HIS K 103 -34.03 20.14 -9.42
CA HIS K 103 -35.26 20.90 -9.70
C HIS K 103 -34.92 22.29 -10.20
N ASN K 104 -34.08 23.00 -9.45
CA ASN K 104 -33.68 24.35 -9.86
C ASN K 104 -32.98 24.33 -11.21
N ILE K 105 -32.13 23.33 -11.44
CA ILE K 105 -31.38 23.29 -12.70
C ILE K 105 -32.29 23.05 -13.89
N LEU K 106 -33.24 22.13 -13.77
CA LEU K 106 -33.94 21.61 -14.93
C LEU K 106 -35.35 22.17 -15.13
N MET K 107 -35.89 22.92 -14.16
CA MET K 107 -37.23 23.46 -14.35
C MET K 107 -37.37 24.32 -15.61
N PRO K 108 -36.45 25.23 -15.94
CA PRO K 108 -36.63 26.01 -17.17
C PRO K 108 -36.68 25.16 -18.43
N THR K 109 -35.98 24.02 -18.45
CA THR K 109 -35.98 23.16 -19.63
C THR K 109 -37.33 22.48 -19.87
N PHE K 110 -38.18 22.35 -18.85
CA PHE K 110 -39.43 21.64 -19.03
C PHE K 110 -40.66 22.53 -19.04
N SER K 111 -40.48 23.84 -18.90
CA SER K 111 -41.61 24.74 -19.03
C SER K 111 -42.03 24.84 -20.50
N GLN K 112 -43.11 25.59 -20.76
CA GLN K 112 -43.64 25.65 -22.11
C GLN K 112 -42.65 26.31 -23.07
N ARG K 113 -41.96 27.37 -22.62
CA ARG K 113 -41.01 28.09 -23.46
C ARG K 113 -40.04 27.13 -24.15
N ALA K 114 -39.28 26.37 -23.35
CA ALA K 114 -38.27 25.45 -23.86
C ALA K 114 -38.82 24.47 -24.88
N MET K 115 -40.14 24.28 -24.94
CA MET K 115 -40.69 23.35 -25.92
C MET K 115 -40.31 23.75 -27.33
N LYS K 116 -40.19 25.06 -27.60
CA LYS K 116 -39.72 25.53 -28.89
C LYS K 116 -38.48 24.77 -29.35
N ASP K 117 -37.61 24.42 -28.41
CA ASP K 117 -36.33 23.78 -28.75
C ASP K 117 -36.47 22.29 -29.06
N TYR K 118 -37.42 21.59 -28.42
CA TYR K 118 -37.52 20.16 -28.65
C TYR K 118 -38.43 19.80 -29.81
N HIS K 119 -39.26 20.74 -30.27
CA HIS K 119 -40.31 20.42 -31.22
C HIS K 119 -39.77 19.64 -32.42
N ALA K 120 -38.66 20.11 -32.99
CA ALA K 120 -38.10 19.46 -34.17
C ALA K 120 -37.90 17.97 -33.94
N MET K 121 -37.18 17.59 -32.88
CA MET K 121 -36.95 16.18 -32.65
C MET K 121 -38.25 15.43 -32.42
N MET K 122 -39.20 16.05 -31.71
CA MET K 122 -40.50 15.40 -31.55
C MET K 122 -41.09 15.08 -32.91
N VAL K 123 -41.12 16.07 -33.81
CA VAL K 123 -41.64 15.82 -35.15
C VAL K 123 -40.88 14.68 -35.78
N ASP K 124 -39.57 14.63 -35.54
CA ASP K 124 -38.74 13.54 -36.03
C ASP K 124 -39.39 12.20 -35.71
N ILE K 125 -39.55 11.91 -34.42
CA ILE K 125 -40.11 10.60 -34.07
C ILE K 125 -41.55 10.51 -34.54
N ALA K 126 -42.28 11.63 -34.45
CA ALA K 126 -43.66 11.63 -34.94
C ALA K 126 -43.69 11.25 -36.41
N VAL K 127 -42.80 11.85 -37.21
CA VAL K 127 -42.80 11.52 -38.62
C VAL K 127 -42.55 10.03 -38.82
N GLN K 128 -41.61 9.46 -38.06
CA GLN K 128 -41.38 8.02 -38.20
C GLN K 128 -42.69 7.28 -38.00
N LEU K 129 -43.40 7.60 -36.90
CA LEU K 129 -44.65 6.91 -36.63
C LEU K 129 -45.60 7.06 -37.80
N VAL K 130 -45.83 8.29 -38.27
CA VAL K 130 -46.79 8.42 -39.35
C VAL K 130 -46.31 7.62 -40.56
N GLN K 131 -45.01 7.73 -40.87
CA GLN K 131 -44.50 6.98 -42.02
C GLN K 131 -44.69 5.49 -41.81
N LYS K 132 -44.41 5.00 -40.60
CA LYS K 132 -44.67 3.59 -40.30
C LYS K 132 -46.12 3.24 -40.58
N TRP K 133 -47.04 4.00 -39.97
CA TRP K 133 -48.45 3.69 -40.16
C TRP K 133 -48.85 3.89 -41.62
N ALA K 134 -48.15 4.77 -42.33
CA ALA K 134 -48.47 5.00 -43.73
C ALA K 134 -48.09 3.82 -44.59
N ARG K 135 -47.10 3.04 -44.15
CA ARG K 135 -46.55 2.00 -45.00
C ARG K 135 -47.15 0.62 -44.72
N LEU K 136 -48.26 0.54 -43.99
CA LEU K 136 -48.90 -0.75 -43.74
C LEU K 136 -49.70 -1.21 -44.95
N ASN K 137 -49.85 -2.52 -45.05
CA ASN K 137 -50.59 -3.19 -46.12
C ASN K 137 -52.08 -3.20 -45.83
N PRO K 138 -52.92 -3.56 -46.83
CA PRO K 138 -54.38 -3.31 -46.72
C PRO K 138 -55.09 -3.73 -45.43
N ASN K 139 -54.95 -4.97 -44.95
CA ASN K 139 -55.71 -5.39 -43.77
C ASN K 139 -54.84 -5.64 -42.54
N GLU K 140 -53.60 -5.18 -42.54
CA GLU K 140 -52.75 -5.33 -41.37
C GLU K 140 -53.29 -4.45 -40.24
N ASN K 141 -53.22 -4.96 -39.01
CA ASN K 141 -53.67 -4.19 -37.85
C ASN K 141 -52.48 -3.57 -37.13
N VAL K 142 -52.75 -2.47 -36.42
CA VAL K 142 -51.72 -1.78 -35.65
C VAL K 142 -52.01 -2.00 -34.17
N ASP K 143 -50.94 -2.10 -33.38
CA ASP K 143 -51.06 -2.20 -31.94
C ASP K 143 -50.85 -0.80 -31.36
N VAL K 144 -51.94 -0.20 -30.89
CA VAL K 144 -51.87 1.19 -30.43
C VAL K 144 -50.94 1.36 -29.23
N PRO K 145 -51.04 0.57 -28.16
CA PRO K 145 -50.15 0.81 -27.01
C PRO K 145 -48.68 0.67 -27.34
N GLU K 146 -48.29 -0.34 -28.10
CA GLU K 146 -46.86 -0.57 -28.32
C GLU K 146 -46.27 0.42 -29.33
N ASP K 147 -47.01 0.78 -30.38
CA ASP K 147 -46.49 1.80 -31.29
C ASP K 147 -46.43 3.17 -30.61
N MET K 148 -47.44 3.50 -29.78
CA MET K 148 -47.36 4.74 -29.02
C MET K 148 -46.15 4.69 -28.09
N THR K 149 -45.87 3.52 -27.52
CA THR K 149 -44.72 3.40 -26.62
C THR K 149 -43.42 3.58 -27.37
N ARG K 150 -43.31 2.99 -28.56
CA ARG K 150 -42.16 3.24 -29.42
C ARG K 150 -41.96 4.73 -29.62
N LEU K 151 -43.03 5.43 -30.02
CA LEU K 151 -42.92 6.86 -30.27
C LEU K 151 -42.46 7.61 -29.03
N THR K 152 -43.10 7.37 -27.88
CA THR K 152 -42.79 8.16 -26.70
C THR K 152 -41.39 7.85 -26.19
N LEU K 153 -40.99 6.58 -26.23
CA LEU K 153 -39.64 6.23 -25.79
C LEU K 153 -38.58 6.89 -26.65
N ASP K 154 -38.73 6.78 -27.98
CA ASP K 154 -37.71 7.35 -28.86
C ASP K 154 -37.69 8.88 -28.79
N THR K 155 -38.87 9.51 -28.72
CA THR K 155 -38.89 10.97 -28.64
C THR K 155 -38.23 11.44 -27.35
N ILE K 156 -38.53 10.79 -26.21
CA ILE K 156 -37.92 11.22 -24.96
C ILE K 156 -36.41 11.00 -25.01
N GLY K 157 -35.97 9.86 -25.54
CA GLY K 157 -34.53 9.61 -25.64
C GLY K 157 -33.82 10.65 -26.51
N LEU K 158 -34.39 10.94 -27.68
CA LEU K 158 -33.78 11.90 -28.60
C LEU K 158 -33.78 13.30 -28.02
N CYS K 159 -34.93 13.76 -27.51
CA CYS K 159 -35.03 15.11 -26.96
C CYS K 159 -34.16 15.27 -25.73
N GLY K 160 -33.98 14.21 -24.95
CA GLY K 160 -33.24 14.31 -23.72
C GLY K 160 -31.74 14.22 -23.88
N PHE K 161 -31.25 13.22 -24.64
CA PHE K 161 -29.82 12.96 -24.65
C PHE K 161 -29.29 12.59 -26.04
N ASN K 162 -30.01 12.97 -27.09
CA ASN K 162 -29.61 12.76 -28.49
C ASN K 162 -29.20 11.31 -28.77
N TYR K 163 -29.96 10.38 -28.21
CA TYR K 163 -29.72 8.97 -28.41
C TYR K 163 -30.93 8.42 -29.14
N ARG K 164 -30.69 7.72 -30.23
CA ARG K 164 -31.75 7.18 -31.06
C ARG K 164 -31.89 5.71 -30.69
N PHE K 165 -32.99 5.38 -30.01
CA PHE K 165 -33.30 3.98 -29.76
C PHE K 165 -33.69 3.26 -31.05
N ASN K 166 -34.19 4.02 -32.03
CA ASN K 166 -34.64 3.48 -33.31
C ASN K 166 -35.63 2.34 -33.08
N SER K 167 -36.59 2.61 -32.20
CA SER K 167 -37.57 1.59 -31.81
C SER K 167 -38.46 1.16 -32.97
N PHE K 168 -38.66 2.03 -33.96
CA PHE K 168 -39.49 1.68 -35.10
C PHE K 168 -38.79 0.81 -36.13
N TYR K 169 -37.51 0.52 -35.97
CA TYR K 169 -36.81 -0.41 -36.84
C TYR K 169 -36.78 -1.83 -36.28
N ARG K 170 -37.75 -2.18 -35.44
CA ARG K 170 -37.81 -3.50 -34.82
C ARG K 170 -39.25 -3.77 -34.41
N GLU K 171 -39.63 -5.05 -34.38
CA GLU K 171 -40.93 -5.45 -33.89
C GLU K 171 -40.88 -6.05 -32.49
N THR K 172 -39.77 -6.67 -32.13
CA THR K 172 -39.52 -6.94 -30.72
C THR K 172 -39.30 -5.61 -30.01
N PRO K 173 -40.02 -5.33 -28.93
CA PRO K 173 -39.83 -4.08 -28.20
C PRO K 173 -38.36 -3.88 -27.83
N HIS K 174 -37.96 -2.62 -27.71
CA HIS K 174 -36.55 -2.29 -27.56
C HIS K 174 -35.94 -3.03 -26.37
N PRO K 175 -34.67 -3.41 -26.45
CA PRO K 175 -34.03 -4.05 -25.28
C PRO K 175 -34.09 -3.21 -24.02
N PHE K 176 -34.03 -1.88 -24.12
CA PHE K 176 -34.11 -1.06 -22.92
C PHE K 176 -35.47 -1.20 -22.24
N ILE K 177 -36.56 -1.22 -23.00
CA ILE K 177 -37.85 -1.37 -22.32
C ILE K 177 -38.10 -2.79 -21.85
N THR K 178 -37.45 -3.80 -22.44
CA THR K 178 -37.52 -5.14 -21.86
C THR K 178 -36.69 -5.22 -20.58
N SER K 179 -35.52 -4.58 -20.55
CA SER K 179 -34.76 -4.46 -19.32
C SER K 179 -35.56 -3.70 -18.26
N MET K 180 -36.34 -2.71 -18.69
CA MET K 180 -37.13 -1.92 -17.75
C MET K 180 -38.32 -2.71 -17.22
N THR K 181 -39.01 -3.44 -18.09
CA THR K 181 -40.01 -4.41 -17.66
C THR K 181 -39.41 -5.48 -16.77
N ARG K 182 -38.15 -5.83 -16.97
CA ARG K 182 -37.46 -6.71 -16.03
C ARG K 182 -37.32 -6.04 -14.67
N ALA K 183 -37.08 -4.74 -14.67
CA ALA K 183 -37.07 -3.98 -13.42
C ALA K 183 -38.46 -3.87 -12.80
N LEU K 184 -39.51 -3.97 -13.61
CA LEU K 184 -40.88 -3.85 -13.11
C LEU K 184 -41.13 -4.79 -11.94
N ASP K 185 -40.58 -5.99 -12.00
CA ASP K 185 -40.76 -6.99 -10.95
C ASP K 185 -39.68 -8.06 -11.01
N GLN K 213 -28.51 -2.63 -13.77
CA GLN K 213 -28.10 -3.68 -14.69
C GLN K 213 -27.69 -3.09 -16.04
N SER K 214 -28.47 -3.38 -17.07
CA SER K 214 -28.21 -2.86 -18.41
C SER K 214 -28.52 -1.36 -18.53
N MET K 215 -29.44 -0.86 -17.70
CA MET K 215 -29.74 0.56 -17.72
C MET K 215 -28.49 1.38 -17.42
N PHE K 216 -27.77 0.99 -16.36
CA PHE K 216 -26.52 1.69 -16.05
C PHE K 216 -25.57 1.57 -17.21
N SER K 217 -25.67 0.48 -17.97
CA SER K 217 -24.78 0.30 -19.10
C SER K 217 -24.98 1.41 -20.12
N LEU K 218 -26.21 1.54 -20.64
CA LEU K 218 -26.42 2.58 -21.66
C LEU K 218 -26.20 3.98 -21.10
N VAL K 219 -26.75 4.28 -19.92
CA VAL K 219 -26.64 5.65 -19.43
C VAL K 219 -25.20 6.02 -19.15
N ASP K 220 -24.42 5.14 -18.52
CA ASP K 220 -23.02 5.47 -18.26
C ASP K 220 -22.21 5.56 -19.56
N ASN K 221 -22.55 4.76 -20.58
CA ASN K 221 -21.87 4.95 -21.85
C ASN K 221 -22.09 6.37 -22.36
N ILE K 222 -23.30 6.89 -22.20
CA ILE K 222 -23.50 8.28 -22.62
C ILE K 222 -22.86 9.27 -21.64
N ILE K 223 -22.76 8.96 -20.34
CA ILE K 223 -22.09 9.88 -19.43
C ILE K 223 -20.65 10.08 -19.89
N ALA K 224 -20.00 9.00 -20.34
CA ALA K 224 -18.64 9.13 -20.83
C ALA K 224 -18.58 9.87 -22.15
N GLU K 225 -19.49 9.52 -23.08
CA GLU K 225 -19.27 9.86 -24.48
C GLU K 225 -19.27 11.36 -24.74
N ARG K 226 -20.18 12.10 -24.11
CA ARG K 226 -20.35 13.50 -24.47
C ARG K 226 -19.21 14.37 -23.96
N ASN K 235 -28.43 20.66 -27.57
CA ASN K 235 -29.25 21.52 -26.73
C ASN K 235 -30.17 20.71 -25.82
N ASP K 236 -29.94 19.40 -25.77
CA ASP K 236 -30.88 18.49 -25.14
C ASP K 236 -30.75 18.56 -23.61
N LEU K 237 -31.47 17.68 -22.92
CA LEU K 237 -31.53 17.73 -21.47
C LEU K 237 -30.20 17.39 -20.82
N LEU K 238 -29.38 16.56 -21.47
CA LEU K 238 -28.05 16.31 -20.93
C LEU K 238 -27.18 17.56 -21.00
N SER K 239 -27.39 18.41 -22.01
CA SER K 239 -26.57 19.60 -22.14
C SER K 239 -26.82 20.58 -21.00
N ARG K 240 -28.08 20.96 -20.78
CA ARG K 240 -28.42 21.77 -19.62
C ARG K 240 -28.06 21.05 -18.34
N MET K 241 -28.20 19.72 -18.34
CA MET K 241 -27.85 18.90 -17.18
C MET K 241 -26.38 19.05 -16.82
N LEU K 242 -25.52 19.20 -17.82
CA LEU K 242 -24.08 19.24 -17.60
C LEU K 242 -23.51 20.64 -17.52
N ASN K 243 -24.23 21.66 -17.98
CA ASN K 243 -23.70 23.01 -18.01
C ASN K 243 -24.38 23.95 -17.03
N VAL K 244 -25.70 24.16 -17.14
CA VAL K 244 -26.34 25.20 -16.33
C VAL K 244 -26.36 24.75 -14.86
N PRO K 245 -25.77 25.51 -13.96
CA PRO K 245 -25.76 25.13 -12.55
C PRO K 245 -26.99 25.66 -11.81
N ASP K 246 -27.21 25.10 -10.63
CA ASP K 246 -28.27 25.60 -9.78
C ASP K 246 -27.86 26.93 -9.18
N PRO K 247 -28.60 28.01 -9.40
CA PRO K 247 -28.21 29.31 -8.82
C PRO K 247 -28.27 29.31 -7.29
N GLU K 248 -29.00 28.39 -6.67
CA GLU K 248 -29.08 28.38 -5.21
C GLU K 248 -27.88 27.67 -4.59
N THR K 249 -27.45 26.56 -5.18
CA THR K 249 -26.28 25.84 -4.70
C THR K 249 -24.99 26.23 -5.39
N GLY K 250 -25.08 26.87 -6.56
CA GLY K 250 -23.87 27.23 -7.29
C GLY K 250 -23.01 26.05 -7.65
N GLU K 251 -23.65 24.91 -7.93
CA GLU K 251 -22.94 23.65 -8.12
C GLU K 251 -23.46 22.93 -9.35
N LYS K 252 -22.63 21.99 -9.83
CA LYS K 252 -23.00 21.07 -10.90
C LYS K 252 -23.49 19.77 -10.29
N LEU K 253 -24.51 19.18 -10.92
CA LEU K 253 -24.97 17.87 -10.50
C LEU K 253 -23.86 16.84 -10.70
N ASP K 254 -23.60 16.04 -9.68
CA ASP K 254 -22.54 15.03 -9.80
C ASP K 254 -22.94 14.01 -10.88
N ASP K 255 -21.94 13.24 -11.32
CA ASP K 255 -22.11 12.36 -12.48
C ASP K 255 -23.13 11.25 -12.20
N GLU K 256 -23.10 10.70 -11.00
CA GLU K 256 -24.03 9.62 -10.66
C GLU K 256 -25.48 10.11 -10.67
N ASN K 257 -25.71 11.31 -10.13
CA ASN K 257 -27.05 11.89 -10.20
C ASN K 257 -27.43 12.20 -11.64
N ILE K 258 -26.46 12.51 -12.50
CA ILE K 258 -26.76 12.66 -13.92
C ILE K 258 -27.35 11.36 -14.45
N ARG K 259 -26.66 10.25 -14.16
CA ARG K 259 -27.13 8.94 -14.58
C ARG K 259 -28.55 8.67 -14.10
N PHE K 260 -28.82 8.96 -12.82
CA PHE K 260 -30.12 8.67 -12.27
C PHE K 260 -31.21 9.55 -12.89
N GLN K 261 -30.91 10.82 -13.12
CA GLN K 261 -31.87 11.70 -13.80
C GLN K 261 -32.17 11.20 -15.20
N ILE K 262 -31.13 10.74 -15.91
CA ILE K 262 -31.29 10.28 -17.27
C ILE K 262 -32.21 9.06 -17.32
N ILE K 263 -32.00 8.11 -16.40
CA ILE K 263 -32.88 6.93 -16.34
C ILE K 263 -34.31 7.34 -15.95
N THR K 264 -34.45 8.24 -14.99
CA THR K 264 -35.78 8.64 -14.53
C THR K 264 -36.58 9.31 -15.64
N PHE K 265 -35.93 10.11 -16.48
CA PHE K 265 -36.68 10.77 -17.54
C PHE K 265 -37.36 9.74 -18.43
N LEU K 266 -36.61 8.72 -18.87
CA LEU K 266 -37.21 7.64 -19.65
C LEU K 266 -38.36 7.00 -18.90
N ILE K 267 -38.09 6.53 -17.67
CA ILE K 267 -39.08 5.71 -16.96
C ILE K 267 -40.35 6.52 -16.70
N ALA K 268 -40.19 7.77 -16.27
CA ALA K 268 -41.33 8.59 -15.86
C ALA K 268 -42.08 9.16 -17.06
N GLY K 269 -41.41 9.32 -18.19
CA GLY K 269 -42.09 9.92 -19.31
C GLY K 269 -42.78 8.95 -20.24
N HIS K 270 -42.04 7.91 -20.69
CA HIS K 270 -42.49 7.20 -21.89
C HIS K 270 -43.79 6.45 -21.64
N GLU K 271 -43.88 5.77 -20.50
CA GLU K 271 -45.04 4.91 -20.26
C GLU K 271 -46.30 5.74 -19.99
N THR K 272 -46.17 6.79 -19.16
CA THR K 272 -47.31 7.66 -18.90
C THR K 272 -47.80 8.31 -20.19
N THR K 273 -46.87 8.83 -21.01
CA THR K 273 -47.28 9.54 -22.21
C THR K 273 -47.88 8.60 -23.24
N SER K 274 -47.35 7.38 -23.35
CA SER K 274 -47.93 6.40 -24.25
C SER K 274 -49.33 6.00 -23.79
N GLY K 275 -49.53 5.85 -22.48
CA GLY K 275 -50.87 5.59 -21.99
C GLY K 275 -51.85 6.72 -22.29
N LEU K 276 -51.40 7.97 -22.10
CA LEU K 276 -52.26 9.10 -22.45
C LEU K 276 -52.65 9.05 -23.92
N LEU K 277 -51.67 8.87 -24.80
CA LEU K 277 -51.92 8.79 -26.24
C LEU K 277 -52.89 7.67 -26.59
N SER K 278 -52.69 6.50 -25.99
CA SER K 278 -53.55 5.35 -26.29
C SER K 278 -54.97 5.59 -25.83
N PHE K 279 -55.15 6.11 -24.62
CA PHE K 279 -56.50 6.38 -24.13
C PHE K 279 -57.19 7.45 -24.97
N ALA K 280 -56.44 8.46 -25.41
CA ALA K 280 -57.03 9.50 -26.25
C ALA K 280 -57.49 8.90 -27.58
N ILE K 281 -56.66 8.05 -28.18
CA ILE K 281 -57.07 7.37 -29.40
C ILE K 281 -58.34 6.56 -29.17
N TYR K 282 -58.40 5.83 -28.04
CA TYR K 282 -59.58 5.04 -27.72
C TYR K 282 -60.84 5.90 -27.61
N PHE K 283 -60.78 6.96 -26.80
CA PHE K 283 -61.97 7.77 -26.57
C PHE K 283 -62.44 8.42 -27.87
N LEU K 284 -61.50 8.91 -28.67
CA LEU K 284 -61.88 9.48 -29.96
C LEU K 284 -62.49 8.42 -30.87
N LEU K 285 -62.02 7.16 -30.75
CA LEU K 285 -62.59 6.09 -31.55
C LEU K 285 -64.02 5.75 -31.13
N LYS K 286 -64.33 5.88 -29.84
CA LYS K 286 -65.64 5.48 -29.33
C LYS K 286 -66.65 6.60 -29.23
N ASN K 287 -66.25 7.85 -29.51
CA ASN K 287 -67.15 8.99 -29.46
C ASN K 287 -67.07 9.71 -30.79
N PRO K 288 -67.89 9.30 -31.77
CA PRO K 288 -67.72 9.80 -33.14
C PRO K 288 -67.89 11.31 -33.29
N ASP K 289 -68.79 11.93 -32.53
CA ASP K 289 -68.99 13.37 -32.65
C ASP K 289 -67.72 14.13 -32.24
N LYS K 290 -67.11 13.72 -31.13
CA LYS K 290 -65.90 14.38 -30.68
C LYS K 290 -64.76 14.15 -31.66
N LEU K 291 -64.73 12.97 -32.31
CA LEU K 291 -63.76 12.73 -33.36
C LEU K 291 -63.99 13.65 -34.55
N LYS K 292 -65.27 13.90 -34.88
CA LYS K 292 -65.60 14.83 -35.94
C LYS K 292 -65.08 16.23 -35.62
N LYS K 293 -65.27 16.67 -34.37
CA LYS K 293 -64.82 17.99 -33.99
C LYS K 293 -63.30 18.10 -34.02
N ALA K 294 -62.61 17.05 -33.53
CA ALA K 294 -61.15 17.05 -33.57
C ALA K 294 -60.62 17.08 -35.00
N TYR K 295 -61.23 16.29 -35.89
CA TYR K 295 -60.85 16.32 -37.30
C TYR K 295 -61.06 17.70 -37.90
N GLU K 296 -62.22 18.33 -37.63
CA GLU K 296 -62.48 19.65 -38.17
C GLU K 296 -61.42 20.65 -37.72
N GLU K 297 -61.15 20.70 -36.41
CA GLU K 297 -60.12 21.59 -35.89
C GLU K 297 -58.76 21.35 -36.52
N VAL K 298 -58.33 20.08 -36.59
CA VAL K 298 -57.00 19.80 -37.11
C VAL K 298 -56.93 20.15 -38.59
N ASP K 299 -57.96 19.81 -39.36
CA ASP K 299 -58.00 20.17 -40.78
C ASP K 299 -57.91 21.68 -40.94
N ARG K 300 -58.54 22.43 -40.03
CA ARG K 300 -58.46 23.88 -40.09
C ARG K 300 -57.03 24.35 -39.88
N VAL K 301 -56.32 23.72 -38.93
CA VAL K 301 -54.98 24.14 -38.54
C VAL K 301 -53.90 23.33 -39.28
N LEU K 302 -54.24 22.77 -40.45
CA LEU K 302 -53.50 21.68 -41.07
C LEU K 302 -52.49 22.13 -42.13
N THR K 303 -52.17 23.42 -42.17
CA THR K 303 -51.74 24.00 -43.45
C THR K 303 -50.42 23.42 -43.97
N ASP K 304 -49.51 23.02 -43.10
CA ASP K 304 -48.18 22.57 -43.53
C ASP K 304 -48.06 21.05 -43.55
N PRO K 305 -47.01 20.51 -44.19
CA PRO K 305 -46.84 19.04 -44.19
C PRO K 305 -46.61 18.49 -42.80
N THR K 306 -45.71 19.10 -42.03
CA THR K 306 -45.51 18.78 -40.63
C THR K 306 -45.79 20.02 -39.80
N PRO K 307 -46.54 19.91 -38.70
CA PRO K 307 -46.85 21.10 -37.91
C PRO K 307 -45.61 21.63 -37.19
N THR K 308 -45.55 22.95 -37.03
CA THR K 308 -44.57 23.54 -36.15
C THR K 308 -45.24 23.94 -34.84
N TYR K 309 -44.47 24.61 -33.98
CA TYR K 309 -44.88 24.81 -32.59
C TYR K 309 -46.18 25.61 -32.47
N GLN K 310 -46.45 26.50 -33.41
CA GLN K 310 -47.62 27.33 -33.26
C GLN K 310 -48.90 26.67 -33.79
N GLN K 311 -48.81 25.70 -34.69
CA GLN K 311 -50.01 24.92 -35.00
C GLN K 311 -50.42 24.05 -33.82
N VAL K 312 -49.46 23.46 -33.11
CA VAL K 312 -49.80 22.68 -31.92
C VAL K 312 -50.32 23.59 -30.82
N MET K 313 -49.76 24.81 -30.69
CA MET K 313 -50.33 25.76 -29.75
C MET K 313 -51.78 26.10 -30.12
N LYS K 314 -52.06 26.26 -31.42
CA LYS K 314 -53.41 26.57 -31.86
C LYS K 314 -54.37 25.43 -31.53
N LEU K 315 -53.89 24.18 -31.60
CA LEU K 315 -54.73 23.03 -31.30
C LEU K 315 -55.06 23.03 -29.82
N LYS K 316 -56.23 23.58 -29.47
CA LYS K 316 -56.68 23.58 -28.09
C LYS K 316 -57.81 22.59 -27.82
N TYR K 317 -58.60 22.23 -28.84
CA TYR K 317 -59.59 21.18 -28.63
C TYR K 317 -58.92 19.82 -28.47
N MET K 318 -57.82 19.57 -29.18
CA MET K 318 -57.07 18.34 -28.95
C MET K 318 -56.51 18.31 -27.53
N ARG K 319 -56.04 19.47 -27.04
CA ARG K 319 -55.57 19.57 -25.66
C ARG K 319 -56.71 19.33 -24.67
N MET K 320 -57.92 19.77 -25.00
CA MET K 320 -59.06 19.48 -24.13
C MET K 320 -59.41 18.01 -24.18
N ILE K 321 -59.28 17.38 -25.35
CA ILE K 321 -59.47 15.94 -25.45
C ILE K 321 -58.47 15.20 -24.57
N LEU K 322 -57.21 15.63 -24.58
CA LEU K 322 -56.21 15.01 -23.72
C LEU K 322 -56.50 15.24 -22.25
N ASN K 323 -56.90 16.46 -21.89
CA ASN K 323 -57.27 16.74 -20.50
C ASN K 323 -58.42 15.84 -20.05
N GLU K 324 -59.41 15.64 -20.92
CA GLU K 324 -60.54 14.80 -20.58
C GLU K 324 -60.16 13.32 -20.50
N SER K 325 -59.35 12.84 -21.45
CA SER K 325 -58.88 11.46 -21.42
C SER K 325 -58.07 11.20 -20.16
N LEU K 326 -57.21 12.14 -19.81
CA LEU K 326 -56.39 12.06 -18.61
C LEU K 326 -57.24 12.16 -17.36
N ARG K 327 -58.39 12.85 -17.44
CA ARG K 327 -59.29 12.94 -16.30
C ARG K 327 -59.99 11.61 -16.05
N LEU K 328 -60.57 11.02 -17.10
CA LEU K 328 -61.31 9.77 -16.92
C LEU K 328 -60.40 8.63 -16.50
N TRP K 329 -59.26 8.47 -17.17
CA TRP K 329 -58.30 7.41 -16.85
C TRP K 329 -56.93 8.06 -16.69
N PRO K 330 -56.63 8.57 -15.50
CA PRO K 330 -55.30 9.13 -15.25
C PRO K 330 -54.26 8.03 -15.34
N THR K 331 -53.37 8.15 -16.33
CA THR K 331 -52.40 7.10 -16.61
C THR K 331 -51.49 6.86 -15.41
N ALA K 332 -51.18 7.93 -14.68
CA ALA K 332 -50.61 7.83 -13.34
C ALA K 332 -51.75 7.91 -12.34
N PRO K 333 -52.19 6.77 -11.79
CA PRO K 333 -53.46 6.74 -11.06
C PRO K 333 -53.37 7.10 -9.58
N ALA K 334 -52.17 7.24 -9.02
CA ALA K 334 -52.07 7.53 -7.61
C ALA K 334 -50.74 8.21 -7.30
N PHE K 335 -50.73 8.96 -6.22
CA PHE K 335 -49.49 9.37 -5.58
C PHE K 335 -49.69 9.32 -4.07
N SER K 336 -48.59 9.05 -3.37
CA SER K 336 -48.62 8.86 -1.93
C SER K 336 -47.84 9.96 -1.24
N LEU K 337 -48.28 10.30 -0.04
CA LEU K 337 -47.65 11.37 0.74
C LEU K 337 -47.60 10.95 2.21
N TYR K 338 -47.12 11.90 3.02
CA TYR K 338 -46.43 11.66 4.28
C TYR K 338 -46.72 12.84 5.18
N ALA K 339 -47.27 12.57 6.37
CA ALA K 339 -47.67 13.63 7.29
C ALA K 339 -46.45 14.13 8.05
N LYS K 340 -45.97 15.33 7.69
CA LYS K 340 -44.81 15.90 8.35
C LYS K 340 -45.06 16.13 9.84
N GLU K 341 -46.31 16.35 10.23
CA GLU K 341 -46.69 16.50 11.63
C GLU K 341 -48.06 15.88 11.83
N ASP K 342 -48.34 15.43 13.07
CA ASP K 342 -49.66 14.90 13.38
C ASP K 342 -50.73 15.95 13.07
N THR K 343 -51.83 15.51 12.44
CA THR K 343 -52.88 16.46 12.10
C THR K 343 -54.22 15.72 12.02
N VAL K 344 -55.27 16.47 11.69
CA VAL K 344 -56.61 15.94 11.51
C VAL K 344 -57.10 16.36 10.14
N ILE K 345 -57.77 15.45 9.45
CA ILE K 345 -58.29 15.63 8.09
C ILE K 345 -59.81 15.48 8.14
N GLY K 346 -60.51 16.26 7.30
CA GLY K 346 -61.95 16.21 7.25
C GLY K 346 -62.68 16.61 8.52
N GLY K 347 -61.95 17.18 9.47
CA GLY K 347 -62.47 17.51 10.77
C GLY K 347 -62.67 16.35 11.72
N LYS K 348 -62.48 15.10 11.28
CA LYS K 348 -62.65 13.99 12.21
C LYS K 348 -61.60 12.89 12.13
N TYR K 349 -60.84 12.75 11.04
CA TYR K 349 -59.96 11.58 10.91
C TYR K 349 -58.52 11.97 11.27
N PRO K 350 -57.91 11.38 12.30
CA PRO K 350 -56.55 11.77 12.68
C PRO K 350 -55.48 11.01 11.93
N ILE K 351 -54.38 11.71 11.64
CA ILE K 351 -53.24 11.14 10.93
C ILE K 351 -51.97 11.37 11.72
N LYS K 352 -51.29 10.26 12.00
CA LYS K 352 -50.05 10.24 12.74
C LYS K 352 -48.94 10.90 11.92
N LYS K 353 -47.79 11.05 12.57
CA LYS K 353 -46.68 11.82 12.01
C LYS K 353 -45.92 10.94 11.00
N GLY K 354 -46.49 10.84 9.81
CA GLY K 354 -45.79 10.27 8.67
C GLY K 354 -45.64 8.77 8.64
N GLU K 355 -45.79 8.08 9.77
CA GLU K 355 -45.84 6.62 9.74
C GLU K 355 -47.01 6.13 8.90
N ASP K 356 -48.04 6.96 8.73
CA ASP K 356 -49.15 6.67 7.83
C ASP K 356 -48.80 7.17 6.44
N ARG K 357 -48.89 6.28 5.46
CA ARG K 357 -48.73 6.64 4.05
C ARG K 357 -50.10 6.84 3.45
N ILE K 358 -50.26 7.90 2.66
CA ILE K 358 -51.57 8.31 2.15
C ILE K 358 -51.55 8.20 0.63
N SER K 359 -52.49 7.44 0.09
CA SER K 359 -52.61 7.23 -1.35
C SER K 359 -53.83 7.99 -1.86
N VAL K 360 -53.63 8.81 -2.89
CA VAL K 360 -54.73 9.52 -3.52
C VAL K 360 -55.26 8.71 -4.69
N LEU K 361 -56.56 8.44 -4.71
CA LEU K 361 -57.17 7.61 -5.76
C LEU K 361 -57.65 8.55 -6.87
N ILE K 362 -56.74 8.84 -7.80
CA ILE K 362 -56.99 9.91 -8.78
C ILE K 362 -58.20 9.64 -9.65
N PRO K 363 -58.50 8.42 -10.11
CA PRO K 363 -59.71 8.25 -10.94
C PRO K 363 -60.98 8.61 -10.22
N GLN K 364 -61.13 8.17 -8.97
CA GLN K 364 -62.32 8.50 -8.22
C GLN K 364 -62.39 10.00 -7.93
N LEU K 365 -61.26 10.61 -7.61
CA LEU K 365 -61.21 12.06 -7.44
C LEU K 365 -61.73 12.76 -8.70
N HIS K 366 -61.27 12.31 -9.86
CA HIS K 366 -61.74 12.87 -11.13
C HIS K 366 -63.19 12.53 -11.43
N ARG K 367 -63.78 11.57 -10.71
CA ARG K 367 -65.19 11.25 -10.87
C ARG K 367 -66.05 11.74 -9.72
N ASP K 368 -65.54 12.68 -8.91
CA ASP K 368 -66.28 13.22 -7.77
C ASP K 368 -67.40 14.14 -8.26
N LYS K 369 -68.65 13.74 -8.02
CA LYS K 369 -69.79 14.52 -8.51
C LYS K 369 -69.91 15.87 -7.82
N ASP K 370 -69.51 15.98 -6.55
CA ASP K 370 -69.61 17.27 -5.86
C ASP K 370 -68.79 18.35 -6.54
N ALA K 371 -67.66 17.98 -7.15
CA ALA K 371 -66.81 18.93 -7.84
C ALA K 371 -67.07 18.98 -9.34
N TRP K 372 -67.34 17.83 -9.96
CA TRP K 372 -67.34 17.75 -11.41
C TRP K 372 -68.74 17.80 -12.03
N GLY K 373 -69.79 17.53 -11.28
CA GLY K 373 -71.10 17.43 -11.88
C GLY K 373 -71.59 15.99 -11.93
N ASP K 374 -72.66 15.81 -12.70
CA ASP K 374 -73.40 14.55 -12.71
C ASP K 374 -72.86 13.56 -13.74
N ASN K 375 -72.57 14.01 -14.96
CA ASN K 375 -72.18 13.11 -16.05
C ASN K 375 -70.67 12.88 -16.06
N VAL K 376 -70.19 12.22 -15.00
CA VAL K 376 -68.75 12.10 -14.80
C VAL K 376 -68.16 11.08 -15.76
N GLU K 377 -68.92 10.03 -16.11
CA GLU K 377 -68.44 8.97 -16.96
C GLU K 377 -68.49 9.31 -18.45
N GLU K 378 -69.15 10.39 -18.82
CA GLU K 378 -69.19 10.78 -20.23
C GLU K 378 -67.87 11.40 -20.64
N PHE K 379 -67.49 11.17 -21.89
CA PHE K 379 -66.30 11.79 -22.46
C PHE K 379 -66.71 13.12 -23.08
N GLN K 380 -66.38 14.21 -22.39
CA GLN K 380 -66.74 15.56 -22.83
C GLN K 380 -65.52 16.46 -22.69
N PRO K 381 -64.71 16.59 -23.75
CA PRO K 381 -63.57 17.52 -23.69
C PRO K 381 -63.98 18.95 -23.36
N GLU K 382 -65.19 19.35 -23.75
CA GLU K 382 -65.69 20.70 -23.52
C GLU K 382 -65.78 21.05 -22.04
N ARG K 383 -65.66 20.06 -21.16
CA ARG K 383 -65.48 20.32 -19.73
C ARG K 383 -64.31 21.27 -19.46
N PHE K 384 -63.33 21.32 -20.35
CA PHE K 384 -62.17 22.19 -20.20
C PHE K 384 -62.24 23.40 -21.12
N GLU K 385 -63.38 23.60 -21.80
CA GLU K 385 -63.53 24.78 -22.64
C GLU K 385 -63.45 26.07 -21.84
N GLU K 386 -64.26 26.18 -20.80
CA GLU K 386 -64.09 27.25 -19.84
C GLU K 386 -62.84 26.95 -19.00
N LEU K 387 -61.79 27.73 -19.22
CA LEU K 387 -60.49 27.41 -18.62
C LEU K 387 -60.49 27.55 -17.10
N ASP K 388 -61.38 28.38 -16.54
CA ASP K 388 -61.31 28.71 -15.12
C ASP K 388 -62.46 28.13 -14.29
N LYS K 389 -63.41 27.44 -14.91
CA LYS K 389 -64.44 26.73 -14.16
C LYS K 389 -64.10 25.25 -13.98
N VAL K 390 -62.89 24.85 -14.35
CA VAL K 390 -62.40 23.50 -14.04
C VAL K 390 -62.22 23.37 -12.53
N PRO K 391 -62.80 22.35 -11.89
CA PRO K 391 -62.60 22.17 -10.45
C PRO K 391 -61.15 21.81 -10.17
N HIS K 392 -60.29 22.81 -10.08
CA HIS K 392 -58.85 22.60 -10.27
C HIS K 392 -58.25 21.70 -9.21
N HIS K 393 -58.85 21.64 -8.02
CA HIS K 393 -58.29 20.70 -7.05
C HIS K 393 -58.77 19.28 -7.27
N ALA K 394 -59.97 19.11 -7.80
CA ALA K 394 -60.45 17.78 -8.15
C ALA K 394 -59.79 17.23 -9.41
N TYR K 395 -58.73 17.89 -9.90
CA TYR K 395 -58.02 17.45 -11.11
C TYR K 395 -56.53 17.42 -10.79
N LYS K 396 -55.97 16.22 -10.51
CA LYS K 396 -54.56 16.09 -10.16
C LYS K 396 -53.86 14.95 -10.93
N PRO K 397 -53.96 14.94 -12.26
CA PRO K 397 -53.29 13.87 -13.02
C PRO K 397 -51.79 13.98 -13.00
N PHE K 398 -51.24 15.17 -12.73
CA PHE K 398 -49.83 15.46 -12.81
C PHE K 398 -49.22 15.66 -11.42
N GLY K 399 -49.81 15.05 -10.41
CA GLY K 399 -49.32 15.23 -9.07
C GLY K 399 -49.81 16.57 -8.50
N ASN K 400 -49.11 17.02 -7.48
CA ASN K 400 -49.52 18.20 -6.74
C ASN K 400 -48.33 19.08 -6.39
N GLY K 401 -48.54 20.39 -6.53
CA GLY K 401 -47.62 21.35 -5.96
C GLY K 401 -46.20 21.25 -6.46
N GLN K 402 -45.28 21.25 -5.50
CA GLN K 402 -43.85 21.35 -5.78
C GLN K 402 -43.30 20.13 -6.50
N ARG K 403 -43.85 18.95 -6.23
CA ARG K 403 -43.39 17.71 -6.85
C ARG K 403 -44.29 17.23 -7.97
N ALA K 404 -45.05 18.13 -8.59
CA ALA K 404 -45.87 17.74 -9.73
C ALA K 404 -44.99 17.39 -10.93
N CYS K 405 -45.62 16.84 -11.96
CA CYS K 405 -44.85 16.38 -13.12
C CYS K 405 -44.14 17.56 -13.78
N ILE K 406 -42.81 17.47 -13.84
CA ILE K 406 -42.03 18.50 -14.52
C ILE K 406 -42.23 18.41 -16.02
N GLY K 407 -42.56 17.23 -16.54
CA GLY K 407 -42.73 17.03 -17.96
C GLY K 407 -44.14 17.28 -18.45
N MET K 408 -44.95 17.99 -17.66
CA MET K 408 -46.34 18.25 -18.03
C MET K 408 -46.43 18.88 -19.42
N GLN K 409 -45.75 20.01 -19.62
CA GLN K 409 -45.81 20.64 -20.93
C GLN K 409 -45.17 19.74 -21.98
N PHE K 410 -44.07 19.09 -21.64
CA PHE K 410 -43.46 18.13 -22.56
C PHE K 410 -44.45 17.05 -22.96
N ALA K 411 -45.07 16.39 -21.97
CA ALA K 411 -45.98 15.28 -22.25
C ALA K 411 -47.18 15.74 -23.07
N LEU K 412 -47.82 16.82 -22.65
CA LEU K 412 -49.03 17.26 -23.34
C LEU K 412 -48.71 17.84 -24.71
N HIS K 413 -47.58 18.52 -24.86
CA HIS K 413 -47.13 19.01 -26.16
C HIS K 413 -46.90 17.84 -27.12
N GLU K 414 -46.14 16.84 -26.68
CA GLU K 414 -45.90 15.69 -27.54
C GLU K 414 -47.22 14.99 -27.90
N ALA K 415 -48.09 14.81 -26.91
CA ALA K 415 -49.35 14.13 -27.17
C ALA K 415 -50.22 14.90 -28.15
N THR K 416 -50.31 16.23 -27.98
CA THR K 416 -51.06 17.04 -28.92
C THR K 416 -50.48 16.91 -30.33
N LEU K 417 -49.14 17.03 -30.44
CA LEU K 417 -48.48 16.94 -31.74
C LEU K 417 -48.82 15.62 -32.42
N VAL K 418 -48.59 14.51 -31.72
CA VAL K 418 -48.79 13.19 -32.31
C VAL K 418 -50.26 12.95 -32.64
N MET K 419 -51.17 13.31 -31.74
CA MET K 419 -52.58 13.05 -32.00
C MET K 419 -53.09 13.86 -33.17
N GLY K 420 -52.73 15.14 -33.22
CA GLY K 420 -53.08 15.96 -34.36
C GLY K 420 -52.54 15.41 -35.65
N MET K 421 -51.28 14.96 -35.65
CA MET K 421 -50.67 14.43 -36.86
C MET K 421 -51.34 13.12 -37.29
N LEU K 422 -51.66 12.25 -36.34
CA LEU K 422 -52.36 11.01 -36.66
C LEU K 422 -53.70 11.30 -37.30
N LEU K 423 -54.45 12.25 -36.74
CA LEU K 423 -55.72 12.63 -37.37
C LEU K 423 -55.47 13.34 -38.69
N GLN K 424 -54.33 14.02 -38.81
CA GLN K 424 -53.93 14.66 -40.05
C GLN K 424 -53.82 13.67 -41.19
N HIS K 425 -53.19 12.53 -40.93
CA HIS K 425 -52.90 11.60 -42.02
C HIS K 425 -53.88 10.45 -42.15
N PHE K 426 -54.52 10.03 -41.07
CA PHE K 426 -55.16 8.72 -41.06
C PHE K 426 -56.62 8.78 -40.64
N GLU K 427 -57.37 7.83 -41.17
CA GLU K 427 -58.69 7.48 -40.68
C GLU K 427 -58.52 6.28 -39.76
N LEU K 428 -58.94 6.44 -38.50
CA LEU K 428 -58.74 5.42 -37.49
C LEU K 428 -60.02 4.59 -37.47
N ILE K 429 -59.90 3.27 -37.68
CA ILE K 429 -61.08 2.42 -37.80
C ILE K 429 -61.00 1.27 -36.82
N ASP K 430 -62.06 1.12 -36.01
CA ASP K 430 -62.24 0.03 -35.07
C ASP K 430 -62.90 -1.15 -35.77
N TYR K 431 -62.13 -2.21 -36.02
CA TYR K 431 -62.63 -3.32 -36.80
C TYR K 431 -63.17 -4.46 -35.94
N GLN K 432 -62.63 -4.68 -34.75
CA GLN K 432 -63.08 -5.76 -33.89
C GLN K 432 -64.06 -5.29 -32.82
N ASN K 433 -64.49 -4.03 -32.87
CA ASN K 433 -65.29 -3.40 -31.83
C ASN K 433 -64.64 -3.58 -30.46
N TYR K 434 -63.50 -2.88 -30.32
CA TYR K 434 -62.65 -3.06 -29.14
C TYR K 434 -63.42 -2.80 -27.87
N GLN K 435 -63.22 -3.67 -26.89
CA GLN K 435 -63.86 -3.55 -25.59
C GLN K 435 -62.78 -3.16 -24.58
N LEU K 436 -62.93 -1.99 -23.97
CA LEU K 436 -61.85 -1.43 -23.16
C LEU K 436 -61.52 -2.36 -22.01
N ASP K 437 -60.23 -2.63 -21.84
CA ASP K 437 -59.72 -3.40 -20.72
C ASP K 437 -58.54 -2.64 -20.16
N VAL K 438 -58.74 -2.04 -18.99
CA VAL K 438 -57.71 -1.18 -18.39
C VAL K 438 -56.71 -2.10 -17.69
N LYS K 439 -55.53 -2.24 -18.28
CA LYS K 439 -54.45 -2.95 -17.62
C LYS K 439 -53.57 -1.96 -16.87
N GLN K 440 -52.96 -2.45 -15.80
CA GLN K 440 -52.13 -1.63 -14.92
C GLN K 440 -50.82 -2.32 -14.68
N THR K 441 -49.72 -1.63 -14.97
CA THR K 441 -48.41 -2.04 -14.53
C THR K 441 -48.07 -1.14 -13.34
N LEU K 442 -47.16 -0.20 -13.55
CA LEU K 442 -47.05 0.93 -12.64
C LEU K 442 -48.03 2.03 -13.04
N THR K 443 -48.38 2.08 -14.32
CA THR K 443 -49.31 3.05 -14.88
C THR K 443 -50.48 2.32 -15.51
N LEU K 444 -51.51 3.08 -15.86
CA LEU K 444 -52.66 2.51 -16.56
C LEU K 444 -52.47 2.63 -18.06
N LYS K 445 -52.95 1.61 -18.77
CA LYS K 445 -52.97 1.65 -20.23
C LYS K 445 -54.11 0.79 -20.72
N PRO K 446 -54.59 1.01 -21.95
CA PRO K 446 -55.51 0.05 -22.55
C PRO K 446 -54.77 -1.21 -22.98
N GLY K 447 -55.35 -2.36 -22.67
CA GLY K 447 -54.75 -3.64 -22.99
C GLY K 447 -55.38 -4.20 -24.27
N ASP K 448 -54.54 -4.82 -25.10
CA ASP K 448 -54.98 -5.48 -26.32
C ASP K 448 -55.70 -4.51 -27.25
N PHE K 449 -55.13 -3.32 -27.41
CA PHE K 449 -55.81 -2.25 -28.14
C PHE K 449 -55.23 -2.24 -29.56
N LYS K 450 -55.99 -2.79 -30.51
CA LYS K 450 -55.56 -2.90 -31.89
C LYS K 450 -56.61 -2.28 -32.78
N ILE K 451 -56.19 -1.54 -33.81
CA ILE K 451 -57.10 -0.90 -34.75
C ILE K 451 -56.57 -1.13 -36.17
N ARG K 452 -57.36 -0.68 -37.15
CA ARG K 452 -56.92 -0.62 -38.53
C ARG K 452 -56.90 0.83 -38.99
N ILE K 453 -56.22 1.07 -40.10
CA ILE K 453 -55.89 2.42 -40.55
C ILE K 453 -56.22 2.56 -42.03
N LEU K 454 -56.69 3.73 -42.41
CA LEU K 454 -56.82 4.11 -43.81
C LEU K 454 -56.19 5.48 -44.02
N PRO K 455 -55.83 5.82 -45.26
CA PRO K 455 -55.39 7.19 -45.55
C PRO K 455 -56.55 8.07 -46.03
N ARG K 456 -56.47 9.34 -45.66
CA ARG K 456 -57.56 10.28 -45.90
C ARG K 456 -57.51 10.88 -47.30
N ILE L 8 55.04 39.24 71.36
CA ILE L 8 55.11 40.56 70.73
C ILE L 8 56.28 40.86 69.78
N PRO L 9 57.31 40.01 69.65
CA PRO L 9 58.25 40.23 68.56
C PRO L 9 57.49 40.17 67.24
N GLN L 10 57.83 41.09 66.34
CA GLN L 10 57.14 41.23 65.10
C GLN L 10 58.14 41.56 64.01
N PRO L 11 58.06 40.89 62.86
CA PRO L 11 58.94 41.24 61.74
C PRO L 11 58.58 42.61 61.20
N LYS L 12 59.35 43.08 60.22
CA LYS L 12 59.14 44.43 59.72
C LYS L 12 57.75 44.57 59.11
N THR L 13 57.00 45.57 59.57
CA THR L 13 55.70 45.89 59.01
C THR L 13 55.88 46.90 57.87
N TYR L 14 55.07 46.77 56.84
CA TYR L 14 55.19 47.60 55.63
C TYR L 14 53.87 48.32 55.37
N GLY L 15 53.54 49.27 56.25
CA GLY L 15 52.36 50.08 56.10
C GLY L 15 51.10 49.27 55.96
N PRO L 16 50.35 49.51 54.88
CA PRO L 16 49.08 48.78 54.71
C PRO L 16 49.28 47.29 54.57
N LEU L 17 50.44 46.87 54.08
CA LEU L 17 50.68 45.46 53.80
C LEU L 17 50.98 44.65 55.05
N GLY L 18 51.10 45.29 56.21
CA GLY L 18 51.51 44.58 57.42
C GLY L 18 52.86 43.96 57.17
N ASN L 19 53.03 42.72 57.63
CA ASN L 19 54.25 41.98 57.31
C ASN L 19 54.01 40.91 56.24
N LEU L 20 52.83 40.91 55.60
CA LEU L 20 52.55 39.89 54.60
C LEU L 20 53.57 39.83 53.47
N PRO L 21 54.27 40.94 53.07
CA PRO L 21 55.29 40.81 52.02
C PRO L 21 56.40 39.81 52.37
N LEU L 22 56.36 39.25 53.57
CA LEU L 22 57.33 38.25 54.01
C LEU L 22 56.79 36.84 53.92
N ILE L 23 55.58 36.66 53.37
CA ILE L 23 54.91 35.37 53.28
C ILE L 23 54.60 35.04 51.83
N ASP L 24 54.72 33.75 51.49
CA ASP L 24 54.16 33.19 50.26
C ASP L 24 52.78 32.66 50.64
N LYS L 25 51.74 33.39 50.22
CA LYS L 25 50.38 33.03 50.63
C LYS L 25 50.02 31.60 50.23
N ASP L 26 50.60 31.09 49.15
CA ASP L 26 50.35 29.71 48.73
C ASP L 26 51.09 28.69 49.58
N LYS L 27 52.06 29.10 50.40
CA LYS L 27 52.81 28.20 51.27
C LYS L 27 52.88 28.76 52.69
N PRO L 28 51.74 28.90 53.38
CA PRO L 28 51.76 29.57 54.68
C PRO L 28 52.59 28.87 55.75
N THR L 29 52.33 27.58 56.00
CA THR L 29 53.03 26.88 57.07
C THR L 29 54.54 26.97 56.88
N LEU L 30 55.02 26.59 55.69
CA LEU L 30 56.45 26.66 55.41
C LEU L 30 56.97 28.09 55.57
N SER L 31 56.21 29.08 55.11
CA SER L 31 56.62 30.47 55.29
C SER L 31 56.82 30.79 56.77
N PHE L 32 55.87 30.37 57.61
CA PHE L 32 56.02 30.63 59.03
C PHE L 32 57.28 29.98 59.56
N ILE L 33 57.60 28.78 59.08
CA ILE L 33 58.82 28.11 59.52
C ILE L 33 60.01 29.02 59.26
N LYS L 34 60.08 29.59 58.06
CA LYS L 34 61.17 30.51 57.77
C LYS L 34 61.21 31.63 58.79
N ILE L 35 60.06 32.31 58.98
CA ILE L 35 60.02 33.41 59.92
C ILE L 35 60.34 32.95 61.32
N ALA L 36 60.00 31.70 61.65
CA ALA L 36 60.34 31.21 62.97
C ALA L 36 61.85 31.22 63.17
N GLU L 37 62.58 30.64 62.22
CA GLU L 37 64.03 30.64 62.36
C GLU L 37 64.61 32.06 62.39
N GLU L 38 63.89 33.04 61.86
CA GLU L 38 64.42 34.39 61.96
C GLU L 38 64.08 35.02 63.32
N TYR L 39 62.87 34.77 63.84
CA TYR L 39 62.38 35.56 64.96
C TYR L 39 62.10 34.78 66.23
N GLY L 40 62.33 33.47 66.26
CA GLY L 40 62.34 32.73 67.49
C GLY L 40 61.03 32.06 67.88
N PRO L 41 60.90 31.74 69.19
CA PRO L 41 59.83 30.83 69.63
C PRO L 41 58.43 31.41 69.64
N ILE L 42 58.26 32.73 69.54
CA ILE L 42 56.93 33.32 69.43
C ILE L 42 57.07 34.61 68.65
N PHE L 43 56.17 34.83 67.70
CA PHE L 43 56.19 36.07 66.95
C PHE L 43 54.78 36.42 66.49
N GLN L 44 54.66 37.63 65.95
CA GLN L 44 53.37 38.19 65.58
C GLN L 44 53.39 38.58 64.10
N ILE L 45 52.29 38.29 63.42
CA ILE L 45 52.17 38.51 61.99
C ILE L 45 50.95 39.39 61.75
N GLN L 46 51.16 40.52 61.09
CA GLN L 46 50.10 41.47 60.76
C GLN L 46 49.69 41.33 59.31
N THR L 47 48.41 41.03 59.07
CA THR L 47 47.90 40.98 57.71
C THR L 47 47.18 42.29 57.40
N LEU L 48 46.50 42.34 56.25
CA LEU L 48 45.74 43.51 55.88
C LEU L 48 44.60 43.79 56.86
N SER L 49 44.07 42.74 57.51
CA SER L 49 42.84 42.88 58.32
C SER L 49 43.00 42.52 59.79
N ASP L 50 43.91 41.61 60.15
CA ASP L 50 43.93 41.04 61.49
C ASP L 50 45.38 40.71 61.86
N THR L 51 45.54 40.06 63.01
CA THR L 51 46.83 39.67 63.54
C THR L 51 46.83 38.21 63.96
N ILE L 52 47.96 37.53 63.74
CA ILE L 52 48.14 36.14 64.13
C ILE L 52 49.34 36.09 65.07
N ILE L 53 49.23 35.29 66.13
CA ILE L 53 50.34 35.03 67.03
C ILE L 53 50.80 33.60 66.79
N VAL L 54 52.03 33.44 66.35
CA VAL L 54 52.60 32.14 66.02
C VAL L 54 53.54 31.74 67.13
N VAL L 55 53.22 30.63 67.80
CA VAL L 55 53.99 30.09 68.90
C VAL L 55 54.65 28.79 68.44
N SER L 56 55.93 28.63 68.77
CA SER L 56 56.72 27.48 68.35
C SER L 56 57.64 26.91 69.42
N GLY L 57 57.96 27.66 70.48
CA GLY L 57 58.79 27.13 71.54
C GLY L 57 58.01 26.18 72.44
N HIS L 58 58.68 25.10 72.84
CA HIS L 58 58.00 23.99 73.50
C HIS L 58 57.33 24.37 74.82
N GLU L 59 57.99 25.19 75.64
CA GLU L 59 57.33 25.52 76.91
C GLU L 59 56.27 26.60 76.73
N LEU L 60 56.46 27.52 75.78
CA LEU L 60 55.37 28.43 75.43
C LEU L 60 54.16 27.66 74.92
N VAL L 61 54.40 26.64 74.10
CA VAL L 61 53.32 25.80 73.59
C VAL L 61 52.65 25.05 74.73
N ALA L 62 53.45 24.51 75.66
CA ALA L 62 52.88 23.81 76.81
C ALA L 62 51.99 24.73 77.62
N GLU L 63 52.37 26.00 77.72
CA GLU L 63 51.58 26.98 78.45
C GLU L 63 50.30 27.34 77.75
N VAL L 64 50.35 27.53 76.42
CA VAL L 64 49.14 27.88 75.68
C VAL L 64 48.17 26.71 75.53
N CYS L 65 48.63 25.46 75.70
CA CYS L 65 47.69 24.36 75.62
C CYS L 65 46.98 24.11 76.93
N ASP L 66 47.26 24.89 77.98
CA ASP L 66 46.54 24.77 79.23
C ASP L 66 45.10 25.24 79.02
N GLU L 67 44.16 24.33 79.24
CA GLU L 67 42.75 24.53 78.92
C GLU L 67 42.07 25.54 79.82
N THR L 68 42.64 25.78 81.01
CA THR L 68 42.02 26.74 81.93
C THR L 68 42.01 28.14 81.32
N ARG L 69 43.03 28.45 80.53
CA ARG L 69 43.26 29.78 80.00
C ARG L 69 42.94 29.91 78.52
N PHE L 70 42.98 28.81 77.76
CA PHE L 70 42.84 28.89 76.31
C PHE L 70 41.92 27.80 75.81
N ASP L 71 41.22 28.09 74.72
CA ASP L 71 40.27 27.20 74.10
C ASP L 71 40.58 27.10 72.61
N LYS L 72 40.00 26.11 71.95
CA LYS L 72 40.24 25.93 70.52
C LYS L 72 39.53 27.03 69.73
N SER L 73 40.29 27.79 68.95
CA SER L 73 39.77 28.84 68.10
C SER L 73 39.37 28.30 66.75
N ILE L 74 38.40 28.97 66.12
CA ILE L 74 38.02 28.68 64.74
C ILE L 74 38.72 29.76 63.93
N GLU L 75 39.92 29.44 63.46
CA GLU L 75 40.87 30.48 63.10
C GLU L 75 40.37 31.33 61.95
N GLY L 76 39.74 30.71 60.97
CA GLY L 76 39.72 31.30 59.65
C GLY L 76 39.49 30.16 58.70
N ALA L 77 40.56 29.43 58.41
CA ALA L 77 40.42 28.24 57.57
C ALA L 77 39.37 27.32 58.14
N LEU L 78 39.37 27.14 59.46
CA LEU L 78 38.35 26.30 60.09
C LEU L 78 36.97 26.96 59.99
N ALA L 79 36.93 28.30 60.05
CA ALA L 79 35.68 29.02 59.88
C ALA L 79 35.13 28.84 58.46
N LYS L 80 35.98 28.94 57.45
CA LYS L 80 35.53 28.70 56.08
C LYS L 80 35.14 27.25 55.86
N VAL L 81 35.74 26.32 56.63
CA VAL L 81 35.33 24.92 56.54
C VAL L 81 33.96 24.71 57.17
N ARG L 82 33.64 25.51 58.19
CA ARG L 82 32.35 25.40 58.87
C ARG L 82 31.17 25.53 57.90
N ALA L 83 31.34 26.30 56.81
CA ALA L 83 30.23 26.55 55.89
C ALA L 83 29.53 25.27 55.47
N PHE L 84 30.28 24.19 55.24
CA PHE L 84 29.69 22.89 54.94
C PHE L 84 29.94 21.84 56.00
N ALA L 85 30.86 22.07 56.94
CA ALA L 85 31.01 21.18 58.07
C ALA L 85 30.09 21.56 59.22
N GLY L 86 29.56 22.79 59.21
CA GLY L 86 28.59 23.21 60.20
C GLY L 86 29.13 23.14 61.61
N ASP L 87 28.30 22.65 62.51
CA ASP L 87 28.68 22.48 63.92
C ASP L 87 29.02 21.03 64.25
N GLY L 88 29.89 20.40 63.46
CA GLY L 88 30.33 19.06 63.79
C GLY L 88 31.49 19.16 64.76
N LEU L 89 32.05 18.00 65.12
CA LEU L 89 33.13 18.04 66.10
C LEU L 89 34.27 18.94 65.65
N PHE L 90 34.48 19.07 64.34
CA PHE L 90 35.64 19.82 63.87
C PHE L 90 35.42 21.33 63.93
N THR L 91 34.22 21.81 63.57
CA THR L 91 33.99 23.22 63.26
C THR L 91 33.02 23.92 64.22
N SER L 92 32.74 23.34 65.38
CA SER L 92 31.85 23.96 66.36
C SER L 92 32.66 24.56 67.50
N GLU L 93 32.16 25.64 68.07
CA GLU L 93 32.81 26.20 69.24
C GLU L 93 32.60 25.32 70.46
N THR L 94 33.59 25.34 71.35
CA THR L 94 33.56 24.42 72.49
C THR L 94 32.35 24.66 73.38
N HIS L 95 31.91 25.91 73.54
CA HIS L 95 30.76 26.21 74.37
C HIS L 95 29.45 25.79 73.72
N GLU L 96 29.46 25.46 72.43
CA GLU L 96 28.21 25.11 71.77
C GLU L 96 27.72 23.76 72.29
N PRO L 97 26.41 23.62 72.51
CA PRO L 97 25.89 22.39 73.14
C PRO L 97 26.24 21.16 72.33
N ASN L 98 26.15 21.30 71.01
CA ASN L 98 26.29 20.18 70.10
C ASN L 98 27.67 19.54 70.21
N TRP L 99 28.69 20.31 70.61
CA TRP L 99 30.01 19.72 70.80
C TRP L 99 30.02 18.73 71.95
N LYS L 100 29.65 19.20 73.15
CA LYS L 100 29.53 18.30 74.30
C LYS L 100 28.69 17.09 73.94
N LYS L 101 27.58 17.33 73.25
CA LYS L 101 26.63 16.31 72.84
C LYS L 101 27.29 15.19 72.06
N ALA L 102 27.81 15.52 70.85
CA ALA L 102 28.40 14.51 69.99
C ALA L 102 29.70 13.93 70.55
N HIS L 103 30.48 14.74 71.26
CA HIS L 103 31.70 14.23 71.88
C HIS L 103 31.38 13.13 72.87
N ASN L 104 30.43 13.38 73.79
CA ASN L 104 29.99 12.32 74.71
C ASN L 104 29.39 11.14 73.95
N ILE L 105 28.65 11.41 72.87
CA ILE L 105 27.98 10.32 72.16
C ILE L 105 28.98 9.33 71.57
N LEU L 106 29.97 9.82 70.83
CA LEU L 106 30.77 8.92 70.00
C LEU L 106 32.21 8.67 70.45
N MET L 107 32.69 9.37 71.49
CA MET L 107 34.07 9.15 71.90
C MET L 107 34.40 7.69 72.22
N PRO L 108 33.58 6.93 72.96
CA PRO L 108 33.93 5.52 73.19
C PRO L 108 34.06 4.72 71.91
N THR L 109 33.35 5.12 70.86
CA THR L 109 33.41 4.47 69.56
C THR L 109 34.78 4.62 68.92
N PHE L 110 35.58 5.60 69.37
CA PHE L 110 36.91 5.86 68.84
C PHE L 110 38.01 5.39 69.77
N SER L 111 37.67 4.63 70.81
CA SER L 111 38.68 4.05 71.68
C SER L 111 39.49 2.99 70.92
N GLN L 112 40.70 2.73 71.42
CA GLN L 112 41.61 1.84 70.71
C GLN L 112 41.01 0.46 70.49
N ARG L 113 40.48 -0.15 71.57
CA ARG L 113 39.93 -1.48 71.41
C ARG L 113 38.66 -1.50 70.58
N ALA L 114 37.97 -0.36 70.48
CA ALA L 114 36.81 -0.27 69.61
C ALA L 114 37.19 -0.31 68.13
N MET L 115 38.44 0.02 67.80
CA MET L 115 38.89 -0.01 66.42
C MET L 115 38.83 -1.42 65.83
N LYS L 116 38.94 -2.44 66.70
CA LYS L 116 38.81 -3.81 66.24
C LYS L 116 37.46 -4.06 65.58
N ASP L 117 36.44 -3.29 65.97
CA ASP L 117 35.14 -3.39 65.31
C ASP L 117 35.20 -2.97 63.85
N TYR L 118 36.08 -2.03 63.52
CA TYR L 118 36.25 -1.51 62.16
C TYR L 118 37.32 -2.28 61.38
N HIS L 119 38.13 -3.07 62.07
CA HIS L 119 39.29 -3.70 61.45
C HIS L 119 38.94 -4.43 60.15
N ALA L 120 37.85 -5.20 60.15
CA ALA L 120 37.46 -5.95 58.96
C ALA L 120 37.28 -5.04 57.74
N MET L 121 36.52 -3.96 57.90
CA MET L 121 36.30 -3.03 56.78
C MET L 121 37.61 -2.40 56.33
N MET L 122 38.45 -2.03 57.30
CA MET L 122 39.76 -1.47 56.96
C MET L 122 40.56 -2.43 56.09
N VAL L 123 40.67 -3.70 56.52
CA VAL L 123 41.42 -4.68 55.75
C VAL L 123 40.81 -4.89 54.37
N ASP L 124 39.47 -4.87 54.27
CA ASP L 124 38.82 -4.97 52.97
C ASP L 124 39.37 -3.92 52.01
N ILE L 125 39.27 -2.64 52.41
CA ILE L 125 39.71 -1.57 51.51
C ILE L 125 41.21 -1.69 51.26
N ALA L 126 41.96 -2.11 52.29
CA ALA L 126 43.39 -2.32 52.13
C ALA L 126 43.70 -3.35 51.06
N VAL L 127 43.00 -4.49 51.09
CA VAL L 127 43.20 -5.51 50.07
C VAL L 127 42.89 -4.95 48.69
N GLN L 128 41.86 -4.11 48.58
CA GLN L 128 41.60 -3.48 47.29
C GLN L 128 42.84 -2.74 46.81
N LEU L 129 43.45 -1.94 47.68
CA LEU L 129 44.67 -1.23 47.33
C LEU L 129 45.79 -2.20 46.92
N VAL L 130 45.98 -3.26 47.72
CA VAL L 130 47.06 -4.20 47.46
C VAL L 130 46.91 -4.84 46.09
N GLN L 131 45.69 -5.29 45.75
CA GLN L 131 45.45 -5.90 44.44
C GLN L 131 45.65 -4.91 43.31
N LYS L 132 45.18 -3.67 43.49
CA LYS L 132 45.44 -2.64 42.49
C LYS L 132 46.93 -2.55 42.21
N TRP L 133 47.73 -2.45 43.28
CA TRP L 133 49.18 -2.40 43.10
C TRP L 133 49.71 -3.70 42.51
N ALA L 134 49.03 -4.82 42.78
CA ALA L 134 49.48 -6.10 42.28
C ALA L 134 49.34 -6.21 40.76
N ARG L 135 48.40 -5.46 40.18
CA ARG L 135 48.15 -5.57 38.74
C ARG L 135 48.96 -4.59 37.90
N LEU L 136 49.98 -3.96 38.46
CA LEU L 136 50.76 -3.00 37.71
C LEU L 136 51.72 -3.70 36.75
N ASN L 137 52.08 -2.99 35.70
CA ASN L 137 53.04 -3.47 34.72
C ASN L 137 54.46 -3.20 35.22
N PRO L 138 55.47 -3.81 34.60
CA PRO L 138 56.85 -3.63 35.10
C PRO L 138 57.26 -2.18 35.30
N ASN L 139 56.81 -1.29 34.43
CA ASN L 139 57.22 0.11 34.49
C ASN L 139 56.08 1.06 34.78
N GLU L 140 54.87 0.55 35.06
CA GLU L 140 53.77 1.43 35.43
C GLU L 140 54.00 2.01 36.82
N ASN L 141 53.60 3.27 36.97
CA ASN L 141 53.82 4.02 38.20
C ASN L 141 52.57 4.05 39.07
N VAL L 142 52.80 4.20 40.36
CA VAL L 142 51.75 4.48 41.33
C VAL L 142 51.97 5.91 41.79
N ASP L 143 50.89 6.64 41.96
CA ASP L 143 50.96 7.95 42.56
C ASP L 143 50.58 7.77 44.03
N VAL L 144 51.58 7.88 44.91
CA VAL L 144 51.34 7.54 46.32
C VAL L 144 50.25 8.41 46.93
N PRO L 145 50.24 9.74 46.76
CA PRO L 145 49.18 10.53 47.40
C PRO L 145 47.78 10.13 46.94
N GLU L 146 47.56 9.99 45.63
CA GLU L 146 46.20 9.72 45.15
C GLU L 146 45.70 8.36 45.61
N ASP L 147 46.56 7.33 45.56
CA ASP L 147 46.09 6.01 45.94
C ASP L 147 45.89 5.90 47.44
N MET L 148 46.79 6.50 48.23
CA MET L 148 46.57 6.51 49.68
C MET L 148 45.30 7.27 50.01
N THR L 149 45.00 8.32 49.24
CA THR L 149 43.76 9.08 49.45
C THR L 149 42.53 8.25 49.11
N ARG L 150 42.61 7.49 48.01
CA ARG L 150 41.55 6.52 47.69
C ARG L 150 41.27 5.63 48.87
N LEU L 151 42.34 5.02 49.40
CA LEU L 151 42.22 4.11 50.52
C LEU L 151 41.56 4.80 51.72
N THR L 152 42.06 5.99 52.07
CA THR L 152 41.60 6.64 53.29
C THR L 152 40.15 7.08 53.18
N LEU L 153 39.79 7.65 52.02
CA LEU L 153 38.42 8.11 51.82
C LEU L 153 37.45 6.95 51.85
N ASP L 154 37.76 5.88 51.13
CA ASP L 154 36.85 4.73 51.12
C ASP L 154 36.77 4.09 52.50
N THR L 155 37.89 4.04 53.24
CA THR L 155 37.84 3.48 54.58
C THR L 155 36.91 4.30 55.48
N ILE L 156 37.01 5.62 55.42
CA ILE L 156 36.12 6.42 56.26
C ILE L 156 34.67 6.21 55.85
N GLY L 157 34.40 6.20 54.54
CA GLY L 157 33.02 5.98 54.10
C GLY L 157 32.47 4.65 54.57
N LEU L 158 33.24 3.58 54.37
CA LEU L 158 32.77 2.24 54.73
C LEU L 158 32.64 2.08 56.23
N CYS L 159 33.68 2.43 56.99
CA CYS L 159 33.63 2.25 58.43
C CYS L 159 32.58 3.14 59.09
N GLY L 160 32.38 4.34 58.56
CA GLY L 160 31.47 5.26 59.21
C GLY L 160 30.02 5.08 58.83
N PHE L 161 29.78 4.82 57.55
CA PHE L 161 28.45 4.89 56.98
C PHE L 161 28.17 3.70 56.09
N ASN L 162 29.06 2.69 56.11
CA ASN L 162 28.87 1.45 55.37
C ASN L 162 28.59 1.75 53.90
N TYR L 163 29.27 2.77 53.38
CA TYR L 163 29.12 3.24 52.01
C TYR L 163 30.44 3.08 51.28
N ARG L 164 30.40 2.49 50.10
CA ARG L 164 31.59 2.30 49.27
C ARG L 164 31.65 3.38 48.22
N PHE L 165 32.65 4.26 48.34
CA PHE L 165 32.94 5.22 47.29
C PHE L 165 33.47 4.53 46.04
N ASN L 166 34.03 3.33 46.20
CA ASN L 166 34.61 2.56 45.11
C ASN L 166 35.66 3.41 44.39
N SER L 167 36.51 4.06 45.20
CA SER L 167 37.51 4.97 44.65
C SER L 167 38.51 4.24 43.77
N PHE L 168 38.74 2.96 44.03
CA PHE L 168 39.69 2.22 43.21
C PHE L 168 39.10 1.78 41.88
N TYR L 169 37.79 1.99 41.66
CA TYR L 169 37.14 1.67 40.41
C TYR L 169 37.08 2.86 39.46
N ARG L 170 37.89 3.90 39.72
CA ARG L 170 37.95 5.08 38.87
C ARG L 170 39.40 5.50 38.70
N GLU L 171 39.70 6.11 37.56
CA GLU L 171 40.98 6.79 37.37
C GLU L 171 40.90 8.27 37.72
N THR L 172 39.73 8.90 37.51
CA THR L 172 39.50 10.29 37.89
C THR L 172 38.77 10.36 39.23
N PRO L 173 39.28 11.13 40.19
CA PRO L 173 38.70 11.17 41.54
C PRO L 173 37.21 11.50 41.62
N HIS L 174 36.61 11.00 42.70
CA HIS L 174 35.18 11.09 43.01
C HIS L 174 34.72 12.55 43.10
N PRO L 175 33.39 12.81 42.90
CA PRO L 175 32.86 14.17 43.07
C PRO L 175 33.33 14.92 44.31
N PHE L 176 33.76 14.24 45.37
CA PHE L 176 34.36 14.93 46.51
C PHE L 176 35.67 15.62 46.09
N ILE L 177 36.00 15.54 44.79
CA ILE L 177 36.96 16.46 44.20
C ILE L 177 36.53 17.90 44.42
N THR L 178 35.21 18.16 44.30
CA THR L 178 34.65 19.46 44.65
C THR L 178 34.95 19.82 46.10
N SER L 179 35.22 18.83 46.93
CA SER L 179 35.71 19.10 48.28
C SER L 179 36.97 19.96 48.24
N MET L 180 37.93 19.61 47.37
CA MET L 180 39.10 20.46 47.16
C MET L 180 38.72 21.80 46.51
N THR L 181 37.61 21.85 45.77
CA THR L 181 37.17 23.14 45.25
C THR L 181 36.46 23.96 46.32
N ARG L 182 35.73 23.30 47.23
CA ARG L 182 35.15 23.97 48.39
C ARG L 182 36.20 24.37 49.41
N ALA L 183 37.48 24.25 49.06
CA ALA L 183 38.57 24.68 49.92
C ALA L 183 38.56 26.20 50.03
N ILE L 212 29.98 20.82 45.98
CA ILE L 212 29.75 21.99 46.82
C ILE L 212 28.39 21.80 47.51
N GLN L 213 27.30 22.28 46.91
CA GLN L 213 25.99 21.86 47.35
C GLN L 213 25.77 20.37 47.11
N SER L 214 26.63 19.76 46.30
CA SER L 214 26.59 18.33 45.96
C SER L 214 27.02 17.43 47.11
N MET L 215 27.89 17.91 48.00
CA MET L 215 28.24 17.09 49.17
C MET L 215 27.01 16.73 49.97
N PHE L 216 26.11 17.70 50.15
CA PHE L 216 24.86 17.42 50.82
C PHE L 216 24.06 16.35 50.09
N SER L 217 24.26 16.20 48.77
CA SER L 217 23.50 15.21 48.02
C SER L 217 23.84 13.77 48.44
N LEU L 218 25.13 13.40 48.37
CA LEU L 218 25.53 12.06 48.81
C LEU L 218 25.25 11.88 50.30
N VAL L 219 25.47 12.94 51.06
CA VAL L 219 25.21 12.87 52.49
C VAL L 219 23.74 12.55 52.75
N ASP L 220 22.84 13.19 52.00
CA ASP L 220 21.40 12.96 52.14
C ASP L 220 20.99 11.57 51.69
N ASN L 221 21.66 11.02 50.66
CA ASN L 221 21.41 9.63 50.29
C ASN L 221 21.65 8.70 51.48
N ILE L 222 22.86 8.79 52.05
CA ILE L 222 23.17 7.95 53.21
C ILE L 222 22.23 8.25 54.38
N ILE L 223 21.80 9.50 54.52
CA ILE L 223 20.85 9.87 55.58
C ILE L 223 19.54 9.15 55.38
N ALA L 224 19.08 9.08 54.14
CA ALA L 224 17.76 8.52 53.86
C ALA L 224 17.73 7.02 54.13
N GLU L 225 18.70 6.27 53.60
CA GLU L 225 18.50 4.82 53.51
C GLU L 225 18.28 4.18 54.89
N ARG L 226 19.11 4.49 55.87
CA ARG L 226 18.97 3.84 57.18
C ARG L 226 17.84 4.44 58.00
N ASP L 236 26.98 0.82 61.90
CA ASP L 236 27.50 0.77 63.26
C ASP L 236 27.95 2.15 63.73
N LEU L 237 28.73 2.88 62.92
CA LEU L 237 29.10 4.24 63.32
C LEU L 237 27.92 5.19 63.15
N LEU L 238 27.23 5.13 62.02
CA LEU L 238 25.98 5.88 61.93
C LEU L 238 24.93 5.30 62.86
N SER L 239 25.04 4.01 63.19
CA SER L 239 24.19 3.45 64.23
C SER L 239 24.58 4.00 65.60
N ARG L 240 25.88 4.01 65.92
CA ARG L 240 26.32 4.52 67.21
C ARG L 240 26.00 6.00 67.37
N MET L 241 25.91 6.72 66.26
CA MET L 241 25.43 8.10 66.31
C MET L 241 23.90 8.15 66.37
N LEU L 242 23.24 7.17 65.77
CA LEU L 242 21.82 7.25 65.43
C LEU L 242 20.89 6.75 66.51
N ASN L 243 21.38 5.92 67.46
CA ASN L 243 20.50 5.33 68.46
C ASN L 243 20.96 5.58 69.90
N VAL L 244 22.08 6.25 70.12
CA VAL L 244 22.56 6.54 71.47
C VAL L 244 21.94 7.84 71.95
N PRO L 245 21.60 7.98 73.23
CA PRO L 245 21.27 9.32 73.75
C PRO L 245 22.46 9.96 74.45
N ASP L 246 22.49 11.29 74.49
CA ASP L 246 23.56 12.01 75.18
C ASP L 246 23.59 11.62 76.65
N PRO L 247 24.64 10.96 77.14
CA PRO L 247 24.64 10.51 78.55
C PRO L 247 24.40 11.63 79.56
N GLU L 248 24.67 12.88 79.20
CA GLU L 248 24.48 13.98 80.15
C GLU L 248 23.01 14.37 80.28
N THR L 249 22.38 14.74 79.16
CA THR L 249 20.99 15.19 79.16
C THR L 249 20.01 14.09 78.75
N GLY L 250 20.48 13.02 78.13
CA GLY L 250 19.59 12.01 77.61
C GLY L 250 19.06 12.31 76.22
N GLU L 251 19.54 13.38 75.59
CA GLU L 251 19.09 13.73 74.26
C GLU L 251 19.67 12.76 73.24
N LYS L 252 18.80 12.16 72.44
CA LYS L 252 19.23 11.15 71.48
C LYS L 252 20.26 11.73 70.50
N LEU L 253 19.87 12.77 69.77
CA LEU L 253 20.75 13.39 68.77
C LEU L 253 20.06 14.64 68.25
N ASP L 254 20.66 15.25 67.23
CA ASP L 254 20.04 16.22 66.34
C ASP L 254 19.86 15.60 64.98
N ASP L 255 18.98 16.20 64.15
CA ASP L 255 18.77 15.74 62.78
C ASP L 255 19.87 16.26 61.84
N GLU L 256 19.94 17.58 61.70
CA GLU L 256 20.90 18.19 60.79
C GLU L 256 22.35 17.96 61.25
N ASN L 257 22.52 17.88 62.57
CA ASN L 257 23.87 17.60 63.12
C ASN L 257 24.41 16.34 62.45
N ILE L 258 23.57 15.30 62.34
CA ILE L 258 24.07 14.05 61.78
C ILE L 258 24.80 14.32 60.48
N ARG L 259 24.16 15.06 59.57
CA ARG L 259 24.79 15.40 58.29
C ARG L 259 26.10 16.14 58.51
N PHE L 260 26.08 17.14 59.39
CA PHE L 260 27.30 17.91 59.63
C PHE L 260 28.42 17.01 60.15
N GLN L 261 28.09 16.09 61.05
CA GLN L 261 29.08 15.19 61.62
C GLN L 261 29.67 14.26 60.57
N ILE L 262 28.82 13.69 59.71
CA ILE L 262 29.29 12.72 58.75
C ILE L 262 30.22 13.36 57.72
N ILE L 263 29.82 14.53 57.19
CA ILE L 263 30.71 15.23 56.27
C ILE L 263 32.00 15.61 56.99
N THR L 264 31.90 15.99 58.27
CA THR L 264 33.08 16.33 59.04
C THR L 264 34.04 15.17 59.16
N PHE L 265 33.52 13.97 59.42
CA PHE L 265 34.36 12.79 59.51
C PHE L 265 35.10 12.54 58.21
N LEU L 266 34.38 12.59 57.08
CA LEU L 266 35.05 12.41 55.80
C LEU L 266 36.24 13.36 55.66
N ILE L 267 35.96 14.66 55.78
CA ILE L 267 36.98 15.71 55.66
C ILE L 267 38.15 15.40 56.60
N ALA L 268 37.87 15.42 57.91
CA ALA L 268 38.91 15.40 58.92
C ALA L 268 39.76 14.14 58.85
N GLY L 269 39.20 13.04 58.35
CA GLY L 269 40.02 11.84 58.36
C GLY L 269 40.87 11.66 57.12
N HIS L 270 40.24 11.74 55.94
CA HIS L 270 40.90 11.17 54.76
C HIS L 270 42.16 11.93 54.40
N GLU L 271 42.07 13.26 54.33
CA GLU L 271 43.21 14.05 53.86
C GLU L 271 44.41 13.90 54.80
N THR L 272 44.18 14.07 56.11
CA THR L 272 45.26 14.00 57.09
C THR L 272 45.93 12.62 57.07
N THR L 273 45.12 11.56 57.08
CA THR L 273 45.68 10.22 57.20
C THR L 273 46.40 9.80 55.92
N SER L 274 45.88 10.17 54.75
CA SER L 274 46.60 9.86 53.51
C SER L 274 47.91 10.63 53.43
N GLY L 275 47.93 11.88 53.90
CA GLY L 275 49.20 12.59 53.99
C GLY L 275 50.18 11.84 54.87
N LEU L 276 49.72 11.34 56.02
CA LEU L 276 50.58 10.53 56.87
C LEU L 276 51.11 9.31 56.11
N LEU L 277 50.23 8.60 55.41
CA LEU L 277 50.64 7.42 54.65
C LEU L 277 51.72 7.76 53.64
N SER L 278 51.52 8.86 52.91
CA SER L 278 52.49 9.26 51.89
C SER L 278 53.83 9.65 52.50
N PHE L 279 53.82 10.43 53.58
CA PHE L 279 55.07 10.84 54.21
C PHE L 279 55.81 9.64 54.80
N ALA L 280 55.08 8.69 55.38
CA ALA L 280 55.72 7.49 55.92
C ALA L 280 56.38 6.67 54.81
N ILE L 281 55.68 6.51 53.69
CA ILE L 281 56.28 5.82 52.55
C ILE L 281 57.54 6.55 52.08
N TYR L 282 57.48 7.87 52.00
CA TYR L 282 58.65 8.66 51.61
C TYR L 282 59.83 8.44 52.55
N PHE L 283 59.59 8.56 53.86
CA PHE L 283 60.67 8.47 54.83
C PHE L 283 61.30 7.08 54.82
N LEU L 284 60.48 6.04 54.72
CA LEU L 284 61.05 4.71 54.60
C LEU L 284 61.84 4.58 53.31
N LEU L 285 61.41 5.28 52.26
CA LEU L 285 62.09 5.25 50.98
C LEU L 285 63.45 5.95 51.00
N LYS L 286 63.65 6.97 51.84
CA LYS L 286 64.88 7.75 51.69
C LYS L 286 66.04 7.36 52.58
N ASN L 287 65.83 6.57 53.63
CA ASN L 287 66.91 6.07 54.47
C ASN L 287 66.71 4.58 54.71
N PRO L 288 67.37 3.74 53.91
CA PRO L 288 67.05 2.29 53.88
C PRO L 288 67.16 1.55 55.21
N ASP L 289 67.97 2.04 56.16
CA ASP L 289 68.18 1.29 57.41
C ASP L 289 66.86 1.03 58.15
N LYS L 290 66.09 2.10 58.37
CA LYS L 290 64.86 1.97 59.15
C LYS L 290 63.87 1.09 58.41
N LEU L 291 63.89 1.17 57.08
CA LEU L 291 63.05 0.33 56.24
C LEU L 291 63.42 -1.14 56.36
N LYS L 292 64.74 -1.43 56.41
CA LYS L 292 65.19 -2.81 56.62
C LYS L 292 64.64 -3.35 57.93
N LYS L 293 64.71 -2.55 58.99
CA LYS L 293 64.17 -2.98 60.28
C LYS L 293 62.67 -3.23 60.20
N ALA L 294 61.93 -2.28 59.61
CA ALA L 294 60.48 -2.44 59.45
C ALA L 294 60.16 -3.72 58.68
N TYR L 295 60.93 -4.00 57.63
CA TYR L 295 60.75 -5.23 56.86
C TYR L 295 60.87 -6.45 57.76
N GLU L 296 61.99 -6.54 58.48
CA GLU L 296 62.21 -7.68 59.36
C GLU L 296 61.05 -7.86 60.33
N GLU L 297 60.56 -6.75 60.90
CA GLU L 297 59.41 -6.86 61.82
C GLU L 297 58.19 -7.42 61.11
N VAL L 298 57.91 -6.93 59.89
CA VAL L 298 56.73 -7.39 59.18
C VAL L 298 56.82 -8.88 58.88
N ASP L 299 57.99 -9.33 58.41
CA ASP L 299 58.17 -10.75 58.13
C ASP L 299 58.01 -11.61 59.36
N ARG L 300 58.57 -11.17 60.49
CA ARG L 300 58.44 -11.97 61.72
C ARG L 300 57.01 -11.98 62.24
N VAL L 301 56.30 -10.87 62.12
CA VAL L 301 55.00 -10.74 62.76
C VAL L 301 53.85 -11.19 61.86
N LEU L 302 53.90 -10.88 60.57
CA LEU L 302 52.72 -11.03 59.70
C LEU L 302 52.95 -12.14 58.68
N THR L 303 52.49 -13.34 59.04
CA THR L 303 52.66 -14.52 58.21
C THR L 303 51.46 -14.83 57.34
N ASP L 304 50.27 -14.37 57.75
CA ASP L 304 49.04 -14.75 57.08
C ASP L 304 48.64 -13.73 56.03
N PRO L 305 47.75 -14.10 55.10
CA PRO L 305 47.32 -13.14 54.06
C PRO L 305 46.55 -11.95 54.60
N THR L 306 45.62 -12.14 55.53
CA THR L 306 44.87 -11.00 56.02
C THR L 306 45.16 -10.71 57.48
N PRO L 307 45.51 -9.47 57.81
CA PRO L 307 45.78 -9.10 59.21
C PRO L 307 44.54 -9.03 60.07
N THR L 308 44.72 -9.40 61.33
CA THR L 308 43.76 -9.19 62.40
C THR L 308 44.21 -8.04 63.28
N TYR L 309 43.28 -7.57 64.13
CA TYR L 309 43.60 -6.60 65.18
C TYR L 309 44.83 -7.01 65.97
N GLN L 310 44.86 -8.29 66.35
CA GLN L 310 45.91 -8.83 67.22
C GLN L 310 47.30 -8.59 66.65
N GLN L 311 47.47 -8.81 65.34
CA GLN L 311 48.81 -8.76 64.77
C GLN L 311 49.26 -7.36 64.37
N VAL L 312 48.35 -6.49 63.92
CA VAL L 312 48.79 -5.12 63.67
C VAL L 312 49.14 -4.43 64.98
N MET L 313 48.35 -4.67 66.04
CA MET L 313 48.72 -4.12 67.34
C MET L 313 50.05 -4.64 67.84
N LYS L 314 50.56 -5.72 67.23
CA LYS L 314 51.93 -6.17 67.47
C LYS L 314 52.96 -5.33 66.74
N LEU L 315 52.58 -4.64 65.66
CA LEU L 315 53.54 -3.94 64.80
C LEU L 315 53.94 -2.64 65.47
N LYS L 316 54.81 -2.78 66.48
CA LYS L 316 55.22 -1.62 67.27
C LYS L 316 56.11 -0.68 66.47
N TYR L 317 57.10 -1.23 65.76
CA TYR L 317 58.06 -0.38 65.05
C TYR L 317 57.40 0.38 63.92
N MET L 318 56.42 -0.21 63.24
CA MET L 318 55.71 0.52 62.19
C MET L 318 54.96 1.72 62.78
N ARG L 319 54.33 1.52 63.95
CA ARG L 319 53.69 2.65 64.62
C ARG L 319 54.72 3.71 65.00
N MET L 320 55.94 3.28 65.37
CA MET L 320 56.98 4.25 65.66
C MET L 320 57.44 5.00 64.41
N ILE L 321 57.50 4.30 63.28
CA ILE L 321 57.81 4.95 62.01
C ILE L 321 56.78 6.01 61.69
N LEU L 322 55.50 5.69 61.90
CA LEU L 322 54.44 6.66 61.67
C LEU L 322 54.57 7.84 62.63
N ASN L 323 54.91 7.55 63.89
CA ASN L 323 55.10 8.61 64.87
C ASN L 323 56.21 9.55 64.43
N GLU L 324 57.32 9.00 63.94
CA GLU L 324 58.44 9.86 63.54
C GLU L 324 58.12 10.65 62.27
N SER L 325 57.47 10.02 61.29
CA SER L 325 57.09 10.73 60.08
C SER L 325 56.13 11.87 60.39
N LEU L 326 55.15 11.63 61.28
CA LEU L 326 54.26 12.69 61.71
C LEU L 326 54.99 13.75 62.52
N ARG L 327 56.05 13.34 63.24
CA ARG L 327 56.87 14.31 63.95
C ARG L 327 57.51 15.29 62.98
N LEU L 328 58.10 14.77 61.90
CA LEU L 328 58.82 15.64 60.96
C LEU L 328 57.86 16.52 60.16
N TRP L 329 56.82 15.93 59.59
CA TRP L 329 55.85 16.66 58.77
C TRP L 329 54.45 16.35 59.27
N PRO L 330 53.99 17.05 60.31
CA PRO L 330 52.62 16.86 60.78
C PRO L 330 51.62 17.29 59.72
N THR L 331 50.84 16.32 59.24
CA THR L 331 49.90 16.62 58.15
C THR L 331 48.91 17.69 58.57
N ALA L 332 48.55 17.71 59.84
CA ALA L 332 47.84 18.86 60.38
C ALA L 332 48.89 19.83 60.93
N PRO L 333 49.23 20.88 60.20
CA PRO L 333 50.42 21.68 60.53
C PRO L 333 50.19 22.78 61.55
N ALA L 334 48.95 23.08 61.88
CA ALA L 334 48.66 24.16 62.82
C ALA L 334 47.30 23.94 63.45
N PHE L 335 47.14 24.48 64.65
CA PHE L 335 45.82 24.70 65.24
C PHE L 335 45.84 26.02 65.99
N SER L 336 44.67 26.64 66.09
CA SER L 336 44.56 27.97 66.65
C SER L 336 43.80 27.95 67.97
N LEU L 337 44.11 28.94 68.81
CA LEU L 337 43.59 29.03 70.15
C LEU L 337 43.11 30.45 70.42
N TYR L 338 42.14 30.52 71.35
CA TYR L 338 41.43 31.73 71.73
C TYR L 338 41.53 31.85 73.24
N ALA L 339 41.93 33.02 73.74
CA ALA L 339 42.11 33.22 75.17
C ALA L 339 40.77 33.40 75.85
N LYS L 340 40.53 32.62 76.91
CA LYS L 340 39.27 32.74 77.65
C LYS L 340 39.28 33.90 78.64
N GLU L 341 40.46 34.37 79.05
CA GLU L 341 40.62 35.58 79.84
C GLU L 341 42.01 36.15 79.61
N ASP L 342 42.12 37.46 79.88
CA ASP L 342 43.38 38.18 79.74
C ASP L 342 44.47 37.51 80.57
N THR L 343 45.64 37.31 79.96
CA THR L 343 46.71 36.63 80.67
C THR L 343 48.05 37.05 80.06
N VAL L 344 49.13 36.53 80.63
CA VAL L 344 50.48 36.75 80.15
C VAL L 344 51.14 35.40 79.97
N ILE L 345 51.91 35.25 78.88
CA ILE L 345 52.58 34.03 78.47
C ILE L 345 54.07 34.27 78.50
N GLY L 346 54.82 33.24 78.86
CA GLY L 346 56.27 33.33 78.93
C GLY L 346 56.79 34.31 79.98
N GLY L 347 55.89 34.75 80.86
CA GLY L 347 56.20 35.76 81.85
C GLY L 347 56.29 37.18 81.33
N LYS L 348 56.25 37.41 80.01
CA LYS L 348 56.43 38.77 79.53
C LYS L 348 55.42 39.18 78.46
N TYR L 349 54.91 38.23 77.67
CA TYR L 349 54.10 38.60 76.50
C TYR L 349 52.63 38.65 76.89
N PRO L 350 51.96 39.81 76.77
CA PRO L 350 50.56 39.91 77.19
C PRO L 350 49.59 39.56 76.08
N ILE L 351 48.50 38.89 76.45
CA ILE L 351 47.43 38.53 75.55
C ILE L 351 46.10 38.98 76.13
N LYS L 352 45.43 39.89 75.43
CA LYS L 352 44.06 40.29 75.75
C LYS L 352 43.11 39.19 75.32
N LYS L 353 41.93 39.19 75.94
CA LYS L 353 40.90 38.19 75.66
C LYS L 353 39.89 38.77 74.68
N GLY L 354 39.71 38.09 73.55
CA GLY L 354 38.66 38.50 72.64
C GLY L 354 38.97 38.36 71.16
N GLU L 355 40.11 38.89 70.72
CA GLU L 355 40.37 38.95 69.28
C GLU L 355 41.81 38.58 68.93
N ASP L 356 42.55 37.97 69.83
CA ASP L 356 43.90 37.49 69.56
C ASP L 356 43.85 36.00 69.23
N ARG L 357 44.21 35.66 68.00
CA ARG L 357 44.17 34.29 67.51
C ARG L 357 45.59 33.73 67.53
N ILE L 358 45.80 32.63 68.24
CA ILE L 358 47.14 32.10 68.47
C ILE L 358 47.29 30.84 67.62
N SER L 359 48.30 30.82 66.75
CA SER L 359 48.52 29.66 65.90
C SER L 359 49.76 28.90 66.38
N VAL L 360 49.61 27.59 66.57
CA VAL L 360 50.73 26.74 66.98
C VAL L 360 51.40 26.19 65.74
N LEU L 361 52.72 26.40 65.62
CA LEU L 361 53.47 25.97 64.44
C LEU L 361 54.04 24.58 64.74
N ILE L 362 53.25 23.56 64.44
CA ILE L 362 53.57 22.21 64.88
C ILE L 362 54.87 21.67 64.32
N PRO L 363 55.26 21.93 63.06
CA PRO L 363 56.54 21.38 62.60
C PRO L 363 57.73 21.91 63.36
N GLN L 364 57.81 23.23 63.56
CA GLN L 364 58.91 23.79 64.32
C GLN L 364 58.84 23.36 65.79
N LEU L 365 57.62 23.30 66.34
CA LEU L 365 57.46 22.77 67.69
C LEU L 365 58.07 21.36 67.80
N HIS L 366 57.76 20.50 66.83
CA HIS L 366 58.33 19.18 66.78
C HIS L 366 59.82 19.20 66.53
N ARG L 367 60.37 20.35 66.12
CA ARG L 367 61.79 20.51 65.90
C ARG L 367 62.49 21.34 66.98
N ASP L 368 61.88 21.51 68.14
CA ASP L 368 62.50 22.30 69.21
C ASP L 368 63.67 21.52 69.82
N LYS L 369 64.88 22.03 69.66
CA LYS L 369 66.06 21.33 70.16
C LYS L 369 66.09 21.26 71.68
N ASP L 370 65.54 22.28 72.37
CA ASP L 370 65.51 22.25 73.83
C ASP L 370 64.67 21.09 74.36
N ALA L 371 63.63 20.70 73.64
CA ALA L 371 62.75 19.61 74.05
C ALA L 371 63.08 18.28 73.40
N TRP L 372 63.49 18.28 72.12
CA TRP L 372 63.61 17.05 71.36
C TRP L 372 65.02 16.49 71.28
N GLY L 373 66.02 17.31 71.55
CA GLY L 373 67.39 16.91 71.34
C GLY L 373 68.02 17.64 70.16
N ASP L 374 69.22 17.20 69.83
CA ASP L 374 70.07 17.90 68.87
C ASP L 374 69.98 17.38 67.43
N ASN L 375 69.74 16.08 67.22
CA ASN L 375 69.70 15.50 65.87
C ASN L 375 68.27 15.55 65.31
N VAL L 376 67.74 16.78 65.25
CA VAL L 376 66.31 16.96 65.06
C VAL L 376 65.87 16.64 63.62
N GLU L 377 66.71 16.96 62.64
CA GLU L 377 66.28 16.75 61.27
C GLU L 377 66.45 15.32 60.78
N GLU L 378 67.16 14.48 61.53
CA GLU L 378 67.32 13.10 61.08
C GLU L 378 66.07 12.29 61.35
N PHE L 379 65.79 11.35 60.46
CA PHE L 379 64.64 10.46 60.59
C PHE L 379 65.07 9.26 61.43
N GLN L 380 64.66 9.26 62.70
CA GLN L 380 64.98 8.22 63.66
C GLN L 380 63.72 7.84 64.42
N PRO L 381 62.98 6.84 63.94
CA PRO L 381 61.83 6.35 64.71
C PRO L 381 62.21 5.89 66.11
N GLU L 382 63.46 5.44 66.30
CA GLU L 382 63.93 4.94 67.58
C GLU L 382 63.83 5.97 68.71
N ARG L 383 63.39 7.18 68.40
CA ARG L 383 63.12 8.16 69.45
C ARG L 383 61.86 7.84 70.24
N PHE L 384 60.96 7.04 69.66
CA PHE L 384 59.69 6.69 70.28
C PHE L 384 59.70 5.30 70.89
N GLU L 385 60.88 4.68 71.06
CA GLU L 385 60.96 3.35 71.63
C GLU L 385 60.40 3.33 73.05
N GLU L 386 61.04 4.04 73.98
CA GLU L 386 60.49 4.21 75.32
C GLU L 386 59.59 5.44 75.32
N LEU L 387 58.28 5.23 75.45
CA LEU L 387 57.30 6.31 75.43
C LEU L 387 57.33 7.16 76.69
N ASP L 388 58.16 6.81 77.68
CA ASP L 388 58.28 7.65 78.86
C ASP L 388 59.13 8.88 78.62
N LYS L 389 60.11 8.77 77.71
CA LYS L 389 61.06 9.86 77.47
C LYS L 389 60.60 10.83 76.39
N VAL L 390 59.53 10.53 75.67
CA VAL L 390 59.08 11.41 74.59
C VAL L 390 58.47 12.68 75.18
N PRO L 391 58.92 13.86 74.76
CA PRO L 391 58.35 15.11 75.30
C PRO L 391 56.90 15.29 74.89
N HIS L 392 55.98 14.79 75.73
CA HIS L 392 54.57 14.81 75.38
C HIS L 392 54.06 16.21 75.08
N HIS L 393 54.56 17.22 75.79
CA HIS L 393 54.08 18.58 75.61
C HIS L 393 54.64 19.25 74.36
N ALA L 394 55.74 18.74 73.81
CA ALA L 394 56.32 19.26 72.59
C ALA L 394 55.96 18.44 71.36
N TYR L 395 55.00 17.53 71.48
CA TYR L 395 54.56 16.65 70.40
C TYR L 395 53.03 16.75 70.32
N LYS L 396 52.53 17.52 69.35
CA LYS L 396 51.09 17.80 69.23
C LYS L 396 50.58 17.56 67.81
N PRO L 397 50.84 16.39 67.22
CA PRO L 397 50.37 16.18 65.83
C PRO L 397 48.86 16.08 65.73
N PHE L 398 48.18 15.73 66.81
CA PHE L 398 46.74 15.51 66.86
C PHE L 398 46.04 16.59 67.67
N GLY L 399 46.62 17.78 67.72
CA GLY L 399 46.06 18.82 68.56
C GLY L 399 46.45 18.52 69.99
N ASN L 400 45.72 19.11 70.92
CA ASN L 400 46.03 18.99 72.33
C ASN L 400 44.76 18.87 73.16
N GLY L 401 44.83 18.01 74.18
CA GLY L 401 43.81 18.03 75.22
C GLY L 401 42.41 17.73 74.75
N GLN L 402 41.47 18.59 75.14
CA GLN L 402 40.05 18.35 74.94
C GLN L 402 39.64 18.37 73.48
N ARG L 403 40.32 19.15 72.64
CA ARG L 403 40.04 19.19 71.21
C ARG L 403 41.04 18.37 70.40
N ALA L 404 41.72 17.40 70.99
CA ALA L 404 42.64 16.58 70.21
C ALA L 404 41.87 15.72 69.21
N CYS L 405 42.61 15.12 68.28
CA CYS L 405 41.98 14.35 67.23
C CYS L 405 41.24 13.15 67.81
N ILE L 406 39.93 13.10 67.56
CA ILE L 406 39.15 11.94 67.98
C ILE L 406 39.52 10.71 67.16
N GLY L 407 40.00 10.92 65.94
CA GLY L 407 40.38 9.81 65.08
C GLY L 407 41.83 9.42 65.22
N MET L 408 42.50 9.90 66.29
CA MET L 408 43.91 9.60 66.48
C MET L 408 44.17 8.10 66.46
N GLN L 409 43.48 7.35 67.32
CA GLN L 409 43.71 5.92 67.37
C GLN L 409 43.27 5.26 66.07
N PHE L 410 42.14 5.73 65.51
CA PHE L 410 41.68 5.29 64.20
C PHE L 410 42.74 5.50 63.13
N ALA L 411 43.27 6.72 63.05
CA ALA L 411 44.26 7.04 62.01
C ALA L 411 45.49 6.18 62.13
N LEU L 412 46.03 6.07 63.35
CA LEU L 412 47.27 5.34 63.54
C LEU L 412 47.05 3.85 63.30
N HIS L 413 45.87 3.36 63.68
CA HIS L 413 45.50 1.96 63.48
C HIS L 413 45.46 1.61 62.00
N GLU L 414 44.69 2.38 61.22
CA GLU L 414 44.61 2.12 59.79
C GLU L 414 45.95 2.31 59.10
N ALA L 415 46.71 3.34 59.47
CA ALA L 415 48.00 3.58 58.82
C ALA L 415 48.97 2.43 59.09
N THR L 416 49.05 1.95 60.34
CA THR L 416 49.90 0.81 60.63
C THR L 416 49.49 -0.41 59.82
N LEU L 417 48.18 -0.69 59.79
CA LEU L 417 47.66 -1.83 59.04
C LEU L 417 48.10 -1.77 57.58
N VAL L 418 47.85 -0.63 56.94
CA VAL L 418 48.12 -0.47 55.52
C VAL L 418 49.62 -0.59 55.23
N MET L 419 50.43 0.06 56.06
CA MET L 419 51.87 0.03 55.81
C MET L 419 52.41 -1.39 55.97
N GLY L 420 51.93 -2.10 56.99
CA GLY L 420 52.33 -3.48 57.16
C GLY L 420 51.99 -4.32 55.96
N MET L 421 50.78 -4.17 55.43
CA MET L 421 50.43 -4.95 54.24
C MET L 421 51.30 -4.57 53.04
N LEU L 422 51.55 -3.27 52.87
CA LEU L 422 52.34 -2.79 51.74
C LEU L 422 53.73 -3.42 51.73
N LEU L 423 54.41 -3.39 52.89
CA LEU L 423 55.73 -4.01 52.95
C LEU L 423 55.65 -5.53 52.89
N GLN L 424 54.55 -6.11 53.37
CA GLN L 424 54.37 -7.55 53.25
C GLN L 424 54.40 -7.97 51.80
N HIS L 425 53.72 -7.22 50.93
CA HIS L 425 53.59 -7.66 49.54
C HIS L 425 54.60 -7.03 48.60
N PHE L 426 55.10 -5.83 48.86
CA PHE L 426 55.76 -5.05 47.83
C PHE L 426 57.16 -4.57 48.22
N GLU L 427 57.99 -4.46 47.19
CA GLU L 427 59.26 -3.74 47.20
C GLU L 427 59.08 -2.38 46.52
N LEU L 428 59.43 -1.32 47.22
CA LEU L 428 59.25 0.04 46.73
C LEU L 428 60.53 0.53 46.05
N ILE L 429 60.37 1.08 44.83
CA ILE L 429 61.49 1.54 44.02
C ILE L 429 61.31 3.03 43.75
N ASP L 430 62.30 3.81 44.16
CA ASP L 430 62.36 5.24 43.93
C ASP L 430 63.08 5.46 42.60
N TYR L 431 62.32 5.41 41.51
CA TYR L 431 62.92 5.45 40.18
C TYR L 431 63.29 6.87 39.76
N GLN L 432 62.59 7.87 40.28
CA GLN L 432 62.77 9.25 39.83
C GLN L 432 63.67 10.06 40.75
N ASN L 433 64.40 9.40 41.66
CA ASN L 433 65.18 10.09 42.69
C ASN L 433 64.35 11.23 43.26
N TYR L 434 63.27 10.89 43.95
CA TYR L 434 62.29 11.89 44.36
C TYR L 434 62.92 12.95 45.27
N GLN L 435 62.57 14.19 45.00
CA GLN L 435 63.01 15.34 45.79
C GLN L 435 61.80 15.87 46.55
N LEU L 436 61.85 15.84 47.88
CA LEU L 436 60.68 16.18 48.67
C LEU L 436 60.24 17.61 48.36
N ASP L 437 58.95 17.78 48.11
CA ASP L 437 58.37 19.11 47.95
C ASP L 437 57.07 19.14 48.74
N VAL L 438 57.06 19.88 49.84
CA VAL L 438 55.88 19.95 50.71
C VAL L 438 54.87 20.89 50.09
N LYS L 439 53.67 20.39 49.80
CA LYS L 439 52.60 21.20 49.25
C LYS L 439 51.46 21.23 50.24
N GLN L 440 50.92 22.42 50.46
CA GLN L 440 49.90 22.66 51.46
C GLN L 440 48.65 23.20 50.79
N THR L 441 47.54 22.52 51.01
CA THR L 441 46.23 23.08 50.73
C THR L 441 45.71 23.50 52.09
N LEU L 442 44.79 22.73 52.66
CA LEU L 442 44.59 22.85 54.10
C LEU L 442 45.52 21.94 54.89
N THR L 443 46.00 20.85 54.28
CA THR L 443 46.85 19.87 54.94
C THR L 443 48.19 19.81 54.19
N LEU L 444 49.20 19.23 54.83
CA LEU L 444 50.51 19.07 54.23
C LEU L 444 50.60 17.72 53.55
N LYS L 445 51.19 17.69 52.35
CA LYS L 445 51.35 16.42 51.66
C LYS L 445 52.60 16.50 50.80
N PRO L 446 53.26 15.36 50.57
CA PRO L 446 54.29 15.34 49.53
C PRO L 446 53.62 15.44 48.17
N GLY L 447 54.14 16.31 47.32
CA GLY L 447 53.55 16.56 46.02
C GLY L 447 54.27 15.83 44.89
N ASP L 448 53.48 15.30 43.96
CA ASP L 448 54.01 14.67 42.75
C ASP L 448 54.97 13.53 43.10
N PHE L 449 54.54 12.71 44.06
CA PHE L 449 55.36 11.65 44.65
C PHE L 449 54.98 10.32 44.03
N LYS L 450 55.86 9.76 43.20
CA LYS L 450 55.56 8.55 42.47
C LYS L 450 56.63 7.49 42.68
N ILE L 451 56.19 6.23 42.77
CA ILE L 451 57.05 5.09 43.00
C ILE L 451 56.72 3.99 42.00
N ARG L 452 57.67 3.07 41.82
CA ARG L 452 57.40 1.81 41.17
C ARG L 452 57.44 0.71 42.23
N ILE L 453 56.87 -0.45 41.91
CA ILE L 453 56.73 -1.51 42.90
C ILE L 453 57.02 -2.86 42.25
N LEU L 454 57.57 -3.76 43.06
CA LEU L 454 57.72 -5.15 42.63
C LEU L 454 57.17 -6.13 43.66
#